data_7OUK
#
_entry.id   7OUK
#
_cell.length_a   146.126
_cell.length_b   159.647
_cell.length_c   245.499
_cell.angle_alpha   90.000
_cell.angle_beta   90.000
_cell.angle_gamma   90.000
#
_symmetry.space_group_name_H-M   'P 21 21 21'
#
loop_
_entity.id
_entity.type
_entity.pdbx_description
1 polymer 'Multidrug efflux pump subunit AcrB'
2 polymer DARPIN
3 non-polymer DODECYL-BETA-D-MALTOSIDE
4 non-polymer 3-chloranyl-2-piperazin-1-yl-quinoline
5 non-polymer 1,2-ETHANEDIOL
6 non-polymer N-OCTANE
7 non-polymer TETRADECANE
8 non-polymer GLYCEROL
9 non-polymer DECANE
10 non-polymer '(2S)-3-hydroxypropane-1,2-diyl didecanoate'
11 non-polymer DECYLAMINE-N,N-DIMETHYL-N-OXIDE
12 non-polymer 'SULFATE ION'
13 non-polymer '(2S)-3-{[(R)-(2-aminoethoxy)(hydroxy)phosphoryl]oxy}-2-hydroxypropyl hexadecanoate'
14 water water
#
loop_
_entity_poly.entity_id
_entity_poly.type
_entity_poly.pdbx_seq_one_letter_code
_entity_poly.pdbx_strand_id
1 'polypeptide(L)'
;MPNFFIDRPIFAWVIAIIIMLAGGLAILKLPVAQYPTIAPPAVTISASYPGADAKTVQDTVTQVIEQNMNGIDNLMYMSS
NSDSTGTVQITLTFESGTDADIAQVQVQNKLQLAMPLLPQEVQQQGVSVEKSSSSFLMVVGVINTDGTMTQEDISDYVAA
NMKDAISRTSGVGDVQLFGSQYAMRIWMNPNELNKFQLTPVDVITAIKAQNAQVAAGQLGGTPPVKGQQLNASIIAQTRL
TSTEEFGKILLKVNQDGSRVLLRDVAKIELGGENYDIIAEFNGQPASGLGIKLATGANALDTAAAIRAELAKMEPFFPSG
LKIVYPYDTTPFVKISIHEVVKTLVEAIILVFLVMYLFLQNFRATLIPTIAVPVVLLGTFAVLAAFGFSINTLTMFGMVL
AIGLLVDDAIVVVENVERVMAEEGLPPKEATRKSMGQIQGALVGIAMVLSAVFVPMAFFGGSTGAIYRQFSITIVSAMAL
SVLVALILTPALCATMLKPIAKGDHGEGKKGFFGWFNRMFEKSTHHYTDSVGGILRSTGRYLVLYLIIVVGMAYLFVRLP
SSFLPDEDQGVFMTMVQLPAGATQERTQKVLNEVTHYYLTKEKNNVESVFAVNGFGFAGRGQNTGIAFVSLKDWADRPGE
ENKVEAITMRATRAFSQIKDAMVFAFNLPAIVELGTATGFDFELIDQAGLGHEKLTQARNQLLAEAAKHPDMLTSVRPNG
LEDTPQFKIDIDQEKAQALGVSINDINTTLGAAWGGSYVNDFIDRGRVKKVYVMSEAKYRMLPDDIGDWYVRAADGQMVP
FSAFSSSRWEYGSPRLERYNGLPSMEILGQAAPGKSTGEAMELMEQLASKLPTGVGYDWTGMSYQERLSGNQAPSLYAIS
LIVVFLCLAALYESWSIPFSVMLVVPLGVIGALLAATFRGLTNDVYFQVGLLTTIGLSAKNAILIVEFAKDLMDKEGKGL
IEATLDAVRMRLRPILMTSLAFILGVMPLVISTGAGSGAQNAVGTGVMGGMVTATVLAIFFVPVFFVVVRRRFSRKNEDI
EHSHTVDHHLEHHHHHH
;
A,B,C
2 'polypeptide(L)'
;MRGSHHHHHHGSDLGKKLLEAARAGRDDEVRILMANGADVNAADVVGWTPLHLAAYWGHLEIVEVLLKNGADVNAYDTLG
STPLHLAAHFGHLEIVEVLLKNGADVNAKDDNGITPLHLAANRGHLEIVEVLLKYGADVNAQDKFGKTAFDISINNGNED
LAEILQKLN
;
D,E
#
loop_
_chem_comp.id
_chem_comp.type
_chem_comp.name
_chem_comp.formula
1K8 non-polymer 3-chloranyl-2-piperazin-1-yl-quinoline 'C13 H14 Cl N3'
C14 non-polymer TETRADECANE 'C14 H30'
D10 non-polymer DECANE 'C10 H22'
DDQ non-polymer DECYLAMINE-N,N-DIMETHYL-N-OXIDE 'C12 H27 N O'
DDR non-polymer '(2S)-3-hydroxypropane-1,2-diyl didecanoate' 'C23 H44 O5'
EDO non-polymer 1,2-ETHANEDIOL 'C2 H6 O2'
GOL non-polymer GLYCEROL 'C3 H8 O3'
LMT D-saccharide DODECYL-BETA-D-MALTOSIDE 'C24 H46 O11'
LPX non-polymer '(2S)-3-{[(R)-(2-aminoethoxy)(hydroxy)phosphoryl]oxy}-2-hydroxypropyl hexadecanoate' 'C21 H44 N O7 P'
OCT non-polymer N-OCTANE 'C8 H18'
SO4 non-polymer 'SULFATE ION' 'O4 S -2'
#
# COMPACT_ATOMS: atom_id res chain seq x y z
N MET A 1 -45.55 -10.56 -10.39
CA MET A 1 -45.38 -9.39 -9.48
C MET A 1 -46.55 -8.42 -9.60
N PRO A 2 -46.95 -7.96 -10.81
CA PRO A 2 -48.06 -7.02 -10.94
C PRO A 2 -49.33 -7.44 -10.16
N ASN A 3 -49.84 -8.65 -10.44
CA ASN A 3 -51.09 -9.19 -9.84
C ASN A 3 -50.89 -9.37 -8.32
N PHE A 4 -49.67 -9.71 -7.90
CA PHE A 4 -49.29 -9.91 -6.47
C PHE A 4 -49.40 -8.58 -5.70
N PHE A 5 -48.83 -7.51 -6.27
CA PHE A 5 -48.68 -6.18 -5.61
C PHE A 5 -49.95 -5.33 -5.80
N ILE A 6 -50.84 -5.70 -6.72
CA ILE A 6 -52.18 -5.07 -6.88
C ILE A 6 -53.05 -5.42 -5.67
N ASP A 7 -52.90 -6.63 -5.13
CA ASP A 7 -53.64 -7.14 -3.94
C ASP A 7 -52.92 -6.68 -2.65
N ARG A 8 -51.66 -6.24 -2.75
CA ARG A 8 -50.81 -5.85 -1.60
C ARG A 8 -50.19 -4.48 -1.85
N PRO A 9 -50.98 -3.37 -1.79
CA PRO A 9 -50.45 -2.03 -2.01
C PRO A 9 -49.42 -1.56 -0.96
N ILE A 10 -49.56 -2.00 0.30
CA ILE A 10 -48.67 -1.61 1.43
C ILE A 10 -47.29 -2.25 1.23
N PHE A 11 -47.25 -3.51 0.77
CA PHE A 11 -46.01 -4.24 0.39
C PHE A 11 -45.24 -3.41 -0.65
N ALA A 12 -45.94 -2.97 -1.70
CA ALA A 12 -45.40 -2.15 -2.81
C ALA A 12 -44.77 -0.86 -2.24
N TRP A 13 -45.46 -0.21 -1.29
CA TRP A 13 -45.00 1.02 -0.61
C TRP A 13 -43.75 0.73 0.24
N VAL A 14 -43.75 -0.40 0.97
CA VAL A 14 -42.63 -0.82 1.87
C VAL A 14 -41.34 -0.97 1.05
N ILE A 15 -41.42 -1.66 -0.09
CA ILE A 15 -40.28 -1.89 -1.03
C ILE A 15 -39.78 -0.53 -1.54
N ALA A 16 -40.71 0.35 -1.95
CA ALA A 16 -40.42 1.70 -2.48
C ALA A 16 -39.72 2.55 -1.40
N ILE A 17 -40.16 2.45 -0.15
CA ILE A 17 -39.59 3.20 1.01
C ILE A 17 -38.17 2.69 1.30
N ILE A 18 -37.99 1.36 1.36
CA ILE A 18 -36.67 0.71 1.62
C ILE A 18 -35.67 1.14 0.53
N ILE A 19 -36.12 1.23 -0.72
CA ILE A 19 -35.32 1.73 -1.88
C ILE A 19 -34.90 3.19 -1.61
N MET A 20 -35.82 4.01 -1.10
CA MET A 20 -35.60 5.46 -0.84
C MET A 20 -34.69 5.64 0.39
N LEU A 21 -34.84 4.79 1.42
CA LEU A 21 -33.99 4.81 2.64
C LEU A 21 -32.54 4.47 2.25
N ALA A 22 -32.36 3.40 1.48
CA ALA A 22 -31.05 2.95 0.93
C ALA A 22 -30.44 4.07 0.08
N GLY A 23 -31.27 4.71 -0.77
CA GLY A 23 -30.89 5.86 -1.60
C GLY A 23 -30.47 7.06 -0.77
N GLY A 24 -31.25 7.36 0.29
CA GLY A 24 -30.99 8.48 1.22
C GLY A 24 -29.68 8.31 1.96
N LEU A 25 -29.44 7.12 2.53
CA LEU A 25 -28.22 6.78 3.31
C LEU A 25 -26.98 6.86 2.41
N ALA A 26 -27.13 6.49 1.12
CA ALA A 26 -26.06 6.54 0.10
C ALA A 26 -25.62 8.00 -0.10
N ILE A 27 -26.59 8.90 -0.35
CA ILE A 27 -26.36 10.36 -0.59
C ILE A 27 -25.52 10.95 0.55
N LEU A 28 -25.78 10.54 1.80
CA LEU A 28 -25.14 11.11 3.02
C LEU A 28 -23.71 10.59 3.18
N LYS A 29 -23.36 9.46 2.55
CA LYS A 29 -22.05 8.77 2.75
C LYS A 29 -21.25 8.66 1.44
N LEU A 30 -21.89 8.73 0.27
CA LEU A 30 -21.21 8.64 -1.05
C LEU A 30 -20.20 9.78 -1.18
N PRO A 31 -18.99 9.53 -1.72
CA PRO A 31 -18.06 10.61 -2.04
C PRO A 31 -18.66 11.60 -3.04
N VAL A 32 -18.22 12.85 -2.99
CA VAL A 32 -18.62 13.94 -3.94
C VAL A 32 -17.36 14.49 -4.61
N ALA A 33 -17.38 14.62 -5.93
CA ALA A 33 -16.27 15.15 -6.77
C ALA A 33 -16.85 15.72 -8.06
N GLN A 34 -16.05 16.51 -8.80
CA GLN A 34 -16.46 17.11 -10.09
C GLN A 34 -16.49 16.02 -11.17
N TYR A 35 -15.40 15.25 -11.28
CA TYR A 35 -15.23 14.14 -12.25
C TYR A 35 -14.72 12.90 -11.53
N PRO A 36 -14.89 11.69 -12.12
CA PRO A 36 -14.20 10.49 -11.63
C PRO A 36 -12.67 10.62 -11.74
N THR A 37 -11.93 9.80 -10.98
CA THR A 37 -10.43 9.79 -10.94
C THR A 37 -9.89 9.25 -12.26
N ILE A 38 -9.42 10.13 -13.14
CA ILE A 38 -8.81 9.78 -14.47
C ILE A 38 -7.32 10.16 -14.50
N ALA A 39 -6.90 11.11 -13.65
CA ALA A 39 -5.51 11.63 -13.56
C ALA A 39 -4.56 10.51 -13.12
N PRO A 40 -3.45 10.27 -13.85
CA PRO A 40 -2.51 9.21 -13.49
C PRO A 40 -1.69 9.58 -12.24
N PRO A 41 -1.40 8.62 -11.34
CA PRO A 41 -0.56 8.88 -10.18
C PRO A 41 0.83 9.42 -10.55
N ALA A 42 1.38 10.30 -9.69
CA ALA A 42 2.72 10.91 -9.85
C ALA A 42 3.41 11.02 -8.49
N VAL A 43 4.55 10.34 -8.33
CA VAL A 43 5.42 10.41 -7.12
C VAL A 43 6.57 11.37 -7.41
N THR A 44 6.80 12.34 -6.51
CA THR A 44 7.83 13.40 -6.65
C THR A 44 8.89 13.23 -5.55
N ILE A 45 10.16 13.18 -5.93
CA ILE A 45 11.34 13.19 -5.00
C ILE A 45 11.90 14.61 -4.97
N SER A 46 11.78 15.30 -3.84
CA SER A 46 12.33 16.67 -3.60
C SER A 46 13.57 16.57 -2.71
N ALA A 47 14.65 17.27 -3.09
CA ALA A 47 15.90 17.40 -2.31
C ALA A 47 16.45 18.83 -2.46
N SER A 48 17.29 19.27 -1.52
CA SER A 48 17.81 20.64 -1.40
C SER A 48 19.32 20.61 -1.09
N TYR A 49 20.12 21.32 -1.88
CA TYR A 49 21.59 21.48 -1.71
C TYR A 49 21.90 22.96 -1.49
N PRO A 50 21.96 23.43 -0.23
CA PRO A 50 22.19 24.84 0.07
C PRO A 50 23.41 25.44 -0.65
N GLY A 51 23.20 26.54 -1.39
CA GLY A 51 24.26 27.33 -2.06
C GLY A 51 24.88 26.61 -3.24
N ALA A 52 24.17 25.65 -3.84
CA ALA A 52 24.63 24.84 -4.99
C ALA A 52 24.02 25.40 -6.28
N ASP A 53 24.80 25.36 -7.37
CA ASP A 53 24.35 25.76 -8.74
C ASP A 53 23.64 24.57 -9.39
N ALA A 54 22.93 24.82 -10.50
CA ALA A 54 22.12 23.84 -11.26
C ALA A 54 22.96 22.59 -11.57
N LYS A 55 24.21 22.78 -11.98
CA LYS A 55 25.11 21.68 -12.45
C LYS A 55 25.53 20.82 -11.25
N THR A 56 25.93 21.45 -10.15
CA THR A 56 26.38 20.78 -8.89
C THR A 56 25.24 19.89 -8.35
N VAL A 57 24.01 20.40 -8.39
CA VAL A 57 22.78 19.67 -7.95
C VAL A 57 22.59 18.44 -8.85
N GLN A 58 22.64 18.64 -10.17
CA GLN A 58 22.36 17.60 -11.20
C GLN A 58 23.37 16.45 -11.07
N ASP A 59 24.65 16.76 -10.86
CA ASP A 59 25.79 15.82 -11.01
C ASP A 59 26.12 15.14 -9.68
N THR A 60 25.62 15.64 -8.55
CA THR A 60 25.85 15.05 -7.20
C THR A 60 24.55 14.45 -6.63
N VAL A 61 23.37 14.79 -7.17
CA VAL A 61 22.06 14.35 -6.61
C VAL A 61 21.20 13.74 -7.73
N THR A 62 20.75 14.54 -8.69
CA THR A 62 19.72 14.18 -9.71
C THR A 62 20.13 12.88 -10.43
N GLN A 63 21.32 12.87 -11.04
CA GLN A 63 21.85 11.73 -11.83
C GLN A 63 22.03 10.50 -10.92
N VAL A 64 22.48 10.72 -9.68
CA VAL A 64 22.75 9.64 -8.69
C VAL A 64 21.43 8.94 -8.35
N ILE A 65 20.35 9.70 -8.16
CA ILE A 65 18.98 9.18 -7.85
C ILE A 65 18.40 8.52 -9.11
N GLU A 66 18.49 9.20 -10.26
CA GLU A 66 17.90 8.76 -11.56
C GLU A 66 18.43 7.37 -11.95
N GLN A 67 19.73 7.14 -11.76
CA GLN A 67 20.42 5.87 -12.13
C GLN A 67 19.92 4.71 -11.25
N ASN A 68 19.43 5.02 -10.04
CA ASN A 68 18.93 4.02 -9.06
C ASN A 68 17.44 3.73 -9.29
N MET A 69 16.72 4.62 -9.99
CA MET A 69 15.28 4.45 -10.35
C MET A 69 15.17 3.41 -11.47
N ASN A 70 15.05 2.13 -11.10
CA ASN A 70 14.91 0.99 -12.04
C ASN A 70 14.03 -0.09 -11.38
N GLY A 71 13.43 -0.96 -12.18
CA GLY A 71 12.56 -2.07 -11.72
C GLY A 71 11.38 -1.55 -10.93
N ILE A 72 10.73 -0.49 -11.43
CA ILE A 72 9.52 0.14 -10.82
C ILE A 72 8.32 -0.14 -11.73
N ASP A 73 7.25 -0.70 -11.16
CA ASP A 73 6.06 -1.20 -11.91
C ASP A 73 5.23 -0.02 -12.41
N ASN A 74 4.74 -0.10 -13.65
CA ASN A 74 3.70 0.78 -14.25
C ASN A 74 4.24 2.20 -14.46
N LEU A 75 5.57 2.38 -14.51
CA LEU A 75 6.22 3.71 -14.73
C LEU A 75 6.10 4.07 -16.22
N MET A 76 5.46 5.20 -16.52
CA MET A 76 5.23 5.70 -17.91
C MET A 76 6.43 6.52 -18.37
N TYR A 77 6.92 7.42 -17.53
CA TYR A 77 8.12 8.27 -17.79
C TYR A 77 8.58 8.96 -16.51
N MET A 78 9.78 9.54 -16.55
CA MET A 78 10.45 10.24 -15.43
C MET A 78 11.05 11.55 -15.95
N SER A 79 10.64 12.69 -15.38
CA SER A 79 11.17 14.04 -15.67
C SER A 79 11.73 14.66 -14.38
N SER A 80 12.77 15.50 -14.50
CA SER A 80 13.43 16.16 -13.34
C SER A 80 13.96 17.54 -13.73
N ASN A 81 14.06 18.44 -12.73
CA ASN A 81 14.62 19.81 -12.85
C ASN A 81 15.70 19.98 -11.78
N SER A 82 16.87 20.51 -12.16
CA SER A 82 17.99 20.89 -11.25
C SER A 82 18.28 22.38 -11.42
N ASP A 83 17.92 23.20 -10.42
CA ASP A 83 18.00 24.69 -10.52
C ASP A 83 19.10 25.20 -9.59
N SER A 84 19.47 26.49 -9.76
CA SER A 84 20.59 27.17 -9.07
C SER A 84 20.15 27.70 -7.70
N THR A 85 18.87 27.51 -7.33
CA THR A 85 18.35 27.69 -5.95
C THR A 85 18.89 26.56 -5.06
N GLY A 86 19.43 25.50 -5.68
CA GLY A 86 19.99 24.32 -4.99
C GLY A 86 19.00 23.18 -4.94
N THR A 87 17.83 23.36 -5.56
CA THR A 87 16.67 22.44 -5.49
C THR A 87 16.72 21.46 -6.69
N VAL A 88 16.31 20.21 -6.44
CA VAL A 88 16.03 19.19 -7.49
C VAL A 88 14.64 18.60 -7.20
N GLN A 89 13.86 18.34 -8.26
CA GLN A 89 12.55 17.65 -8.20
C GLN A 89 12.48 16.62 -9.33
N ILE A 90 12.55 15.33 -8.98
CA ILE A 90 12.37 14.17 -9.90
C ILE A 90 10.92 13.69 -9.76
N THR A 91 10.15 13.79 -10.84
CA THR A 91 8.72 13.37 -10.92
C THR A 91 8.61 12.06 -11.71
N LEU A 92 8.13 10.99 -11.07
CA LEU A 92 7.85 9.68 -11.72
C LEU A 92 6.33 9.54 -11.88
N THR A 93 5.85 9.44 -13.13
CA THR A 93 4.41 9.35 -13.50
C THR A 93 4.09 7.89 -13.87
N PHE A 94 2.98 7.36 -13.34
CA PHE A 94 2.60 5.92 -13.42
C PHE A 94 1.31 5.76 -14.24
N GLU A 95 1.07 4.54 -14.71
CA GLU A 95 -0.15 4.16 -15.49
C GLU A 95 -1.40 4.42 -14.63
N SER A 96 -2.50 4.82 -15.27
CA SER A 96 -3.83 5.06 -14.62
C SER A 96 -4.33 3.75 -14.01
N GLY A 97 -4.66 3.78 -12.71
CA GLY A 97 -5.12 2.60 -11.94
C GLY A 97 -4.02 2.02 -11.05
N THR A 98 -2.82 2.61 -11.08
CA THR A 98 -1.67 2.23 -10.23
C THR A 98 -1.96 2.65 -8.78
N ASP A 99 -1.64 1.79 -7.82
CA ASP A 99 -1.74 2.07 -6.36
C ASP A 99 -0.59 3.01 -5.97
N ALA A 100 -0.93 4.25 -5.60
CA ALA A 100 0.03 5.33 -5.23
C ALA A 100 0.85 4.93 -3.99
N ASP A 101 0.24 4.14 -3.09
CA ASP A 101 0.89 3.64 -1.85
C ASP A 101 2.09 2.74 -2.23
N ILE A 102 1.87 1.79 -3.15
CA ILE A 102 2.91 0.82 -3.62
C ILE A 102 3.93 1.57 -4.49
N ALA A 103 3.47 2.51 -5.32
CA ALA A 103 4.31 3.37 -6.18
C ALA A 103 5.32 4.15 -5.32
N GLN A 104 4.85 4.74 -4.21
CA GLN A 104 5.69 5.52 -3.26
C GLN A 104 6.74 4.60 -2.62
N VAL A 105 6.32 3.41 -2.16
CA VAL A 105 7.18 2.40 -1.48
C VAL A 105 8.29 1.94 -2.43
N GLN A 106 7.93 1.62 -3.69
CA GLN A 106 8.87 1.12 -4.72
C GLN A 106 9.89 2.21 -5.07
N VAL A 107 9.43 3.46 -5.26
CA VAL A 107 10.28 4.63 -5.58
C VAL A 107 11.26 4.88 -4.43
N GLN A 108 10.76 4.88 -3.18
CA GLN A 108 11.57 5.16 -1.97
C GLN A 108 12.58 4.03 -1.74
N ASN A 109 12.19 2.77 -1.99
CA ASN A 109 13.07 1.58 -1.87
C ASN A 109 14.35 1.79 -2.68
N LYS A 110 14.24 2.43 -3.85
CA LYS A 110 15.36 2.70 -4.78
C LYS A 110 16.08 3.99 -4.37
N LEU A 111 15.35 4.98 -3.86
CA LEU A 111 15.89 6.27 -3.35
C LEU A 111 16.86 5.99 -2.19
N GLN A 112 16.54 4.99 -1.35
CA GLN A 112 17.33 4.62 -0.14
C GLN A 112 18.66 3.97 -0.52
N LEU A 113 18.79 3.46 -1.76
CA LEU A 113 20.07 2.94 -2.31
C LEU A 113 20.98 4.11 -2.71
N ALA A 114 20.37 5.21 -3.17
CA ALA A 114 21.06 6.45 -3.62
C ALA A 114 21.41 7.34 -2.42
N MET A 115 20.55 7.36 -1.38
CA MET A 115 20.63 8.30 -0.23
C MET A 115 22.04 8.38 0.33
N PRO A 116 22.70 7.24 0.68
CA PRO A 116 24.04 7.28 1.26
C PRO A 116 25.10 7.93 0.36
N LEU A 117 24.93 7.85 -0.97
CA LEU A 117 25.89 8.37 -1.98
C LEU A 117 25.72 9.89 -2.13
N LEU A 118 24.61 10.47 -1.67
CA LEU A 118 24.30 11.91 -1.76
C LEU A 118 25.18 12.69 -0.79
N PRO A 119 25.50 13.97 -1.06
CA PRO A 119 26.27 14.80 -0.14
C PRO A 119 25.58 14.95 1.22
N GLN A 120 26.37 15.04 2.30
CA GLN A 120 25.89 15.07 3.71
C GLN A 120 24.95 16.28 3.91
N GLU A 121 25.22 17.38 3.19
CA GLU A 121 24.42 18.64 3.27
C GLU A 121 23.01 18.41 2.72
N VAL A 122 22.86 17.55 1.69
CA VAL A 122 21.57 17.25 1.02
C VAL A 122 20.74 16.33 1.92
N GLN A 123 21.38 15.34 2.56
CA GLN A 123 20.72 14.39 3.50
C GLN A 123 20.17 15.15 4.71
N GLN A 124 20.96 16.07 5.27
CA GLN A 124 20.64 16.84 6.50
C GLN A 124 19.51 17.86 6.21
N GLN A 125 19.34 18.28 4.96
CA GLN A 125 18.21 19.14 4.52
C GLN A 125 16.92 18.31 4.47
N GLY A 126 17.05 16.98 4.38
CA GLY A 126 15.92 16.04 4.35
C GLY A 126 15.34 15.89 2.96
N VAL A 127 15.48 14.70 2.37
CA VAL A 127 14.85 14.32 1.07
C VAL A 127 13.41 13.86 1.38
N SER A 128 12.44 14.26 0.56
CA SER A 128 11.01 13.92 0.73
C SER A 128 10.49 13.17 -0.51
N VAL A 129 9.57 12.23 -0.30
CA VAL A 129 8.85 11.47 -1.37
C VAL A 129 7.34 11.66 -1.15
N GLU A 130 6.70 12.45 -2.02
CA GLU A 130 5.26 12.83 -1.93
C GLU A 130 4.48 12.14 -3.05
N LYS A 131 3.23 11.78 -2.80
CA LYS A 131 2.24 11.34 -3.82
C LYS A 131 1.06 12.33 -3.80
N SER A 132 1.16 13.40 -4.59
CA SER A 132 0.18 14.50 -4.65
C SER A 132 -0.10 14.89 -6.11
N SER A 133 -1.14 15.69 -6.34
CA SER A 133 -1.45 16.35 -7.64
C SER A 133 -0.42 17.45 -7.88
N SER A 134 -0.29 17.91 -9.13
CA SER A 134 0.62 19.01 -9.54
C SER A 134 0.05 20.36 -9.08
N SER A 135 -1.26 20.54 -9.23
CA SER A 135 -2.02 21.78 -8.90
C SER A 135 -2.30 21.84 -7.39
N PHE A 136 -2.48 23.05 -6.86
CA PHE A 136 -2.86 23.31 -5.43
C PHE A 136 -4.36 23.05 -5.25
N LEU A 137 -4.72 22.35 -4.18
CA LEU A 137 -6.13 22.14 -3.75
C LEU A 137 -6.69 23.49 -3.26
N MET A 138 -5.98 24.13 -2.34
CA MET A 138 -6.33 25.46 -1.76
C MET A 138 -5.06 26.15 -1.25
N VAL A 139 -5.15 27.47 -1.03
CA VAL A 139 -4.13 28.29 -0.32
C VAL A 139 -4.78 28.81 0.97
N VAL A 140 -4.24 28.42 2.13
CA VAL A 140 -4.70 28.90 3.47
C VAL A 140 -3.85 30.13 3.83
N GLY A 141 -4.40 31.33 3.62
CA GLY A 141 -3.73 32.61 3.93
C GLY A 141 -3.79 32.90 5.42
N VAL A 142 -2.79 33.63 5.93
CA VAL A 142 -2.69 34.07 7.36
C VAL A 142 -2.19 35.52 7.38
N ILE A 143 -2.96 36.42 8.01
CA ILE A 143 -2.66 37.89 8.11
C ILE A 143 -2.82 38.32 9.57
N ASN A 144 -2.26 39.48 9.92
CA ASN A 144 -2.45 40.15 11.24
C ASN A 144 -3.17 41.48 11.00
N THR A 145 -4.44 41.56 11.42
CA THR A 145 -5.36 42.71 11.20
C THR A 145 -4.94 43.89 12.09
N ASP A 146 -4.37 43.61 13.26
CA ASP A 146 -3.81 44.63 14.19
C ASP A 146 -2.49 45.17 13.62
N GLY A 147 -1.82 44.39 12.76
CA GLY A 147 -0.54 44.76 12.12
C GLY A 147 0.59 44.80 13.14
N THR A 148 0.58 43.87 14.10
CA THR A 148 1.56 43.78 15.22
C THR A 148 2.56 42.64 14.95
N MET A 149 2.49 42.02 13.76
CA MET A 149 3.38 40.93 13.30
C MET A 149 3.78 41.17 11.84
N THR A 150 5.08 41.09 11.54
CA THR A 150 5.64 41.26 10.17
C THR A 150 5.41 39.97 9.36
N GLN A 151 5.68 40.03 8.05
CA GLN A 151 5.62 38.88 7.11
C GLN A 151 6.46 37.72 7.66
N GLU A 152 7.60 38.04 8.30
CA GLU A 152 8.59 37.07 8.82
C GLU A 152 8.07 36.44 10.12
N ASP A 153 7.42 37.22 10.98
CA ASP A 153 6.80 36.77 12.25
C ASP A 153 5.65 35.79 11.94
N ILE A 154 4.80 36.15 10.97
CA ILE A 154 3.59 35.37 10.58
C ILE A 154 4.03 34.02 9.99
N SER A 155 5.05 34.03 9.13
CA SER A 155 5.63 32.83 8.45
C SER A 155 6.15 31.84 9.50
N ASP A 156 6.86 32.34 10.52
CA ASP A 156 7.45 31.51 11.61
C ASP A 156 6.32 30.85 12.41
N TYR A 157 5.29 31.61 12.78
CA TYR A 157 4.15 31.11 13.61
C TYR A 157 3.42 29.98 12.88
N VAL A 158 3.15 30.17 11.58
CA VAL A 158 2.46 29.16 10.71
C VAL A 158 3.33 27.90 10.67
N ALA A 159 4.62 28.04 10.40
CA ALA A 159 5.61 26.94 10.28
C ALA A 159 5.72 26.18 11.61
N ALA A 160 5.59 26.89 12.75
CA ALA A 160 5.89 26.38 14.10
C ALA A 160 4.62 25.82 14.79
N ASN A 161 3.43 26.36 14.48
CA ASN A 161 2.20 26.10 15.25
C ASN A 161 1.04 25.59 14.37
N MET A 162 1.21 25.50 13.05
CA MET A 162 0.09 25.20 12.10
C MET A 162 0.50 24.14 11.06
N LYS A 163 1.65 24.32 10.40
CA LYS A 163 2.07 23.55 9.19
C LYS A 163 2.07 22.04 9.47
N ASP A 164 2.72 21.60 10.56
CA ASP A 164 2.96 20.17 10.88
C ASP A 164 1.63 19.42 10.99
N ALA A 165 0.67 19.95 11.75
CA ALA A 165 -0.66 19.34 12.00
C ALA A 165 -1.45 19.24 10.68
N ILE A 166 -1.30 20.22 9.78
CA ILE A 166 -1.96 20.23 8.43
C ILE A 166 -1.27 19.19 7.54
N SER A 167 0.06 19.07 7.63
CA SER A 167 0.89 18.12 6.84
C SER A 167 0.57 16.67 7.22
N ARG A 168 0.13 16.43 8.46
CA ARG A 168 -0.18 15.08 9.00
C ARG A 168 -1.62 14.66 8.69
N THR A 169 -2.47 15.62 8.28
CA THR A 169 -3.91 15.39 7.97
C THR A 169 -4.03 14.50 6.72
N SER A 170 -4.92 13.51 6.77
CA SER A 170 -5.17 12.52 5.68
C SER A 170 -5.77 13.25 4.48
N GLY A 171 -5.19 13.03 3.29
CA GLY A 171 -5.61 13.68 2.02
C GLY A 171 -4.64 14.77 1.60
N VAL A 172 -3.82 15.27 2.53
CA VAL A 172 -2.80 16.33 2.29
C VAL A 172 -1.52 15.67 1.78
N GLY A 173 -1.26 15.74 0.47
CA GLY A 173 -0.10 15.12 -0.20
C GLY A 173 1.16 15.93 0.01
N ASP A 174 1.06 17.26 -0.08
CA ASP A 174 2.20 18.20 0.08
C ASP A 174 1.70 19.53 0.64
N VAL A 175 2.53 20.21 1.44
CA VAL A 175 2.25 21.55 2.03
C VAL A 175 3.45 22.46 1.74
N GLN A 176 3.23 23.53 0.97
CA GLN A 176 4.24 24.57 0.63
C GLN A 176 4.00 25.80 1.52
N LEU A 177 4.95 26.10 2.42
CA LEU A 177 4.95 27.31 3.28
C LEU A 177 5.33 28.53 2.41
N PHE A 178 4.40 29.46 2.22
CA PHE A 178 4.63 30.74 1.50
C PHE A 178 5.36 31.71 2.46
N GLY A 179 6.65 31.46 2.63
CA GLY A 179 7.51 32.04 3.69
C GLY A 179 8.49 31.01 4.19
N SER A 180 9.17 31.30 5.32
CA SER A 180 10.20 30.42 5.94
C SER A 180 10.05 30.42 7.46
N GLN A 181 10.28 29.27 8.09
CA GLN A 181 10.39 29.14 9.57
C GLN A 181 11.67 29.84 10.03
N TYR A 182 11.67 30.42 11.23
CA TYR A 182 12.86 31.09 11.83
C TYR A 182 13.98 30.07 12.02
N ALA A 183 15.21 30.53 11.84
CA ALA A 183 16.48 29.84 12.21
C ALA A 183 17.34 30.83 13.00
N MET A 184 18.28 30.33 13.80
CA MET A 184 19.31 31.18 14.46
C MET A 184 20.33 31.60 13.40
N ARG A 185 20.19 32.82 12.88
CA ARG A 185 21.04 33.37 11.78
C ARG A 185 22.29 34.02 12.37
N ILE A 186 23.47 33.45 12.05
CA ILE A 186 24.81 34.01 12.40
C ILE A 186 25.36 34.71 11.15
N TRP A 187 25.15 36.02 11.03
CA TRP A 187 25.59 36.86 9.89
C TRP A 187 27.05 37.29 10.10
N MET A 188 27.99 36.57 9.49
CA MET A 188 29.46 36.70 9.72
C MET A 188 29.99 37.98 9.08
N ASN A 189 30.97 38.62 9.72
CA ASN A 189 31.70 39.83 9.25
C ASN A 189 33.13 39.41 8.92
N PRO A 190 33.58 39.52 7.65
CA PRO A 190 34.92 39.07 7.26
C PRO A 190 36.05 39.96 7.81
N ASN A 191 35.77 41.26 7.97
CA ASN A 191 36.73 42.27 8.52
C ASN A 191 37.06 41.90 9.98
N GLU A 192 36.04 41.54 10.76
CA GLU A 192 36.16 41.21 12.21
C GLU A 192 36.78 39.81 12.37
N LEU A 193 36.41 38.85 11.52
CA LEU A 193 36.96 37.47 11.53
C LEU A 193 38.48 37.51 11.25
N ASN A 194 38.89 38.27 10.23
CA ASN A 194 40.31 38.45 9.84
C ASN A 194 41.09 39.14 10.98
N LYS A 195 40.46 40.10 11.65
CA LYS A 195 41.06 40.92 12.74
C LYS A 195 41.55 40.01 13.87
N PHE A 196 40.77 38.99 14.23
CA PHE A 196 41.05 38.05 15.36
C PHE A 196 41.67 36.75 14.84
N GLN A 197 42.07 36.71 13.56
CA GLN A 197 42.68 35.54 12.87
C GLN A 197 41.74 34.33 13.01
N LEU A 198 40.48 34.49 12.61
CA LEU A 198 39.43 33.43 12.65
C LEU A 198 38.77 33.30 11.27
N THR A 199 38.13 32.16 11.02
CA THR A 199 37.45 31.81 9.74
C THR A 199 36.06 31.25 10.04
N PRO A 200 35.16 31.15 9.04
CA PRO A 200 33.90 30.44 9.21
C PRO A 200 34.03 29.02 9.79
N VAL A 201 35.15 28.33 9.52
CA VAL A 201 35.46 26.97 10.05
C VAL A 201 35.50 27.04 11.59
N ASP A 202 36.16 28.06 12.15
CA ASP A 202 36.30 28.28 13.61
C ASP A 202 34.92 28.57 14.22
N VAL A 203 34.06 29.31 13.48
CA VAL A 203 32.69 29.70 13.91
C VAL A 203 31.81 28.44 13.96
N ILE A 204 31.87 27.60 12.92
CA ILE A 204 31.07 26.35 12.79
C ILE A 204 31.49 25.36 13.89
N THR A 205 32.79 25.23 14.15
CA THR A 205 33.37 24.35 15.20
C THR A 205 32.88 24.79 16.58
N ALA A 206 32.87 26.10 16.85
CA ALA A 206 32.48 26.71 18.14
C ALA A 206 31.00 26.47 18.42
N ILE A 207 30.14 26.64 17.41
CA ILE A 207 28.66 26.47 17.52
C ILE A 207 28.34 25.02 17.86
N LYS A 208 28.94 24.06 17.14
CA LYS A 208 28.75 22.60 17.36
C LYS A 208 29.17 22.21 18.78
N ALA A 209 30.23 22.85 19.30
CA ALA A 209 30.85 22.56 20.62
C ALA A 209 30.03 23.18 21.75
N GLN A 210 29.50 24.40 21.56
CA GLN A 210 28.89 25.23 22.63
C GLN A 210 27.36 25.31 22.48
N ASN A 211 26.81 24.92 21.33
CA ASN A 211 25.35 24.65 21.15
C ASN A 211 25.18 23.13 21.00
N ALA A 212 25.44 22.40 22.08
CA ALA A 212 25.43 20.92 22.14
C ALA A 212 24.41 20.45 23.19
N GLN A 213 23.72 19.35 22.89
CA GLN A 213 22.82 18.63 23.85
C GLN A 213 23.52 17.33 24.25
N VAL A 214 24.15 17.30 25.43
CA VAL A 214 25.06 16.21 25.90
C VAL A 214 24.26 15.21 26.74
N ALA A 215 24.49 13.91 26.49
CA ALA A 215 23.98 12.78 27.29
C ALA A 215 25.05 12.40 28.32
N ALA A 216 24.89 12.88 29.56
CA ALA A 216 25.93 12.87 30.62
C ALA A 216 25.71 11.70 31.61
N GLY A 217 24.63 10.93 31.46
CA GLY A 217 24.34 9.75 32.29
C GLY A 217 23.57 10.12 33.55
N GLN A 218 23.81 9.38 34.64
CA GLN A 218 23.07 9.51 35.93
C GLN A 218 24.03 9.34 37.12
N LEU A 219 23.67 9.94 38.26
CA LEU A 219 24.22 9.60 39.60
C LEU A 219 23.53 8.31 40.06
N GLY A 220 24.28 7.38 40.66
CA GLY A 220 23.78 6.08 41.13
C GLY A 220 23.11 5.30 40.02
N GLY A 221 23.66 5.38 38.79
CA GLY A 221 23.13 4.67 37.59
C GLY A 221 23.39 3.18 37.67
N THR A 222 22.64 2.40 36.89
CA THR A 222 22.72 0.91 36.85
C THR A 222 23.89 0.49 35.97
N PRO A 223 24.66 -0.57 36.33
CA PRO A 223 24.51 -1.27 37.62
C PRO A 223 25.10 -0.47 38.79
N PRO A 224 24.37 -0.33 39.91
CA PRO A 224 24.85 0.45 41.05
C PRO A 224 25.65 -0.38 42.06
N VAL A 225 26.35 0.29 42.98
CA VAL A 225 27.03 -0.35 44.14
C VAL A 225 25.97 -0.63 45.22
N LYS A 226 26.27 -1.56 46.14
CA LYS A 226 25.39 -1.90 47.29
C LYS A 226 25.42 -0.72 48.28
N GLY A 227 24.25 -0.25 48.71
CA GLY A 227 24.07 0.82 49.70
C GLY A 227 23.90 2.19 49.07
N GLN A 228 23.53 2.25 47.78
CA GLN A 228 23.26 3.51 47.04
C GLN A 228 21.87 4.00 47.40
N GLN A 229 21.75 5.27 47.81
CA GLN A 229 20.48 5.92 48.25
C GLN A 229 20.04 7.00 47.26
N LEU A 230 20.95 7.50 46.42
CA LEU A 230 20.72 8.65 45.50
C LEU A 230 20.72 8.15 44.05
N ASN A 231 19.68 8.49 43.28
CA ASN A 231 19.58 8.30 41.81
C ASN A 231 19.03 9.58 41.18
N ALA A 232 19.85 10.29 40.41
CA ALA A 232 19.51 11.56 39.73
C ALA A 232 20.16 11.60 38.34
N SER A 233 19.46 12.15 37.35
CA SER A 233 19.97 12.41 35.98
C SER A 233 21.03 13.51 36.04
N ILE A 234 22.16 13.32 35.35
CA ILE A 234 23.22 14.37 35.17
C ILE A 234 22.86 15.20 33.93
N ILE A 235 22.76 16.52 34.08
CA ILE A 235 22.45 17.49 32.99
C ILE A 235 23.70 18.32 32.73
N ALA A 236 24.29 18.19 31.53
CA ALA A 236 25.47 18.96 31.07
C ALA A 236 24.98 20.09 30.14
N GLN A 237 25.66 20.32 29.02
CA GLN A 237 25.29 21.35 28.01
C GLN A 237 23.93 20.99 27.39
N THR A 238 23.04 21.97 27.27
CA THR A 238 21.75 21.89 26.56
C THR A 238 21.78 22.84 25.35
N ARG A 239 20.86 22.66 24.40
CA ARG A 239 20.72 23.56 23.21
C ARG A 239 20.49 24.99 23.69
N LEU A 240 21.11 25.97 23.03
CA LEU A 240 20.91 27.41 23.31
C LEU A 240 19.53 27.82 22.81
N THR A 241 18.86 28.77 23.49
CA THR A 241 17.42 29.10 23.30
C THR A 241 17.24 30.52 22.74
N SER A 242 18.26 31.38 22.82
CA SER A 242 18.16 32.83 22.51
C SER A 242 19.42 33.32 21.78
N THR A 243 19.30 34.45 21.07
CA THR A 243 20.39 35.16 20.35
C THR A 243 21.48 35.57 21.35
N GLU A 244 21.09 35.90 22.58
CA GLU A 244 22.00 36.32 23.69
C GLU A 244 23.01 35.20 23.97
N GLU A 245 22.54 33.97 24.10
CA GLU A 245 23.36 32.77 24.47
C GLU A 245 24.32 32.44 23.32
N PHE A 246 23.86 32.55 22.06
CA PHE A 246 24.69 32.39 20.84
C PHE A 246 25.73 33.51 20.78
N GLY A 247 25.36 34.72 21.21
CA GLY A 247 26.23 35.91 21.26
C GLY A 247 27.47 35.69 22.11
N LYS A 248 27.33 35.02 23.26
CA LYS A 248 28.41 34.87 24.28
C LYS A 248 29.14 33.53 24.07
N ILE A 249 28.98 32.88 22.91
CA ILE A 249 29.79 31.71 22.48
C ILE A 249 31.25 32.17 22.36
N LEU A 250 32.16 31.54 23.14
CA LEU A 250 33.60 31.91 23.21
C LEU A 250 34.35 31.24 22.05
N LEU A 251 34.82 32.04 21.09
CA LEU A 251 35.59 31.56 19.90
C LEU A 251 37.04 31.28 20.33
N LYS A 252 37.67 32.22 21.03
CA LYS A 252 39.03 32.04 21.62
C LYS A 252 39.31 33.14 22.65
N VAL A 253 40.42 32.99 23.39
CA VAL A 253 40.96 33.99 24.37
C VAL A 253 42.35 34.40 23.88
N ASN A 254 42.63 35.71 23.87
CA ASN A 254 43.88 36.30 23.33
C ASN A 254 45.02 36.12 24.34
N GLN A 255 46.24 36.55 23.97
CA GLN A 255 47.47 36.43 24.80
C GLN A 255 47.33 37.23 26.09
N ASP A 256 46.77 38.45 26.01
CA ASP A 256 46.58 39.37 27.16
C ASP A 256 45.45 38.84 28.06
N GLY A 257 44.58 37.98 27.53
CA GLY A 257 43.49 37.30 28.29
C GLY A 257 42.14 37.93 28.04
N SER A 258 41.98 38.65 26.92
CA SER A 258 40.68 39.23 26.45
C SER A 258 39.91 38.17 25.67
N ARG A 259 38.58 38.13 25.84
CA ARG A 259 37.67 37.12 25.23
C ARG A 259 37.18 37.61 23.87
N VAL A 260 37.14 36.71 22.88
CA VAL A 260 36.53 36.93 21.53
C VAL A 260 35.23 36.12 21.47
N LEU A 261 34.08 36.80 21.57
CA LEU A 261 32.73 36.17 21.53
C LEU A 261 32.23 36.17 20.07
N LEU A 262 31.22 35.36 19.77
CA LEU A 262 30.65 35.21 18.40
C LEU A 262 30.02 36.53 17.95
N ARG A 263 29.47 37.31 18.88
CA ARG A 263 28.80 38.61 18.57
C ARG A 263 29.84 39.67 18.19
N ASP A 264 31.14 39.41 18.45
CA ASP A 264 32.27 40.31 18.08
C ASP A 264 32.62 40.14 16.60
N VAL A 265 32.21 39.03 15.97
CA VAL A 265 32.56 38.68 14.56
C VAL A 265 31.30 38.49 13.71
N ALA A 266 30.09 38.67 14.28
CA ALA A 266 28.81 38.42 13.59
C ALA A 266 27.64 39.14 14.27
N LYS A 267 26.62 39.50 13.49
CA LYS A 267 25.30 39.98 13.97
C LYS A 267 24.38 38.75 14.08
N ILE A 268 23.69 38.60 15.23
CA ILE A 268 22.94 37.37 15.61
C ILE A 268 21.46 37.72 15.82
N GLU A 269 20.58 37.18 14.98
CA GLU A 269 19.12 37.43 15.00
C GLU A 269 18.36 36.15 14.63
N LEU A 270 17.07 36.08 14.99
CA LEU A 270 16.10 35.07 14.49
C LEU A 270 15.67 35.47 13.08
N GLY A 271 15.95 34.65 12.09
CA GLY A 271 15.65 34.91 10.67
C GLY A 271 15.33 33.63 9.92
N GLY A 272 14.55 33.73 8.84
CA GLY A 272 14.08 32.57 8.04
C GLY A 272 15.21 31.64 7.63
N GLU A 273 14.92 30.34 7.51
CA GLU A 273 15.85 29.32 6.94
C GLU A 273 16.33 29.82 5.57
N ASN A 274 15.38 30.29 4.75
CA ASN A 274 15.63 30.96 3.45
C ASN A 274 14.89 32.30 3.44
N TYR A 275 15.20 33.17 2.46
CA TYR A 275 14.58 34.50 2.27
C TYR A 275 14.05 34.62 0.84
N ASP A 276 13.66 33.49 0.25
CA ASP A 276 13.25 33.38 -1.18
C ASP A 276 11.78 33.76 -1.33
N ILE A 277 10.91 33.21 -0.49
CA ILE A 277 9.42 33.31 -0.61
C ILE A 277 8.90 34.40 0.32
N ILE A 278 8.22 35.40 -0.24
CA ILE A 278 7.58 36.54 0.48
C ILE A 278 6.17 36.73 -0.10
N ALA A 279 5.14 36.62 0.73
CA ALA A 279 3.71 36.61 0.32
C ALA A 279 3.01 37.90 0.77
N GLU A 280 1.93 38.26 0.08
CA GLU A 280 1.05 39.41 0.41
C GLU A 280 -0.41 39.03 0.12
N PHE A 281 -1.35 39.61 0.88
CA PHE A 281 -2.82 39.42 0.73
C PHE A 281 -3.47 40.80 0.59
N ASN A 282 -3.84 41.19 -0.63
CA ASN A 282 -4.40 42.53 -0.98
C ASN A 282 -3.41 43.62 -0.56
N GLY A 283 -2.12 43.40 -0.83
CA GLY A 283 -1.03 44.36 -0.56
C GLY A 283 -0.59 44.38 0.90
N GLN A 284 -1.11 43.47 1.72
CA GLN A 284 -0.89 43.40 3.19
C GLN A 284 0.09 42.27 3.50
N PRO A 285 1.04 42.46 4.46
CA PRO A 285 1.96 41.39 4.85
C PRO A 285 1.21 40.11 5.25
N ALA A 286 1.59 38.98 4.66
CA ALA A 286 0.91 37.67 4.82
C ALA A 286 1.90 36.51 4.69
N SER A 287 1.53 35.36 5.24
CA SER A 287 2.10 34.02 4.94
C SER A 287 0.94 33.08 4.60
N GLY A 288 1.20 31.78 4.49
CA GLY A 288 0.13 30.78 4.27
C GLY A 288 0.68 29.40 3.93
N LEU A 289 -0.22 28.48 3.60
CA LEU A 289 0.09 27.07 3.24
C LEU A 289 -0.55 26.74 1.89
N GLY A 290 0.27 26.45 0.88
CA GLY A 290 -0.17 25.86 -0.40
C GLY A 290 -0.32 24.34 -0.25
N ILE A 291 -1.55 23.86 -0.25
CA ILE A 291 -1.90 22.44 0.05
C ILE A 291 -2.21 21.71 -1.27
N LYS A 292 -1.49 20.61 -1.53
CA LYS A 292 -1.70 19.72 -2.71
C LYS A 292 -2.52 18.50 -2.25
N LEU A 293 -3.50 18.08 -3.07
CA LEU A 293 -4.39 16.93 -2.80
C LEU A 293 -3.62 15.62 -3.04
N ALA A 294 -3.58 14.73 -2.04
CA ALA A 294 -2.92 13.40 -2.10
C ALA A 294 -3.61 12.54 -3.17
N THR A 295 -2.83 11.76 -3.93
CA THR A 295 -3.28 10.94 -5.08
C THR A 295 -4.45 10.06 -4.64
N GLY A 296 -5.63 10.26 -5.25
CA GLY A 296 -6.84 9.44 -5.05
C GLY A 296 -7.79 10.02 -4.02
N ALA A 297 -7.28 10.80 -3.06
CA ALA A 297 -8.04 11.37 -1.91
C ALA A 297 -9.17 12.28 -2.43
N ASN A 298 -10.29 12.31 -1.71
CA ASN A 298 -11.47 13.15 -2.02
C ASN A 298 -11.16 14.60 -1.63
N ALA A 299 -11.35 15.55 -2.55
CA ALA A 299 -11.01 16.99 -2.40
C ALA A 299 -11.85 17.63 -1.29
N LEU A 300 -13.16 17.37 -1.28
CA LEU A 300 -14.13 17.97 -0.32
C LEU A 300 -13.87 17.42 1.09
N ASP A 301 -13.65 16.10 1.23
CA ASP A 301 -13.35 15.42 2.52
C ASP A 301 -12.08 16.01 3.14
N THR A 302 -11.04 16.20 2.32
CA THR A 302 -9.71 16.75 2.73
C THR A 302 -9.87 18.21 3.15
N ALA A 303 -10.59 19.01 2.36
CA ALA A 303 -10.87 20.44 2.62
C ALA A 303 -11.59 20.60 3.97
N ALA A 304 -12.56 19.73 4.25
CA ALA A 304 -13.33 19.68 5.52
C ALA A 304 -12.39 19.33 6.68
N ALA A 305 -11.50 18.36 6.49
CA ALA A 305 -10.51 17.89 7.49
C ALA A 305 -9.51 19.00 7.83
N ILE A 306 -9.11 19.80 6.83
CA ILE A 306 -8.18 20.95 6.98
C ILE A 306 -8.87 22.04 7.82
N ARG A 307 -10.11 22.37 7.49
CA ARG A 307 -10.94 23.40 8.18
C ARG A 307 -11.12 23.01 9.65
N ALA A 308 -11.37 21.73 9.92
CA ALA A 308 -11.55 21.14 11.27
C ALA A 308 -10.26 21.33 12.09
N GLU A 309 -9.09 21.16 11.45
CA GLU A 309 -7.76 21.24 12.11
C GLU A 309 -7.40 22.70 12.37
N LEU A 310 -7.71 23.61 11.42
CA LEU A 310 -7.47 25.07 11.54
C LEU A 310 -8.35 25.65 12.66
N ALA A 311 -9.54 25.07 12.88
CA ALA A 311 -10.51 25.47 13.93
C ALA A 311 -9.95 25.18 15.32
N LYS A 312 -9.07 24.18 15.43
CA LYS A 312 -8.43 23.76 16.71
C LYS A 312 -7.20 24.64 17.02
N MET A 313 -6.77 25.47 16.07
CA MET A 313 -5.59 26.38 16.20
C MET A 313 -6.04 27.80 16.53
N GLU A 314 -7.14 28.26 15.91
CA GLU A 314 -7.63 29.67 15.96
C GLU A 314 -7.73 30.17 17.40
N PRO A 315 -8.34 29.41 18.34
CA PRO A 315 -8.50 29.86 19.73
C PRO A 315 -7.20 30.34 20.41
N PHE A 316 -6.06 29.73 20.07
CA PHE A 316 -4.74 29.93 20.75
C PHE A 316 -3.84 30.87 19.94
N PHE A 317 -4.39 31.53 18.91
CA PHE A 317 -3.69 32.55 18.08
C PHE A 317 -3.28 33.73 18.96
N PRO A 318 -2.15 34.41 18.66
CA PRO A 318 -1.84 35.71 19.27
C PRO A 318 -2.76 36.78 18.69
N SER A 319 -2.90 37.92 19.38
CA SER A 319 -3.81 39.03 19.02
C SER A 319 -3.54 39.48 17.59
N GLY A 320 -4.60 39.68 16.79
CA GLY A 320 -4.53 40.23 15.42
C GLY A 320 -4.52 39.14 14.36
N LEU A 321 -3.91 37.98 14.64
CA LEU A 321 -3.71 36.88 13.66
C LEU A 321 -5.08 36.33 13.24
N LYS A 322 -5.27 36.14 11.93
CA LYS A 322 -6.56 35.77 11.29
C LYS A 322 -6.30 34.89 10.07
N ILE A 323 -7.15 33.88 9.84
CA ILE A 323 -7.11 32.98 8.65
C ILE A 323 -7.97 33.60 7.55
N VAL A 324 -7.44 33.66 6.32
CA VAL A 324 -8.17 34.12 5.10
C VAL A 324 -8.06 33.01 4.04
N TYR A 325 -9.03 32.94 3.13
CA TYR A 325 -9.17 31.88 2.10
C TYR A 325 -9.09 32.50 0.70
N PRO A 326 -7.87 32.90 0.25
CA PRO A 326 -7.71 33.57 -1.04
C PRO A 326 -7.78 32.67 -2.28
N TYR A 327 -7.70 31.34 -2.10
CA TYR A 327 -7.73 30.35 -3.21
C TYR A 327 -8.23 28.99 -2.69
N ASP A 328 -9.35 28.53 -3.23
CA ASP A 328 -9.97 27.22 -2.90
C ASP A 328 -10.76 26.74 -4.13
N THR A 329 -10.48 25.53 -4.60
CA THR A 329 -11.12 24.89 -5.79
C THR A 329 -12.36 24.08 -5.36
N THR A 330 -12.48 23.76 -4.07
CA THR A 330 -13.51 22.84 -3.52
C THR A 330 -14.88 23.49 -3.48
N PRO A 331 -15.03 24.80 -3.13
CA PRO A 331 -16.35 25.44 -3.12
C PRO A 331 -17.11 25.29 -4.46
N PHE A 332 -16.40 25.45 -5.57
CA PHE A 332 -16.95 25.29 -6.95
C PHE A 332 -17.56 23.90 -7.11
N VAL A 333 -16.81 22.85 -6.70
CA VAL A 333 -17.22 21.43 -6.79
C VAL A 333 -18.52 21.25 -5.98
N LYS A 334 -18.55 21.78 -4.75
CA LYS A 334 -19.69 21.67 -3.81
C LYS A 334 -20.92 22.39 -4.39
N ILE A 335 -20.74 23.62 -4.88
CA ILE A 335 -21.83 24.51 -5.39
C ILE A 335 -22.31 23.99 -6.75
N SER A 336 -21.39 23.60 -7.64
CA SER A 336 -21.68 23.10 -9.01
C SER A 336 -22.61 21.90 -8.94
N ILE A 337 -22.32 20.93 -8.06
CA ILE A 337 -23.13 19.69 -7.85
C ILE A 337 -24.52 20.09 -7.32
N HIS A 338 -24.57 20.95 -6.30
CA HIS A 338 -25.81 21.46 -5.67
C HIS A 338 -26.69 22.16 -6.71
N GLU A 339 -26.07 22.81 -7.71
CA GLU A 339 -26.78 23.50 -8.82
C GLU A 339 -27.40 22.47 -9.78
N VAL A 340 -26.78 21.29 -9.91
CA VAL A 340 -27.31 20.17 -10.75
C VAL A 340 -28.45 19.48 -9.98
N VAL A 341 -28.33 19.39 -8.65
CA VAL A 341 -29.40 18.88 -7.74
C VAL A 341 -30.61 19.82 -7.82
N LYS A 342 -30.36 21.12 -7.92
CA LYS A 342 -31.39 22.19 -7.97
C LYS A 342 -32.19 22.06 -9.27
N THR A 343 -31.51 21.82 -10.40
CA THR A 343 -32.13 21.61 -11.74
C THR A 343 -32.87 20.27 -11.79
N LEU A 344 -32.37 19.26 -11.06
CA LEU A 344 -32.96 17.90 -10.96
C LEU A 344 -34.34 17.99 -10.28
N VAL A 345 -34.45 18.80 -9.22
CA VAL A 345 -35.73 19.07 -8.49
C VAL A 345 -36.67 19.86 -9.41
N GLU A 346 -36.15 20.90 -10.07
CA GLU A 346 -36.90 21.76 -11.02
C GLU A 346 -37.47 20.89 -12.16
N ALA A 347 -36.64 20.00 -12.72
CA ALA A 347 -37.01 19.06 -13.81
C ALA A 347 -38.24 18.25 -13.42
N ILE A 348 -38.23 17.65 -12.22
CA ILE A 348 -39.32 16.79 -11.68
C ILE A 348 -40.60 17.63 -11.54
N ILE A 349 -40.48 18.85 -10.98
CA ILE A 349 -41.61 19.81 -10.79
C ILE A 349 -42.20 20.19 -12.16
N LEU A 350 -41.32 20.52 -13.13
CA LEU A 350 -41.71 20.93 -14.50
C LEU A 350 -42.44 19.78 -15.21
N VAL A 351 -42.05 18.53 -14.96
CA VAL A 351 -42.68 17.31 -15.56
C VAL A 351 -44.08 17.13 -14.94
N PHE A 352 -44.20 17.30 -13.62
CA PHE A 352 -45.47 17.19 -12.85
C PHE A 352 -46.54 18.14 -13.44
N LEU A 353 -46.12 19.33 -13.86
CA LEU A 353 -47.01 20.40 -14.39
C LEU A 353 -47.47 20.04 -15.81
N VAL A 354 -46.56 19.58 -16.66
CA VAL A 354 -46.82 19.25 -18.10
C VAL A 354 -47.78 18.04 -18.16
N MET A 355 -47.65 17.08 -17.24
CA MET A 355 -48.54 15.89 -17.16
C MET A 355 -49.92 16.32 -16.64
N TYR A 356 -49.98 17.25 -15.69
CA TYR A 356 -51.23 17.83 -15.12
C TYR A 356 -51.95 18.64 -16.21
N LEU A 357 -51.20 19.17 -17.18
CA LEU A 357 -51.73 19.91 -18.36
C LEU A 357 -52.45 18.93 -19.30
N PHE A 358 -51.94 17.70 -19.42
CA PHE A 358 -52.41 16.66 -20.37
C PHE A 358 -53.44 15.74 -19.72
N LEU A 359 -53.11 15.16 -18.55
CA LEU A 359 -53.99 14.20 -17.82
C LEU A 359 -55.18 14.94 -17.21
N GLN A 360 -54.92 16.12 -16.62
CA GLN A 360 -55.96 17.05 -16.07
C GLN A 360 -56.67 16.38 -14.88
N ASN A 361 -55.89 15.79 -13.96
CA ASN A 361 -56.38 15.13 -12.73
C ASN A 361 -55.22 14.98 -11.74
N PHE A 362 -55.38 15.51 -10.52
CA PHE A 362 -54.35 15.52 -9.44
C PHE A 362 -53.96 14.09 -9.06
N ARG A 363 -54.90 13.14 -9.17
CA ARG A 363 -54.72 11.71 -8.78
C ARG A 363 -53.81 11.03 -9.81
N ALA A 364 -54.22 11.04 -11.08
CA ALA A 364 -53.56 10.34 -12.21
C ALA A 364 -52.09 10.79 -12.35
N THR A 365 -51.83 12.08 -12.20
CA THR A 365 -50.50 12.72 -12.42
C THR A 365 -49.53 12.36 -11.29
N LEU A 366 -50.04 12.01 -10.10
CA LEU A 366 -49.22 11.79 -8.88
C LEU A 366 -48.45 10.46 -9.00
N ILE A 367 -48.98 9.48 -9.74
CA ILE A 367 -48.37 8.13 -9.90
C ILE A 367 -47.01 8.27 -10.59
N PRO A 368 -46.93 8.87 -11.80
CA PRO A 368 -45.64 9.18 -12.42
C PRO A 368 -44.71 10.05 -11.54
N THR A 369 -45.28 11.05 -10.86
CA THR A 369 -44.55 12.04 -10.02
C THR A 369 -43.91 11.34 -8.82
N ILE A 370 -44.51 10.26 -8.33
CA ILE A 370 -44.01 9.45 -7.18
C ILE A 370 -42.98 8.44 -7.69
N ALA A 371 -43.13 7.94 -8.91
CA ALA A 371 -42.28 6.90 -9.53
C ALA A 371 -40.84 7.40 -9.69
N VAL A 372 -40.66 8.62 -10.20
CA VAL A 372 -39.34 9.18 -10.62
C VAL A 372 -38.44 9.35 -9.39
N PRO A 373 -38.88 10.03 -8.30
CA PRO A 373 -38.07 10.15 -7.09
C PRO A 373 -37.58 8.82 -6.52
N VAL A 374 -38.43 7.79 -6.53
CA VAL A 374 -38.13 6.42 -6.00
C VAL A 374 -37.01 5.78 -6.82
N VAL A 375 -37.08 5.91 -8.15
CA VAL A 375 -36.10 5.33 -9.12
C VAL A 375 -34.76 6.06 -8.99
N LEU A 376 -34.78 7.40 -8.99
CA LEU A 376 -33.57 8.26 -8.92
C LEU A 376 -32.85 8.02 -7.59
N LEU A 377 -33.58 8.05 -6.47
CA LEU A 377 -33.05 7.72 -5.12
C LEU A 377 -32.49 6.30 -5.14
N GLY A 378 -33.21 5.37 -5.76
CA GLY A 378 -32.77 3.97 -5.97
C GLY A 378 -31.43 3.90 -6.69
N THR A 379 -31.25 4.72 -7.73
CA THR A 379 -30.03 4.77 -8.58
C THR A 379 -28.81 5.17 -7.74
N PHE A 380 -28.99 6.08 -6.77
CA PHE A 380 -27.92 6.54 -5.83
C PHE A 380 -27.39 5.35 -5.03
N ALA A 381 -28.26 4.45 -4.61
CA ALA A 381 -27.92 3.22 -3.86
C ALA A 381 -27.11 2.26 -4.75
N VAL A 382 -27.43 2.21 -6.04
CA VAL A 382 -26.75 1.34 -7.05
C VAL A 382 -25.33 1.88 -7.28
N LEU A 383 -25.14 3.19 -7.29
CA LEU A 383 -23.81 3.85 -7.44
C LEU A 383 -22.90 3.39 -6.29
N ALA A 384 -23.44 3.31 -5.07
CA ALA A 384 -22.72 2.87 -3.85
C ALA A 384 -22.26 1.42 -4.00
N ALA A 385 -23.09 0.56 -4.60
CA ALA A 385 -22.80 -0.87 -4.88
C ALA A 385 -21.66 -0.99 -5.90
N PHE A 386 -21.69 -0.17 -6.96
CA PHE A 386 -20.68 -0.14 -8.05
C PHE A 386 -19.42 0.62 -7.59
N GLY A 387 -19.50 1.33 -6.46
CA GLY A 387 -18.35 2.03 -5.83
C GLY A 387 -18.04 3.35 -6.52
N PHE A 388 -19.01 3.91 -7.26
CA PHE A 388 -18.91 5.23 -7.93
C PHE A 388 -19.18 6.34 -6.91
N SER A 389 -19.01 7.60 -7.34
CA SER A 389 -19.23 8.83 -6.53
C SER A 389 -20.32 9.68 -7.17
N ILE A 390 -20.88 10.62 -6.39
CA ILE A 390 -21.82 11.67 -6.89
C ILE A 390 -20.98 12.75 -7.59
N ASN A 391 -21.06 12.83 -8.92
CA ASN A 391 -20.24 13.76 -9.75
C ASN A 391 -21.10 14.31 -10.89
N THR A 392 -20.54 15.24 -11.68
CA THR A 392 -21.22 16.00 -12.76
C THR A 392 -21.94 15.03 -13.70
N LEU A 393 -21.29 13.95 -14.12
CA LEU A 393 -21.80 12.98 -15.13
C LEU A 393 -22.85 12.06 -14.51
N THR A 394 -22.59 11.55 -13.30
CA THR A 394 -23.53 10.70 -12.53
C THR A 394 -24.80 11.50 -12.21
N MET A 395 -24.65 12.80 -11.92
CA MET A 395 -25.78 13.72 -11.61
C MET A 395 -26.53 14.07 -12.91
N PHE A 396 -25.81 14.20 -14.03
CA PHE A 396 -26.41 14.38 -15.39
C PHE A 396 -27.11 13.08 -15.80
N GLY A 397 -26.57 11.93 -15.37
CA GLY A 397 -27.19 10.60 -15.54
C GLY A 397 -28.60 10.58 -14.98
N MET A 398 -28.82 11.23 -13.83
CA MET A 398 -30.13 11.30 -13.13
C MET A 398 -31.12 12.13 -13.95
N VAL A 399 -30.68 13.29 -14.44
CA VAL A 399 -31.54 14.28 -15.17
C VAL A 399 -31.98 13.70 -16.51
N LEU A 400 -31.02 13.20 -17.31
CA LEU A 400 -31.25 12.70 -18.68
C LEU A 400 -32.05 11.38 -18.63
N ALA A 401 -31.91 10.61 -17.55
CA ALA A 401 -32.60 9.32 -17.33
C ALA A 401 -34.13 9.53 -17.29
N ILE A 402 -34.58 10.62 -16.67
CA ILE A 402 -36.02 10.99 -16.47
C ILE A 402 -36.79 10.78 -17.79
N GLY A 403 -36.25 11.30 -18.91
CA GLY A 403 -36.89 11.25 -20.23
C GLY A 403 -37.09 9.85 -20.75
N LEU A 404 -36.27 8.89 -20.30
CA LEU A 404 -36.26 7.48 -20.77
C LEU A 404 -37.14 6.60 -19.87
N LEU A 405 -37.43 7.04 -18.64
CA LEU A 405 -38.10 6.21 -17.59
C LEU A 405 -39.42 6.83 -17.11
N VAL A 406 -39.83 7.99 -17.65
CA VAL A 406 -41.10 8.66 -17.26
C VAL A 406 -42.28 7.94 -17.94
N ASP A 407 -42.05 7.39 -19.15
CA ASP A 407 -43.06 6.67 -19.97
C ASP A 407 -43.47 5.36 -19.28
N ASP A 408 -42.56 4.76 -18.50
CA ASP A 408 -42.78 3.47 -17.79
C ASP A 408 -44.03 3.56 -16.91
N ALA A 409 -44.22 4.67 -16.21
CA ALA A 409 -45.38 4.95 -15.32
C ALA A 409 -46.59 5.36 -16.17
N ILE A 410 -46.37 6.22 -17.16
CA ILE A 410 -47.45 6.87 -17.99
C ILE A 410 -48.14 5.82 -18.86
N VAL A 411 -47.37 4.95 -19.53
CA VAL A 411 -47.89 3.90 -20.46
C VAL A 411 -48.88 3.00 -19.70
N VAL A 412 -48.62 2.74 -18.42
CA VAL A 412 -49.52 1.96 -17.51
C VAL A 412 -50.76 2.81 -17.23
N VAL A 413 -50.57 3.99 -16.62
CA VAL A 413 -51.65 4.93 -16.20
C VAL A 413 -52.59 5.19 -17.39
N GLU A 414 -52.03 5.58 -18.53
CA GLU A 414 -52.78 5.85 -19.79
C GLU A 414 -53.61 4.61 -20.17
N ASN A 415 -52.98 3.44 -20.23
CA ASN A 415 -53.60 2.15 -20.64
C ASN A 415 -54.72 1.79 -19.64
N VAL A 416 -54.46 1.93 -18.34
CA VAL A 416 -55.43 1.62 -17.24
C VAL A 416 -56.70 2.47 -17.43
N GLU A 417 -56.53 3.79 -17.59
CA GLU A 417 -57.64 4.78 -17.75
C GLU A 417 -58.42 4.47 -19.03
N ARG A 418 -57.74 4.06 -20.10
CA ARG A 418 -58.34 3.67 -21.41
C ARG A 418 -59.19 2.42 -21.22
N VAL A 419 -58.63 1.37 -20.61
CA VAL A 419 -59.30 0.04 -20.38
C VAL A 419 -60.64 0.27 -19.66
N MET A 420 -60.71 1.26 -18.76
CA MET A 420 -61.93 1.60 -17.97
C MET A 420 -62.92 2.38 -18.83
N ALA A 421 -62.47 3.01 -19.93
CA ALA A 421 -63.29 3.82 -20.86
C ALA A 421 -63.91 2.91 -21.94
N GLU A 422 -63.17 1.89 -22.40
CA GLU A 422 -63.62 0.96 -23.48
C GLU A 422 -64.63 -0.04 -22.91
N GLU A 423 -64.47 -0.43 -21.63
CA GLU A 423 -65.51 -1.13 -20.83
C GLU A 423 -65.40 -0.68 -19.36
N GLY A 424 -66.53 -0.51 -18.68
CA GLY A 424 -66.62 -0.01 -17.29
C GLY A 424 -66.12 -1.05 -16.29
N LEU A 425 -64.81 -1.13 -16.09
CA LEU A 425 -64.15 -2.03 -15.10
C LEU A 425 -63.65 -1.19 -13.92
N PRO A 426 -63.72 -1.71 -12.66
CA PRO A 426 -63.10 -1.06 -11.52
C PRO A 426 -61.60 -0.84 -11.71
N PRO A 427 -60.96 0.04 -10.90
CA PRO A 427 -59.54 0.35 -11.07
C PRO A 427 -58.63 -0.85 -10.73
N LYS A 428 -59.05 -1.70 -9.80
CA LYS A 428 -58.31 -2.92 -9.37
C LYS A 428 -58.39 -3.98 -10.47
N GLU A 429 -59.57 -4.18 -11.05
CA GLU A 429 -59.85 -5.21 -12.08
C GLU A 429 -59.18 -4.83 -13.41
N ALA A 430 -59.22 -3.55 -13.77
CA ALA A 430 -58.69 -2.98 -15.04
C ALA A 430 -57.17 -3.17 -15.10
N THR A 431 -56.47 -2.86 -14.01
CA THR A 431 -54.98 -2.87 -13.91
C THR A 431 -54.43 -4.26 -14.25
N ARG A 432 -55.15 -5.33 -13.88
CA ARG A 432 -54.73 -6.74 -14.08
C ARG A 432 -54.45 -6.98 -15.57
N LYS A 433 -55.46 -6.77 -16.43
CA LYS A 433 -55.35 -7.01 -17.90
C LYS A 433 -54.50 -5.90 -18.54
N SER A 434 -54.49 -4.70 -17.95
CA SER A 434 -53.69 -3.53 -18.40
C SER A 434 -52.20 -3.88 -18.33
N MET A 435 -51.73 -4.34 -17.15
CA MET A 435 -50.33 -4.78 -16.90
C MET A 435 -50.02 -6.03 -17.72
N GLY A 436 -50.99 -6.94 -17.86
CA GLY A 436 -50.85 -8.24 -18.53
C GLY A 436 -50.37 -8.12 -19.97
N GLN A 437 -50.86 -7.11 -20.70
CA GLN A 437 -50.65 -6.96 -22.17
C GLN A 437 -49.46 -6.03 -22.46
N ILE A 438 -48.86 -5.41 -21.42
CA ILE A 438 -47.73 -4.44 -21.56
C ILE A 438 -46.48 -4.95 -20.84
N GLN A 439 -46.64 -5.70 -19.74
CA GLN A 439 -45.53 -6.25 -18.91
C GLN A 439 -44.39 -6.73 -19.81
N GLY A 440 -44.71 -7.63 -20.76
CA GLY A 440 -43.74 -8.24 -21.70
C GLY A 440 -42.97 -7.19 -22.49
N ALA A 441 -43.69 -6.27 -23.12
CA ALA A 441 -43.14 -5.18 -23.98
C ALA A 441 -42.33 -4.21 -23.12
N LEU A 442 -42.81 -3.90 -21.91
CA LEU A 442 -42.19 -2.92 -20.97
C LEU A 442 -40.78 -3.39 -20.60
N VAL A 443 -40.63 -4.68 -20.24
CA VAL A 443 -39.34 -5.31 -19.85
C VAL A 443 -38.45 -5.42 -21.10
N GLY A 444 -39.01 -5.81 -22.24
CA GLY A 444 -38.30 -6.02 -23.51
C GLY A 444 -37.67 -4.74 -24.04
N ILE A 445 -38.47 -3.66 -24.12
CA ILE A 445 -38.07 -2.34 -24.71
C ILE A 445 -37.02 -1.68 -23.78
N ALA A 446 -37.08 -1.95 -22.48
CA ALA A 446 -36.11 -1.46 -21.47
C ALA A 446 -34.72 -2.01 -21.76
N MET A 447 -34.63 -3.22 -22.31
CA MET A 447 -33.36 -3.89 -22.69
C MET A 447 -32.91 -3.39 -24.06
N VAL A 448 -33.85 -3.06 -24.96
CA VAL A 448 -33.58 -2.48 -26.31
C VAL A 448 -32.90 -1.12 -26.15
N LEU A 449 -33.37 -0.30 -25.21
CA LEU A 449 -32.85 1.07 -24.95
C LEU A 449 -31.51 0.98 -24.20
N SER A 450 -31.34 -0.03 -23.34
CA SER A 450 -30.09 -0.26 -22.56
C SER A 450 -28.95 -0.66 -23.51
N ALA A 451 -29.28 -1.29 -24.64
CA ALA A 451 -28.33 -1.70 -25.71
C ALA A 451 -27.63 -0.47 -26.31
N VAL A 452 -28.23 0.71 -26.20
CA VAL A 452 -27.66 2.00 -26.68
C VAL A 452 -26.47 2.38 -25.79
N PHE A 453 -26.63 2.25 -24.46
CA PHE A 453 -25.70 2.79 -23.43
C PHE A 453 -24.67 1.73 -23.00
N VAL A 454 -25.08 0.46 -22.87
CA VAL A 454 -24.26 -0.66 -22.33
C VAL A 454 -22.90 -0.71 -23.02
N PRO A 455 -22.83 -0.65 -24.38
CA PRO A 455 -21.55 -0.70 -25.09
C PRO A 455 -20.57 0.42 -24.71
N MET A 456 -21.09 1.63 -24.46
CA MET A 456 -20.31 2.84 -24.09
C MET A 456 -19.58 2.62 -22.76
N ALA A 457 -20.10 1.76 -21.88
CA ALA A 457 -19.51 1.41 -20.58
C ALA A 457 -18.12 0.79 -20.77
N PHE A 458 -17.89 0.09 -21.88
CA PHE A 458 -16.62 -0.57 -22.24
C PHE A 458 -15.76 0.41 -23.06
N PHE A 459 -15.53 1.61 -22.53
CA PHE A 459 -14.66 2.68 -23.10
C PHE A 459 -13.30 2.60 -22.41
N GLY A 460 -12.22 2.51 -23.18
CA GLY A 460 -10.84 2.31 -22.68
C GLY A 460 -10.17 3.61 -22.32
N GLY A 461 -9.03 3.52 -21.62
CA GLY A 461 -8.16 4.66 -21.26
C GLY A 461 -8.68 5.43 -20.05
N SER A 462 -8.10 6.59 -19.77
CA SER A 462 -8.46 7.51 -18.66
C SER A 462 -9.83 8.14 -18.91
N THR A 463 -10.11 8.48 -20.18
CA THR A 463 -11.39 9.07 -20.65
C THR A 463 -12.55 8.10 -20.39
N GLY A 464 -12.25 6.79 -20.33
CA GLY A 464 -13.23 5.70 -20.16
C GLY A 464 -14.14 5.89 -18.96
N ALA A 465 -13.57 6.20 -17.80
CA ALA A 465 -14.27 6.33 -16.49
C ALA A 465 -15.44 7.30 -16.60
N ILE A 466 -15.28 8.39 -17.36
CA ILE A 466 -16.31 9.46 -17.60
C ILE A 466 -17.53 8.82 -18.28
N TYR A 467 -17.32 8.14 -19.41
CA TYR A 467 -18.40 7.52 -20.25
C TYR A 467 -19.00 6.32 -19.52
N ARG A 468 -18.22 5.66 -18.66
CA ARG A 468 -18.63 4.46 -17.90
C ARG A 468 -19.65 4.84 -16.83
N GLN A 469 -19.27 5.75 -15.92
CA GLN A 469 -20.08 6.16 -14.74
C GLN A 469 -21.41 6.77 -15.20
N PHE A 470 -21.43 7.43 -16.36
CA PHE A 470 -22.67 7.97 -17.00
C PHE A 470 -23.55 6.82 -17.46
N SER A 471 -22.97 5.87 -18.21
CA SER A 471 -23.67 4.72 -18.85
C SER A 471 -24.39 3.88 -17.79
N ILE A 472 -23.69 3.50 -16.73
CA ILE A 472 -24.20 2.62 -15.64
C ILE A 472 -25.40 3.29 -14.97
N THR A 473 -25.31 4.60 -14.70
CA THR A 473 -26.36 5.43 -14.06
C THR A 473 -27.65 5.38 -14.90
N ILE A 474 -27.53 5.55 -16.22
CA ILE A 474 -28.67 5.55 -17.19
C ILE A 474 -29.35 4.17 -17.16
N VAL A 475 -28.56 3.10 -17.29
CA VAL A 475 -29.05 1.69 -17.38
C VAL A 475 -29.64 1.27 -16.04
N SER A 476 -28.95 1.57 -14.94
CA SER A 476 -29.38 1.27 -13.53
C SER A 476 -30.75 1.90 -13.26
N ALA A 477 -30.95 3.16 -13.69
CA ALA A 477 -32.20 3.94 -13.52
C ALA A 477 -33.34 3.27 -14.30
N MET A 478 -33.10 2.93 -15.56
CA MET A 478 -34.09 2.27 -16.47
C MET A 478 -34.48 0.91 -15.91
N ALA A 479 -33.52 0.16 -15.35
CA ALA A 479 -33.72 -1.17 -14.73
C ALA A 479 -34.63 -1.04 -13.50
N LEU A 480 -34.31 -0.10 -12.60
CA LEU A 480 -35.09 0.18 -11.37
C LEU A 480 -36.49 0.69 -11.74
N SER A 481 -36.61 1.45 -12.84
CA SER A 481 -37.88 2.03 -13.34
C SER A 481 -38.85 0.92 -13.76
N VAL A 482 -38.34 -0.11 -14.45
CA VAL A 482 -39.12 -1.32 -14.84
C VAL A 482 -39.63 -2.00 -13.55
N LEU A 483 -38.75 -2.15 -12.55
CA LEU A 483 -39.06 -2.80 -11.26
C LEU A 483 -40.17 -2.01 -10.53
N VAL A 484 -40.04 -0.68 -10.49
CA VAL A 484 -41.03 0.26 -9.86
C VAL A 484 -42.35 0.19 -10.64
N ALA A 485 -42.27 0.07 -11.97
CA ALA A 485 -43.44 0.04 -12.89
C ALA A 485 -44.19 -1.29 -12.77
N LEU A 486 -43.55 -2.34 -12.24
CA LEU A 486 -44.13 -3.70 -12.07
C LEU A 486 -44.55 -3.94 -10.62
N ILE A 487 -44.12 -3.07 -9.68
CA ILE A 487 -44.36 -3.24 -8.22
C ILE A 487 -45.28 -2.11 -7.71
N LEU A 488 -44.81 -0.86 -7.78
CA LEU A 488 -45.46 0.32 -7.13
C LEU A 488 -46.58 0.86 -8.02
N THR A 489 -46.29 1.12 -9.31
CA THR A 489 -47.21 1.77 -10.28
C THR A 489 -48.53 0.99 -10.37
N PRO A 490 -48.50 -0.36 -10.48
CA PRO A 490 -49.74 -1.13 -10.55
C PRO A 490 -50.58 -1.04 -9.27
N ALA A 491 -49.91 -1.01 -8.11
CA ALA A 491 -50.54 -0.91 -6.76
C ALA A 491 -51.30 0.42 -6.64
N LEU A 492 -50.68 1.52 -7.08
CA LEU A 492 -51.26 2.89 -7.02
C LEU A 492 -52.38 3.03 -8.05
N CYS A 493 -52.22 2.42 -9.23
CA CYS A 493 -53.22 2.39 -10.33
C CYS A 493 -54.49 1.63 -9.91
N ALA A 494 -54.36 0.71 -8.95
CA ALA A 494 -55.46 -0.13 -8.43
C ALA A 494 -56.21 0.61 -7.30
N THR A 495 -55.50 1.42 -6.51
CA THR A 495 -56.03 2.08 -5.28
C THR A 495 -56.39 3.54 -5.57
N MET A 496 -55.41 4.35 -5.99
CA MET A 496 -55.52 5.83 -6.08
C MET A 496 -56.46 6.25 -7.22
N LEU A 497 -56.30 5.67 -8.42
CA LEU A 497 -57.05 6.05 -9.65
C LEU A 497 -58.56 6.00 -9.37
N LYS A 498 -59.27 7.10 -9.68
CA LYS A 498 -60.74 7.23 -9.51
C LYS A 498 -61.44 6.43 -10.60
N PRO A 499 -62.47 5.61 -10.27
CA PRO A 499 -63.21 4.84 -11.27
C PRO A 499 -63.79 5.70 -12.41
N ILE A 500 -63.74 5.18 -13.65
CA ILE A 500 -64.29 5.83 -14.87
C ILE A 500 -65.23 4.82 -15.57
N LYS A 510 -65.12 22.75 -20.85
CA LYS A 510 -65.53 23.46 -19.60
C LYS A 510 -64.73 24.75 -19.46
N GLY A 511 -63.52 24.69 -18.90
CA GLY A 511 -62.66 25.85 -18.61
C GLY A 511 -61.44 25.87 -19.52
N PHE A 512 -60.24 26.00 -18.94
CA PHE A 512 -58.93 25.97 -19.65
C PHE A 512 -58.70 24.59 -20.24
N PHE A 513 -58.97 23.53 -19.46
CA PHE A 513 -58.77 22.11 -19.83
C PHE A 513 -59.62 21.76 -21.05
N GLY A 514 -60.91 22.15 -21.03
CA GLY A 514 -61.86 21.93 -22.14
C GLY A 514 -61.40 22.56 -23.44
N TRP A 515 -60.86 23.77 -23.37
CA TRP A 515 -60.29 24.53 -24.52
C TRP A 515 -59.09 23.76 -25.09
N PHE A 516 -58.18 23.33 -24.22
CA PHE A 516 -56.93 22.58 -24.56
C PHE A 516 -57.29 21.21 -25.15
N ASN A 517 -58.28 20.52 -24.56
CA ASN A 517 -58.74 19.17 -24.97
C ASN A 517 -59.28 19.21 -26.40
N ARG A 518 -60.32 20.02 -26.64
CA ARG A 518 -61.09 20.06 -27.91
C ARG A 518 -60.26 20.71 -29.03
N MET A 519 -59.26 21.54 -28.67
CA MET A 519 -58.32 22.17 -29.64
C MET A 519 -57.39 21.10 -30.22
N PHE A 520 -56.82 20.26 -29.35
CA PHE A 520 -55.83 19.20 -29.70
C PHE A 520 -56.50 18.13 -30.57
N GLU A 521 -57.70 17.69 -30.18
CA GLU A 521 -58.48 16.61 -30.88
C GLU A 521 -58.93 17.10 -32.27
N LYS A 522 -59.10 18.41 -32.45
CA LYS A 522 -59.44 19.04 -33.75
C LYS A 522 -58.16 19.24 -34.57
N SER A 523 -57.04 19.50 -33.89
CA SER A 523 -55.67 19.59 -34.47
C SER A 523 -55.15 18.18 -34.81
N THR A 524 -55.65 17.15 -34.10
CA THR A 524 -55.31 15.73 -34.30
C THR A 524 -55.86 15.25 -35.65
N HIS A 525 -57.13 15.57 -35.94
CA HIS A 525 -57.86 15.15 -37.17
C HIS A 525 -57.22 15.81 -38.41
N HIS A 526 -56.72 17.04 -38.27
CA HIS A 526 -56.07 17.83 -39.36
C HIS A 526 -54.65 17.33 -39.60
N TYR A 527 -54.06 16.61 -38.62
CA TYR A 527 -52.70 16.03 -38.67
C TYR A 527 -52.76 14.63 -39.29
N THR A 528 -53.75 13.83 -38.90
CA THR A 528 -53.97 12.43 -39.40
C THR A 528 -54.25 12.46 -40.91
N ASP A 529 -55.03 13.44 -41.38
CA ASP A 529 -55.35 13.67 -42.81
C ASP A 529 -54.06 14.05 -43.57
N SER A 530 -53.20 14.85 -42.93
CA SER A 530 -51.87 15.25 -43.47
C SER A 530 -50.94 14.04 -43.51
N VAL A 531 -50.96 13.20 -42.46
CA VAL A 531 -50.21 11.91 -42.38
C VAL A 531 -50.74 10.96 -43.47
N GLY A 532 -52.07 10.87 -43.61
CA GLY A 532 -52.76 10.06 -44.62
C GLY A 532 -52.35 10.43 -46.04
N GLY A 533 -52.10 11.73 -46.28
CA GLY A 533 -51.66 12.27 -47.58
C GLY A 533 -50.21 11.91 -47.89
N ILE A 534 -49.34 11.92 -46.87
CA ILE A 534 -47.88 11.60 -46.98
C ILE A 534 -47.73 10.13 -47.41
N LEU A 535 -48.58 9.24 -46.91
CA LEU A 535 -48.57 7.78 -47.21
C LEU A 535 -48.84 7.55 -48.71
N ARG A 536 -49.68 8.38 -49.32
CA ARG A 536 -50.03 8.30 -50.76
C ARG A 536 -48.81 8.68 -51.61
N SER A 537 -48.04 9.69 -51.20
CA SER A 537 -46.84 10.20 -51.91
C SER A 537 -45.67 9.23 -51.71
N THR A 538 -45.14 9.14 -50.48
CA THR A 538 -44.03 8.23 -50.06
C THR A 538 -42.71 8.64 -50.74
N GLY A 539 -42.62 8.46 -52.06
CA GLY A 539 -41.40 8.64 -52.88
C GLY A 539 -40.66 9.93 -52.57
N ARG A 540 -41.39 11.04 -52.41
CA ARG A 540 -40.83 12.40 -52.17
C ARG A 540 -40.09 12.44 -50.82
N TYR A 541 -40.66 11.84 -49.78
CA TYR A 541 -40.19 11.92 -48.37
C TYR A 541 -39.03 10.94 -48.14
N LEU A 542 -38.83 9.99 -49.05
CA LEU A 542 -37.66 9.08 -49.06
C LEU A 542 -36.41 9.88 -49.48
N VAL A 543 -36.57 10.83 -50.40
CA VAL A 543 -35.47 11.71 -50.91
C VAL A 543 -35.16 12.78 -49.86
N LEU A 544 -36.20 13.38 -49.26
CA LEU A 544 -36.09 14.41 -48.19
C LEU A 544 -35.32 13.85 -46.99
N TYR A 545 -35.50 12.55 -46.71
CA TYR A 545 -34.83 11.81 -45.61
C TYR A 545 -33.31 11.79 -45.85
N LEU A 546 -32.90 11.41 -47.07
CA LEU A 546 -31.47 11.27 -47.48
C LEU A 546 -30.76 12.62 -47.37
N ILE A 547 -31.46 13.72 -47.70
CA ILE A 547 -30.94 15.12 -47.60
C ILE A 547 -30.60 15.43 -46.14
N ILE A 548 -31.46 14.99 -45.20
CA ILE A 548 -31.28 15.18 -43.73
C ILE A 548 -30.09 14.33 -43.26
N VAL A 549 -29.92 13.13 -43.80
CA VAL A 549 -28.82 12.17 -43.46
C VAL A 549 -27.49 12.73 -43.96
N VAL A 550 -27.47 13.31 -45.17
CA VAL A 550 -26.27 13.97 -45.77
C VAL A 550 -26.00 15.29 -45.03
N GLY A 551 -27.06 16.04 -44.71
CA GLY A 551 -26.98 17.27 -43.89
C GLY A 551 -26.41 16.98 -42.51
N MET A 552 -26.82 15.87 -41.90
CA MET A 552 -26.31 15.36 -40.60
C MET A 552 -24.83 15.00 -40.73
N ALA A 553 -24.47 14.29 -41.80
CA ALA A 553 -23.09 13.82 -42.11
C ALA A 553 -22.14 15.03 -42.28
N TYR A 554 -22.64 16.11 -42.88
CA TYR A 554 -21.88 17.37 -43.11
C TYR A 554 -21.62 18.07 -41.77
N LEU A 555 -22.68 18.31 -40.99
CA LEU A 555 -22.64 18.99 -39.67
C LEU A 555 -21.70 18.25 -38.71
N PHE A 556 -21.72 16.91 -38.74
CA PHE A 556 -20.91 16.01 -37.87
C PHE A 556 -19.42 16.32 -38.05
N VAL A 557 -18.95 16.30 -39.30
CA VAL A 557 -17.52 16.52 -39.68
C VAL A 557 -17.17 18.00 -39.48
N ARG A 558 -18.10 18.90 -39.80
CA ARG A 558 -17.93 20.38 -39.72
C ARG A 558 -17.66 20.80 -38.27
N LEU A 559 -18.39 20.22 -37.31
CA LEU A 559 -18.33 20.57 -35.87
C LEU A 559 -16.97 20.17 -35.31
N PRO A 560 -16.17 21.11 -34.75
CA PRO A 560 -14.92 20.77 -34.07
C PRO A 560 -15.14 19.86 -32.85
N SER A 561 -14.06 19.23 -32.37
CA SER A 561 -14.07 18.26 -31.24
C SER A 561 -13.10 18.70 -30.14
N SER A 562 -13.57 18.73 -28.89
CA SER A 562 -12.78 18.93 -27.66
C SER A 562 -13.07 17.78 -26.68
N PHE A 563 -12.66 17.91 -25.41
CA PHE A 563 -12.87 16.89 -24.35
C PHE A 563 -13.87 17.41 -23.31
N LEU A 564 -13.46 18.40 -22.51
CA LEU A 564 -14.29 19.04 -21.46
C LEU A 564 -14.08 20.56 -21.50
N PRO A 565 -15.16 21.37 -21.60
CA PRO A 565 -15.02 22.83 -21.63
C PRO A 565 -14.39 23.42 -20.36
N ASP A 566 -13.74 24.58 -20.49
CA ASP A 566 -13.19 25.37 -19.36
C ASP A 566 -14.35 25.96 -18.56
N GLU A 567 -14.47 25.59 -17.28
CA GLU A 567 -15.53 26.07 -16.36
C GLU A 567 -15.00 27.26 -15.54
N ASP A 568 -15.86 28.23 -15.27
CA ASP A 568 -15.61 29.31 -14.28
C ASP A 568 -15.71 28.69 -12.88
N GLN A 569 -14.60 28.67 -12.14
CA GLN A 569 -14.48 28.02 -10.80
C GLN A 569 -14.44 29.09 -9.70
N GLY A 570 -14.64 30.36 -10.06
CA GLY A 570 -14.58 31.51 -9.13
C GLY A 570 -13.16 31.79 -8.64
N VAL A 571 -12.16 31.15 -9.27
CA VAL A 571 -10.71 31.31 -8.93
C VAL A 571 -9.90 31.10 -10.22
N PHE A 572 -8.75 31.77 -10.31
CA PHE A 572 -7.72 31.57 -11.37
C PHE A 572 -6.36 32.01 -10.82
N MET A 573 -5.30 31.83 -11.61
CA MET A 573 -3.89 32.14 -11.22
C MET A 573 -3.23 32.97 -12.31
N THR A 574 -2.27 33.82 -11.92
CA THR A 574 -1.45 34.68 -12.81
C THR A 574 0.03 34.29 -12.63
N MET A 575 0.66 33.81 -13.71
CA MET A 575 2.10 33.43 -13.74
C MET A 575 2.95 34.68 -13.98
N VAL A 576 4.02 34.84 -13.21
CA VAL A 576 5.02 35.95 -13.33
C VAL A 576 6.41 35.32 -13.48
N GLN A 577 6.99 35.39 -14.69
CA GLN A 577 8.33 34.86 -15.03
C GLN A 577 9.19 35.99 -15.62
N LEU A 578 10.15 36.48 -14.83
CA LEU A 578 11.24 37.40 -15.30
C LEU A 578 12.38 36.54 -15.83
N PRO A 579 13.31 37.11 -16.64
CA PRO A 579 14.49 36.36 -17.08
C PRO A 579 15.42 36.09 -15.90
N ALA A 580 16.02 34.90 -15.85
CA ALA A 580 17.01 34.48 -14.83
C ALA A 580 18.12 35.54 -14.76
N GLY A 581 18.59 35.85 -13.55
CA GLY A 581 19.50 36.98 -13.26
C GLY A 581 18.74 38.18 -12.71
N ALA A 582 17.42 38.24 -12.92
CA ALA A 582 16.51 39.26 -12.34
C ALA A 582 16.39 39.04 -10.84
N THR A 583 16.37 40.12 -10.06
CA THR A 583 16.41 40.10 -8.57
C THR A 583 14.99 40.02 -8.00
N GLN A 584 14.91 39.73 -6.70
CA GLN A 584 13.66 39.65 -5.89
C GLN A 584 12.91 40.99 -5.95
N GLU A 585 13.65 42.11 -5.99
CA GLU A 585 13.12 43.49 -5.98
C GLU A 585 12.36 43.78 -7.28
N ARG A 586 12.89 43.32 -8.42
CA ARG A 586 12.30 43.54 -9.78
C ARG A 586 11.03 42.69 -9.93
N THR A 587 11.04 41.47 -9.37
CA THR A 587 9.87 40.53 -9.39
C THR A 587 8.73 41.12 -8.56
N GLN A 588 9.04 41.72 -7.41
CA GLN A 588 8.06 42.38 -6.51
C GLN A 588 7.44 43.59 -7.22
N LYS A 589 8.24 44.32 -8.00
CA LYS A 589 7.81 45.49 -8.80
C LYS A 589 6.74 45.04 -9.80
N VAL A 590 6.94 43.90 -10.47
CA VAL A 590 6.00 43.33 -11.48
C VAL A 590 4.76 42.80 -10.76
N LEU A 591 4.93 42.14 -9.60
CA LEU A 591 3.83 41.59 -8.77
C LEU A 591 2.92 42.74 -8.30
N ASN A 592 3.50 43.87 -7.88
CA ASN A 592 2.78 45.09 -7.45
C ASN A 592 1.88 45.57 -8.59
N GLU A 593 2.38 45.61 -9.83
CA GLU A 593 1.63 46.01 -11.04
C GLU A 593 0.47 45.03 -11.28
N VAL A 594 0.71 43.72 -11.10
CA VAL A 594 -0.30 42.64 -11.28
C VAL A 594 -1.38 42.80 -10.19
N THR A 595 -0.96 42.97 -8.93
CA THR A 595 -1.86 43.14 -7.76
C THR A 595 -2.67 44.44 -7.92
N HIS A 596 -2.03 45.51 -8.38
CA HIS A 596 -2.64 46.84 -8.63
C HIS A 596 -3.79 46.71 -9.63
N TYR A 597 -3.57 46.00 -10.74
CA TYR A 597 -4.54 45.82 -11.86
C TYR A 597 -5.85 45.24 -11.32
N TYR A 598 -5.77 44.14 -10.56
CA TYR A 598 -6.94 43.37 -10.04
C TYR A 598 -7.71 44.19 -9.00
N LEU A 599 -7.00 44.98 -8.18
CA LEU A 599 -7.59 45.76 -7.05
C LEU A 599 -8.24 47.05 -7.59
N THR A 600 -7.80 47.56 -8.74
CA THR A 600 -8.24 48.87 -9.30
C THR A 600 -9.15 48.67 -10.53
N LYS A 601 -8.72 47.86 -11.50
CA LYS A 601 -9.43 47.69 -12.81
C LYS A 601 -10.55 46.65 -12.66
N GLU A 602 -10.33 45.59 -11.88
CA GLU A 602 -11.30 44.47 -11.68
C GLU A 602 -11.87 44.51 -10.26
N LYS A 603 -12.41 45.68 -9.84
CA LYS A 603 -13.03 45.88 -8.51
C LYS A 603 -14.32 45.06 -8.39
N ASN A 604 -15.10 44.99 -9.48
CA ASN A 604 -16.46 44.39 -9.50
C ASN A 604 -16.37 42.85 -9.53
N ASN A 605 -15.22 42.28 -9.94
CA ASN A 605 -15.05 40.83 -10.19
C ASN A 605 -14.17 40.19 -9.11
N VAL A 606 -12.96 40.72 -8.90
CA VAL A 606 -11.94 40.12 -8.00
C VAL A 606 -12.30 40.44 -6.54
N GLU A 607 -12.29 39.42 -5.68
CA GLU A 607 -12.53 39.53 -4.21
C GLU A 607 -11.21 39.79 -3.50
N SER A 608 -10.21 38.93 -3.73
CA SER A 608 -8.87 38.98 -3.07
C SER A 608 -7.78 38.57 -4.06
N VAL A 609 -6.53 38.99 -3.76
CA VAL A 609 -5.30 38.65 -4.53
C VAL A 609 -4.23 38.23 -3.52
N PHE A 610 -3.78 36.97 -3.58
CA PHE A 610 -2.66 36.43 -2.76
C PHE A 610 -1.43 36.29 -3.67
N ALA A 611 -0.56 37.30 -3.65
CA ALA A 611 0.68 37.37 -4.45
C ALA A 611 1.84 36.76 -3.65
N VAL A 612 2.60 35.85 -4.28
CA VAL A 612 3.80 35.19 -3.69
C VAL A 612 5.01 35.52 -4.58
N ASN A 613 6.01 36.20 -4.01
CA ASN A 613 7.33 36.47 -4.67
C ASN A 613 8.27 35.31 -4.33
N GLY A 614 8.95 34.77 -5.34
CA GLY A 614 10.02 33.76 -5.17
C GLY A 614 9.53 32.34 -5.35
N PHE A 615 8.26 32.15 -5.74
CA PHE A 615 7.63 30.83 -5.99
C PHE A 615 6.96 30.82 -7.37
N GLY A 616 7.30 29.81 -8.19
CA GLY A 616 6.59 29.43 -9.42
C GLY A 616 6.38 27.93 -9.46
N PHE A 617 5.54 27.44 -10.39
CA PHE A 617 5.23 26.00 -10.55
C PHE A 617 6.41 25.28 -11.21
N ALA A 618 7.15 25.97 -12.08
CA ALA A 618 8.41 25.49 -12.69
C ALA A 618 9.44 25.24 -11.58
N GLY A 619 9.55 26.18 -10.63
CA GLY A 619 10.45 26.09 -9.46
C GLY A 619 10.59 27.44 -8.76
N ARG A 620 11.42 27.49 -7.71
CA ARG A 620 11.72 28.73 -6.94
C ARG A 620 12.73 29.59 -7.71
N GLY A 621 13.08 30.77 -7.17
CA GLY A 621 14.05 31.71 -7.75
C GLY A 621 13.65 33.15 -7.50
N GLN A 622 14.60 34.08 -7.64
CA GLN A 622 14.37 35.54 -7.46
C GLN A 622 13.54 36.09 -8.64
N ASN A 623 13.59 35.41 -9.80
CA ASN A 623 13.02 35.88 -11.10
C ASN A 623 11.63 35.30 -11.35
N THR A 624 11.00 34.67 -10.35
CA THR A 624 9.70 33.97 -10.50
C THR A 624 8.75 34.39 -9.38
N GLY A 625 7.45 34.44 -9.69
CA GLY A 625 6.37 34.77 -8.75
C GLY A 625 5.02 34.25 -9.26
N ILE A 626 4.00 34.30 -8.41
CA ILE A 626 2.62 33.83 -8.74
C ILE A 626 1.60 34.63 -7.91
N ALA A 627 0.41 34.87 -8.49
CA ALA A 627 -0.72 35.59 -7.85
C ALA A 627 -1.97 34.70 -7.92
N PHE A 628 -2.47 34.28 -6.76
CA PHE A 628 -3.75 33.51 -6.61
C PHE A 628 -4.91 34.51 -6.48
N VAL A 629 -5.82 34.50 -7.46
CA VAL A 629 -6.97 35.45 -7.56
C VAL A 629 -8.26 34.69 -7.26
N SER A 630 -9.05 35.17 -6.30
CA SER A 630 -10.41 34.68 -5.95
C SER A 630 -11.45 35.70 -6.42
N LEU A 631 -12.36 35.29 -7.30
CA LEU A 631 -13.46 36.15 -7.83
C LEU A 631 -14.62 36.16 -6.83
N LYS A 632 -15.50 37.16 -6.93
CA LYS A 632 -16.77 37.25 -6.17
C LYS A 632 -17.73 36.17 -6.70
N ASP A 633 -18.86 35.96 -6.02
CA ASP A 633 -19.86 34.92 -6.36
C ASP A 633 -20.33 35.12 -7.80
N TRP A 634 -20.69 34.02 -8.47
CA TRP A 634 -21.14 33.98 -9.89
C TRP A 634 -22.36 34.89 -10.09
N ALA A 635 -23.24 34.95 -9.09
CA ALA A 635 -24.47 35.79 -9.06
C ALA A 635 -24.11 37.28 -9.20
N ASP A 636 -22.99 37.69 -8.60
CA ASP A 636 -22.50 39.10 -8.57
C ASP A 636 -21.62 39.39 -9.79
N ARG A 637 -21.57 38.48 -10.76
CA ARG A 637 -20.76 38.62 -12.01
C ARG A 637 -21.63 38.23 -13.21
N PRO A 638 -22.63 39.05 -13.59
CA PRO A 638 -23.51 38.74 -14.72
C PRO A 638 -22.81 38.95 -16.07
N GLY A 639 -23.26 38.24 -17.11
CA GLY A 639 -22.69 38.29 -18.48
C GLY A 639 -21.39 37.50 -18.57
N GLU A 640 -20.93 37.22 -19.79
CA GLU A 640 -19.72 36.39 -20.06
C GLU A 640 -18.46 37.24 -19.98
N GLU A 641 -18.59 38.58 -20.00
CA GLU A 641 -17.45 39.53 -19.91
C GLU A 641 -16.95 39.60 -18.45
N ASN A 642 -17.77 39.16 -17.49
CA ASN A 642 -17.43 39.13 -16.04
C ASN A 642 -17.08 37.70 -15.62
N LYS A 643 -16.93 36.76 -16.57
CA LYS A 643 -16.52 35.36 -16.32
C LYS A 643 -15.01 35.23 -16.53
N VAL A 644 -14.40 34.18 -15.97
CA VAL A 644 -12.92 33.97 -15.88
C VAL A 644 -12.28 34.13 -17.26
N GLU A 645 -12.87 33.51 -18.30
CA GLU A 645 -12.32 33.47 -19.68
C GLU A 645 -12.01 34.90 -20.15
N ALA A 646 -12.97 35.81 -20.02
CA ALA A 646 -12.88 37.22 -20.49
C ALA A 646 -11.98 38.04 -19.56
N ILE A 647 -12.00 37.75 -18.25
CA ILE A 647 -11.18 38.45 -17.21
C ILE A 647 -9.70 38.15 -17.45
N THR A 648 -9.36 36.87 -17.66
CA THR A 648 -7.98 36.37 -17.91
C THR A 648 -7.46 36.90 -19.25
N MET A 649 -8.33 36.98 -20.26
N MET A 649 -8.32 36.98 -20.27
CA MET A 649 -8.02 37.51 -21.62
CA MET A 649 -8.00 37.51 -21.62
C MET A 649 -7.66 38.99 -21.50
C MET A 649 -7.67 39.00 -21.53
N ARG A 650 -8.46 39.76 -20.77
CA ARG A 650 -8.25 41.22 -20.53
C ARG A 650 -6.97 41.43 -19.71
N ALA A 651 -6.76 40.62 -18.67
CA ALA A 651 -5.61 40.68 -17.75
C ALA A 651 -4.31 40.47 -18.53
N THR A 652 -4.20 39.35 -19.27
CA THR A 652 -3.02 38.95 -20.07
C THR A 652 -2.66 40.07 -21.06
N ARG A 653 -3.68 40.65 -21.72
CA ARG A 653 -3.53 41.72 -22.74
C ARG A 653 -2.94 42.98 -22.10
N ALA A 654 -3.30 43.26 -20.84
CA ALA A 654 -2.85 44.44 -20.07
C ALA A 654 -1.42 44.24 -19.56
N PHE A 655 -1.07 43.01 -19.16
CA PHE A 655 0.26 42.65 -18.59
C PHE A 655 1.30 42.47 -19.70
N SER A 656 0.87 42.43 -20.97
CA SER A 656 1.75 42.28 -22.16
C SER A 656 2.62 43.54 -22.33
N GLN A 657 2.23 44.65 -21.71
CA GLN A 657 2.94 45.96 -21.78
C GLN A 657 3.96 46.09 -20.63
N ILE A 658 4.10 45.06 -19.79
CA ILE A 658 5.13 44.98 -18.72
C ILE A 658 6.45 44.52 -19.37
N LYS A 659 7.56 45.20 -19.07
CA LYS A 659 8.87 45.03 -19.74
C LYS A 659 9.73 44.03 -18.97
N ASP A 660 10.52 43.22 -19.68
CA ASP A 660 11.49 42.23 -19.14
C ASP A 660 10.76 41.27 -18.18
N ALA A 661 9.59 40.78 -18.57
CA ALA A 661 8.76 39.85 -17.77
C ALA A 661 7.67 39.22 -18.64
N MET A 662 7.53 37.89 -18.55
CA MET A 662 6.39 37.11 -19.13
C MET A 662 5.31 36.97 -18.05
N VAL A 663 4.18 37.67 -18.22
CA VAL A 663 3.05 37.70 -17.25
C VAL A 663 1.75 37.40 -18.02
N PHE A 664 0.95 36.45 -17.53
CA PHE A 664 -0.34 36.03 -18.13
C PHE A 664 -1.24 35.35 -17.08
N ALA A 665 -2.54 35.59 -17.17
CA ALA A 665 -3.60 34.93 -16.38
C ALA A 665 -4.25 33.83 -17.22
N PHE A 666 -4.59 32.70 -16.61
CA PHE A 666 -5.10 31.48 -17.28
C PHE A 666 -6.05 30.72 -16.35
N ASN A 667 -7.15 30.20 -16.92
CA ASN A 667 -8.13 29.34 -16.22
C ASN A 667 -7.54 27.93 -16.10
N LEU A 668 -7.54 27.37 -14.89
CA LEU A 668 -7.07 25.97 -14.62
C LEU A 668 -8.04 25.00 -15.30
N PRO A 669 -7.62 24.30 -16.37
CA PRO A 669 -8.56 23.54 -17.22
C PRO A 669 -9.25 22.39 -16.46
N ALA A 670 -10.46 22.03 -16.91
CA ALA A 670 -11.34 20.99 -16.31
C ALA A 670 -10.49 19.86 -15.73
N ILE A 671 -9.62 19.27 -16.56
CA ILE A 671 -8.60 18.26 -16.15
C ILE A 671 -7.22 18.79 -16.57
N VAL A 672 -6.35 19.07 -15.59
CA VAL A 672 -5.01 19.70 -15.78
C VAL A 672 -4.10 18.75 -16.55
N GLU A 673 -4.33 17.43 -16.45
CA GLU A 673 -3.50 16.37 -17.06
C GLU A 673 -3.56 16.49 -18.59
N LEU A 674 -4.77 16.61 -19.16
CA LEU A 674 -5.01 16.86 -20.60
C LEU A 674 -4.72 18.34 -20.91
N GLY A 675 -4.84 19.22 -19.92
CA GLY A 675 -4.40 20.63 -19.98
C GLY A 675 -5.17 21.43 -21.01
N THR A 676 -4.45 22.26 -21.78
CA THR A 676 -4.99 23.16 -22.86
C THR A 676 -5.81 22.32 -23.87
N ALA A 677 -6.77 22.97 -24.53
CA ALA A 677 -7.77 22.36 -25.44
C ALA A 677 -7.07 21.49 -26.51
N THR A 678 -6.31 22.12 -27.42
CA THR A 678 -5.59 21.45 -28.53
C THR A 678 -4.15 21.98 -28.58
N GLY A 679 -3.36 21.70 -27.53
CA GLY A 679 -1.93 22.04 -27.42
C GLY A 679 -1.10 20.80 -27.15
N PHE A 680 0.20 20.86 -27.48
CA PHE A 680 1.15 19.71 -27.39
C PHE A 680 2.26 20.03 -26.39
N ASP A 681 2.80 18.99 -25.74
CA ASP A 681 3.94 19.05 -24.78
C ASP A 681 5.09 18.21 -25.35
N PHE A 682 6.13 18.88 -25.86
CA PHE A 682 7.27 18.28 -26.58
C PHE A 682 8.50 18.24 -25.66
N GLU A 683 9.34 17.21 -25.82
CA GLU A 683 10.59 17.00 -25.04
C GLU A 683 11.75 16.70 -26.01
N LEU A 684 12.70 17.64 -26.14
CA LEU A 684 13.93 17.47 -26.94
C LEU A 684 14.97 16.75 -26.07
N ILE A 685 15.56 15.66 -26.58
CA ILE A 685 16.45 14.73 -25.80
C ILE A 685 17.87 14.79 -26.35
N ASP A 686 18.86 14.80 -25.45
CA ASP A 686 20.31 14.62 -25.76
C ASP A 686 20.62 13.12 -25.70
N GLN A 687 20.73 12.47 -26.86
CA GLN A 687 20.79 10.98 -26.99
C GLN A 687 22.25 10.51 -27.03
N ALA A 688 23.18 11.34 -27.49
CA ALA A 688 24.59 10.98 -27.79
C ALA A 688 25.56 11.76 -26.90
N GLY A 689 25.10 12.26 -25.74
CA GLY A 689 25.93 13.03 -24.78
C GLY A 689 26.58 14.23 -25.43
N LEU A 690 25.83 14.98 -26.24
CA LEU A 690 26.29 16.19 -26.98
C LEU A 690 26.71 17.28 -25.98
N GLY A 691 25.85 17.55 -24.98
CA GLY A 691 26.06 18.59 -23.96
C GLY A 691 24.96 19.64 -24.00
N HIS A 692 24.90 20.48 -22.96
CA HIS A 692 23.86 21.53 -22.78
C HIS A 692 23.93 22.57 -23.92
N GLU A 693 25.13 23.02 -24.26
CA GLU A 693 25.38 24.11 -25.25
C GLU A 693 24.86 23.67 -26.63
N LYS A 694 25.20 22.45 -27.06
CA LYS A 694 24.77 21.86 -28.36
C LYS A 694 23.24 21.70 -28.36
N LEU A 695 22.66 21.20 -27.26
CA LEU A 695 21.21 20.94 -27.13
C LEU A 695 20.42 22.25 -27.20
N THR A 696 20.96 23.33 -26.61
CA THR A 696 20.39 24.70 -26.66
C THR A 696 20.31 25.16 -28.13
N GLN A 697 21.40 24.93 -28.89
CA GLN A 697 21.52 25.33 -30.32
C GLN A 697 20.60 24.44 -31.18
N ALA A 698 20.42 23.18 -30.79
CA ALA A 698 19.47 22.23 -31.42
C ALA A 698 18.03 22.69 -31.15
N ARG A 699 17.76 23.19 -29.94
CA ARG A 699 16.44 23.72 -29.50
C ARG A 699 16.13 25.00 -30.30
N ASN A 700 17.09 25.94 -30.35
CA ASN A 700 16.94 27.25 -31.04
C ASN A 700 16.63 27.02 -32.53
N GLN A 701 17.31 26.03 -33.14
CA GLN A 701 17.13 25.63 -34.56
C GLN A 701 15.68 25.15 -34.79
N LEU A 702 15.10 24.43 -33.82
CA LEU A 702 13.72 23.88 -33.90
C LEU A 702 12.70 25.01 -33.71
N LEU A 703 12.95 25.91 -32.76
CA LEU A 703 12.07 27.08 -32.44
C LEU A 703 12.01 28.02 -33.63
N ALA A 704 13.13 28.17 -34.36
CA ALA A 704 13.27 29.03 -35.56
C ALA A 704 12.47 28.43 -36.72
N GLU A 705 12.58 27.12 -36.93
CA GLU A 705 11.86 26.38 -38.01
C GLU A 705 10.34 26.39 -37.73
N ALA A 706 9.95 26.38 -36.45
CA ALA A 706 8.55 26.42 -35.98
C ALA A 706 7.92 27.78 -36.30
N ALA A 707 8.69 28.86 -36.18
CA ALA A 707 8.28 30.26 -36.44
C ALA A 707 7.92 30.45 -37.92
N LYS A 708 8.55 29.67 -38.81
CA LYS A 708 8.35 29.74 -40.28
C LYS A 708 7.02 29.08 -40.69
N HIS A 709 6.32 28.45 -39.75
CA HIS A 709 4.99 27.81 -39.96
C HIS A 709 3.97 28.39 -38.99
N PRO A 710 3.52 29.66 -39.17
CA PRO A 710 2.44 30.22 -38.37
C PRO A 710 1.06 29.60 -38.69
N ASP A 711 0.91 29.07 -39.91
CA ASP A 711 -0.35 28.49 -40.43
C ASP A 711 -0.66 27.16 -39.73
N MET A 712 0.36 26.48 -39.16
CA MET A 712 0.23 25.18 -38.45
C MET A 712 0.53 25.36 -36.96
N LEU A 713 1.76 25.79 -36.63
CA LEU A 713 2.27 25.88 -35.22
C LEU A 713 2.07 27.31 -34.69
N THR A 714 1.77 27.44 -33.40
CA THR A 714 1.50 28.73 -32.69
C THR A 714 2.09 28.68 -31.28
N SER A 715 2.78 29.76 -30.87
CA SER A 715 3.33 30.00 -29.51
C SER A 715 4.26 28.85 -29.10
N VAL A 716 5.08 28.35 -30.03
CA VAL A 716 6.08 27.27 -29.78
C VAL A 716 7.25 27.90 -29.00
N ARG A 717 7.31 27.65 -27.68
CA ARG A 717 8.25 28.30 -26.74
C ARG A 717 8.87 27.26 -25.82
N PRO A 718 10.04 27.55 -25.21
CA PRO A 718 10.61 26.68 -24.17
C PRO A 718 9.95 26.92 -22.81
N ASN A 719 9.83 25.85 -22.00
CA ASN A 719 9.22 25.88 -20.64
C ASN A 719 10.29 26.24 -19.61
N GLY A 720 11.57 26.03 -19.95
CA GLY A 720 12.72 26.26 -19.05
C GLY A 720 13.24 27.68 -19.13
N LEU A 721 14.47 27.91 -18.63
CA LEU A 721 15.13 29.23 -18.53
C LEU A 721 16.35 29.28 -19.46
N GLU A 722 16.80 30.48 -19.79
CA GLU A 722 18.00 30.74 -20.64
C GLU A 722 19.24 30.79 -19.75
N ASP A 723 20.42 30.55 -20.33
CA ASP A 723 21.74 30.63 -19.64
C ASP A 723 21.96 32.08 -19.19
N THR A 724 22.67 32.26 -18.08
CA THR A 724 22.93 33.60 -17.46
C THR A 724 24.40 33.71 -17.09
N PRO A 725 24.94 34.95 -16.94
CA PRO A 725 26.30 35.14 -16.41
C PRO A 725 26.45 34.49 -15.02
N GLN A 726 27.53 33.73 -14.83
CA GLN A 726 27.90 33.11 -13.52
C GLN A 726 29.39 33.33 -13.27
N PHE A 727 29.77 33.48 -11.99
CA PHE A 727 31.12 33.89 -11.53
C PHE A 727 31.98 32.63 -11.30
N LYS A 728 32.78 32.28 -12.31
CA LYS A 728 33.73 31.13 -12.25
C LYS A 728 34.96 31.54 -11.45
N ILE A 729 35.32 30.76 -10.43
CA ILE A 729 36.52 30.98 -9.56
C ILE A 729 37.34 29.68 -9.51
N ASP A 730 38.61 29.74 -9.90
CA ASP A 730 39.55 28.60 -9.91
C ASP A 730 40.47 28.70 -8.69
N ILE A 731 40.47 27.67 -7.84
CA ILE A 731 41.39 27.54 -6.66
C ILE A 731 42.70 26.92 -7.16
N ASP A 732 43.80 27.68 -7.11
CA ASP A 732 45.15 27.21 -7.53
C ASP A 732 45.69 26.28 -6.45
N GLN A 733 45.76 24.98 -6.76
CA GLN A 733 46.17 23.90 -5.81
C GLN A 733 47.63 24.10 -5.39
N GLU A 734 48.51 24.42 -6.35
CA GLU A 734 49.97 24.62 -6.12
C GLU A 734 50.18 25.77 -5.12
N LYS A 735 49.47 26.88 -5.30
CA LYS A 735 49.61 28.11 -4.45
C LYS A 735 49.13 27.81 -3.03
N ALA A 736 48.00 27.11 -2.90
CA ALA A 736 47.38 26.71 -1.61
C ALA A 736 48.36 25.83 -0.82
N GLN A 737 48.94 24.82 -1.47
CA GLN A 737 49.91 23.87 -0.87
C GLN A 737 51.16 24.63 -0.42
N ALA A 738 51.61 25.61 -1.21
CA ALA A 738 52.82 26.44 -0.95
C ALA A 738 52.60 27.30 0.29
N LEU A 739 51.45 27.96 0.38
CA LEU A 739 51.07 28.87 1.52
C LEU A 739 50.67 28.04 2.74
N GLY A 740 50.35 26.75 2.55
CA GLY A 740 49.91 25.84 3.62
C GLY A 740 48.44 26.07 3.98
N VAL A 741 47.61 26.35 2.97
CA VAL A 741 46.14 26.60 3.10
C VAL A 741 45.40 25.33 2.70
N SER A 742 44.64 24.74 3.64
CA SER A 742 43.78 23.55 3.42
C SER A 742 42.72 23.87 2.36
N ILE A 743 42.41 22.91 1.49
CA ILE A 743 41.37 23.04 0.42
C ILE A 743 39.98 22.92 1.06
N ASN A 744 39.86 22.13 2.13
CA ASN A 744 38.62 21.97 2.93
C ASN A 744 38.26 23.31 3.59
N ASP A 745 39.26 24.03 4.12
CA ASP A 745 39.09 25.35 4.77
C ASP A 745 38.64 26.38 3.74
N ILE A 746 39.22 26.36 2.54
CA ILE A 746 38.86 27.26 1.40
C ILE A 746 37.40 27.02 1.02
N ASN A 747 37.04 25.77 0.71
CA ASN A 747 35.69 25.37 0.23
C ASN A 747 34.63 25.69 1.29
N THR A 748 34.93 25.43 2.56
CA THR A 748 34.03 25.72 3.72
C THR A 748 33.84 27.24 3.86
N THR A 749 34.95 28.00 3.83
CA THR A 749 34.95 29.48 3.96
C THR A 749 34.10 30.09 2.83
N LEU A 750 34.31 29.66 1.59
CA LEU A 750 33.59 30.15 0.39
C LEU A 750 32.11 29.73 0.47
N GLY A 751 31.86 28.45 0.76
CA GLY A 751 30.50 27.87 0.82
C GLY A 751 29.66 28.47 1.94
N ALA A 752 30.21 28.52 3.16
CA ALA A 752 29.53 29.03 4.38
C ALA A 752 29.17 30.50 4.21
N ALA A 753 30.13 31.33 3.78
CA ALA A 753 29.99 32.80 3.64
C ALA A 753 28.96 33.15 2.57
N TRP A 754 29.12 32.60 1.36
CA TRP A 754 28.37 33.02 0.14
C TRP A 754 27.10 32.17 -0.05
N GLY A 755 27.13 30.89 0.36
CA GLY A 755 26.04 29.93 0.14
C GLY A 755 25.21 29.69 1.40
N GLY A 756 25.84 29.73 2.57
CA GLY A 756 25.20 29.40 3.87
C GLY A 756 25.47 27.96 4.26
N SER A 757 25.61 27.69 5.56
CA SER A 757 25.92 26.35 6.14
C SER A 757 24.97 26.06 7.31
N TYR A 758 24.20 24.97 7.20
CA TYR A 758 23.30 24.42 8.26
C TYR A 758 24.16 23.66 9.28
N VAL A 759 24.56 24.34 10.37
CA VAL A 759 25.55 23.84 11.37
C VAL A 759 24.90 22.73 12.20
N ASN A 760 23.90 23.07 13.03
CA ASN A 760 23.17 22.14 13.92
C ASN A 760 21.82 22.76 14.28
N ASP A 761 21.09 22.19 15.24
CA ASP A 761 19.73 22.64 15.65
C ASP A 761 19.81 23.37 17.00
N PHE A 762 18.78 24.17 17.30
CA PHE A 762 18.57 24.86 18.60
C PHE A 762 17.07 24.80 18.93
N ILE A 763 16.68 25.30 20.11
CA ILE A 763 15.27 25.27 20.61
C ILE A 763 14.75 26.71 20.71
N ASP A 764 13.75 27.05 19.90
CA ASP A 764 13.04 28.36 19.92
C ASP A 764 11.64 28.15 20.50
N ARG A 765 11.43 28.58 21.74
CA ARG A 765 10.15 28.43 22.51
C ARG A 765 9.66 26.98 22.41
N GLY A 766 10.53 26.03 22.80
CA GLY A 766 10.20 24.60 22.96
C GLY A 766 10.02 23.87 21.64
N ARG A 767 10.53 24.41 20.53
CA ARG A 767 10.48 23.76 19.19
C ARG A 767 11.89 23.73 18.58
N VAL A 768 12.32 22.55 18.13
CA VAL A 768 13.65 22.34 17.47
C VAL A 768 13.64 23.07 16.12
N LYS A 769 14.67 23.88 15.87
CA LYS A 769 14.85 24.68 14.63
C LYS A 769 16.34 24.67 14.24
N LYS A 770 16.65 25.17 13.04
CA LYS A 770 18.00 25.10 12.42
C LYS A 770 18.85 26.30 12.85
N VAL A 771 20.17 26.13 12.86
CA VAL A 771 21.19 27.20 13.08
C VAL A 771 22.02 27.33 11.80
N TYR A 772 21.89 28.46 11.10
CA TYR A 772 22.62 28.79 9.84
C TYR A 772 23.71 29.83 10.12
N VAL A 773 24.93 29.59 9.64
CA VAL A 773 26.00 30.62 9.51
C VAL A 773 26.08 31.03 8.04
N MET A 774 26.35 32.31 7.78
CA MET A 774 26.41 32.91 6.42
C MET A 774 27.01 34.31 6.54
N SER A 775 27.55 34.86 5.45
CA SER A 775 28.02 36.26 5.36
C SER A 775 26.81 37.20 5.47
N GLU A 776 26.97 38.31 6.20
CA GLU A 776 26.00 39.45 6.20
C GLU A 776 25.92 39.98 4.76
N ALA A 777 24.70 40.28 4.30
CA ALA A 777 24.36 40.63 2.90
C ALA A 777 25.50 41.43 2.24
N LYS A 778 25.92 42.54 2.85
CA LYS A 778 26.80 43.58 2.24
C LYS A 778 28.17 42.99 1.86
N TYR A 779 28.59 41.89 2.46
CA TYR A 779 29.93 41.25 2.25
C TYR A 779 29.85 40.10 1.24
N ARG A 780 28.71 39.93 0.56
CA ARG A 780 28.52 38.87 -0.47
C ARG A 780 27.64 39.38 -1.62
N MET A 781 27.76 40.67 -1.96
CA MET A 781 26.96 41.35 -3.02
C MET A 781 27.82 41.55 -4.29
N LEU A 782 29.07 41.98 -4.13
CA LEU A 782 29.97 42.40 -5.25
C LEU A 782 31.05 41.35 -5.49
N PRO A 783 31.47 41.13 -6.75
CA PRO A 783 32.61 40.27 -7.07
C PRO A 783 33.92 40.58 -6.31
N ASP A 784 34.15 41.86 -5.99
CA ASP A 784 35.37 42.35 -5.28
C ASP A 784 35.39 41.87 -3.83
N ASP A 785 34.21 41.55 -3.25
CA ASP A 785 34.07 41.10 -1.85
C ASP A 785 34.75 39.74 -1.65
N ILE A 786 34.99 38.98 -2.73
CA ILE A 786 35.68 37.66 -2.72
C ILE A 786 37.03 37.81 -2.01
N GLY A 787 37.78 38.88 -2.32
CA GLY A 787 39.15 39.12 -1.81
C GLY A 787 39.16 39.61 -0.36
N ASP A 788 38.01 40.03 0.17
CA ASP A 788 37.88 40.52 1.57
C ASP A 788 37.82 39.34 2.55
N TRP A 789 37.64 38.11 2.06
CA TRP A 789 37.55 36.88 2.87
C TRP A 789 38.94 36.24 3.02
N TYR A 790 39.31 35.89 4.26
CA TYR A 790 40.64 35.35 4.65
C TYR A 790 40.49 33.92 5.20
N VAL A 791 41.46 33.06 4.90
CA VAL A 791 41.59 31.67 5.45
C VAL A 791 42.93 31.60 6.18
N ARG A 792 42.98 30.84 7.29
CA ARG A 792 44.21 30.67 8.12
C ARG A 792 45.00 29.46 7.61
N ALA A 793 46.29 29.65 7.32
CA ALA A 793 47.24 28.59 6.91
C ALA A 793 47.75 27.85 8.15
N ALA A 794 48.52 26.78 7.95
CA ALA A 794 49.08 25.92 9.02
C ALA A 794 50.01 26.73 9.93
N ASP A 795 50.75 27.70 9.35
CA ASP A 795 51.76 28.53 10.07
C ASP A 795 51.06 29.61 10.91
N GLY A 796 49.77 29.88 10.66
CA GLY A 796 48.93 30.78 11.48
C GLY A 796 48.64 32.10 10.79
N GLN A 797 49.24 32.34 9.61
CA GLN A 797 49.07 33.59 8.82
C GLN A 797 47.70 33.57 8.13
N MET A 798 46.99 34.70 8.12
CA MET A 798 45.68 34.88 7.44
C MET A 798 45.94 35.26 5.98
N VAL A 799 45.39 34.47 5.05
CA VAL A 799 45.64 34.57 3.58
C VAL A 799 44.34 34.98 2.89
N PRO A 800 44.32 36.09 2.11
CA PRO A 800 43.13 36.47 1.34
C PRO A 800 42.93 35.54 0.14
N PHE A 801 41.67 35.38 -0.31
CA PHE A 801 41.26 34.52 -1.44
C PHE A 801 42.01 34.92 -2.72
N SER A 802 42.27 36.22 -2.89
CA SER A 802 42.99 36.80 -4.07
C SER A 802 44.37 36.17 -4.24
N ALA A 803 44.98 35.69 -3.15
CA ALA A 803 46.35 35.13 -3.11
C ALA A 803 46.43 33.79 -3.87
N PHE A 804 45.41 32.95 -3.76
CA PHE A 804 45.42 31.54 -4.25
C PHE A 804 44.24 31.26 -5.20
N SER A 805 43.57 32.30 -5.70
CA SER A 805 42.37 32.15 -6.59
C SER A 805 42.42 33.14 -7.75
N SER A 806 41.87 32.74 -8.90
CA SER A 806 41.57 33.58 -10.09
C SER A 806 40.10 33.39 -10.47
N SER A 807 39.47 34.41 -11.05
CA SER A 807 38.02 34.40 -11.42
C SER A 807 37.83 34.98 -12.83
N ARG A 808 36.76 34.54 -13.50
CA ARG A 808 36.32 35.04 -14.83
C ARG A 808 34.80 34.90 -14.96
N TRP A 809 34.19 35.63 -15.90
CA TRP A 809 32.74 35.54 -16.22
C TRP A 809 32.52 34.47 -17.30
N GLU A 810 31.45 33.70 -17.17
CA GLU A 810 31.00 32.69 -18.16
C GLU A 810 29.48 32.56 -18.09
N TYR A 811 28.87 31.87 -19.04
CA TYR A 811 27.40 31.59 -19.10
C TYR A 811 27.16 30.12 -18.72
N GLY A 812 26.12 29.87 -17.92
CA GLY A 812 25.66 28.53 -17.50
C GLY A 812 24.17 28.51 -17.23
N SER A 813 23.58 27.31 -17.19
CA SER A 813 22.13 27.09 -17.02
C SER A 813 21.72 27.31 -15.57
N PRO A 814 20.68 28.12 -15.29
CA PRO A 814 20.11 28.24 -13.95
C PRO A 814 19.14 27.11 -13.61
N ARG A 815 18.67 26.37 -14.63
CA ARG A 815 17.74 25.23 -14.50
C ARG A 815 18.06 24.19 -15.60
N LEU A 816 18.58 23.02 -15.20
CA LEU A 816 18.89 21.89 -16.12
C LEU A 816 17.78 20.84 -16.03
N GLU A 817 17.15 20.52 -17.16
CA GLU A 817 16.02 19.57 -17.27
C GLU A 817 16.53 18.21 -17.76
N ARG A 818 15.92 17.12 -17.28
CA ARG A 818 16.20 15.73 -17.73
C ARG A 818 14.88 14.98 -17.92
N TYR A 819 14.78 14.18 -18.99
CA TYR A 819 13.60 13.34 -19.32
C TYR A 819 14.05 11.90 -19.59
N ASN A 820 13.55 10.94 -18.79
CA ASN A 820 13.89 9.50 -18.84
C ASN A 820 15.40 9.33 -18.65
N GLY A 821 15.99 10.11 -17.75
CA GLY A 821 17.39 9.96 -17.29
C GLY A 821 18.41 10.59 -18.25
N LEU A 822 17.95 11.29 -19.29
CA LEU A 822 18.82 11.96 -20.30
C LEU A 822 18.59 13.47 -20.26
N PRO A 823 19.62 14.30 -20.56
CA PRO A 823 19.42 15.75 -20.64
C PRO A 823 18.35 16.10 -21.69
N SER A 824 17.45 17.02 -21.34
CA SER A 824 16.28 17.41 -22.18
C SER A 824 15.99 18.91 -22.05
N MET A 825 15.08 19.41 -22.89
CA MET A 825 14.52 20.79 -22.84
C MET A 825 13.05 20.72 -23.27
N GLU A 826 12.14 20.98 -22.33
CA GLU A 826 10.66 20.91 -22.54
C GLU A 826 10.22 22.07 -23.42
N ILE A 827 9.52 21.76 -24.53
CA ILE A 827 9.00 22.74 -25.53
C ILE A 827 7.48 22.62 -25.57
N LEU A 828 6.76 23.69 -25.21
CA LEU A 828 5.28 23.78 -25.28
C LEU A 828 4.89 24.40 -26.63
N GLY A 829 3.60 24.31 -27.00
CA GLY A 829 3.06 24.80 -28.27
C GLY A 829 1.68 24.23 -28.55
N GLN A 830 1.08 24.60 -29.68
CA GLN A 830 -0.31 24.20 -30.05
C GLN A 830 -0.53 24.37 -31.56
N ALA A 831 -1.64 23.81 -32.06
CA ALA A 831 -2.08 23.93 -33.47
C ALA A 831 -2.70 25.31 -33.70
N ALA A 832 -2.46 25.89 -34.87
CA ALA A 832 -2.99 27.22 -35.29
C ALA A 832 -4.49 27.10 -35.54
N PRO A 833 -5.25 28.23 -35.51
CA PRO A 833 -6.69 28.19 -35.71
C PRO A 833 -7.13 27.34 -36.91
N GLY A 834 -8.00 26.34 -36.68
CA GLY A 834 -8.57 25.45 -37.71
C GLY A 834 -7.91 24.09 -37.74
N LYS A 835 -6.57 24.05 -37.72
CA LYS A 835 -5.76 22.80 -37.82
C LYS A 835 -5.83 22.03 -36.49
N SER A 836 -5.78 20.70 -36.55
CA SER A 836 -5.90 19.78 -35.39
C SER A 836 -4.54 19.59 -34.72
N THR A 837 -4.52 18.93 -33.55
CA THR A 837 -3.31 18.65 -32.73
C THR A 837 -2.43 17.62 -33.47
N GLY A 838 -3.06 16.63 -34.10
CA GLY A 838 -2.38 15.56 -34.86
C GLY A 838 -1.49 16.10 -35.97
N GLU A 839 -1.99 17.08 -36.74
CA GLU A 839 -1.27 17.74 -37.86
C GLU A 839 -0.05 18.50 -37.32
N ALA A 840 -0.24 19.27 -36.23
CA ALA A 840 0.80 20.08 -35.57
C ALA A 840 1.93 19.18 -35.06
N MET A 841 1.58 18.06 -34.42
CA MET A 841 2.53 17.07 -33.86
C MET A 841 3.32 16.39 -35.00
N GLU A 842 2.63 16.05 -36.11
CA GLU A 842 3.24 15.40 -37.30
C GLU A 842 4.33 16.32 -37.90
N LEU A 843 4.11 17.64 -37.88
CA LEU A 843 5.07 18.64 -38.39
C LEU A 843 6.28 18.74 -37.45
N MET A 844 6.05 18.76 -36.14
CA MET A 844 7.11 18.81 -35.10
C MET A 844 8.04 17.59 -35.26
N GLU A 845 7.45 16.40 -35.50
CA GLU A 845 8.19 15.13 -35.74
C GLU A 845 9.06 15.26 -36.99
N GLN A 846 8.54 15.92 -38.04
CA GLN A 846 9.25 16.16 -39.32
C GLN A 846 10.41 17.15 -39.09
N LEU A 847 10.16 18.23 -38.35
CA LEU A 847 11.18 19.28 -38.03
C LEU A 847 12.26 18.68 -37.12
N ALA A 848 11.87 17.79 -36.21
CA ALA A 848 12.76 17.13 -35.23
C ALA A 848 13.73 16.17 -35.94
N SER A 849 13.32 15.59 -37.08
CA SER A 849 14.10 14.58 -37.84
C SER A 849 15.27 15.25 -38.59
N LYS A 850 15.18 16.56 -38.85
CA LYS A 850 16.18 17.34 -39.64
C LYS A 850 17.17 18.06 -38.70
N LEU A 851 17.24 17.65 -37.43
CA LEU A 851 18.11 18.26 -36.39
C LEU A 851 19.47 17.57 -36.37
N PRO A 852 20.50 18.16 -35.72
CA PRO A 852 21.84 17.56 -35.68
C PRO A 852 21.91 16.13 -35.11
N THR A 853 23.03 15.44 -35.38
CA THR A 853 23.30 14.05 -34.95
C THR A 853 23.33 13.98 -33.42
N GLY A 854 22.62 13.00 -32.84
CA GLY A 854 22.58 12.73 -31.39
C GLY A 854 21.46 13.47 -30.68
N VAL A 855 20.59 14.14 -31.44
CA VAL A 855 19.40 14.89 -30.91
C VAL A 855 18.13 14.09 -31.23
N GLY A 856 17.51 13.49 -30.21
CA GLY A 856 16.22 12.79 -30.30
C GLY A 856 15.08 13.66 -29.78
N TYR A 857 13.88 13.08 -29.67
CA TYR A 857 12.68 13.75 -29.11
C TYR A 857 11.74 12.71 -28.50
N ASP A 858 10.71 13.17 -27.80
CA ASP A 858 9.63 12.34 -27.21
C ASP A 858 8.45 13.24 -26.82
N TRP A 859 7.27 12.65 -26.65
CA TRP A 859 6.01 13.34 -26.22
C TRP A 859 5.70 12.96 -24.77
N THR A 860 5.26 13.93 -23.96
CA THR A 860 4.99 13.78 -22.50
C THR A 860 3.65 14.44 -22.16
N GLY A 861 3.17 14.23 -20.93
CA GLY A 861 1.92 14.81 -20.40
C GLY A 861 0.73 14.54 -21.30
N MET A 862 0.01 15.59 -21.69
CA MET A 862 -1.23 15.54 -22.51
C MET A 862 -0.95 14.89 -23.87
N SER A 863 0.24 15.12 -24.44
CA SER A 863 0.68 14.59 -25.75
C SER A 863 0.88 13.07 -25.68
N TYR A 864 1.33 12.55 -24.53
CA TYR A 864 1.53 11.10 -24.27
C TYR A 864 0.18 10.38 -24.32
N GLN A 865 -0.87 11.02 -23.79
CA GLN A 865 -2.25 10.47 -23.70
C GLN A 865 -2.88 10.45 -25.11
N GLU A 866 -2.63 11.52 -25.89
CA GLU A 866 -3.16 11.75 -27.26
C GLU A 866 -2.76 10.59 -28.19
N ARG A 867 -1.45 10.41 -28.38
CA ARG A 867 -0.85 9.52 -29.42
C ARG A 867 -1.49 8.13 -29.37
N LEU A 868 -1.19 7.34 -28.34
CA LEU A 868 -1.68 5.94 -28.17
C LEU A 868 -2.94 5.96 -27.30
N SER A 869 -4.00 5.28 -27.76
CA SER A 869 -5.34 5.19 -27.11
C SER A 869 -6.04 6.56 -27.18
N GLY A 870 -6.90 6.75 -28.19
CA GLY A 870 -7.65 7.99 -28.42
C GLY A 870 -9.02 7.73 -29.03
N ASN A 871 -9.13 7.85 -30.36
CA ASN A 871 -10.40 7.75 -31.12
C ASN A 871 -10.88 6.29 -31.14
N GLN A 872 -11.79 5.94 -30.23
CA GLN A 872 -12.37 4.58 -30.07
C GLN A 872 -13.90 4.64 -30.02
N ALA A 873 -14.49 5.82 -30.25
CA ALA A 873 -15.96 6.06 -30.16
C ALA A 873 -16.68 5.44 -31.36
N PRO A 874 -16.24 5.70 -32.61
CA PRO A 874 -16.98 5.24 -33.80
C PRO A 874 -17.34 3.75 -33.77
N SER A 875 -16.44 2.90 -33.27
CA SER A 875 -16.58 1.43 -33.20
C SER A 875 -17.66 1.04 -32.18
N LEU A 876 -17.67 1.70 -31.01
CA LEU A 876 -18.65 1.42 -29.92
C LEU A 876 -20.05 1.90 -30.31
N TYR A 877 -20.13 2.98 -31.11
CA TYR A 877 -21.40 3.49 -31.70
C TYR A 877 -21.94 2.48 -32.72
N ALA A 878 -21.04 1.89 -33.52
CA ALA A 878 -21.36 0.86 -34.54
C ALA A 878 -21.89 -0.40 -33.85
N ILE A 879 -21.25 -0.81 -32.75
CA ILE A 879 -21.66 -1.98 -31.91
C ILE A 879 -23.05 -1.70 -31.34
N SER A 880 -23.28 -0.50 -30.79
CA SER A 880 -24.56 -0.05 -30.19
C SER A 880 -25.71 -0.25 -31.18
N LEU A 881 -25.55 0.28 -32.41
CA LEU A 881 -26.57 0.25 -33.49
C LEU A 881 -26.83 -1.21 -33.92
N ILE A 882 -25.79 -2.05 -33.91
CA ILE A 882 -25.87 -3.51 -34.27
C ILE A 882 -26.65 -4.25 -33.17
N VAL A 883 -26.29 -4.04 -31.91
CA VAL A 883 -26.89 -4.74 -30.73
C VAL A 883 -28.35 -4.27 -30.56
N VAL A 884 -28.63 -2.99 -30.83
CA VAL A 884 -29.99 -2.39 -30.76
C VAL A 884 -30.88 -3.04 -31.83
N PHE A 885 -30.36 -3.16 -33.07
CA PHE A 885 -31.06 -3.81 -34.21
C PHE A 885 -31.41 -5.26 -33.86
N LEU A 886 -30.46 -5.98 -33.26
CA LEU A 886 -30.62 -7.41 -32.86
C LEU A 886 -31.72 -7.52 -31.79
N CYS A 887 -31.64 -6.72 -30.74
CA CYS A 887 -32.62 -6.67 -29.62
C CYS A 887 -34.02 -6.34 -30.15
N LEU A 888 -34.11 -5.45 -31.14
CA LEU A 888 -35.38 -5.05 -31.82
C LEU A 888 -35.92 -6.24 -32.63
N ALA A 889 -35.04 -6.99 -33.30
CA ALA A 889 -35.38 -8.17 -34.13
C ALA A 889 -35.99 -9.26 -33.26
N ALA A 890 -35.48 -9.44 -32.03
CA ALA A 890 -35.96 -10.41 -31.02
C ALA A 890 -37.35 -9.99 -30.52
N LEU A 891 -37.57 -8.69 -30.32
CA LEU A 891 -38.83 -8.10 -29.79
C LEU A 891 -39.97 -8.33 -30.78
N TYR A 892 -39.78 -7.97 -32.04
CA TYR A 892 -40.82 -7.96 -33.11
C TYR A 892 -40.82 -9.31 -33.86
N GLU A 893 -39.79 -10.13 -33.67
CA GLU A 893 -39.64 -11.46 -34.33
C GLU A 893 -39.59 -11.25 -35.85
N SER A 894 -38.67 -10.41 -36.33
CA SER A 894 -38.49 -10.04 -37.76
C SER A 894 -37.14 -9.32 -37.94
N TRP A 895 -36.49 -9.52 -39.09
CA TRP A 895 -35.23 -8.85 -39.48
C TRP A 895 -35.53 -7.51 -40.16
N SER A 896 -36.75 -7.35 -40.69
CA SER A 896 -37.18 -6.18 -41.51
C SER A 896 -37.78 -5.08 -40.62
N ILE A 897 -38.67 -5.44 -39.69
CA ILE A 897 -39.47 -4.49 -38.85
C ILE A 897 -38.55 -3.55 -38.09
N PRO A 898 -37.45 -4.02 -37.45
CA PRO A 898 -36.57 -3.14 -36.68
C PRO A 898 -36.14 -1.85 -37.39
N PHE A 899 -35.95 -1.89 -38.72
CA PHE A 899 -35.50 -0.75 -39.57
C PHE A 899 -36.49 0.41 -39.47
N SER A 900 -37.77 0.13 -39.22
CA SER A 900 -38.84 1.15 -39.03
C SER A 900 -38.52 2.03 -37.82
N VAL A 901 -37.79 1.50 -36.83
CA VAL A 901 -37.34 2.21 -35.61
C VAL A 901 -35.95 2.79 -35.84
N MET A 902 -35.05 2.04 -36.49
CA MET A 902 -33.61 2.38 -36.69
C MET A 902 -33.47 3.66 -37.52
N LEU A 903 -34.39 3.89 -38.46
CA LEU A 903 -34.33 5.02 -39.43
C LEU A 903 -34.75 6.35 -38.76
N VAL A 904 -35.15 6.32 -37.48
CA VAL A 904 -35.59 7.53 -36.72
C VAL A 904 -34.37 8.17 -36.04
N VAL A 905 -33.26 7.43 -35.91
CA VAL A 905 -32.03 7.88 -35.19
C VAL A 905 -31.50 9.15 -35.83
N PRO A 906 -31.31 9.21 -37.17
CA PRO A 906 -30.81 10.42 -37.83
C PRO A 906 -31.70 11.66 -37.68
N LEU A 907 -33.01 11.47 -37.44
CA LEU A 907 -34.00 12.57 -37.24
C LEU A 907 -33.74 13.25 -35.89
N GLY A 908 -33.11 12.54 -34.94
CA GLY A 908 -32.75 13.06 -33.61
C GLY A 908 -31.36 13.67 -33.59
N VAL A 909 -30.39 13.02 -34.25
CA VAL A 909 -28.95 13.42 -34.27
C VAL A 909 -28.82 14.79 -34.93
N ILE A 910 -29.58 15.05 -36.00
CA ILE A 910 -29.56 16.32 -36.79
C ILE A 910 -29.84 17.51 -35.86
N GLY A 911 -30.81 17.36 -34.93
CA GLY A 911 -31.21 18.41 -33.98
C GLY A 911 -30.11 18.75 -33.00
N ALA A 912 -29.47 17.72 -32.43
CA ALA A 912 -28.35 17.84 -31.47
C ALA A 912 -27.16 18.55 -32.16
N LEU A 913 -26.88 18.21 -33.41
CA LEU A 913 -25.81 18.81 -34.24
C LEU A 913 -26.18 20.26 -34.60
N LEU A 914 -27.44 20.50 -34.96
CA LEU A 914 -27.97 21.85 -35.31
C LEU A 914 -27.86 22.78 -34.09
N ALA A 915 -28.34 22.32 -32.93
CA ALA A 915 -28.37 23.09 -31.65
C ALA A 915 -26.93 23.41 -31.20
N ALA A 916 -26.03 22.42 -31.26
CA ALA A 916 -24.61 22.54 -30.86
C ALA A 916 -23.86 23.46 -31.84
N THR A 917 -24.25 23.44 -33.12
CA THR A 917 -23.64 24.25 -34.21
C THR A 917 -24.00 25.74 -34.00
N PHE A 918 -25.30 26.06 -34.00
CA PHE A 918 -25.84 27.44 -33.95
C PHE A 918 -25.40 28.14 -32.65
N ARG A 919 -25.48 27.44 -31.51
CA ARG A 919 -25.08 27.97 -30.17
C ARG A 919 -23.56 28.11 -30.11
N GLY A 920 -22.83 27.26 -30.85
CA GLY A 920 -21.36 27.33 -31.01
C GLY A 920 -20.63 26.48 -29.99
N LEU A 921 -21.09 25.24 -29.78
CA LEU A 921 -20.47 24.23 -28.89
C LEU A 921 -19.59 23.29 -29.73
N THR A 922 -18.83 22.41 -29.08
CA THR A 922 -17.88 21.45 -29.70
C THR A 922 -18.34 20.01 -29.46
N ASN A 923 -17.82 19.06 -30.23
CA ASN A 923 -18.04 17.60 -30.06
C ASN A 923 -17.24 17.15 -28.83
N ASP A 924 -17.79 17.39 -27.63
CA ASP A 924 -17.14 17.13 -26.32
C ASP A 924 -17.88 16.00 -25.59
N VAL A 925 -17.39 15.62 -24.40
CA VAL A 925 -17.98 14.57 -23.52
C VAL A 925 -19.48 14.79 -23.40
N TYR A 926 -19.90 16.01 -23.02
CA TYR A 926 -21.29 16.38 -22.69
C TYR A 926 -22.20 16.29 -23.91
N PHE A 927 -21.64 16.48 -25.12
CA PHE A 927 -22.36 16.33 -26.41
C PHE A 927 -22.56 14.85 -26.72
N GLN A 928 -21.55 14.03 -26.46
CA GLN A 928 -21.53 12.57 -26.80
C GLN A 928 -22.47 11.79 -25.87
N VAL A 929 -22.46 12.10 -24.57
CA VAL A 929 -23.38 11.47 -23.57
C VAL A 929 -24.83 11.86 -23.90
N GLY A 930 -25.03 13.08 -24.40
CA GLY A 930 -26.32 13.58 -24.89
C GLY A 930 -26.72 12.96 -26.22
N LEU A 931 -25.73 12.71 -27.10
CA LEU A 931 -25.91 12.11 -28.45
C LEU A 931 -26.43 10.67 -28.31
N LEU A 932 -26.00 9.94 -27.27
CA LEU A 932 -26.46 8.56 -26.97
C LEU A 932 -27.88 8.61 -26.38
N THR A 933 -28.16 9.57 -25.50
CA THR A 933 -29.50 9.84 -24.93
C THR A 933 -30.46 10.18 -26.07
N THR A 934 -30.00 10.98 -27.03
CA THR A 934 -30.76 11.40 -28.25
C THR A 934 -31.18 10.16 -29.05
N ILE A 935 -30.25 9.20 -29.25
CA ILE A 935 -30.49 7.93 -29.98
C ILE A 935 -31.56 7.12 -29.23
N GLY A 936 -31.44 7.04 -27.89
CA GLY A 936 -32.38 6.31 -27.01
C GLY A 936 -33.75 6.96 -26.99
N LEU A 937 -33.81 8.28 -26.82
CA LEU A 937 -35.05 9.09 -26.75
C LEU A 937 -35.79 9.00 -28.09
N SER A 938 -35.07 9.09 -29.21
CA SER A 938 -35.61 9.01 -30.59
C SER A 938 -36.19 7.61 -30.84
N ALA A 939 -35.41 6.57 -30.51
CA ALA A 939 -35.78 5.14 -30.65
C ALA A 939 -37.05 4.83 -29.83
N LYS A 940 -37.14 5.39 -28.61
CA LYS A 940 -38.29 5.24 -27.69
C LYS A 940 -39.57 5.71 -28.39
N ASN A 941 -39.56 6.92 -28.96
CA ASN A 941 -40.71 7.56 -29.63
C ASN A 941 -41.20 6.69 -30.79
N ALA A 942 -40.27 6.16 -31.59
CA ALA A 942 -40.54 5.30 -32.77
C ALA A 942 -41.25 4.01 -32.31
N ILE A 943 -40.71 3.34 -31.29
CA ILE A 943 -41.26 2.08 -30.71
C ILE A 943 -42.69 2.36 -30.21
N LEU A 944 -42.91 3.52 -29.60
CA LEU A 944 -44.22 3.94 -29.01
C LEU A 944 -45.32 3.84 -30.07
N ILE A 945 -45.01 4.23 -31.32
CA ILE A 945 -45.95 4.23 -32.48
C ILE A 945 -46.01 2.82 -33.08
N VAL A 946 -44.84 2.25 -33.41
CA VAL A 946 -44.68 0.97 -34.16
C VAL A 946 -45.27 -0.20 -33.36
N GLU A 947 -45.08 -0.20 -32.04
CA GLU A 947 -45.48 -1.32 -31.13
C GLU A 947 -46.99 -1.59 -31.26
N PHE A 948 -47.82 -0.57 -31.06
CA PHE A 948 -49.31 -0.67 -31.07
C PHE A 948 -49.82 -0.75 -32.51
N ALA A 949 -49.07 -0.19 -33.47
CA ALA A 949 -49.34 -0.30 -34.93
C ALA A 949 -49.16 -1.75 -35.39
N LYS A 950 -48.30 -2.51 -34.70
CA LYS A 950 -47.99 -3.94 -34.99
C LYS A 950 -49.04 -4.85 -34.31
N ASP A 951 -49.56 -4.44 -33.15
CA ASP A 951 -50.56 -5.20 -32.35
C ASP A 951 -51.90 -5.21 -33.09
N LEU A 952 -52.30 -4.07 -33.67
CA LEU A 952 -53.57 -3.91 -34.43
C LEU A 952 -53.64 -4.92 -35.58
N MET A 953 -52.53 -5.07 -36.32
CA MET A 953 -52.42 -5.99 -37.50
C MET A 953 -52.41 -7.45 -37.03
N ASP A 954 -51.78 -7.73 -35.88
CA ASP A 954 -51.58 -9.10 -35.33
C ASP A 954 -52.83 -9.52 -34.54
N LYS A 955 -53.11 -8.81 -33.42
CA LYS A 955 -54.14 -9.18 -32.41
C LYS A 955 -55.54 -9.00 -33.00
N GLU A 956 -55.92 -7.76 -33.30
CA GLU A 956 -57.29 -7.37 -33.75
C GLU A 956 -57.48 -7.81 -35.21
N GLY A 957 -56.53 -7.49 -36.09
CA GLY A 957 -56.52 -7.89 -37.51
C GLY A 957 -56.99 -6.76 -38.41
N LYS A 958 -56.21 -5.68 -38.49
CA LYS A 958 -56.48 -4.48 -39.34
C LYS A 958 -55.45 -4.43 -40.47
N GLY A 959 -55.69 -3.58 -41.48
CA GLY A 959 -54.78 -3.35 -42.62
C GLY A 959 -53.56 -2.53 -42.21
N LEU A 960 -52.57 -2.43 -43.10
CA LEU A 960 -51.28 -1.72 -42.84
C LEU A 960 -51.55 -0.21 -42.70
N ILE A 961 -52.28 0.37 -43.65
CA ILE A 961 -52.63 1.83 -43.68
C ILE A 961 -53.56 2.15 -42.51
N GLU A 962 -54.59 1.33 -42.28
CA GLU A 962 -55.58 1.49 -41.18
C GLU A 962 -54.84 1.45 -39.83
N ALA A 963 -54.02 0.42 -39.61
CA ALA A 963 -53.26 0.18 -38.36
C ALA A 963 -52.40 1.39 -38.00
N THR A 964 -51.66 1.94 -38.97
CA THR A 964 -50.76 3.09 -38.82
C THR A 964 -51.54 4.28 -38.24
N LEU A 965 -52.56 4.77 -38.97
CA LEU A 965 -53.41 5.92 -38.57
C LEU A 965 -54.07 5.63 -37.22
N ASP A 966 -54.62 4.42 -37.04
CA ASP A 966 -55.29 3.98 -35.79
C ASP A 966 -54.32 4.06 -34.61
N ALA A 967 -53.04 3.77 -34.84
CA ALA A 967 -51.97 3.73 -33.81
C ALA A 967 -51.34 5.12 -33.62
N VAL A 968 -51.30 5.93 -34.68
CA VAL A 968 -50.65 7.28 -34.69
C VAL A 968 -51.41 8.21 -33.73
N ARG A 969 -52.68 8.51 -34.02
CA ARG A 969 -53.51 9.47 -33.25
C ARG A 969 -53.83 8.90 -31.86
N MET A 970 -53.85 7.57 -31.72
CA MET A 970 -54.00 6.85 -30.42
C MET A 970 -52.84 7.25 -29.49
N ARG A 971 -51.61 7.25 -30.01
CA ARG A 971 -50.36 7.47 -29.24
C ARG A 971 -49.83 8.90 -29.43
N LEU A 972 -50.46 9.71 -30.29
CA LEU A 972 -50.02 11.10 -30.60
C LEU A 972 -49.98 11.94 -29.31
N ARG A 973 -51.02 11.85 -28.48
CA ARG A 973 -51.15 12.64 -27.22
C ARG A 973 -50.11 12.15 -26.21
N PRO A 974 -50.04 10.83 -25.89
CA PRO A 974 -48.97 10.31 -25.04
C PRO A 974 -47.53 10.69 -25.44
N ILE A 975 -47.25 10.76 -26.74
CA ILE A 975 -45.90 11.11 -27.31
C ILE A 975 -45.55 12.55 -26.87
N LEU A 976 -46.35 13.52 -27.31
CA LEU A 976 -46.13 14.97 -27.05
C LEU A 976 -46.20 15.25 -25.55
N MET A 977 -47.03 14.49 -24.82
CA MET A 977 -47.17 14.57 -23.33
C MET A 977 -45.81 14.28 -22.68
N THR A 978 -45.14 13.20 -23.10
CA THR A 978 -43.82 12.74 -22.55
C THR A 978 -42.68 13.57 -23.15
N SER A 979 -42.78 13.93 -24.42
CA SER A 979 -41.74 14.65 -25.19
C SER A 979 -41.57 16.08 -24.65
N LEU A 980 -42.66 16.84 -24.58
CA LEU A 980 -42.66 18.26 -24.12
C LEU A 980 -42.33 18.34 -22.63
N ALA A 981 -42.72 17.33 -21.85
CA ALA A 981 -42.45 17.22 -20.39
C ALA A 981 -40.94 17.19 -20.13
N PHE A 982 -40.18 16.53 -21.01
CA PHE A 982 -38.70 16.38 -20.92
C PHE A 982 -38.01 17.60 -21.54
N ILE A 983 -38.50 18.08 -22.69
CA ILE A 983 -37.99 19.29 -23.40
C ILE A 983 -38.04 20.47 -22.42
N LEU A 984 -39.18 20.66 -21.74
CA LEU A 984 -39.38 21.73 -20.72
C LEU A 984 -38.65 21.32 -19.43
N GLY A 985 -38.52 20.02 -19.16
CA GLY A 985 -37.82 19.46 -18.00
C GLY A 985 -36.32 19.74 -18.01
N VAL A 986 -35.71 19.81 -19.20
CA VAL A 986 -34.25 20.07 -19.39
C VAL A 986 -34.04 21.55 -19.77
N MET A 987 -35.06 22.39 -19.61
CA MET A 987 -34.98 23.87 -19.85
C MET A 987 -34.00 24.48 -18.85
N PRO A 988 -34.06 24.13 -17.54
CA PRO A 988 -33.15 24.71 -16.54
C PRO A 988 -31.66 24.53 -16.88
N LEU A 989 -31.30 23.43 -17.55
CA LEU A 989 -29.92 23.12 -18.03
C LEU A 989 -29.52 24.13 -19.12
N VAL A 990 -30.44 24.44 -20.05
CA VAL A 990 -30.19 25.30 -21.24
C VAL A 990 -30.03 26.76 -20.80
N ILE A 991 -30.88 27.23 -19.88
CA ILE A 991 -30.88 28.64 -19.37
C ILE A 991 -30.04 28.74 -18.10
N SER A 992 -29.23 27.71 -17.79
CA SER A 992 -28.40 27.60 -16.57
C SER A 992 -27.35 28.71 -16.53
N THR A 993 -27.20 29.37 -15.37
CA THR A 993 -26.10 30.31 -15.04
C THR A 993 -25.56 29.96 -13.65
N GLY A 994 -24.32 30.36 -13.35
CA GLY A 994 -23.64 30.06 -12.07
C GLY A 994 -22.65 28.92 -12.22
N ALA A 995 -22.30 28.27 -11.11
CA ALA A 995 -21.26 27.21 -11.02
C ALA A 995 -21.68 26.01 -11.86
N GLY A 996 -20.83 25.61 -12.83
CA GLY A 996 -21.01 24.43 -13.69
C GLY A 996 -22.06 24.65 -14.77
N SER A 997 -22.36 25.92 -15.09
CA SER A 997 -23.35 26.33 -16.11
C SER A 997 -22.86 25.92 -17.51
N GLY A 998 -21.54 26.00 -17.74
CA GLY A 998 -20.89 25.59 -19.00
C GLY A 998 -21.24 24.15 -19.38
N ALA A 999 -21.15 23.23 -18.41
CA ALA A 999 -21.45 21.79 -18.56
C ALA A 999 -22.96 21.59 -18.72
N GLN A 1000 -23.77 22.30 -17.93
CA GLN A 1000 -25.25 22.21 -17.94
C GLN A 1000 -25.79 22.74 -19.27
N ASN A 1001 -25.29 23.90 -19.74
CA ASN A 1001 -25.65 24.53 -21.03
C ASN A 1001 -25.27 23.58 -22.18
N ALA A 1002 -24.07 22.99 -22.12
CA ALA A 1002 -23.51 22.10 -23.16
C ALA A 1002 -24.38 20.86 -23.35
N VAL A 1003 -24.59 20.09 -22.28
CA VAL A 1003 -25.36 18.81 -22.29
C VAL A 1003 -26.83 19.10 -22.65
N GLY A 1004 -27.38 20.21 -22.15
CA GLY A 1004 -28.79 20.62 -22.34
C GLY A 1004 -29.09 20.93 -23.80
N THR A 1005 -28.24 21.74 -24.44
CA THR A 1005 -28.39 22.22 -25.84
C THR A 1005 -28.55 21.04 -26.80
N GLY A 1006 -27.67 20.04 -26.68
CA GLY A 1006 -27.64 18.83 -27.53
C GLY A 1006 -28.90 17.98 -27.37
N VAL A 1007 -29.26 17.68 -26.12
CA VAL A 1007 -30.40 16.78 -25.76
C VAL A 1007 -31.72 17.47 -26.15
N MET A 1008 -31.93 18.71 -25.71
CA MET A 1008 -33.18 19.48 -25.94
C MET A 1008 -33.40 19.68 -27.45
N GLY A 1009 -32.37 20.13 -28.16
CA GLY A 1009 -32.37 20.33 -29.63
C GLY A 1009 -32.65 19.03 -30.36
N GLY A 1010 -32.08 17.92 -29.87
CA GLY A 1010 -32.25 16.57 -30.44
C GLY A 1010 -33.68 16.07 -30.31
N MET A 1011 -34.30 16.29 -29.14
CA MET A 1011 -35.69 15.87 -28.82
C MET A 1011 -36.68 16.58 -29.76
N VAL A 1012 -36.55 17.91 -29.89
CA VAL A 1012 -37.42 18.78 -30.74
C VAL A 1012 -37.54 18.16 -32.13
N THR A 1013 -36.41 17.88 -32.78
CA THR A 1013 -36.34 17.28 -34.14
C THR A 1013 -36.83 15.82 -34.09
N ALA A 1014 -36.47 15.08 -33.03
CA ALA A 1014 -36.80 13.65 -32.83
C ALA A 1014 -38.30 13.47 -32.53
N THR A 1015 -39.03 14.56 -32.27
CA THR A 1015 -40.50 14.57 -32.00
C THR A 1015 -41.25 15.01 -33.26
N VAL A 1016 -40.97 16.22 -33.75
CA VAL A 1016 -41.71 16.88 -34.86
C VAL A 1016 -41.59 16.05 -36.14
N LEU A 1017 -40.40 15.49 -36.42
CA LEU A 1017 -40.13 14.67 -37.63
C LEU A 1017 -40.73 13.28 -37.44
N ALA A 1018 -40.45 12.63 -36.30
CA ALA A 1018 -40.86 11.24 -35.98
C ALA A 1018 -42.35 11.03 -36.25
N ILE A 1019 -43.20 11.93 -35.73
CA ILE A 1019 -44.69 11.82 -35.84
C ILE A 1019 -45.13 11.79 -37.30
N PHE A 1020 -44.33 12.37 -38.22
CA PHE A 1020 -44.57 12.38 -39.68
C PHE A 1020 -43.85 11.19 -40.35
N PHE A 1021 -42.60 10.90 -39.94
CA PHE A 1021 -41.67 9.98 -40.65
C PHE A 1021 -41.85 8.53 -40.18
N VAL A 1022 -42.09 8.29 -38.89
CA VAL A 1022 -42.24 6.93 -38.30
C VAL A 1022 -43.38 6.19 -39.03
N PRO A 1023 -44.55 6.83 -39.26
CA PRO A 1023 -45.60 6.23 -40.10
C PRO A 1023 -45.12 5.82 -41.49
N VAL A 1024 -44.27 6.64 -42.11
CA VAL A 1024 -43.70 6.40 -43.48
C VAL A 1024 -42.76 5.19 -43.42
N PHE A 1025 -41.80 5.21 -42.48
CA PHE A 1025 -40.79 4.13 -42.28
C PHE A 1025 -41.49 2.77 -42.17
N PHE A 1026 -42.45 2.67 -41.23
CA PHE A 1026 -43.20 1.42 -40.92
C PHE A 1026 -43.87 0.88 -42.18
N VAL A 1027 -44.69 1.70 -42.85
CA VAL A 1027 -45.51 1.33 -44.04
C VAL A 1027 -44.60 0.93 -45.20
N VAL A 1028 -43.54 1.71 -45.46
CA VAL A 1028 -42.58 1.48 -46.59
C VAL A 1028 -41.82 0.17 -46.35
N VAL A 1029 -41.30 -0.02 -45.13
CA VAL A 1029 -40.47 -1.21 -44.74
C VAL A 1029 -41.32 -2.48 -44.87
N ARG A 1030 -42.55 -2.48 -44.32
CA ARG A 1030 -43.47 -3.64 -44.35
C ARG A 1030 -43.84 -3.99 -45.80
N ARG A 1031 -44.20 -2.98 -46.60
CA ARG A 1031 -44.55 -3.14 -48.05
C ARG A 1031 -43.42 -3.86 -48.79
N ARG A 1032 -42.17 -3.52 -48.49
CA ARG A 1032 -40.96 -4.05 -49.17
C ARG A 1032 -40.73 -5.51 -48.74
N PHE A 1033 -40.77 -5.79 -47.43
CA PHE A 1033 -40.48 -7.12 -46.83
C PHE A 1033 -41.79 -7.77 -46.35
N SER A 1034 -42.71 -8.01 -47.28
CA SER A 1034 -43.99 -8.75 -47.06
C SER A 1034 -44.30 -9.62 -48.28
N ARG A 1035 -45.35 -10.44 -48.21
CA ARG A 1035 -45.73 -11.42 -49.27
C ARG A 1035 -47.25 -11.32 -49.55
N LYS A 1036 -48.08 -11.96 -48.72
CA LYS A 1036 -49.56 -12.02 -48.89
C LYS A 1036 -50.23 -11.78 -47.53
N ASN A 1037 -49.80 -10.74 -46.81
CA ASN A 1037 -50.21 -10.45 -45.41
C ASN A 1037 -51.07 -9.18 -45.36
N GLU A 1038 -50.47 -8.04 -45.70
CA GLU A 1038 -50.89 -6.67 -45.30
C GLU A 1038 -51.95 -6.09 -46.26
N ASP A 1039 -52.33 -4.83 -46.02
CA ASP A 1039 -53.10 -3.93 -46.93
C ASP A 1039 -54.61 -4.24 -46.88
N ILE A 1040 -55.00 -5.46 -46.53
CA ILE A 1040 -56.43 -5.88 -46.39
C ILE A 1040 -56.66 -6.40 -44.97
N GLU A 1041 -57.80 -6.05 -44.38
CA GLU A 1041 -58.20 -6.41 -42.98
C GLU A 1041 -58.63 -7.88 -42.93
N HIS A 1042 -58.47 -8.51 -41.77
CA HIS A 1042 -58.70 -9.97 -41.54
C HIS A 1042 -58.95 -10.23 -40.04
N MET B 1 -41.40 -22.79 -1.87
CA MET B 1 -40.08 -23.49 -1.68
C MET B 1 -40.24 -24.67 -0.72
N PRO B 2 -40.97 -24.56 0.41
CA PRO B 2 -41.26 -25.73 1.26
C PRO B 2 -41.94 -26.88 0.49
N ASN B 3 -42.96 -26.55 -0.32
CA ASN B 3 -43.70 -27.53 -1.17
C ASN B 3 -42.74 -28.21 -2.15
N PHE B 4 -41.78 -27.47 -2.70
CA PHE B 4 -40.77 -27.95 -3.68
C PHE B 4 -39.93 -29.07 -3.05
N PHE B 5 -39.49 -28.90 -1.80
CA PHE B 5 -38.53 -29.79 -1.09
C PHE B 5 -39.28 -30.89 -0.33
N ILE B 6 -40.58 -30.73 -0.09
CA ILE B 6 -41.47 -31.79 0.48
C ILE B 6 -41.58 -32.94 -0.54
N ASP B 7 -41.63 -32.61 -1.84
CA ASP B 7 -41.73 -33.58 -2.97
C ASP B 7 -40.34 -34.01 -3.43
N ARG B 8 -39.27 -33.33 -2.98
CA ARG B 8 -37.86 -33.59 -3.37
C ARG B 8 -37.00 -33.74 -2.12
N PRO B 9 -37.25 -34.75 -1.26
CA PRO B 9 -36.51 -34.90 0.00
C PRO B 9 -35.00 -35.19 -0.16
N ILE B 10 -34.59 -35.80 -1.28
CA ILE B 10 -33.17 -36.18 -1.56
C ILE B 10 -32.38 -34.90 -1.87
N PHE B 11 -32.95 -33.99 -2.67
CA PHE B 11 -32.41 -32.63 -2.95
C PHE B 11 -32.10 -31.95 -1.62
N ALA B 12 -33.07 -31.92 -0.72
CA ALA B 12 -32.98 -31.30 0.63
C ALA B 12 -31.80 -31.91 1.40
N TRP B 13 -31.68 -33.23 1.40
CA TRP B 13 -30.58 -33.98 2.07
C TRP B 13 -29.23 -33.58 1.46
N VAL B 14 -29.16 -33.45 0.14
CA VAL B 14 -27.92 -33.04 -0.61
C VAL B 14 -27.48 -31.66 -0.12
N ILE B 15 -28.41 -30.71 0.01
CA ILE B 15 -28.13 -29.32 0.47
C ILE B 15 -27.60 -29.37 1.91
N ALA B 16 -28.20 -30.21 2.76
CA ALA B 16 -27.81 -30.42 4.17
C ALA B 16 -26.39 -31.00 4.24
N ILE B 17 -26.08 -31.96 3.37
CA ILE B 17 -24.75 -32.65 3.30
C ILE B 17 -23.68 -31.65 2.86
N ILE B 18 -23.96 -30.87 1.81
CA ILE B 18 -23.06 -29.82 1.26
C ILE B 18 -22.72 -28.82 2.37
N ILE B 19 -23.73 -28.35 3.09
CA ILE B 19 -23.59 -27.37 4.22
C ILE B 19 -22.70 -27.99 5.31
N MET B 20 -22.92 -29.26 5.66
CA MET B 20 -22.20 -29.99 6.72
C MET B 20 -20.72 -30.16 6.34
N LEU B 21 -20.44 -30.48 5.07
CA LEU B 21 -19.06 -30.65 4.54
C LEU B 21 -18.34 -29.30 4.54
N ALA B 22 -19.00 -28.24 4.07
CA ALA B 22 -18.50 -26.84 4.09
C ALA B 22 -18.16 -26.44 5.52
N GLY B 23 -19.03 -26.80 6.48
CA GLY B 23 -18.84 -26.55 7.91
C GLY B 23 -17.69 -27.36 8.48
N GLY B 24 -17.66 -28.67 8.19
CA GLY B 24 -16.57 -29.59 8.58
C GLY B 24 -15.23 -29.10 8.09
N LEU B 25 -15.18 -28.60 6.84
CA LEU B 25 -13.97 -27.99 6.21
C LEU B 25 -13.60 -26.70 6.95
N ALA B 26 -14.60 -25.85 7.22
CA ALA B 26 -14.44 -24.53 7.89
C ALA B 26 -13.79 -24.72 9.26
N ILE B 27 -14.30 -25.65 10.08
CA ILE B 27 -13.81 -25.95 11.46
C ILE B 27 -12.31 -26.24 11.42
N LEU B 28 -11.85 -27.04 10.44
CA LEU B 28 -10.42 -27.44 10.29
C LEU B 28 -9.56 -26.24 9.90
N LYS B 29 -10.06 -25.36 9.02
CA LYS B 29 -9.29 -24.24 8.42
C LYS B 29 -9.41 -22.97 9.27
N LEU B 30 -10.52 -22.81 10.00
CA LEU B 30 -10.85 -21.56 10.77
C LEU B 30 -9.73 -21.26 11.76
N PRO B 31 -9.27 -19.98 11.85
CA PRO B 31 -8.33 -19.57 12.89
C PRO B 31 -8.96 -19.64 14.29
N VAL B 32 -8.13 -19.77 15.32
CA VAL B 32 -8.55 -19.88 16.76
C VAL B 32 -7.66 -18.94 17.59
N ALA B 33 -8.29 -18.01 18.33
CA ALA B 33 -7.63 -17.03 19.23
C ALA B 33 -8.63 -16.59 20.30
N GLN B 34 -8.15 -16.16 21.46
CA GLN B 34 -8.99 -15.75 22.62
C GLN B 34 -9.93 -14.62 22.18
N TYR B 35 -9.38 -13.55 21.59
CA TYR B 35 -10.13 -12.39 21.06
C TYR B 35 -9.59 -12.03 19.67
N PRO B 36 -10.44 -11.48 18.76
CA PRO B 36 -9.98 -11.01 17.46
C PRO B 36 -9.37 -9.60 17.57
N THR B 37 -8.95 -9.03 16.44
CA THR B 37 -8.39 -7.65 16.35
C THR B 37 -9.52 -6.65 16.61
N ILE B 38 -9.45 -5.94 17.74
CA ILE B 38 -10.48 -4.95 18.21
C ILE B 38 -9.88 -3.55 18.13
N ALA B 39 -8.76 -3.33 18.82
CA ALA B 39 -8.04 -2.03 18.89
C ALA B 39 -7.69 -1.56 17.48
N PRO B 40 -7.76 -0.25 17.18
CA PRO B 40 -7.38 0.27 15.86
C PRO B 40 -5.88 0.14 15.64
N PRO B 41 -5.41 0.02 14.38
CA PRO B 41 -3.98 -0.16 14.10
C PRO B 41 -3.11 0.92 14.75
N ALA B 42 -2.06 0.51 15.48
CA ALA B 42 -1.10 1.39 16.18
C ALA B 42 0.33 0.99 15.83
N VAL B 43 1.09 1.92 15.24
CA VAL B 43 2.53 1.75 14.90
C VAL B 43 3.36 2.54 15.92
N THR B 44 4.31 1.87 16.59
CA THR B 44 5.20 2.46 17.63
C THR B 44 6.62 2.60 17.06
N ILE B 45 7.17 3.82 17.11
CA ILE B 45 8.59 4.13 16.80
C ILE B 45 9.36 4.15 18.13
N SER B 46 10.26 3.18 18.34
CA SER B 46 11.10 3.04 19.56
C SER B 46 12.56 3.33 19.22
N ALA B 47 13.22 4.19 19.99
CA ALA B 47 14.66 4.55 19.87
C ALA B 47 15.29 4.59 21.26
N SER B 48 16.63 4.42 21.31
CA SER B 48 17.45 4.38 22.55
C SER B 48 18.64 5.34 22.40
N TYR B 49 18.97 6.08 23.46
CA TYR B 49 20.10 7.03 23.55
C TYR B 49 20.82 6.78 24.87
N PRO B 50 21.82 5.86 24.91
CA PRO B 50 22.51 5.52 26.15
C PRO B 50 23.01 6.73 26.96
N GLY B 51 22.54 6.85 28.21
CA GLY B 51 22.99 7.86 29.19
C GLY B 51 22.37 9.23 28.94
N ALA B 52 21.26 9.29 28.20
CA ALA B 52 20.57 10.54 27.81
C ALA B 52 19.37 10.79 28.74
N ASP B 53 19.15 12.04 29.12
CA ASP B 53 18.02 12.50 29.96
C ASP B 53 16.78 12.72 29.07
N ALA B 54 15.62 12.87 29.69
CA ALA B 54 14.30 13.03 29.03
C ALA B 54 14.33 14.17 28.00
N LYS B 55 14.95 15.30 28.35
CA LYS B 55 14.96 16.54 27.52
C LYS B 55 15.88 16.35 26.31
N THR B 56 17.06 15.75 26.51
CA THR B 56 18.04 15.42 25.45
C THR B 56 17.36 14.54 24.39
N VAL B 57 16.66 13.49 24.82
CA VAL B 57 15.94 12.52 23.96
C VAL B 57 14.85 13.26 23.16
N GLN B 58 14.09 14.15 23.82
CA GLN B 58 12.96 14.89 23.22
C GLN B 58 13.48 15.84 22.14
N ASP B 59 14.47 16.68 22.49
CA ASP B 59 14.90 17.86 21.70
C ASP B 59 15.79 17.43 20.52
N THR B 60 16.37 16.23 20.55
CA THR B 60 17.31 15.73 19.51
C THR B 60 16.68 14.58 18.70
N VAL B 61 15.78 13.79 19.29
CA VAL B 61 15.19 12.58 18.64
C VAL B 61 13.69 12.81 18.41
N THR B 62 12.90 12.89 19.49
CA THR B 62 11.41 12.82 19.48
C THR B 62 10.82 13.92 18.59
N GLN B 63 11.26 15.17 18.78
CA GLN B 63 10.75 16.35 18.04
C GLN B 63 11.11 16.21 16.54
N VAL B 64 12.31 15.71 16.25
CA VAL B 64 12.85 15.58 14.86
C VAL B 64 12.02 14.52 14.09
N ILE B 65 11.68 13.42 14.75
CA ILE B 65 10.87 12.30 14.17
C ILE B 65 9.44 12.80 13.97
N GLU B 66 8.85 13.42 15.00
CA GLU B 66 7.47 13.96 15.02
C GLU B 66 7.24 14.92 13.84
N GLN B 67 8.24 15.77 13.55
CA GLN B 67 8.17 16.83 12.50
C GLN B 67 8.18 16.20 11.10
N ASN B 68 8.61 14.94 10.97
CA ASN B 68 8.80 14.24 9.67
C ASN B 68 7.70 13.20 9.45
N MET B 69 6.69 13.12 10.32
CA MET B 69 5.59 12.13 10.24
C MET B 69 4.44 12.70 9.38
N ASN B 70 4.76 13.20 8.18
CA ASN B 70 3.82 13.87 7.25
C ASN B 70 3.53 12.94 6.06
N GLY B 71 2.40 13.16 5.38
CA GLY B 71 2.01 12.44 4.15
C GLY B 71 1.67 10.99 4.41
N ILE B 72 1.41 10.62 5.66
CA ILE B 72 0.99 9.24 6.10
C ILE B 72 -0.54 9.22 6.12
N ASP B 73 -1.13 8.19 5.50
CA ASP B 73 -2.59 8.10 5.24
C ASP B 73 -3.34 7.59 6.48
N ASN B 74 -4.50 8.18 6.76
CA ASN B 74 -5.52 7.70 7.74
C ASN B 74 -4.98 7.74 9.18
N LEU B 75 -4.17 8.75 9.51
CA LEU B 75 -3.66 8.99 10.88
C LEU B 75 -4.75 9.72 11.69
N MET B 76 -5.19 9.13 12.81
CA MET B 76 -6.20 9.72 13.73
C MET B 76 -5.52 10.72 14.67
N TYR B 77 -4.48 10.27 15.37
CA TYR B 77 -3.67 11.09 16.31
C TYR B 77 -2.30 10.43 16.53
N MET B 78 -1.38 11.19 17.13
CA MET B 78 0.03 10.78 17.41
C MET B 78 0.38 11.19 18.84
N SER B 79 0.91 10.26 19.63
CA SER B 79 1.38 10.49 21.04
C SER B 79 2.81 9.96 21.18
N SER B 80 3.56 10.49 22.15
CA SER B 80 4.96 10.07 22.45
C SER B 80 5.33 10.44 23.89
N ASN B 81 6.35 9.77 24.42
CA ASN B 81 6.98 10.07 25.74
C ASN B 81 8.49 9.88 25.62
N SER B 82 9.27 10.72 26.31
CA SER B 82 10.76 10.69 26.36
C SER B 82 11.20 10.65 27.81
N ASP B 83 11.80 9.54 28.26
CA ASP B 83 12.10 9.28 29.70
C ASP B 83 13.61 9.40 29.96
N SER B 84 13.99 9.33 31.25
CA SER B 84 15.37 9.57 31.76
C SER B 84 16.25 8.33 31.60
N THR B 85 15.69 7.21 31.15
CA THR B 85 16.43 5.94 30.84
C THR B 85 16.98 6.01 29.41
N GLY B 86 16.76 7.12 28.70
CA GLY B 86 17.29 7.38 27.36
C GLY B 86 16.43 6.76 26.27
N THR B 87 15.12 6.62 26.53
CA THR B 87 14.14 5.93 25.65
C THR B 87 13.10 6.93 25.15
N VAL B 88 12.66 6.77 23.89
CA VAL B 88 11.48 7.46 23.30
C VAL B 88 10.60 6.40 22.63
N GLN B 89 9.28 6.52 22.80
CA GLN B 89 8.26 5.70 22.09
C GLN B 89 7.20 6.63 21.49
N ILE B 90 7.11 6.68 20.16
CA ILE B 90 6.11 7.48 19.40
C ILE B 90 5.07 6.51 18.83
N THR B 91 3.85 6.54 19.35
CA THR B 91 2.71 5.69 18.93
C THR B 91 1.82 6.48 17.98
N LEU B 92 1.74 6.07 16.71
CA LEU B 92 0.82 6.61 15.68
C LEU B 92 -0.38 5.67 15.55
N THR B 93 -1.57 6.14 15.93
CA THR B 93 -2.84 5.37 15.90
C THR B 93 -3.63 5.78 14.65
N PHE B 94 -4.14 4.81 13.90
CA PHE B 94 -4.77 4.99 12.57
C PHE B 94 -6.26 4.62 12.64
N GLU B 95 -7.03 5.04 11.63
CA GLU B 95 -8.49 4.77 11.49
C GLU B 95 -8.71 3.25 11.46
N SER B 96 -9.84 2.79 12.00
CA SER B 96 -10.28 1.37 11.93
C SER B 96 -10.51 0.99 10.46
N GLY B 97 -10.01 -0.18 10.05
CA GLY B 97 -10.09 -0.67 8.66
C GLY B 97 -8.90 -0.23 7.82
N THR B 98 -7.88 0.35 8.44
CA THR B 98 -6.59 0.74 7.81
C THR B 98 -5.67 -0.48 7.77
N ASP B 99 -5.06 -0.76 6.61
CA ASP B 99 -4.05 -1.83 6.43
C ASP B 99 -2.84 -1.50 7.30
N ALA B 100 -2.59 -2.32 8.33
CA ALA B 100 -1.53 -2.12 9.35
C ALA B 100 -0.14 -2.24 8.70
N ASP B 101 -0.02 -3.00 7.62
CA ASP B 101 1.24 -3.17 6.84
C ASP B 101 1.56 -1.86 6.10
N ILE B 102 0.56 -1.30 5.39
CA ILE B 102 0.68 -0.03 4.62
C ILE B 102 0.99 1.12 5.60
N ALA B 103 0.33 1.12 6.76
CA ALA B 103 0.51 2.13 7.84
C ALA B 103 1.95 2.09 8.38
N GLN B 104 2.47 0.88 8.64
CA GLN B 104 3.81 0.66 9.25
C GLN B 104 4.91 1.09 8.27
N VAL B 105 4.79 0.73 6.99
CA VAL B 105 5.82 1.01 5.95
C VAL B 105 5.84 2.51 5.64
N GLN B 106 4.67 3.17 5.64
CA GLN B 106 4.55 4.64 5.41
C GLN B 106 5.23 5.38 6.56
N VAL B 107 5.06 4.91 7.80
CA VAL B 107 5.74 5.45 9.02
C VAL B 107 7.24 5.19 8.89
N GLN B 108 7.61 3.93 8.61
CA GLN B 108 9.00 3.45 8.43
C GLN B 108 9.73 4.32 7.41
N ASN B 109 9.10 4.56 6.25
CA ASN B 109 9.71 5.28 5.10
C ASN B 109 10.00 6.74 5.46
N LYS B 110 9.10 7.39 6.19
CA LYS B 110 9.27 8.81 6.64
C LYS B 110 10.35 8.89 7.72
N LEU B 111 10.48 7.85 8.55
CA LEU B 111 11.54 7.75 9.60
C LEU B 111 12.92 7.62 8.92
N GLN B 112 13.04 6.72 7.94
CA GLN B 112 14.30 6.44 7.19
C GLN B 112 14.91 7.76 6.68
N LEU B 113 14.09 8.64 6.13
CA LEU B 113 14.52 9.94 5.54
C LEU B 113 14.83 10.96 6.66
N ALA B 114 14.38 10.70 7.89
CA ALA B 114 14.61 11.56 9.07
C ALA B 114 15.82 11.04 9.88
N MET B 115 16.37 9.87 9.52
CA MET B 115 17.50 9.22 10.24
C MET B 115 18.76 10.09 10.17
N PRO B 116 19.08 10.74 9.03
CA PRO B 116 20.24 11.63 8.95
C PRO B 116 20.16 12.88 9.85
N LEU B 117 18.97 13.19 10.38
CA LEU B 117 18.69 14.39 11.21
C LEU B 117 18.87 14.06 12.70
N LEU B 118 19.08 12.78 13.04
CA LEU B 118 19.19 12.29 14.44
C LEU B 118 20.67 12.26 14.86
N PRO B 119 20.98 12.21 16.17
CA PRO B 119 22.36 12.11 16.64
C PRO B 119 23.05 10.83 16.18
N GLN B 120 24.37 10.83 16.12
CA GLN B 120 25.22 9.69 15.68
C GLN B 120 24.93 8.46 16.56
N GLU B 121 24.80 8.67 17.87
CA GLU B 121 24.63 7.59 18.89
C GLU B 121 23.26 6.92 18.73
N VAL B 122 22.25 7.63 18.22
CA VAL B 122 20.86 7.12 18.03
C VAL B 122 20.78 6.35 16.70
N GLN B 123 21.46 6.86 15.66
CA GLN B 123 21.58 6.17 14.34
C GLN B 123 22.31 4.83 14.53
N GLN B 124 23.33 4.83 15.41
CA GLN B 124 24.17 3.64 15.72
C GLN B 124 23.34 2.57 16.43
N GLN B 125 22.56 2.97 17.44
CA GLN B 125 21.62 2.08 18.18
C GLN B 125 20.47 1.66 17.26
N GLY B 126 19.98 2.59 16.44
CA GLY B 126 18.89 2.35 15.46
C GLY B 126 17.53 2.64 16.07
N VAL B 127 16.51 2.77 15.21
CA VAL B 127 15.11 3.15 15.59
C VAL B 127 14.15 2.07 15.06
N SER B 128 13.45 1.39 15.98
CA SER B 128 12.53 0.26 15.68
C SER B 128 11.13 0.79 15.34
N VAL B 129 10.50 0.25 14.28
CA VAL B 129 9.10 0.53 13.88
C VAL B 129 8.33 -0.79 13.92
N GLU B 130 7.44 -0.96 14.90
CA GLU B 130 6.69 -2.22 15.18
C GLU B 130 5.19 -1.92 15.27
N LYS B 131 4.36 -2.91 14.94
CA LYS B 131 2.91 -2.93 15.25
C LYS B 131 2.74 -3.27 16.73
N SER B 132 2.30 -2.31 17.54
CA SER B 132 2.23 -2.40 19.03
C SER B 132 0.83 -2.81 19.50
N SER B 133 -0.19 -2.67 18.64
CA SER B 133 -1.63 -2.93 18.96
C SER B 133 -1.86 -4.42 19.26
N SER B 134 -0.95 -5.29 18.81
CA SER B 134 -1.00 -6.77 19.04
C SER B 134 -0.75 -7.08 20.52
N SER B 135 -1.24 -8.24 20.98
CA SER B 135 -1.07 -8.77 22.37
C SER B 135 -0.41 -10.15 22.32
N PHE B 136 -0.01 -10.68 23.48
CA PHE B 136 0.77 -11.94 23.62
C PHE B 136 -0.16 -13.15 23.64
N LEU B 137 0.25 -14.24 22.99
CA LEU B 137 -0.40 -15.58 23.04
C LEU B 137 -0.05 -16.24 24.37
N MET B 138 1.24 -16.22 24.73
CA MET B 138 1.79 -16.78 25.99
C MET B 138 3.15 -16.12 26.29
N VAL B 139 3.62 -16.26 27.53
CA VAL B 139 4.99 -15.84 27.97
C VAL B 139 5.73 -17.09 28.45
N VAL B 140 6.79 -17.48 27.75
CA VAL B 140 7.70 -18.60 28.14
C VAL B 140 8.80 -18.03 29.04
N GLY B 141 8.75 -18.37 30.34
CA GLY B 141 9.77 -17.97 31.33
C GLY B 141 10.91 -18.97 31.38
N VAL B 142 12.15 -18.48 31.47
CA VAL B 142 13.40 -19.30 31.55
C VAL B 142 14.15 -18.89 32.82
N ILE B 143 14.35 -19.83 33.75
CA ILE B 143 14.93 -19.59 35.11
C ILE B 143 16.14 -20.50 35.30
N ASN B 144 17.00 -20.17 36.29
CA ASN B 144 18.14 -20.99 36.75
C ASN B 144 17.96 -21.28 38.24
N THR B 145 17.78 -22.55 38.61
CA THR B 145 17.40 -23.00 39.98
C THR B 145 18.65 -23.20 40.85
N ASP B 146 19.76 -23.68 40.27
CA ASP B 146 21.00 -24.04 41.01
C ASP B 146 21.88 -22.79 41.23
N GLY B 147 21.46 -21.63 40.70
CA GLY B 147 22.11 -20.33 40.94
C GLY B 147 23.52 -20.26 40.37
N THR B 148 23.74 -20.90 39.21
CA THR B 148 25.02 -20.91 38.46
C THR B 148 25.01 -19.84 37.37
N MET B 149 23.83 -19.32 37.02
CA MET B 149 23.62 -18.35 35.91
C MET B 149 22.92 -17.09 36.43
N THR B 150 23.31 -15.92 35.92
CA THR B 150 22.63 -14.61 36.13
C THR B 150 21.52 -14.46 35.08
N GLN B 151 20.72 -13.40 35.19
CA GLN B 151 19.64 -13.07 34.21
C GLN B 151 20.28 -12.74 32.86
N GLU B 152 21.50 -12.18 32.87
CA GLU B 152 22.30 -11.87 31.65
C GLU B 152 22.70 -13.17 30.96
N ASP B 153 23.18 -14.15 31.75
CA ASP B 153 23.63 -15.49 31.26
C ASP B 153 22.45 -16.22 30.61
N ILE B 154 21.29 -16.23 31.27
CA ILE B 154 20.05 -16.92 30.80
C ILE B 154 19.57 -16.24 29.51
N SER B 155 19.50 -14.90 29.50
CA SER B 155 19.03 -14.07 28.37
C SER B 155 19.85 -14.37 27.12
N ASP B 156 21.18 -14.46 27.26
CA ASP B 156 22.14 -14.73 26.15
C ASP B 156 21.85 -16.11 25.55
N TYR B 157 21.63 -17.11 26.40
CA TYR B 157 21.34 -18.51 25.98
C TYR B 157 20.02 -18.55 25.19
N VAL B 158 18.98 -17.88 25.70
CA VAL B 158 17.63 -17.83 25.08
C VAL B 158 17.75 -17.16 23.70
N ALA B 159 18.56 -16.11 23.59
CA ALA B 159 18.79 -15.34 22.34
C ALA B 159 19.52 -16.21 21.32
N ALA B 160 20.48 -17.03 21.77
CA ALA B 160 21.43 -17.77 20.92
C ALA B 160 20.89 -19.15 20.52
N ASN B 161 20.17 -19.83 21.43
CA ASN B 161 19.87 -21.29 21.33
C ASN B 161 18.36 -21.57 21.28
N MET B 162 17.49 -20.58 21.52
CA MET B 162 16.03 -20.81 21.69
C MET B 162 15.21 -19.88 20.78
N LYS B 163 15.41 -18.56 20.88
CA LYS B 163 14.54 -17.51 20.26
C LYS B 163 14.28 -17.84 18.78
N ASP B 164 15.34 -18.04 17.99
CA ASP B 164 15.27 -18.25 16.52
C ASP B 164 14.37 -19.45 16.20
N ALA B 165 14.55 -20.57 16.93
CA ALA B 165 13.81 -21.84 16.75
C ALA B 165 12.31 -21.64 17.05
N ILE B 166 12.00 -20.84 18.08
CA ILE B 166 10.60 -20.51 18.49
C ILE B 166 9.97 -19.60 17.42
N SER B 167 10.76 -18.71 16.81
CA SER B 167 10.33 -17.78 15.75
C SER B 167 9.92 -18.53 14.49
N ARG B 168 10.58 -19.67 14.20
CA ARG B 168 10.35 -20.50 12.99
C ARG B 168 9.21 -21.51 13.25
N THR B 169 8.78 -21.67 14.50
CA THR B 169 7.68 -22.59 14.92
C THR B 169 6.38 -22.17 14.24
N SER B 170 5.58 -23.14 13.80
CA SER B 170 4.33 -22.96 13.02
C SER B 170 3.30 -22.15 13.83
N GLY B 171 2.88 -21.00 13.31
CA GLY B 171 1.79 -20.17 13.88
C GLY B 171 2.31 -19.01 14.72
N VAL B 172 3.63 -18.93 14.95
CA VAL B 172 4.27 -17.85 15.74
C VAL B 172 4.46 -16.61 14.85
N GLY B 173 3.85 -15.49 15.23
CA GLY B 173 3.84 -14.24 14.45
C GLY B 173 4.93 -13.27 14.88
N ASP B 174 5.37 -13.34 16.14
CA ASP B 174 6.42 -12.44 16.70
C ASP B 174 6.93 -13.02 18.02
N VAL B 175 8.23 -12.83 18.31
CA VAL B 175 8.92 -13.30 19.55
C VAL B 175 9.76 -12.14 20.09
N GLN B 176 9.53 -11.74 21.35
CA GLN B 176 10.26 -10.65 22.05
C GLN B 176 11.05 -11.25 23.22
N LEU B 177 12.34 -10.92 23.32
CA LEU B 177 13.26 -11.37 24.40
C LEU B 177 13.14 -10.40 25.59
N PHE B 178 12.79 -10.92 26.77
CA PHE B 178 12.73 -10.15 28.05
C PHE B 178 14.13 -10.15 28.67
N GLY B 179 14.96 -9.20 28.21
CA GLY B 179 16.41 -9.13 28.48
C GLY B 179 17.17 -8.93 27.18
N SER B 180 18.50 -8.86 27.24
CA SER B 180 19.40 -8.69 26.08
C SER B 180 20.44 -9.82 26.03
N GLN B 181 20.91 -10.15 24.82
CA GLN B 181 22.09 -11.04 24.60
C GLN B 181 23.31 -10.37 25.24
N TYR B 182 24.41 -11.12 25.41
CA TYR B 182 25.68 -10.61 26.00
C TYR B 182 26.14 -9.37 25.24
N ALA B 183 26.87 -8.50 25.93
CA ALA B 183 27.64 -7.37 25.37
C ALA B 183 29.01 -7.33 26.04
N MET B 184 30.07 -6.99 25.29
CA MET B 184 31.44 -6.84 25.84
C MET B 184 31.48 -5.58 26.70
N ARG B 185 31.55 -5.74 28.03
CA ARG B 185 31.52 -4.63 29.02
C ARG B 185 32.96 -4.29 29.43
N ILE B 186 33.38 -3.05 29.15
CA ILE B 186 34.68 -2.47 29.61
C ILE B 186 34.37 -1.51 30.77
N TRP B 187 34.60 -1.96 32.00
CA TRP B 187 34.33 -1.20 33.26
C TRP B 187 35.59 -0.40 33.64
N MET B 188 35.67 0.86 33.19
CA MET B 188 36.89 1.71 33.27
C MET B 188 37.16 2.11 34.73
N ASN B 189 38.44 2.30 35.06
CA ASN B 189 38.94 2.73 36.40
C ASN B 189 39.66 4.06 36.22
N PRO B 190 39.15 5.18 36.80
CA PRO B 190 39.72 6.51 36.57
C PRO B 190 41.09 6.73 37.23
N ASN B 191 41.37 6.00 38.32
CA ASN B 191 42.66 6.05 39.06
C ASN B 191 43.77 5.49 38.17
N GLU B 192 43.51 4.39 37.47
CA GLU B 192 44.47 3.68 36.59
C GLU B 192 44.63 4.44 35.28
N LEU B 193 43.54 5.03 34.76
CA LEU B 193 43.53 5.86 33.52
C LEU B 193 44.43 7.09 33.72
N ASN B 194 44.29 7.77 34.87
CA ASN B 194 45.05 9.01 35.22
C ASN B 194 46.54 8.65 35.43
N LYS B 195 46.82 7.50 36.05
CA LYS B 195 48.20 7.00 36.34
C LYS B 195 49.02 6.98 35.05
N PHE B 196 48.43 6.52 33.94
CA PHE B 196 49.10 6.33 32.63
C PHE B 196 48.78 7.49 31.67
N GLN B 197 48.14 8.55 32.17
CA GLN B 197 47.75 9.77 31.41
C GLN B 197 46.88 9.35 30.21
N LEU B 198 45.78 8.65 30.46
CA LEU B 198 44.82 8.16 29.44
C LEU B 198 43.39 8.57 29.85
N THR B 199 42.47 8.56 28.88
CA THR B 199 41.04 8.96 29.04
C THR B 199 40.15 7.93 28.36
N PRO B 200 38.81 7.95 28.61
CA PRO B 200 37.87 7.14 27.85
C PRO B 200 37.96 7.32 26.32
N VAL B 201 38.41 8.49 25.86
CA VAL B 201 38.59 8.83 24.41
C VAL B 201 39.65 7.89 23.82
N ASP B 202 40.75 7.67 24.54
CA ASP B 202 41.87 6.78 24.15
C ASP B 202 41.39 5.33 24.09
N VAL B 203 40.57 4.92 25.07
CA VAL B 203 40.00 3.54 25.16
C VAL B 203 39.11 3.29 23.95
N ILE B 204 38.22 4.23 23.62
CA ILE B 204 37.27 4.16 22.47
C ILE B 204 38.07 4.09 21.16
N THR B 205 39.12 4.92 21.04
CA THR B 205 39.99 5.00 19.84
C THR B 205 40.71 3.66 19.63
N ALA B 206 41.22 3.07 20.71
CA ALA B 206 41.99 1.80 20.72
C ALA B 206 41.07 0.63 20.32
N ILE B 207 39.85 0.58 20.88
CA ILE B 207 38.84 -0.48 20.62
C ILE B 207 38.38 -0.40 19.15
N LYS B 208 38.20 0.82 18.62
CA LYS B 208 37.75 1.07 17.23
C LYS B 208 38.83 0.61 16.24
N ALA B 209 40.11 0.71 16.61
CA ALA B 209 41.28 0.36 15.78
C ALA B 209 41.54 -1.15 15.84
N GLN B 210 41.50 -1.74 17.05
CA GLN B 210 42.00 -3.11 17.34
C GLN B 210 40.84 -4.12 17.40
N ASN B 211 39.59 -3.66 17.25
CA ASN B 211 38.38 -4.51 17.06
C ASN B 211 37.59 -3.98 15.87
N ALA B 212 37.94 -4.40 14.66
CA ALA B 212 37.35 -3.91 13.38
C ALA B 212 37.55 -4.94 12.27
N GLN B 213 36.66 -4.93 11.27
CA GLN B 213 36.74 -5.69 10.00
C GLN B 213 37.43 -4.79 8.96
N VAL B 214 38.59 -5.19 8.46
CA VAL B 214 39.42 -4.40 7.49
C VAL B 214 39.39 -5.12 6.13
N ALA B 215 39.01 -4.39 5.08
CA ALA B 215 39.02 -4.87 3.67
C ALA B 215 40.47 -4.90 3.17
N ALA B 216 40.85 -5.99 2.50
CA ALA B 216 42.19 -6.20 1.90
C ALA B 216 42.07 -6.29 0.37
N GLY B 217 41.60 -7.44 -0.14
CA GLY B 217 41.44 -7.68 -1.59
C GLY B 217 41.69 -9.13 -1.95
N GLN B 218 42.37 -9.37 -3.07
CA GLN B 218 42.61 -10.72 -3.66
C GLN B 218 44.04 -10.82 -4.20
N LEU B 219 44.62 -12.02 -4.16
CA LEU B 219 45.79 -12.43 -4.97
C LEU B 219 45.27 -12.86 -6.34
N GLY B 220 45.92 -12.42 -7.42
CA GLY B 220 45.56 -12.76 -8.81
C GLY B 220 44.14 -12.33 -9.16
N GLY B 221 43.69 -11.21 -8.61
CA GLY B 221 42.37 -10.61 -8.91
C GLY B 221 42.37 -9.95 -10.29
N THR B 222 41.19 -9.76 -10.87
CA THR B 222 41.01 -9.14 -12.21
C THR B 222 41.11 -7.63 -12.08
N PRO B 223 41.70 -6.91 -13.07
CA PRO B 223 42.32 -7.52 -14.25
C PRO B 223 43.69 -8.11 -13.95
N PRO B 224 43.98 -9.36 -14.37
CA PRO B 224 45.24 -10.02 -14.02
C PRO B 224 46.35 -9.85 -15.07
N VAL B 225 47.58 -10.18 -14.69
CA VAL B 225 48.69 -10.50 -15.62
C VAL B 225 48.42 -11.89 -16.19
N LYS B 226 48.17 -11.99 -17.50
CA LYS B 226 47.93 -13.28 -18.22
C LYS B 226 49.04 -14.26 -17.86
N GLY B 227 48.68 -15.50 -17.52
CA GLY B 227 49.60 -16.54 -17.02
C GLY B 227 49.35 -16.87 -15.55
N GLN B 228 48.61 -16.00 -14.84
CA GLN B 228 48.17 -16.21 -13.44
C GLN B 228 47.31 -17.49 -13.38
N GLN B 229 47.66 -18.43 -12.50
CA GLN B 229 47.01 -19.76 -12.39
C GLN B 229 46.04 -19.77 -11.20
N LEU B 230 46.43 -19.21 -10.05
CA LEU B 230 45.67 -19.28 -8.79
C LEU B 230 45.15 -17.89 -8.40
N ASN B 231 43.93 -17.84 -7.86
CA ASN B 231 43.24 -16.61 -7.36
C ASN B 231 42.69 -16.90 -5.96
N ALA B 232 43.17 -16.17 -4.95
CA ALA B 232 42.79 -16.32 -3.52
C ALA B 232 42.42 -14.95 -2.93
N SER B 233 41.44 -14.92 -2.03
CA SER B 233 41.02 -13.71 -1.27
C SER B 233 42.01 -13.46 -0.13
N ILE B 234 42.32 -12.19 0.13
CA ILE B 234 43.19 -11.75 1.27
C ILE B 234 42.28 -11.44 2.46
N ILE B 235 42.50 -12.12 3.58
CA ILE B 235 41.82 -11.87 4.89
C ILE B 235 42.79 -11.06 5.77
N ALA B 236 42.41 -9.83 6.14
CA ALA B 236 43.18 -8.93 7.03
C ALA B 236 42.60 -9.05 8.45
N GLN B 237 42.54 -7.93 9.19
CA GLN B 237 42.02 -7.89 10.59
C GLN B 237 40.52 -8.18 10.58
N THR B 238 40.07 -9.08 11.47
CA THR B 238 38.64 -9.39 11.75
C THR B 238 38.32 -9.00 13.20
N ARG B 239 37.04 -8.96 13.55
CA ARG B 239 36.54 -8.55 14.90
C ARG B 239 37.10 -9.50 15.97
N LEU B 240 37.28 -9.00 17.20
CA LEU B 240 37.70 -9.80 18.38
C LEU B 240 36.53 -10.69 18.81
N THR B 241 36.81 -11.79 19.51
CA THR B 241 35.83 -12.88 19.79
C THR B 241 35.83 -13.29 21.27
N SER B 242 36.65 -12.67 22.13
CA SER B 242 36.86 -13.09 23.54
C SER B 242 37.28 -11.92 24.42
N THR B 243 36.99 -12.02 25.73
CA THR B 243 37.39 -11.05 26.79
C THR B 243 38.92 -10.98 26.87
N GLU B 244 39.60 -12.10 26.64
CA GLU B 244 41.09 -12.22 26.66
C GLU B 244 41.68 -11.22 25.65
N GLU B 245 41.18 -11.25 24.41
CA GLU B 245 41.64 -10.41 23.27
C GLU B 245 41.42 -8.93 23.60
N PHE B 246 40.24 -8.58 24.12
CA PHE B 246 39.86 -7.21 24.52
C PHE B 246 40.78 -6.73 25.65
N GLY B 247 41.16 -7.64 26.56
CA GLY B 247 42.12 -7.39 27.64
C GLY B 247 43.52 -7.09 27.12
N LYS B 248 43.89 -7.70 25.98
CA LYS B 248 45.23 -7.60 25.36
C LYS B 248 45.30 -6.38 24.41
N ILE B 249 44.21 -5.63 24.26
CA ILE B 249 44.17 -4.36 23.45
C ILE B 249 45.22 -3.40 24.02
N LEU B 250 46.12 -2.91 23.17
CA LEU B 250 47.23 -1.99 23.54
C LEU B 250 46.73 -0.54 23.53
N LEU B 251 46.97 0.20 24.63
CA LEU B 251 46.54 1.62 24.81
C LEU B 251 47.76 2.55 24.66
N LYS B 252 48.90 2.18 25.26
CA LYS B 252 50.10 3.05 25.35
C LYS B 252 51.36 2.20 25.57
N VAL B 253 52.49 2.63 25.00
CA VAL B 253 53.84 2.05 25.24
C VAL B 253 54.68 3.11 25.97
N ASN B 254 55.08 2.82 27.22
CA ASN B 254 55.78 3.76 28.12
C ASN B 254 57.24 3.95 27.67
N GLN B 255 57.94 4.90 28.28
CA GLN B 255 59.32 5.31 27.93
C GLN B 255 60.30 4.18 28.29
N ASP B 256 60.08 3.51 29.43
CA ASP B 256 60.90 2.37 29.92
C ASP B 256 60.71 1.15 29.01
N GLY B 257 59.59 1.08 28.28
CA GLY B 257 59.29 0.03 27.29
C GLY B 257 58.10 -0.83 27.70
N SER B 258 57.60 -0.66 28.93
CA SER B 258 56.42 -1.38 29.48
C SER B 258 55.15 -1.00 28.69
N ARG B 259 54.19 -1.91 28.62
CA ARG B 259 52.96 -1.79 27.78
C ARG B 259 51.73 -1.65 28.68
N VAL B 260 50.88 -0.66 28.41
CA VAL B 260 49.57 -0.43 29.09
C VAL B 260 48.47 -1.08 28.25
N LEU B 261 47.85 -2.15 28.76
CA LEU B 261 46.73 -2.88 28.08
C LEU B 261 45.40 -2.37 28.65
N LEU B 262 44.29 -2.77 28.03
CA LEU B 262 42.91 -2.34 28.43
C LEU B 262 42.52 -2.98 29.76
N ARG B 263 43.06 -4.17 30.07
CA ARG B 263 42.78 -4.91 31.33
C ARG B 263 43.52 -4.26 32.51
N ASP B 264 44.51 -3.40 32.23
CA ASP B 264 45.30 -2.68 33.25
C ASP B 264 44.53 -1.46 33.78
N VAL B 265 43.55 -0.96 33.01
CA VAL B 265 42.78 0.28 33.32
C VAL B 265 41.27 0.01 33.32
N ALA B 266 40.83 -1.26 33.27
CA ALA B 266 39.39 -1.63 33.22
C ALA B 266 39.18 -3.11 33.56
N LYS B 267 38.05 -3.43 34.19
CA LYS B 267 37.50 -4.80 34.33
C LYS B 267 36.76 -5.15 33.04
N ILE B 268 37.00 -6.35 32.49
CA ILE B 268 36.42 -6.82 31.20
C ILE B 268 35.67 -8.13 31.45
N GLU B 269 34.40 -8.19 31.01
CA GLU B 269 33.52 -9.38 31.17
C GLU B 269 32.37 -9.29 30.16
N LEU B 270 31.71 -10.43 29.90
CA LEU B 270 30.43 -10.50 29.13
C LEU B 270 29.28 -10.18 30.10
N GLY B 271 28.53 -9.11 29.82
CA GLY B 271 27.37 -8.67 30.61
C GLY B 271 26.19 -8.33 29.73
N GLY B 272 25.18 -7.65 30.28
CA GLY B 272 23.97 -7.21 29.55
C GLY B 272 24.20 -5.89 28.83
N GLU B 273 23.34 -5.57 27.86
CA GLU B 273 23.34 -4.27 27.14
C GLU B 273 22.95 -3.15 28.11
N ASN B 274 21.97 -3.40 28.99
CA ASN B 274 21.56 -2.49 30.08
C ASN B 274 21.30 -3.31 31.36
N TYR B 275 21.39 -2.65 32.52
CA TYR B 275 21.19 -3.25 33.87
C TYR B 275 20.01 -2.57 34.57
N ASP B 276 19.13 -1.92 33.81
CA ASP B 276 17.97 -1.13 34.34
C ASP B 276 16.93 -2.10 34.93
N ILE B 277 16.68 -3.23 34.26
CA ILE B 277 15.66 -4.24 34.65
C ILE B 277 16.35 -5.41 35.38
N ILE B 278 15.89 -5.72 36.59
CA ILE B 278 16.23 -6.97 37.33
C ILE B 278 14.98 -7.86 37.37
N ALA B 279 15.01 -8.98 36.65
CA ALA B 279 13.90 -9.96 36.53
C ALA B 279 14.15 -11.15 37.45
N GLU B 280 13.17 -11.51 38.28
CA GLU B 280 13.22 -12.66 39.21
C GLU B 280 11.91 -13.47 39.07
N PHE B 281 12.00 -14.79 39.23
CA PHE B 281 10.86 -15.75 39.24
C PHE B 281 10.97 -16.61 40.51
N ASN B 282 10.17 -16.27 41.53
CA ASN B 282 10.23 -16.86 42.90
C ASN B 282 11.63 -16.64 43.48
N GLY B 283 12.21 -15.44 43.25
CA GLY B 283 13.50 -15.00 43.82
C GLY B 283 14.70 -15.45 43.01
N GLN B 284 14.49 -16.24 41.95
CA GLN B 284 15.57 -16.86 41.14
C GLN B 284 15.78 -16.04 39.86
N PRO B 285 17.04 -15.85 39.38
CA PRO B 285 17.30 -15.13 38.15
C PRO B 285 16.50 -15.72 36.97
N ALA B 286 15.86 -14.85 36.17
CA ALA B 286 14.91 -15.24 35.10
C ALA B 286 15.06 -14.35 33.86
N SER B 287 14.84 -14.94 32.69
CA SER B 287 14.57 -14.26 31.40
C SER B 287 13.23 -14.78 30.86
N GLY B 288 12.98 -14.66 29.56
CA GLY B 288 11.79 -15.25 28.92
C GLY B 288 11.57 -14.77 27.50
N LEU B 289 10.52 -15.29 26.85
CA LEU B 289 10.10 -14.95 25.47
C LEU B 289 8.61 -14.61 25.46
N GLY B 290 8.26 -13.42 24.94
CA GLY B 290 6.87 -13.00 24.68
C GLY B 290 6.43 -13.38 23.28
N ILE B 291 5.58 -14.39 23.15
CA ILE B 291 5.16 -15.00 21.85
C ILE B 291 3.79 -14.44 21.46
N LYS B 292 3.67 -13.90 20.25
CA LYS B 292 2.39 -13.42 19.65
C LYS B 292 1.95 -14.44 18.59
N LEU B 293 0.63 -14.63 18.45
CA LEU B 293 0.02 -15.54 17.44
C LEU B 293 0.06 -14.85 16.07
N ALA B 294 0.35 -15.61 15.01
CA ALA B 294 0.39 -15.13 13.61
C ALA B 294 -1.04 -14.97 13.08
N THR B 295 -1.21 -14.14 12.04
CA THR B 295 -2.53 -13.86 11.38
C THR B 295 -3.07 -15.15 10.76
N GLY B 296 -4.30 -15.53 11.10
CA GLY B 296 -5.02 -16.69 10.54
C GLY B 296 -4.57 -18.01 11.14
N ALA B 297 -3.80 -17.97 12.24
CA ALA B 297 -3.19 -19.14 12.90
C ALA B 297 -4.13 -19.67 13.99
N ASN B 298 -3.94 -20.94 14.38
CA ASN B 298 -4.70 -21.65 15.43
C ASN B 298 -3.89 -21.58 16.73
N ALA B 299 -4.43 -20.93 17.77
CA ALA B 299 -3.77 -20.69 19.07
C ALA B 299 -3.39 -22.02 19.74
N LEU B 300 -4.29 -23.02 19.68
CA LEU B 300 -4.13 -24.32 20.36
C LEU B 300 -3.04 -25.16 19.65
N ASP B 301 -3.02 -25.13 18.32
CA ASP B 301 -2.00 -25.82 17.48
C ASP B 301 -0.64 -25.17 17.71
N THR B 302 -0.59 -23.83 17.79
CA THR B 302 0.64 -23.02 17.95
C THR B 302 1.28 -23.33 19.31
N ALA B 303 0.50 -23.30 20.39
CA ALA B 303 0.97 -23.56 21.78
C ALA B 303 1.53 -24.98 21.89
N ALA B 304 0.86 -25.96 21.26
CA ALA B 304 1.29 -27.37 21.20
C ALA B 304 2.64 -27.48 20.46
N ALA B 305 2.78 -26.74 19.35
CA ALA B 305 3.99 -26.70 18.49
C ALA B 305 5.15 -26.03 19.23
N ILE B 306 4.85 -25.00 20.05
CA ILE B 306 5.86 -24.25 20.87
C ILE B 306 6.40 -25.20 21.96
N ARG B 307 5.52 -25.93 22.64
CA ARG B 307 5.87 -26.91 23.71
C ARG B 307 6.69 -28.05 23.10
N ALA B 308 6.33 -28.50 21.90
CA ALA B 308 7.01 -29.58 21.14
C ALA B 308 8.44 -29.13 20.80
N GLU B 309 8.63 -27.87 20.41
CA GLU B 309 9.95 -27.29 20.03
C GLU B 309 10.82 -27.12 21.28
N LEU B 310 10.23 -26.66 22.39
CA LEU B 310 10.93 -26.47 23.70
C LEU B 310 11.37 -27.83 24.25
N ALA B 311 10.62 -28.90 23.95
CA ALA B 311 10.93 -30.29 24.35
C ALA B 311 12.21 -30.78 23.66
N LYS B 312 12.41 -30.41 22.39
CA LYS B 312 13.60 -30.77 21.58
C LYS B 312 14.84 -30.03 22.11
N MET B 313 14.63 -28.87 22.77
CA MET B 313 15.72 -28.00 23.31
C MET B 313 16.10 -28.44 24.73
N GLU B 314 15.25 -29.24 25.39
CA GLU B 314 15.45 -29.70 26.80
C GLU B 314 16.85 -30.29 26.97
N PRO B 315 17.29 -31.25 26.12
CA PRO B 315 18.59 -31.90 26.31
C PRO B 315 19.81 -30.97 26.29
N PHE B 316 19.73 -29.85 25.57
CA PHE B 316 20.86 -28.93 25.29
C PHE B 316 20.95 -27.82 26.34
N PHE B 317 19.93 -27.69 27.21
CA PHE B 317 19.89 -26.71 28.33
C PHE B 317 21.03 -27.00 29.31
N PRO B 318 21.76 -25.97 29.81
CA PRO B 318 22.71 -26.17 30.91
C PRO B 318 22.02 -26.65 32.19
N SER B 319 22.81 -27.14 33.15
CA SER B 319 22.34 -27.63 34.47
C SER B 319 21.69 -26.48 35.25
N GLY B 320 20.46 -26.67 35.72
CA GLY B 320 19.71 -25.69 36.54
C GLY B 320 18.67 -24.94 35.74
N LEU B 321 18.84 -24.82 34.42
CA LEU B 321 17.91 -24.09 33.52
C LEU B 321 16.60 -24.87 33.41
N LYS B 322 15.47 -24.19 33.57
CA LYS B 322 14.10 -24.79 33.54
C LYS B 322 13.15 -23.82 32.82
N ILE B 323 12.17 -24.38 32.09
CA ILE B 323 11.09 -23.61 31.39
C ILE B 323 9.88 -23.54 32.32
N VAL B 324 9.27 -22.35 32.43
CA VAL B 324 8.04 -22.09 33.23
C VAL B 324 7.09 -21.23 32.38
N TYR B 325 5.78 -21.38 32.59
CA TYR B 325 4.69 -20.75 31.80
C TYR B 325 3.85 -19.85 32.71
N PRO B 326 4.37 -18.68 33.13
CA PRO B 326 3.63 -17.77 34.02
C PRO B 326 2.35 -17.21 33.39
N TYR B 327 2.35 -16.97 32.07
CA TYR B 327 1.19 -16.45 31.28
C TYR B 327 0.97 -17.33 30.06
N ASP B 328 -0.23 -17.90 29.92
CA ASP B 328 -0.67 -18.72 28.76
C ASP B 328 -2.19 -18.60 28.64
N THR B 329 -2.66 -18.16 27.46
CA THR B 329 -4.10 -17.85 27.18
C THR B 329 -4.82 -19.10 26.63
N THR B 330 -4.07 -20.09 26.12
CA THR B 330 -4.61 -21.26 25.38
C THR B 330 -5.39 -22.20 26.33
N PRO B 331 -4.98 -22.39 27.61
CA PRO B 331 -5.80 -23.15 28.56
C PRO B 331 -7.19 -22.53 28.76
N PHE B 332 -7.29 -21.21 28.68
CA PHE B 332 -8.55 -20.42 28.78
C PHE B 332 -9.39 -20.63 27.52
N VAL B 333 -8.75 -20.65 26.35
CA VAL B 333 -9.40 -20.80 25.01
C VAL B 333 -9.94 -22.23 24.87
N LYS B 334 -9.18 -23.23 25.34
CA LYS B 334 -9.53 -24.67 25.27
C LYS B 334 -10.82 -24.91 26.08
N ILE B 335 -10.93 -24.30 27.27
CA ILE B 335 -12.10 -24.40 28.18
C ILE B 335 -13.30 -23.70 27.53
N SER B 336 -13.08 -22.54 26.92
CA SER B 336 -14.11 -21.73 26.23
C SER B 336 -14.79 -22.55 25.12
N ILE B 337 -13.99 -23.25 24.31
CA ILE B 337 -14.47 -24.11 23.18
C ILE B 337 -15.24 -25.31 23.76
N HIS B 338 -14.64 -26.00 24.73
CA HIS B 338 -15.21 -27.19 25.43
C HIS B 338 -16.58 -26.83 26.02
N GLU B 339 -16.65 -25.73 26.78
CA GLU B 339 -17.86 -25.26 27.50
C GLU B 339 -18.97 -24.90 26.50
N VAL B 340 -18.61 -24.36 25.34
CA VAL B 340 -19.57 -23.89 24.29
C VAL B 340 -20.10 -25.11 23.52
N VAL B 341 -19.22 -26.08 23.20
CA VAL B 341 -19.60 -27.37 22.55
C VAL B 341 -20.49 -28.16 23.52
N LYS B 342 -20.17 -28.12 24.82
CA LYS B 342 -20.95 -28.77 25.90
C LYS B 342 -22.36 -28.15 25.95
N THR B 343 -22.44 -26.81 25.87
CA THR B 343 -23.70 -26.02 25.92
C THR B 343 -24.58 -26.39 24.71
N LEU B 344 -24.00 -26.47 23.52
CA LEU B 344 -24.70 -26.77 22.25
C LEU B 344 -25.19 -28.23 22.26
N VAL B 345 -24.37 -29.15 22.79
CA VAL B 345 -24.70 -30.60 22.92
C VAL B 345 -25.84 -30.75 23.93
N GLU B 346 -25.70 -30.14 25.12
CA GLU B 346 -26.70 -30.17 26.22
C GLU B 346 -28.02 -29.55 25.75
N ALA B 347 -27.95 -28.47 24.95
CA ALA B 347 -29.12 -27.77 24.37
C ALA B 347 -29.92 -28.73 23.47
N ILE B 348 -29.21 -29.48 22.60
CA ILE B 348 -29.81 -30.45 21.64
C ILE B 348 -30.44 -31.62 22.42
N ILE B 349 -29.78 -32.05 23.51
CA ILE B 349 -30.26 -33.14 24.42
C ILE B 349 -31.55 -32.67 25.10
N LEU B 350 -31.60 -31.43 25.57
CA LEU B 350 -32.77 -30.84 26.29
C LEU B 350 -33.96 -30.72 25.33
N VAL B 351 -33.73 -30.29 24.08
CA VAL B 351 -34.78 -30.19 23.02
C VAL B 351 -35.38 -31.59 22.81
N PHE B 352 -34.52 -32.61 22.70
CA PHE B 352 -34.90 -34.04 22.50
C PHE B 352 -35.85 -34.48 23.63
N LEU B 353 -35.50 -34.18 24.89
CA LEU B 353 -36.30 -34.54 26.09
C LEU B 353 -37.65 -33.82 26.06
N VAL B 354 -37.64 -32.52 25.79
CA VAL B 354 -38.86 -31.65 25.77
C VAL B 354 -39.75 -32.05 24.58
N MET B 355 -39.14 -32.35 23.42
CA MET B 355 -39.86 -32.81 22.20
C MET B 355 -40.62 -34.11 22.52
N TYR B 356 -39.99 -35.04 23.23
CA TYR B 356 -40.55 -36.37 23.59
C TYR B 356 -41.63 -36.21 24.67
N LEU B 357 -41.44 -35.27 25.61
CA LEU B 357 -42.37 -35.01 26.73
C LEU B 357 -43.75 -34.60 26.19
N PHE B 358 -43.79 -33.82 25.10
CA PHE B 358 -45.02 -33.22 24.52
C PHE B 358 -45.56 -34.06 23.35
N LEU B 359 -44.68 -34.45 22.41
CA LEU B 359 -45.07 -35.11 21.14
C LEU B 359 -45.12 -36.64 21.32
N GLN B 360 -44.21 -37.21 22.11
CA GLN B 360 -44.22 -38.62 22.57
C GLN B 360 -44.05 -39.56 21.35
N ASN B 361 -43.02 -39.32 20.54
CA ASN B 361 -42.60 -40.22 19.43
C ASN B 361 -41.17 -39.84 19.01
N PHE B 362 -40.27 -40.82 18.95
CA PHE B 362 -38.82 -40.64 18.69
C PHE B 362 -38.60 -40.11 17.26
N ARG B 363 -39.49 -40.44 16.32
CA ARG B 363 -39.41 -40.01 14.90
C ARG B 363 -39.43 -38.48 14.82
N ALA B 364 -40.24 -37.83 15.66
CA ALA B 364 -40.40 -36.35 15.72
C ALA B 364 -39.18 -35.72 16.41
N THR B 365 -38.61 -36.38 17.43
CA THR B 365 -37.50 -35.85 18.27
C THR B 365 -36.18 -35.83 17.48
N LEU B 366 -36.11 -36.57 16.36
CA LEU B 366 -34.87 -36.70 15.53
C LEU B 366 -34.75 -35.55 14.54
N ILE B 367 -35.85 -34.86 14.19
CA ILE B 367 -35.86 -33.78 13.16
C ILE B 367 -35.04 -32.58 13.67
N PRO B 368 -35.25 -32.09 14.91
CA PRO B 368 -34.38 -31.06 15.48
C PRO B 368 -32.91 -31.51 15.63
N THR B 369 -32.69 -32.78 15.98
CA THR B 369 -31.35 -33.39 16.21
C THR B 369 -30.51 -33.33 14.93
N ILE B 370 -31.16 -33.38 13.76
CA ILE B 370 -30.52 -33.28 12.41
C ILE B 370 -30.38 -31.80 12.03
N ALA B 371 -31.44 -31.02 12.19
CA ALA B 371 -31.58 -29.62 11.70
C ALA B 371 -30.55 -28.70 12.37
N VAL B 372 -30.45 -28.74 13.70
CA VAL B 372 -29.66 -27.76 14.51
C VAL B 372 -28.17 -27.90 14.18
N PRO B 373 -27.56 -29.10 14.23
CA PRO B 373 -26.17 -29.28 13.82
C PRO B 373 -25.85 -28.80 12.39
N VAL B 374 -26.78 -29.02 11.45
CA VAL B 374 -26.65 -28.56 10.03
C VAL B 374 -26.53 -27.04 10.00
N VAL B 375 -27.34 -26.34 10.80
CA VAL B 375 -27.38 -24.85 10.88
C VAL B 375 -26.08 -24.35 11.52
N LEU B 376 -25.65 -24.98 12.63
CA LEU B 376 -24.42 -24.61 13.38
C LEU B 376 -23.20 -24.79 12.47
N LEU B 377 -23.08 -25.94 11.81
CA LEU B 377 -21.98 -26.25 10.84
C LEU B 377 -21.99 -25.21 9.71
N GLY B 378 -23.16 -24.91 9.17
CA GLY B 378 -23.36 -23.87 8.13
C GLY B 378 -22.85 -22.51 8.58
N THR B 379 -23.07 -22.16 9.85
CA THR B 379 -22.65 -20.87 10.47
C THR B 379 -21.13 -20.72 10.36
N PHE B 380 -20.38 -21.78 10.69
CA PHE B 380 -18.89 -21.82 10.65
C PHE B 380 -18.40 -21.57 9.22
N ALA B 381 -19.08 -22.12 8.22
CA ALA B 381 -18.77 -21.97 6.78
C ALA B 381 -18.91 -20.51 6.36
N VAL B 382 -20.01 -19.86 6.78
CA VAL B 382 -20.27 -18.40 6.53
C VAL B 382 -19.26 -17.58 7.33
N LEU B 383 -18.99 -17.98 8.58
CA LEU B 383 -18.01 -17.34 9.49
C LEU B 383 -16.63 -17.28 8.81
N ALA B 384 -16.19 -18.43 8.27
CA ALA B 384 -14.89 -18.61 7.58
C ALA B 384 -14.85 -17.76 6.31
N ALA B 385 -15.90 -17.84 5.50
CA ALA B 385 -16.05 -17.13 4.19
C ALA B 385 -15.88 -15.62 4.39
N PHE B 386 -16.40 -15.07 5.49
CA PHE B 386 -16.40 -13.62 5.83
C PHE B 386 -15.06 -13.22 6.44
N GLY B 387 -14.19 -14.20 6.76
CA GLY B 387 -12.82 -13.98 7.26
C GLY B 387 -12.77 -13.86 8.77
N PHE B 388 -13.83 -14.28 9.47
CA PHE B 388 -13.93 -14.28 10.96
C PHE B 388 -13.22 -15.53 11.50
N SER B 389 -12.87 -15.50 12.78
CA SER B 389 -12.15 -16.59 13.51
C SER B 389 -13.04 -17.15 14.61
N ILE B 390 -12.67 -18.32 15.14
CA ILE B 390 -13.28 -18.93 16.37
C ILE B 390 -12.64 -18.24 17.58
N ASN B 391 -13.39 -17.36 18.24
CA ASN B 391 -12.93 -16.57 19.43
C ASN B 391 -14.06 -16.51 20.46
N THR B 392 -13.76 -15.99 21.66
CA THR B 392 -14.68 -15.86 22.81
C THR B 392 -16.00 -15.21 22.35
N LEU B 393 -15.91 -14.17 21.52
CA LEU B 393 -17.07 -13.33 21.12
C LEU B 393 -17.94 -14.08 20.11
N THR B 394 -17.33 -14.76 19.13
CA THR B 394 -18.03 -15.54 18.07
C THR B 394 -18.65 -16.81 18.67
N MET B 395 -17.96 -17.45 19.62
N MET B 395 -17.95 -17.46 19.62
CA MET B 395 -18.41 -18.72 20.28
CA MET B 395 -18.39 -18.70 20.30
C MET B 395 -19.65 -18.44 21.14
C MET B 395 -19.64 -18.43 21.13
N PHE B 396 -19.59 -17.41 22.00
CA PHE B 396 -20.74 -16.99 22.86
C PHE B 396 -21.84 -16.37 22.00
N GLY B 397 -21.48 -15.85 20.82
CA GLY B 397 -22.44 -15.36 19.81
C GLY B 397 -23.42 -16.44 19.38
N MET B 398 -22.92 -17.67 19.17
CA MET B 398 -23.74 -18.85 18.76
C MET B 398 -24.54 -19.37 19.96
N VAL B 399 -23.97 -19.29 21.17
CA VAL B 399 -24.64 -19.67 22.46
C VAL B 399 -25.86 -18.77 22.66
N LEU B 400 -25.73 -17.47 22.36
CA LEU B 400 -26.81 -16.45 22.48
C LEU B 400 -27.86 -16.67 21.39
N ALA B 401 -27.51 -17.35 20.30
CA ALA B 401 -28.38 -17.62 19.13
C ALA B 401 -29.09 -18.97 19.28
N ILE B 402 -28.69 -19.81 20.24
CA ILE B 402 -29.24 -21.18 20.46
C ILE B 402 -30.77 -21.12 20.44
N GLY B 403 -31.37 -20.22 21.22
CA GLY B 403 -32.83 -20.05 21.36
C GLY B 403 -33.52 -19.90 20.01
N LEU B 404 -32.93 -19.10 19.10
CA LEU B 404 -33.52 -18.78 17.77
C LEU B 404 -33.46 -20.03 16.87
N LEU B 405 -32.37 -20.81 16.96
CA LEU B 405 -32.14 -22.03 16.14
C LEU B 405 -33.05 -23.16 16.63
N VAL B 406 -33.11 -23.36 17.95
CA VAL B 406 -33.96 -24.37 18.65
C VAL B 406 -35.44 -24.13 18.30
N ASP B 407 -35.86 -22.85 18.26
CA ASP B 407 -37.28 -22.45 18.03
C ASP B 407 -37.70 -22.81 16.59
N ASP B 408 -36.88 -22.48 15.60
CA ASP B 408 -37.13 -22.77 14.17
C ASP B 408 -37.43 -24.26 13.99
N ALA B 409 -36.67 -25.12 14.69
CA ALA B 409 -36.82 -26.60 14.66
C ALA B 409 -38.16 -27.00 15.29
N ILE B 410 -38.43 -26.55 16.51
CA ILE B 410 -39.65 -26.89 17.30
C ILE B 410 -40.90 -26.40 16.55
N VAL B 411 -40.91 -25.12 16.14
CA VAL B 411 -42.07 -24.44 15.50
C VAL B 411 -42.55 -25.24 14.28
N VAL B 412 -41.62 -25.67 13.41
CA VAL B 412 -41.94 -26.35 12.12
C VAL B 412 -42.54 -27.74 12.39
N VAL B 413 -41.94 -28.50 13.32
CA VAL B 413 -42.33 -29.91 13.63
C VAL B 413 -43.64 -29.88 14.43
N GLU B 414 -43.72 -29.07 15.48
CA GLU B 414 -44.88 -28.96 16.40
C GLU B 414 -46.15 -28.61 15.60
N ASN B 415 -46.04 -27.67 14.65
CA ASN B 415 -47.19 -27.17 13.84
C ASN B 415 -47.74 -28.31 12.97
N VAL B 416 -46.87 -29.17 12.44
CA VAL B 416 -47.26 -30.36 11.61
C VAL B 416 -47.98 -31.37 12.52
N GLU B 417 -47.43 -31.63 13.71
CA GLU B 417 -47.98 -32.59 14.71
C GLU B 417 -49.39 -32.15 15.12
N ARG B 418 -49.62 -30.83 15.23
CA ARG B 418 -50.93 -30.23 15.59
C ARG B 418 -51.93 -30.46 14.45
N VAL B 419 -51.56 -30.06 13.23
CA VAL B 419 -52.42 -30.15 12.01
C VAL B 419 -52.88 -31.60 11.82
N MET B 420 -51.97 -32.57 11.96
CA MET B 420 -52.27 -34.02 11.86
C MET B 420 -53.27 -34.43 12.95
N ALA B 421 -53.05 -33.98 14.18
CA ALA B 421 -53.86 -34.35 15.38
C ALA B 421 -55.26 -33.72 15.30
N GLU B 422 -55.39 -32.57 14.62
CA GLU B 422 -56.64 -31.75 14.60
C GLU B 422 -57.47 -32.05 13.35
N GLU B 423 -56.84 -32.37 12.21
CA GLU B 423 -57.53 -32.56 10.90
C GLU B 423 -57.35 -33.99 10.38
N GLY B 424 -56.46 -34.79 10.97
CA GLY B 424 -56.26 -36.22 10.61
C GLY B 424 -55.64 -36.39 9.23
N LEU B 425 -54.86 -35.41 8.77
CA LEU B 425 -54.18 -35.43 7.44
C LEU B 425 -52.95 -36.32 7.51
N PRO B 426 -52.56 -36.99 6.40
CA PRO B 426 -51.28 -37.71 6.35
C PRO B 426 -50.08 -36.78 6.52
N PRO B 427 -48.93 -37.29 7.02
CA PRO B 427 -47.74 -36.46 7.26
C PRO B 427 -47.37 -35.47 6.13
N LYS B 428 -47.41 -35.93 4.87
CA LYS B 428 -47.00 -35.14 3.68
C LYS B 428 -47.98 -34.00 3.45
N GLU B 429 -49.28 -34.31 3.35
CA GLU B 429 -50.38 -33.31 3.15
C GLU B 429 -50.45 -32.36 4.35
N ALA B 430 -50.17 -32.87 5.56
CA ALA B 430 -50.16 -32.11 6.83
C ALA B 430 -49.04 -31.06 6.80
N THR B 431 -47.86 -31.44 6.28
CA THR B 431 -46.65 -30.56 6.17
C THR B 431 -46.93 -29.45 5.16
N ARG B 432 -47.51 -29.77 4.00
CA ARG B 432 -47.88 -28.79 2.95
C ARG B 432 -48.72 -27.66 3.56
N LYS B 433 -49.77 -28.02 4.30
CA LYS B 433 -50.71 -27.06 4.95
C LYS B 433 -49.98 -26.33 6.09
N SER B 434 -49.30 -27.08 6.97
CA SER B 434 -48.56 -26.57 8.15
C SER B 434 -47.55 -25.50 7.73
N MET B 435 -46.70 -25.80 6.74
CA MET B 435 -45.70 -24.86 6.18
C MET B 435 -46.41 -23.66 5.54
N GLY B 436 -47.55 -23.90 4.87
CA GLY B 436 -48.38 -22.86 4.23
C GLY B 436 -48.88 -21.83 5.22
N GLN B 437 -48.91 -22.15 6.51
CA GLN B 437 -49.42 -21.27 7.61
C GLN B 437 -48.27 -20.45 8.20
N ILE B 438 -47.02 -20.93 8.12
CA ILE B 438 -45.85 -20.34 8.83
C ILE B 438 -44.77 -19.84 7.86
N GLN B 439 -44.78 -20.26 6.59
CA GLN B 439 -43.69 -19.96 5.62
C GLN B 439 -43.56 -18.44 5.45
N GLY B 440 -44.68 -17.73 5.34
CA GLY B 440 -44.73 -16.26 5.19
C GLY B 440 -44.15 -15.56 6.41
N ALA B 441 -44.47 -16.04 7.61
CA ALA B 441 -44.03 -15.50 8.90
C ALA B 441 -42.51 -15.70 9.06
N LEU B 442 -42.03 -16.93 8.81
CA LEU B 442 -40.59 -17.32 8.93
C LEU B 442 -39.71 -16.39 8.09
N VAL B 443 -40.14 -16.10 6.85
CA VAL B 443 -39.45 -15.16 5.90
C VAL B 443 -39.51 -13.75 6.50
N GLY B 444 -40.66 -13.35 7.04
CA GLY B 444 -40.86 -12.04 7.71
C GLY B 444 -39.99 -11.92 8.96
N ILE B 445 -39.95 -12.97 9.79
CA ILE B 445 -39.15 -13.05 11.05
C ILE B 445 -37.68 -12.82 10.71
N ALA B 446 -37.19 -13.44 9.63
CA ALA B 446 -35.79 -13.34 9.14
C ALA B 446 -35.44 -11.88 8.87
N MET B 447 -36.34 -11.14 8.22
CA MET B 447 -36.13 -9.71 7.82
C MET B 447 -36.17 -8.81 9.06
N VAL B 448 -37.08 -9.08 10.01
CA VAL B 448 -37.24 -8.31 11.27
C VAL B 448 -35.97 -8.48 12.11
N LEU B 449 -35.49 -9.71 12.28
CA LEU B 449 -34.28 -10.04 13.09
C LEU B 449 -33.03 -9.47 12.41
N SER B 450 -33.00 -9.44 11.07
CA SER B 450 -31.93 -8.78 10.27
C SER B 450 -31.87 -7.29 10.62
N ALA B 451 -33.03 -6.62 10.64
CA ALA B 451 -33.19 -5.19 10.97
C ALA B 451 -32.72 -4.91 12.40
N VAL B 452 -32.85 -5.90 13.31
CA VAL B 452 -32.47 -5.77 14.75
C VAL B 452 -30.94 -5.89 14.89
N PHE B 453 -30.31 -6.82 14.19
CA PHE B 453 -28.91 -7.26 14.44
C PHE B 453 -27.93 -6.62 13.44
N VAL B 454 -28.30 -6.47 12.16
CA VAL B 454 -27.37 -6.01 11.08
C VAL B 454 -26.83 -4.61 11.42
N PRO B 455 -27.68 -3.62 11.79
CA PRO B 455 -27.19 -2.27 12.10
C PRO B 455 -26.16 -2.22 13.24
N MET B 456 -26.18 -3.21 14.13
CA MET B 456 -25.23 -3.35 15.28
C MET B 456 -23.79 -3.49 14.76
N ALA B 457 -23.61 -3.99 13.54
CA ALA B 457 -22.29 -4.22 12.90
C ALA B 457 -21.73 -2.92 12.29
N PHE B 458 -22.53 -1.85 12.22
CA PHE B 458 -22.17 -0.56 11.56
C PHE B 458 -21.76 0.49 12.59
N PHE B 459 -21.52 0.08 13.84
CA PHE B 459 -20.81 0.89 14.87
C PHE B 459 -19.33 0.96 14.50
N GLY B 460 -18.67 2.08 14.80
CA GLY B 460 -17.24 2.34 14.47
C GLY B 460 -16.34 2.14 15.68
N GLY B 461 -15.04 2.05 15.44
CA GLY B 461 -13.99 1.98 16.49
C GLY B 461 -13.90 0.60 17.11
N SER B 462 -13.46 0.54 18.37
CA SER B 462 -13.22 -0.70 19.15
C SER B 462 -14.55 -1.40 19.48
N THR B 463 -15.53 -0.63 19.97
CA THR B 463 -16.89 -1.12 20.34
C THR B 463 -17.56 -1.75 19.11
N GLY B 464 -17.47 -1.07 17.96
CA GLY B 464 -18.02 -1.55 16.67
C GLY B 464 -17.49 -2.91 16.28
N ALA B 465 -16.17 -3.10 16.40
CA ALA B 465 -15.45 -4.36 16.06
C ALA B 465 -15.98 -5.50 16.94
N ILE B 466 -16.17 -5.25 18.25
CA ILE B 466 -16.71 -6.24 19.24
C ILE B 466 -18.14 -6.61 18.86
N TYR B 467 -18.99 -5.61 18.61
CA TYR B 467 -20.43 -5.77 18.28
C TYR B 467 -20.59 -6.50 16.94
N ARG B 468 -19.67 -6.28 15.99
CA ARG B 468 -19.70 -6.87 14.63
C ARG B 468 -19.48 -8.39 14.72
N GLN B 469 -18.73 -8.86 15.72
CA GLN B 469 -18.46 -10.32 15.94
C GLN B 469 -19.78 -11.04 16.26
N PHE B 470 -20.56 -10.50 17.19
CA PHE B 470 -21.89 -11.05 17.62
C PHE B 470 -22.90 -10.89 16.48
N SER B 471 -22.94 -9.71 15.87
CA SER B 471 -23.89 -9.32 14.78
C SER B 471 -23.83 -10.34 13.64
N ILE B 472 -22.65 -10.54 13.05
CA ILE B 472 -22.43 -11.40 11.84
C ILE B 472 -22.73 -12.86 12.20
N THR B 473 -22.29 -13.31 13.38
CA THR B 473 -22.46 -14.71 13.86
C THR B 473 -23.94 -15.04 14.04
N ILE B 474 -24.70 -14.16 14.71
CA ILE B 474 -26.15 -14.37 15.04
C ILE B 474 -26.97 -14.28 13.74
N VAL B 475 -26.70 -13.28 12.89
CA VAL B 475 -27.45 -13.03 11.61
C VAL B 475 -27.21 -14.21 10.66
N SER B 476 -25.98 -14.75 10.62
CA SER B 476 -25.58 -15.91 9.79
C SER B 476 -26.32 -17.17 10.26
N ALA B 477 -26.24 -17.46 11.56
CA ALA B 477 -26.87 -18.63 12.22
C ALA B 477 -28.39 -18.57 12.01
N MET B 478 -28.98 -17.39 12.19
CA MET B 478 -30.45 -17.15 12.07
C MET B 478 -30.90 -17.31 10.61
N ALA B 479 -30.11 -16.80 9.66
CA ALA B 479 -30.40 -16.83 8.20
C ALA B 479 -30.42 -18.27 7.69
N LEU B 480 -29.47 -19.10 8.13
CA LEU B 480 -29.36 -20.54 7.75
C LEU B 480 -30.51 -21.34 8.38
N SER B 481 -30.88 -20.99 9.62
CA SER B 481 -31.97 -21.65 10.39
C SER B 481 -33.29 -21.56 9.62
N VAL B 482 -33.57 -20.38 9.03
CA VAL B 482 -34.80 -20.09 8.24
C VAL B 482 -34.73 -20.85 6.91
N LEU B 483 -33.55 -20.91 6.28
CA LEU B 483 -33.30 -21.66 5.03
C LEU B 483 -33.54 -23.17 5.28
N VAL B 484 -32.96 -23.70 6.35
CA VAL B 484 -33.12 -25.12 6.80
C VAL B 484 -34.61 -25.37 7.14
N ALA B 485 -35.29 -24.37 7.72
CA ALA B 485 -36.72 -24.43 8.11
C ALA B 485 -37.62 -24.44 6.88
N LEU B 486 -37.15 -23.89 5.75
CA LEU B 486 -37.93 -23.79 4.47
C LEU B 486 -37.49 -24.86 3.47
N ILE B 487 -36.43 -25.61 3.75
CA ILE B 487 -35.84 -26.62 2.83
C ILE B 487 -35.82 -28.00 3.50
N LEU B 488 -35.03 -28.16 4.57
CA LEU B 488 -34.70 -29.48 5.17
C LEU B 488 -35.87 -30.00 6.02
N THR B 489 -36.23 -29.29 7.10
CA THR B 489 -37.17 -29.77 8.15
C THR B 489 -38.56 -30.07 7.58
N PRO B 490 -39.06 -29.32 6.55
CA PRO B 490 -40.31 -29.71 5.88
C PRO B 490 -40.20 -31.09 5.21
N ALA B 491 -39.10 -31.36 4.52
CA ALA B 491 -38.81 -32.65 3.83
C ALA B 491 -38.74 -33.78 4.87
N LEU B 492 -38.05 -33.53 6.00
CA LEU B 492 -37.89 -34.52 7.11
C LEU B 492 -39.28 -34.85 7.69
N CYS B 493 -40.09 -33.83 7.98
CA CYS B 493 -41.46 -33.95 8.55
C CYS B 493 -42.32 -34.88 7.68
N ALA B 494 -42.37 -34.61 6.37
CA ALA B 494 -43.23 -35.31 5.39
C ALA B 494 -42.83 -36.78 5.25
N THR B 495 -41.56 -37.11 5.48
CA THR B 495 -40.96 -38.45 5.22
C THR B 495 -40.83 -39.26 6.52
N MET B 496 -40.46 -38.61 7.64
CA MET B 496 -40.03 -39.31 8.88
C MET B 496 -41.18 -39.43 9.89
N LEU B 497 -42.07 -38.42 9.98
CA LEU B 497 -43.19 -38.40 10.97
C LEU B 497 -44.22 -39.48 10.61
N LYS B 498 -45.07 -39.84 11.57
CA LYS B 498 -46.10 -40.91 11.46
C LYS B 498 -47.48 -40.27 11.60
N PRO B 499 -48.53 -40.80 10.93
CA PRO B 499 -49.86 -40.20 10.97
C PRO B 499 -50.47 -40.21 12.38
N ILE B 500 -51.32 -39.21 12.67
CA ILE B 500 -52.09 -39.08 13.94
C ILE B 500 -53.58 -39.04 13.58
N ALA B 501 -54.40 -39.86 14.27
CA ALA B 501 -55.87 -39.93 14.10
C ALA B 501 -56.49 -38.60 14.53
N LYS B 502 -57.54 -38.16 13.82
CA LYS B 502 -58.23 -36.87 14.08
C LYS B 502 -58.79 -36.86 15.50
N GLY B 503 -58.36 -35.89 16.32
CA GLY B 503 -58.85 -35.68 17.70
C GLY B 503 -58.03 -36.43 18.74
N ASP B 504 -56.96 -37.12 18.32
CA ASP B 504 -56.07 -37.92 19.21
C ASP B 504 -55.00 -37.00 19.81
N HIS B 505 -55.18 -36.57 21.06
CA HIS B 505 -54.25 -35.70 21.82
C HIS B 505 -53.58 -36.52 22.93
N GLY B 506 -53.65 -37.86 22.85
CA GLY B 506 -52.97 -38.81 23.75
C GLY B 506 -53.57 -38.83 25.15
N GLU B 507 -54.84 -38.41 25.29
CA GLU B 507 -55.57 -38.39 26.59
C GLU B 507 -56.02 -39.81 26.94
N GLY B 508 -56.11 -40.71 25.96
CA GLY B 508 -56.52 -42.11 26.12
C GLY B 508 -55.35 -43.05 26.39
N LYS B 509 -54.13 -42.52 26.48
CA LYS B 509 -52.90 -43.30 26.78
C LYS B 509 -52.87 -43.64 28.28
N LYS B 510 -51.94 -44.52 28.68
CA LYS B 510 -51.75 -44.98 30.08
C LYS B 510 -50.45 -44.40 30.64
N GLY B 511 -50.29 -44.44 31.98
CA GLY B 511 -49.05 -44.08 32.68
C GLY B 511 -48.83 -42.58 32.75
N PHE B 512 -47.57 -42.14 32.66
CA PHE B 512 -47.12 -40.75 32.84
C PHE B 512 -47.61 -39.87 31.69
N PHE B 513 -47.38 -40.31 30.44
CA PHE B 513 -47.66 -39.54 29.20
C PHE B 513 -49.18 -39.38 29.03
N GLY B 514 -49.97 -40.40 29.39
CA GLY B 514 -51.43 -40.34 29.42
C GLY B 514 -51.94 -39.30 30.42
N TRP B 515 -51.35 -39.29 31.62
CA TRP B 515 -51.64 -38.33 32.72
C TRP B 515 -51.22 -36.93 32.32
N PHE B 516 -50.07 -36.78 31.65
CA PHE B 516 -49.48 -35.50 31.20
C PHE B 516 -50.39 -34.84 30.15
N ASN B 517 -50.80 -35.60 29.14
CA ASN B 517 -51.64 -35.13 28.00
C ASN B 517 -52.94 -34.54 28.56
N ARG B 518 -53.56 -35.21 29.54
CA ARG B 518 -54.78 -34.72 30.25
C ARG B 518 -54.44 -33.44 31.02
N MET B 519 -53.31 -33.45 31.74
CA MET B 519 -52.83 -32.31 32.58
C MET B 519 -52.61 -31.07 31.70
N PHE B 520 -52.05 -31.24 30.50
CA PHE B 520 -51.69 -30.14 29.56
C PHE B 520 -52.94 -29.67 28.80
N GLU B 521 -53.80 -30.59 28.36
CA GLU B 521 -55.07 -30.29 27.65
C GLU B 521 -55.99 -29.48 28.58
N LYS B 522 -55.99 -29.79 29.87
CA LYS B 522 -56.79 -29.09 30.92
C LYS B 522 -56.19 -27.70 31.18
N SER B 523 -54.85 -27.61 31.21
CA SER B 523 -54.07 -26.36 31.45
C SER B 523 -54.29 -25.37 30.29
N THR B 524 -54.48 -25.89 29.07
CA THR B 524 -54.72 -25.10 27.83
C THR B 524 -56.11 -24.45 27.90
N HIS B 525 -57.09 -25.14 28.47
CA HIS B 525 -58.48 -24.64 28.71
C HIS B 525 -58.46 -23.57 29.81
N HIS B 526 -57.70 -23.83 30.89
CA HIS B 526 -57.44 -22.88 32.00
C HIS B 526 -56.78 -21.60 31.45
N TYR B 527 -55.86 -21.75 30.49
CA TYR B 527 -55.10 -20.64 29.86
C TYR B 527 -56.02 -19.77 29.02
N THR B 528 -56.81 -20.38 28.12
CA THR B 528 -57.73 -19.68 27.19
C THR B 528 -58.87 -19.02 27.97
N ASP B 529 -59.25 -19.59 29.13
CA ASP B 529 -60.25 -19.01 30.07
C ASP B 529 -59.68 -17.70 30.65
N SER B 530 -58.39 -17.67 30.98
CA SER B 530 -57.67 -16.49 31.53
C SER B 530 -57.61 -15.37 30.49
N VAL B 531 -57.22 -15.71 29.25
CA VAL B 531 -57.09 -14.75 28.11
C VAL B 531 -58.47 -14.14 27.83
N GLY B 532 -59.52 -14.96 27.80
CA GLY B 532 -60.93 -14.54 27.66
C GLY B 532 -61.32 -13.52 28.71
N GLY B 533 -60.87 -13.74 29.96
CA GLY B 533 -61.11 -12.83 31.10
C GLY B 533 -60.22 -11.61 31.06
N ILE B 534 -59.00 -11.75 30.53
CA ILE B 534 -58.01 -10.63 30.34
C ILE B 534 -58.56 -9.67 29.28
N LEU B 535 -59.07 -10.20 28.17
CA LEU B 535 -59.58 -9.41 27.00
C LEU B 535 -60.96 -8.82 27.31
N ARG B 536 -61.58 -9.22 28.43
CA ARG B 536 -62.83 -8.62 28.95
C ARG B 536 -62.52 -7.33 29.72
N SER B 537 -61.24 -7.11 30.09
CA SER B 537 -60.75 -5.92 30.83
C SER B 537 -59.34 -5.56 30.36
N THR B 538 -59.23 -5.01 29.15
CA THR B 538 -57.94 -4.68 28.47
C THR B 538 -57.31 -3.43 29.08
N GLY B 539 -58.13 -2.41 29.36
CA GLY B 539 -57.70 -1.10 29.91
C GLY B 539 -56.86 -1.24 31.17
N ARG B 540 -57.17 -2.22 32.01
CA ARG B 540 -56.48 -2.53 33.29
C ARG B 540 -55.05 -3.01 33.01
N TYR B 541 -54.86 -3.84 31.97
CA TYR B 541 -53.56 -4.46 31.62
C TYR B 541 -52.69 -3.46 30.86
N LEU B 542 -53.30 -2.53 30.12
CA LEU B 542 -52.59 -1.40 29.46
C LEU B 542 -51.92 -0.52 30.52
N VAL B 543 -52.57 -0.36 31.69
CA VAL B 543 -52.03 0.38 32.87
C VAL B 543 -50.83 -0.40 33.43
N LEU B 544 -50.96 -1.73 33.55
CA LEU B 544 -49.91 -2.63 34.13
C LEU B 544 -48.73 -2.73 33.14
N TYR B 545 -48.98 -2.52 31.85
CA TYR B 545 -47.94 -2.48 30.78
C TYR B 545 -47.05 -1.25 30.97
N LEU B 546 -47.66 -0.08 31.22
CA LEU B 546 -46.94 1.20 31.44
C LEU B 546 -46.13 1.12 32.73
N ILE B 547 -46.63 0.41 33.75
CA ILE B 547 -45.91 0.16 35.03
C ILE B 547 -44.64 -0.66 34.75
N ILE B 548 -44.72 -1.65 33.86
CA ILE B 548 -43.57 -2.48 33.41
C ILE B 548 -42.60 -1.60 32.61
N VAL B 549 -43.12 -0.76 31.71
CA VAL B 549 -42.32 0.18 30.86
C VAL B 549 -41.61 1.20 31.76
N VAL B 550 -42.31 1.75 32.76
CA VAL B 550 -41.74 2.70 33.77
C VAL B 550 -40.72 1.94 34.62
N GLY B 551 -41.10 0.76 35.14
CA GLY B 551 -40.23 -0.14 35.92
C GLY B 551 -38.96 -0.51 35.16
N MET B 552 -39.09 -0.76 33.86
CA MET B 552 -37.97 -1.08 32.93
C MET B 552 -37.00 0.11 32.88
N ALA B 553 -37.50 1.29 32.49
CA ALA B 553 -36.74 2.55 32.33
C ALA B 553 -35.95 2.86 33.60
N TYR B 554 -36.62 2.79 34.76
CA TYR B 554 -36.03 3.02 36.11
C TYR B 554 -34.85 2.08 36.33
N LEU B 555 -35.07 0.78 36.16
CA LEU B 555 -34.08 -0.30 36.45
C LEU B 555 -32.95 -0.27 35.42
N PHE B 556 -33.20 0.29 34.24
CA PHE B 556 -32.22 0.44 33.12
C PHE B 556 -31.21 1.54 33.47
N VAL B 557 -31.67 2.67 34.00
CA VAL B 557 -30.85 3.86 34.37
C VAL B 557 -29.91 3.50 35.54
N ARG B 558 -30.43 2.76 36.53
CA ARG B 558 -29.71 2.46 37.81
C ARG B 558 -28.72 1.31 37.64
N LEU B 559 -28.79 0.56 36.53
CA LEU B 559 -27.85 -0.56 36.22
C LEU B 559 -26.52 0.00 35.74
N PRO B 560 -25.41 -0.16 36.51
CA PRO B 560 -24.09 0.29 36.06
C PRO B 560 -23.68 -0.36 34.72
N SER B 561 -23.10 0.42 33.81
CA SER B 561 -22.71 0.00 32.45
C SER B 561 -21.19 -0.21 32.36
N SER B 562 -20.77 -1.35 31.80
CA SER B 562 -19.36 -1.72 31.50
C SER B 562 -19.28 -2.26 30.07
N PHE B 563 -18.11 -2.75 29.65
CA PHE B 563 -17.87 -3.31 28.29
C PHE B 563 -17.82 -4.84 28.37
N LEU B 564 -16.86 -5.39 29.13
CA LEU B 564 -16.68 -6.85 29.33
C LEU B 564 -16.40 -7.12 30.81
N PRO B 565 -17.00 -8.19 31.39
CA PRO B 565 -16.81 -8.49 32.81
C PRO B 565 -15.39 -9.01 33.12
N ASP B 566 -14.87 -8.66 34.30
CA ASP B 566 -13.55 -9.11 34.81
C ASP B 566 -13.57 -10.63 34.96
N GLU B 567 -12.45 -11.29 34.67
CA GLU B 567 -12.31 -12.77 34.67
C GLU B 567 -11.16 -13.18 35.60
N ASP B 568 -11.32 -14.31 36.30
CA ASP B 568 -10.20 -15.05 36.95
C ASP B 568 -9.46 -15.80 35.84
N GLN B 569 -8.37 -15.21 35.34
CA GLN B 569 -7.55 -15.76 34.22
C GLN B 569 -6.31 -16.47 34.77
N GLY B 570 -6.22 -16.60 36.10
CA GLY B 570 -5.11 -17.30 36.79
C GLY B 570 -3.87 -16.42 36.91
N VAL B 571 -4.00 -15.11 36.65
CA VAL B 571 -2.87 -14.13 36.68
C VAL B 571 -3.42 -12.75 37.06
N PHE B 572 -2.59 -11.92 37.70
CA PHE B 572 -2.87 -10.50 38.06
C PHE B 572 -1.54 -9.79 38.39
N MET B 573 -1.52 -8.47 38.23
CA MET B 573 -0.32 -7.61 38.43
C MET B 573 -0.35 -6.99 39.83
N THR B 574 0.82 -6.54 40.31
CA THR B 574 0.99 -5.78 41.59
C THR B 574 1.97 -4.62 41.34
N MET B 575 1.46 -3.40 41.21
CA MET B 575 2.25 -2.16 40.96
C MET B 575 3.03 -1.81 42.23
N VAL B 576 4.27 -1.33 42.06
CA VAL B 576 5.19 -0.91 43.16
C VAL B 576 5.89 0.39 42.74
N GLN B 577 5.41 1.54 43.24
CA GLN B 577 5.97 2.89 42.99
C GLN B 577 6.62 3.40 44.29
N LEU B 578 7.89 3.82 44.21
CA LEU B 578 8.67 4.37 45.36
C LEU B 578 8.85 5.87 45.16
N PRO B 579 9.20 6.64 46.22
CA PRO B 579 9.36 8.09 46.12
C PRO B 579 10.44 8.50 45.10
N ALA B 580 10.39 9.76 44.64
CA ALA B 580 11.28 10.35 43.62
C ALA B 580 12.74 10.22 44.06
N GLY B 581 13.60 9.65 43.20
CA GLY B 581 15.05 9.52 43.43
C GLY B 581 15.41 8.25 44.18
N ALA B 582 14.46 7.34 44.37
CA ALA B 582 14.67 6.03 45.04
C ALA B 582 15.46 5.10 44.11
N THR B 583 16.38 4.32 44.68
CA THR B 583 17.36 3.48 43.95
C THR B 583 16.78 2.10 43.65
N GLN B 584 17.48 1.32 42.82
CA GLN B 584 17.08 -0.03 42.34
C GLN B 584 17.03 -1.00 43.53
N GLU B 585 18.01 -0.93 44.44
CA GLU B 585 18.14 -1.80 45.63
C GLU B 585 16.91 -1.67 46.53
N ARG B 586 16.45 -0.43 46.78
CA ARG B 586 15.29 -0.11 47.65
C ARG B 586 14.01 -0.72 47.07
N THR B 587 13.83 -0.62 45.75
CA THR B 587 12.65 -1.17 45.01
C THR B 587 12.63 -2.69 45.13
N GLN B 588 13.80 -3.32 45.18
CA GLN B 588 13.97 -4.80 45.29
C GLN B 588 13.47 -5.26 46.66
N LYS B 589 13.78 -4.51 47.73
CA LYS B 589 13.37 -4.82 49.13
C LYS B 589 11.85 -4.90 49.21
N VAL B 590 11.15 -4.01 48.51
CA VAL B 590 9.65 -3.95 48.49
C VAL B 590 9.12 -5.14 47.69
N LEU B 591 9.71 -5.40 46.49
CA LEU B 591 9.33 -6.53 45.61
C LEU B 591 9.59 -7.87 46.32
N ASN B 592 10.64 -7.95 47.13
CA ASN B 592 10.98 -9.14 47.96
C ASN B 592 9.87 -9.35 49.00
N GLU B 593 9.44 -8.29 49.68
CA GLU B 593 8.33 -8.30 50.68
C GLU B 593 7.04 -8.74 49.98
N VAL B 594 6.76 -8.18 48.79
CA VAL B 594 5.56 -8.50 47.96
C VAL B 594 5.61 -9.98 47.56
N THR B 595 6.76 -10.43 47.04
CA THR B 595 7.02 -11.83 46.62
C THR B 595 6.85 -12.77 47.83
N HIS B 596 7.48 -12.43 48.97
CA HIS B 596 7.44 -13.22 50.23
C HIS B 596 6.00 -13.41 50.69
N TYR B 597 5.19 -12.33 50.68
CA TYR B 597 3.76 -12.32 51.09
C TYR B 597 2.98 -13.35 50.26
N TYR B 598 3.10 -13.29 48.93
CA TYR B 598 2.32 -14.09 47.97
C TYR B 598 2.65 -15.59 48.10
N LEU B 599 3.88 -15.92 48.49
CA LEU B 599 4.38 -17.33 48.62
C LEU B 599 4.24 -17.81 50.08
N THR B 600 3.75 -16.96 50.98
CA THR B 600 3.54 -17.26 52.43
C THR B 600 2.04 -17.30 52.73
N LYS B 601 1.36 -16.16 52.58
CA LYS B 601 -0.07 -15.97 52.94
C LYS B 601 -0.99 -16.58 51.88
N GLU B 602 -0.53 -16.64 50.62
CA GLU B 602 -1.32 -17.14 49.46
C GLU B 602 -0.57 -18.27 48.76
N LYS B 603 0.09 -19.16 49.53
CA LYS B 603 0.89 -20.30 48.99
C LYS B 603 -0.04 -21.35 48.37
N ASN B 604 -1.29 -21.43 48.86
CA ASN B 604 -2.32 -22.39 48.39
C ASN B 604 -2.92 -21.92 47.05
N ASN B 605 -2.80 -20.62 46.74
CA ASN B 605 -3.39 -19.99 45.53
C ASN B 605 -2.29 -19.65 44.52
N VAL B 606 -1.22 -18.98 44.96
CA VAL B 606 -0.13 -18.45 44.08
C VAL B 606 0.78 -19.61 43.66
N GLU B 607 1.10 -19.69 42.37
CA GLU B 607 2.05 -20.67 41.77
C GLU B 607 3.44 -20.04 41.71
N SER B 608 3.55 -18.81 41.19
CA SER B 608 4.84 -18.07 41.03
C SER B 608 4.61 -16.55 41.06
N VAL B 609 5.69 -15.80 41.32
CA VAL B 609 5.74 -14.31 41.30
C VAL B 609 6.90 -13.88 40.39
N PHE B 610 6.59 -13.27 39.24
CA PHE B 610 7.57 -12.73 38.27
C PHE B 610 7.84 -11.26 38.62
N ALA B 611 8.89 -11.02 39.42
CA ALA B 611 9.26 -9.69 39.96
C ALA B 611 10.14 -8.94 38.96
N VAL B 612 9.59 -7.94 38.28
CA VAL B 612 10.30 -7.08 37.28
C VAL B 612 10.60 -5.73 37.93
N ASN B 613 11.82 -5.56 38.45
CA ASN B 613 12.32 -4.31 39.08
C ASN B 613 12.87 -3.39 38.00
N GLY B 614 12.34 -2.17 37.88
CA GLY B 614 12.85 -1.11 36.98
C GLY B 614 11.87 -0.73 35.88
N PHE B 615 10.71 -1.39 35.81
CA PHE B 615 9.69 -1.17 34.75
C PHE B 615 8.33 -0.84 35.39
N GLY B 616 7.59 0.09 34.77
CA GLY B 616 6.21 0.47 35.13
C GLY B 616 5.46 0.97 33.91
N PHE B 617 4.17 0.62 33.79
CA PHE B 617 3.29 1.01 32.65
C PHE B 617 3.09 2.53 32.67
N ALA B 618 3.02 3.13 33.86
CA ALA B 618 2.94 4.59 34.09
C ALA B 618 4.23 5.26 33.62
N GLY B 619 5.38 4.64 33.91
CA GLY B 619 6.72 5.14 33.53
C GLY B 619 7.83 4.24 34.06
N ARG B 620 9.02 4.32 33.46
CA ARG B 620 10.22 3.53 33.83
C ARG B 620 11.08 4.29 34.84
N GLY B 621 12.11 3.63 35.38
CA GLY B 621 13.06 4.20 36.37
C GLY B 621 13.42 3.19 37.45
N GLN B 622 14.39 3.53 38.30
CA GLN B 622 14.88 2.66 39.40
C GLN B 622 13.84 2.59 40.53
N ASN B 623 12.91 3.56 40.57
CA ASN B 623 11.91 3.74 41.66
C ASN B 623 10.55 3.17 41.27
N THR B 624 10.50 2.25 40.30
CA THR B 624 9.25 1.58 39.82
C THR B 624 9.52 0.09 39.61
N GLY B 625 8.47 -0.73 39.69
CA GLY B 625 8.52 -2.20 39.51
C GLY B 625 7.15 -2.82 39.48
N ILE B 626 7.02 -3.99 38.84
CA ILE B 626 5.76 -4.79 38.77
C ILE B 626 6.07 -6.23 39.21
N ALA B 627 5.11 -6.88 39.88
CA ALA B 627 5.16 -8.30 40.27
C ALA B 627 3.96 -9.03 39.66
N PHE B 628 4.21 -9.78 38.57
CA PHE B 628 3.20 -10.61 37.86
C PHE B 628 2.97 -11.90 38.65
N VAL B 629 1.80 -12.02 39.29
CA VAL B 629 1.43 -13.18 40.17
C VAL B 629 0.69 -14.21 39.31
N SER B 630 1.26 -15.41 39.19
CA SER B 630 0.65 -16.59 38.50
C SER B 630 0.04 -17.52 39.54
N LEU B 631 -1.23 -17.89 39.37
CA LEU B 631 -2.02 -18.72 40.33
C LEU B 631 -1.98 -20.19 39.91
N LYS B 632 -2.32 -21.09 40.85
CA LYS B 632 -2.52 -22.54 40.58
C LYS B 632 -3.79 -22.73 39.74
N ASP B 633 -4.03 -23.95 39.27
CA ASP B 633 -5.20 -24.28 38.40
C ASP B 633 -6.49 -23.96 39.16
N TRP B 634 -7.53 -23.53 38.44
CA TRP B 634 -8.84 -23.04 39.00
C TRP B 634 -9.49 -24.13 39.83
N ALA B 635 -9.26 -25.40 39.49
CA ALA B 635 -9.78 -26.61 40.18
C ALA B 635 -9.25 -26.67 41.62
N ASP B 636 -8.05 -26.12 41.87
CA ASP B 636 -7.36 -26.16 43.19
C ASP B 636 -7.61 -24.85 43.96
N ARG B 637 -8.67 -24.11 43.64
CA ARG B 637 -9.02 -22.81 44.27
C ARG B 637 -10.54 -22.67 44.36
N PRO B 638 -11.21 -23.42 45.27
CA PRO B 638 -12.67 -23.38 45.39
C PRO B 638 -13.19 -22.11 46.10
N GLY B 639 -14.35 -21.61 45.66
CA GLY B 639 -15.05 -20.47 46.28
C GLY B 639 -14.43 -19.14 45.91
N GLU B 640 -15.17 -18.04 46.08
CA GLU B 640 -14.73 -16.65 45.79
C GLU B 640 -13.54 -16.28 46.67
N GLU B 641 -13.47 -16.85 47.88
CA GLU B 641 -12.36 -16.67 48.85
C GLU B 641 -10.99 -16.84 48.18
N ASN B 642 -10.87 -17.78 47.23
CA ASN B 642 -9.60 -18.10 46.51
C ASN B 642 -9.71 -17.69 45.04
N LYS B 643 -10.23 -16.49 44.77
CA LYS B 643 -10.32 -15.89 43.40
C LYS B 643 -9.48 -14.60 43.37
N VAL B 644 -9.26 -14.05 42.16
CA VAL B 644 -8.40 -12.87 41.92
C VAL B 644 -8.95 -11.67 42.70
N GLU B 645 -10.25 -11.41 42.60
CA GLU B 645 -10.94 -10.26 43.23
C GLU B 645 -10.71 -10.29 44.75
N ALA B 646 -10.79 -11.47 45.37
CA ALA B 646 -10.60 -11.68 46.82
C ALA B 646 -9.12 -11.49 47.19
N ILE B 647 -8.22 -12.14 46.45
CA ILE B 647 -6.74 -12.06 46.66
C ILE B 647 -6.28 -10.61 46.48
N THR B 648 -6.76 -9.96 45.40
CA THR B 648 -6.50 -8.54 45.06
C THR B 648 -6.81 -7.65 46.27
N MET B 649 -7.99 -7.81 46.86
CA MET B 649 -8.50 -7.00 48.00
C MET B 649 -7.62 -7.24 49.22
N ARG B 650 -7.32 -8.52 49.53
CA ARG B 650 -6.46 -8.94 50.67
C ARG B 650 -5.04 -8.39 50.46
N ALA B 651 -4.51 -8.52 49.24
CA ALA B 651 -3.16 -8.07 48.84
C ALA B 651 -3.06 -6.54 49.01
N THR B 652 -3.98 -5.79 48.39
CA THR B 652 -4.05 -4.31 48.41
C THR B 652 -4.09 -3.82 49.85
N ARG B 653 -4.92 -4.43 50.70
CA ARG B 653 -5.12 -4.07 52.13
C ARG B 653 -3.84 -4.40 52.91
N ALA B 654 -3.26 -5.58 52.69
CA ALA B 654 -2.05 -6.09 53.39
C ALA B 654 -0.84 -5.19 53.09
N PHE B 655 -0.74 -4.68 51.86
CA PHE B 655 0.42 -3.86 51.37
C PHE B 655 0.22 -2.38 51.72
N SER B 656 -0.89 -2.02 52.36
CA SER B 656 -1.17 -0.65 52.86
C SER B 656 -0.21 -0.28 53.99
N GLN B 657 0.40 -1.30 54.64
CA GLN B 657 1.30 -1.14 55.81
C GLN B 657 2.70 -0.69 55.35
N ILE B 658 3.06 -0.98 54.08
CA ILE B 658 4.42 -0.72 53.52
C ILE B 658 4.68 0.79 53.55
N LYS B 659 5.88 1.19 54.01
CA LYS B 659 6.29 2.59 54.24
C LYS B 659 7.16 3.07 53.07
N ASP B 660 6.92 4.29 52.58
CA ASP B 660 7.64 4.94 51.44
C ASP B 660 7.52 4.05 50.20
N ALA B 661 6.29 3.65 49.85
CA ALA B 661 5.96 2.88 48.62
C ALA B 661 4.43 2.74 48.49
N MET B 662 3.91 2.97 47.27
CA MET B 662 2.47 2.81 46.91
C MET B 662 2.29 1.44 46.24
N VAL B 663 2.07 0.39 47.04
CA VAL B 663 1.95 -1.02 46.59
C VAL B 663 0.47 -1.44 46.65
N PHE B 664 -0.09 -1.88 45.52
CA PHE B 664 -1.49 -2.38 45.40
C PHE B 664 -1.58 -3.37 44.22
N ALA B 665 -2.44 -4.38 44.37
CA ALA B 665 -2.74 -5.40 43.33
C ALA B 665 -4.01 -5.02 42.58
N PHE B 666 -4.21 -5.58 41.38
CA PHE B 666 -5.42 -5.38 40.54
C PHE B 666 -5.49 -6.44 39.44
N ASN B 667 -6.71 -6.83 39.06
CA ASN B 667 -7.00 -7.84 38.02
C ASN B 667 -6.75 -7.23 36.64
N LEU B 668 -6.46 -8.08 35.64
CA LEU B 668 -6.25 -7.67 34.23
C LEU B 668 -7.61 -7.39 33.59
N PRO B 669 -7.69 -6.46 32.61
CA PRO B 669 -8.92 -6.28 31.83
C PRO B 669 -9.25 -7.53 31.01
N ALA B 670 -10.53 -7.74 30.70
CA ALA B 670 -11.05 -8.87 29.87
C ALA B 670 -10.22 -8.98 28.59
N ILE B 671 -10.08 -7.87 27.86
CA ILE B 671 -9.23 -7.75 26.64
C ILE B 671 -7.99 -6.91 26.98
N VAL B 672 -6.83 -7.57 27.10
CA VAL B 672 -5.52 -6.94 27.46
C VAL B 672 -5.03 -6.09 26.28
N GLU B 673 -5.44 -6.44 25.06
CA GLU B 673 -5.19 -5.67 23.80
C GLU B 673 -5.57 -4.20 24.03
N LEU B 674 -6.78 -3.95 24.54
CA LEU B 674 -7.28 -2.61 24.96
C LEU B 674 -6.79 -2.34 26.39
N GLY B 675 -6.87 -1.08 26.83
CA GLY B 675 -6.54 -0.66 28.22
C GLY B 675 -7.60 -1.13 29.20
N THR B 676 -7.80 -0.39 30.29
CA THR B 676 -8.85 -0.62 31.31
C THR B 676 -10.23 -0.42 30.65
N ALA B 677 -10.34 0.57 29.75
CA ALA B 677 -11.54 0.90 28.96
C ALA B 677 -12.72 1.21 29.90
N THR B 678 -12.45 1.89 31.01
CA THR B 678 -13.46 2.33 32.02
C THR B 678 -13.04 3.69 32.59
N GLY B 679 -13.76 4.75 32.23
CA GLY B 679 -13.46 6.15 32.59
C GLY B 679 -13.21 7.00 31.36
N PHE B 680 -12.30 7.97 31.45
CA PHE B 680 -11.92 8.89 30.34
C PHE B 680 -10.38 9.00 30.28
N ASP B 681 -9.88 9.43 29.11
CA ASP B 681 -8.44 9.64 28.82
C ASP B 681 -8.25 11.06 28.28
N PHE B 682 -7.84 12.00 29.13
CA PHE B 682 -7.75 13.46 28.87
C PHE B 682 -6.29 13.83 28.54
N GLU B 683 -6.09 14.65 27.51
CA GLU B 683 -4.78 15.20 27.10
C GLU B 683 -4.79 16.72 27.28
N LEU B 684 -3.94 17.24 28.18
CA LEU B 684 -3.72 18.69 28.40
C LEU B 684 -2.54 19.13 27.51
N ILE B 685 -2.78 20.07 26.60
CA ILE B 685 -1.85 20.42 25.48
C ILE B 685 -1.30 21.84 25.69
N ASP B 686 0.00 22.01 25.39
CA ASP B 686 0.71 23.32 25.35
C ASP B 686 0.62 23.87 23.92
N GLN B 687 -0.27 24.84 23.68
CA GLN B 687 -0.71 25.30 22.34
C GLN B 687 0.07 26.54 21.90
N ALA B 688 0.89 27.14 22.77
CA ALA B 688 1.57 28.43 22.51
C ALA B 688 2.95 28.48 23.18
N GLY B 689 3.66 27.35 23.21
CA GLY B 689 5.05 27.24 23.73
C GLY B 689 5.20 27.90 25.09
N LEU B 690 4.34 27.53 26.04
CA LEU B 690 4.37 28.01 27.45
C LEU B 690 5.56 27.39 28.18
N GLY B 691 5.92 26.15 27.82
CA GLY B 691 7.00 25.38 28.45
C GLY B 691 6.46 24.37 29.45
N HIS B 692 7.32 23.47 29.93
CA HIS B 692 6.98 22.34 30.84
C HIS B 692 6.42 22.89 32.17
N GLU B 693 7.10 23.86 32.77
CA GLU B 693 6.79 24.41 34.13
C GLU B 693 5.37 24.98 34.14
N LYS B 694 5.02 25.81 33.14
CA LYS B 694 3.70 26.48 33.04
C LYS B 694 2.59 25.45 32.81
N LEU B 695 2.87 24.40 32.05
CA LEU B 695 1.90 23.30 31.74
C LEU B 695 1.64 22.47 33.00
N THR B 696 2.65 22.31 33.87
CA THR B 696 2.55 21.62 35.18
C THR B 696 1.59 22.40 36.09
N GLN B 697 1.73 23.73 36.13
CA GLN B 697 0.90 24.65 36.95
C GLN B 697 -0.56 24.57 36.48
N ALA B 698 -0.77 24.54 35.16
CA ALA B 698 -2.10 24.47 34.50
C ALA B 698 -2.75 23.10 34.77
N ARG B 699 -1.93 22.04 34.86
CA ARG B 699 -2.37 20.65 35.17
C ARG B 699 -2.84 20.61 36.64
N ASN B 700 -1.99 21.07 37.56
CA ASN B 700 -2.26 21.14 39.02
C ASN B 700 -3.56 21.92 39.28
N GLN B 701 -3.78 22.98 38.49
CA GLN B 701 -5.00 23.84 38.57
C GLN B 701 -6.24 23.01 38.21
N LEU B 702 -6.17 22.24 37.13
CA LEU B 702 -7.28 21.38 36.63
C LEU B 702 -7.55 20.25 37.64
N LEU B 703 -6.50 19.64 38.17
CA LEU B 703 -6.57 18.52 39.17
C LEU B 703 -7.26 19.02 40.44
N ALA B 704 -6.90 20.22 40.91
CA ALA B 704 -7.46 20.87 42.12
C ALA B 704 -8.95 21.14 41.94
N GLU B 705 -9.35 21.63 40.76
CA GLU B 705 -10.76 21.96 40.41
C GLU B 705 -11.59 20.68 40.24
N ALA B 706 -10.97 19.61 39.71
CA ALA B 706 -11.59 18.27 39.54
C ALA B 706 -11.89 17.66 40.91
N ALA B 707 -11.01 17.87 41.89
CA ALA B 707 -11.09 17.36 43.27
C ALA B 707 -12.27 17.99 44.01
N LYS B 708 -12.69 19.20 43.61
CA LYS B 708 -13.81 19.96 44.21
C LYS B 708 -15.16 19.37 43.77
N HIS B 709 -15.16 18.39 42.86
CA HIS B 709 -16.37 17.67 42.38
C HIS B 709 -16.20 16.16 42.57
N PRO B 710 -16.26 15.65 43.83
CA PRO B 710 -16.28 14.20 44.06
C PRO B 710 -17.58 13.56 43.56
N ASP B 711 -18.67 14.34 43.50
CA ASP B 711 -20.04 13.90 43.10
C ASP B 711 -20.07 13.55 41.61
N MET B 712 -19.14 14.09 40.80
CA MET B 712 -19.11 13.90 39.32
C MET B 712 -17.83 13.15 38.91
N LEU B 713 -16.66 13.60 39.36
CA LEU B 713 -15.33 13.06 38.95
C LEU B 713 -14.70 12.29 40.11
N THR B 714 -13.99 11.19 39.80
CA THR B 714 -13.31 10.29 40.78
C THR B 714 -11.93 9.88 40.24
N SER B 715 -10.92 9.86 41.11
CA SER B 715 -9.54 9.38 40.85
C SER B 715 -8.93 10.11 39.65
N VAL B 716 -9.15 11.43 39.56
CA VAL B 716 -8.59 12.30 38.49
C VAL B 716 -7.11 12.55 38.83
N ARG B 717 -6.21 11.88 38.11
CA ARG B 717 -4.75 11.78 38.43
C ARG B 717 -3.93 11.94 37.15
N PRO B 718 -2.66 12.38 37.24
CA PRO B 718 -1.73 12.30 36.13
C PRO B 718 -1.34 10.84 35.85
N ASN B 719 -1.16 10.49 34.57
CA ASN B 719 -0.71 9.15 34.12
C ASN B 719 0.82 9.09 34.15
N GLY B 720 1.48 10.22 33.84
CA GLY B 720 2.95 10.34 33.78
C GLY B 720 3.57 10.53 35.15
N LEU B 721 4.85 10.95 35.17
CA LEU B 721 5.68 11.10 36.41
C LEU B 721 5.82 12.59 36.74
N GLU B 722 6.26 12.87 37.98
CA GLU B 722 6.50 14.24 38.51
C GLU B 722 7.98 14.59 38.33
N ASP B 723 8.31 15.88 38.35
CA ASP B 723 9.71 16.40 38.26
C ASP B 723 10.52 15.87 39.45
N THR B 724 11.81 15.61 39.25
CA THR B 724 12.74 15.02 40.26
C THR B 724 14.02 15.85 40.30
N PRO B 725 14.79 15.82 41.41
CA PRO B 725 16.08 16.47 41.48
C PRO B 725 17.09 15.87 40.48
N GLN B 726 17.79 16.71 39.71
CA GLN B 726 18.80 16.30 38.71
C GLN B 726 20.06 17.16 38.87
N PHE B 727 21.23 16.56 38.64
CA PHE B 727 22.58 17.12 38.91
C PHE B 727 23.04 17.92 37.68
N LYS B 728 22.78 19.23 37.68
CA LYS B 728 23.19 20.17 36.60
C LYS B 728 24.67 20.49 36.77
N ILE B 729 25.48 20.24 35.73
CA ILE B 729 26.95 20.54 35.69
C ILE B 729 27.22 21.49 34.53
N ASP B 730 27.86 22.63 34.81
CA ASP B 730 28.20 23.69 33.82
C ASP B 730 29.71 23.66 33.56
N ILE B 731 30.10 23.32 32.33
CA ILE B 731 31.52 23.32 31.86
C ILE B 731 31.90 24.75 31.50
N ASP B 732 32.88 25.32 32.21
CA ASP B 732 33.44 26.68 31.92
C ASP B 732 34.27 26.59 30.63
N GLN B 733 33.80 27.22 29.55
CA GLN B 733 34.42 27.18 28.20
C GLN B 733 35.77 27.88 28.24
N GLU B 734 35.85 29.03 28.93
CA GLU B 734 37.07 29.87 29.06
C GLU B 734 38.18 29.07 29.74
N LYS B 735 37.86 28.42 30.87
CA LYS B 735 38.83 27.64 31.69
C LYS B 735 39.34 26.43 30.89
N ALA B 736 38.45 25.78 30.12
CA ALA B 736 38.77 24.63 29.25
C ALA B 736 39.78 25.04 28.18
N GLN B 737 39.53 26.16 27.50
CA GLN B 737 40.39 26.71 26.42
C GLN B 737 41.70 27.22 27.02
N ALA B 738 41.66 27.78 28.24
CA ALA B 738 42.82 28.36 28.96
C ALA B 738 43.84 27.27 29.31
N LEU B 739 43.35 26.08 29.71
CA LEU B 739 44.20 24.92 30.12
C LEU B 739 44.52 24.04 28.91
N GLY B 740 43.92 24.32 27.75
CA GLY B 740 44.14 23.58 26.48
C GLY B 740 43.45 22.23 26.49
N VAL B 741 42.24 22.16 27.04
CA VAL B 741 41.40 20.93 27.13
C VAL B 741 40.20 21.13 26.19
N SER B 742 40.06 20.27 25.18
CA SER B 742 38.96 20.31 24.17
C SER B 742 37.65 19.91 24.85
N ILE B 743 36.53 20.42 24.33
CA ILE B 743 35.15 20.21 24.87
C ILE B 743 34.67 18.80 24.50
N ASN B 744 35.08 18.29 23.34
CA ASN B 744 34.73 16.93 22.84
C ASN B 744 35.30 15.89 23.82
N ASP B 745 36.57 16.06 24.24
CA ASP B 745 37.25 15.16 25.21
C ASP B 745 36.54 15.21 26.57
N ILE B 746 36.12 16.41 27.00
CA ILE B 746 35.38 16.63 28.28
C ILE B 746 34.03 15.91 28.20
N ASN B 747 33.23 16.19 27.17
CA ASN B 747 31.85 15.68 27.00
C ASN B 747 31.85 14.19 26.72
N THR B 748 32.92 13.65 26.11
CA THR B 748 33.10 12.19 25.87
C THR B 748 33.46 11.50 27.19
N THR B 749 34.44 12.04 27.93
CA THR B 749 34.91 11.51 29.23
C THR B 749 33.73 11.38 30.20
N LEU B 750 32.88 12.41 30.27
CA LEU B 750 31.67 12.44 31.15
C LEU B 750 30.64 11.43 30.63
N GLY B 751 30.26 11.53 29.35
CA GLY B 751 29.23 10.70 28.70
C GLY B 751 29.59 9.22 28.75
N ALA B 752 30.84 8.88 28.39
CA ALA B 752 31.35 7.49 28.33
C ALA B 752 31.36 6.89 29.74
N ALA B 753 31.98 7.58 30.71
CA ALA B 753 32.16 7.13 32.11
C ALA B 753 30.79 6.94 32.78
N TRP B 754 30.02 8.02 32.91
CA TRP B 754 28.78 8.07 33.74
C TRP B 754 27.58 7.51 32.96
N GLY B 755 27.49 7.80 31.66
CA GLY B 755 26.34 7.42 30.81
C GLY B 755 26.54 6.07 30.14
N GLY B 756 27.77 5.75 29.74
CA GLY B 756 28.11 4.57 28.92
C GLY B 756 28.10 4.90 27.45
N SER B 757 29.02 4.31 26.67
CA SER B 757 29.20 4.56 25.22
C SER B 757 29.23 3.23 24.46
N TYR B 758 28.37 3.09 23.45
CA TYR B 758 28.33 1.96 22.49
C TYR B 758 29.38 2.21 21.41
N VAL B 759 30.55 1.56 21.52
CA VAL B 759 31.75 1.79 20.67
C VAL B 759 31.53 1.15 19.29
N ASN B 760 31.48 -0.19 19.24
CA ASN B 760 31.34 -0.98 17.98
C ASN B 760 30.86 -2.39 18.33
N ASP B 761 30.84 -3.30 17.35
CA ASP B 761 30.36 -4.70 17.50
C ASP B 761 31.55 -5.67 17.50
N PHE B 762 31.38 -6.81 18.18
CA PHE B 762 32.32 -7.96 18.19
C PHE B 762 31.49 -9.24 17.96
N ILE B 763 32.15 -10.38 17.71
CA ILE B 763 31.49 -11.67 17.37
C ILE B 763 31.76 -12.68 18.48
N ASP B 764 30.72 -13.04 19.24
CA ASP B 764 30.77 -14.04 20.35
C ASP B 764 30.11 -15.33 19.86
N ARG B 765 30.92 -16.36 19.58
CA ARG B 765 30.48 -17.71 19.14
C ARG B 765 29.61 -17.59 17.88
N GLY B 766 30.09 -16.86 16.88
CA GLY B 766 29.45 -16.70 15.55
C GLY B 766 28.17 -15.87 15.62
N ARG B 767 28.05 -14.98 16.62
CA ARG B 767 26.90 -14.05 16.79
C ARG B 767 27.43 -12.64 17.10
N VAL B 768 27.11 -11.67 16.23
CA VAL B 768 27.51 -10.25 16.39
C VAL B 768 26.80 -9.66 17.62
N LYS B 769 27.57 -9.04 18.52
CA LYS B 769 27.08 -8.42 19.78
C LYS B 769 27.79 -7.09 20.00
N LYS B 770 27.23 -6.22 20.85
CA LYS B 770 27.69 -4.82 21.08
C LYS B 770 28.88 -4.82 22.04
N VAL B 771 29.72 -3.79 21.95
CA VAL B 771 30.83 -3.48 22.90
C VAL B 771 30.50 -2.15 23.58
N TYR B 772 30.45 -2.14 24.92
CA TYR B 772 30.11 -0.96 25.76
C TYR B 772 31.29 -0.62 26.68
N VAL B 773 31.75 0.64 26.64
CA VAL B 773 32.69 1.22 27.64
C VAL B 773 31.86 2.05 28.63
N MET B 774 32.17 1.93 29.92
CA MET B 774 31.47 2.65 31.02
C MET B 774 32.34 2.60 32.29
N SER B 775 32.13 3.53 33.21
CA SER B 775 32.79 3.57 34.54
C SER B 775 32.35 2.36 35.37
N GLU B 776 33.28 1.76 36.11
CA GLU B 776 32.98 0.74 37.16
C GLU B 776 32.13 1.44 38.24
N ALA B 777 30.98 0.85 38.57
CA ALA B 777 29.93 1.41 39.45
C ALA B 777 30.50 2.43 40.44
N LYS B 778 31.46 2.01 41.26
CA LYS B 778 31.95 2.74 42.48
C LYS B 778 32.56 4.10 42.13
N TYR B 779 32.84 4.39 40.86
CA TYR B 779 33.48 5.66 40.40
C TYR B 779 32.48 6.56 39.67
N ARG B 780 31.18 6.22 39.67
CA ARG B 780 30.12 7.03 39.01
C ARG B 780 28.82 6.98 39.84
N MET B 781 28.93 7.16 41.17
CA MET B 781 27.79 7.05 42.13
C MET B 781 27.39 8.45 42.63
N LEU B 782 28.34 9.19 43.22
CA LEU B 782 28.07 10.46 43.97
C LEU B 782 28.74 11.64 43.28
N PRO B 783 28.30 12.89 43.55
CA PRO B 783 28.92 14.09 42.98
C PRO B 783 30.43 14.25 43.26
N ASP B 784 30.92 13.68 44.36
CA ASP B 784 32.35 13.73 44.78
C ASP B 784 33.22 12.98 43.77
N ASP B 785 32.65 11.94 43.12
CA ASP B 785 33.36 11.06 42.15
C ASP B 785 33.64 11.81 40.84
N ILE B 786 32.89 12.89 40.56
CA ILE B 786 33.06 13.77 39.36
C ILE B 786 34.53 14.23 39.30
N GLY B 787 35.11 14.60 40.44
CA GLY B 787 36.47 15.19 40.54
C GLY B 787 37.58 14.15 40.43
N ASP B 788 37.24 12.86 40.40
CA ASP B 788 38.21 11.73 40.29
C ASP B 788 38.54 11.47 38.82
N TRP B 789 37.77 12.04 37.88
CA TRP B 789 37.94 11.87 36.40
C TRP B 789 38.84 12.98 35.84
N TYR B 790 39.86 12.59 35.07
CA TYR B 790 40.89 13.50 34.49
C TYR B 790 40.79 13.46 32.95
N VAL B 791 41.10 14.60 32.32
CA VAL B 791 41.14 14.78 30.84
C VAL B 791 42.51 15.37 30.48
N ARG B 792 43.19 14.79 29.49
CA ARG B 792 44.53 15.26 29.02
C ARG B 792 44.35 16.51 28.15
N ALA B 793 45.20 17.52 28.37
CA ALA B 793 45.24 18.77 27.60
C ALA B 793 46.17 18.60 26.39
N ALA B 794 46.29 19.64 25.56
CA ALA B 794 47.16 19.68 24.36
C ALA B 794 48.63 19.53 24.76
N ASP B 795 49.02 20.07 25.93
CA ASP B 795 50.41 20.06 26.45
C ASP B 795 50.70 18.73 27.17
N GLY B 796 49.69 17.86 27.32
CA GLY B 796 49.84 16.49 27.83
C GLY B 796 49.58 16.38 29.33
N GLN B 797 49.26 17.50 29.99
CA GLN B 797 48.96 17.55 31.45
C GLN B 797 47.53 17.05 31.70
N MET B 798 47.34 16.28 32.77
CA MET B 798 46.03 15.72 33.19
C MET B 798 45.32 16.71 34.11
N VAL B 799 44.10 17.10 33.76
CA VAL B 799 43.28 18.14 34.48
C VAL B 799 42.02 17.46 35.02
N PRO B 800 41.72 17.56 36.33
CA PRO B 800 40.50 17.00 36.89
C PRO B 800 39.26 17.83 36.51
N PHE B 801 38.08 17.20 36.52
CA PHE B 801 36.77 17.82 36.15
C PHE B 801 36.46 19.00 37.06
N SER B 802 36.89 18.94 38.33
CA SER B 802 36.68 19.99 39.36
C SER B 802 37.34 21.31 38.95
N ALA B 803 38.38 21.25 38.11
CA ALA B 803 39.20 22.42 37.68
C ALA B 803 38.42 23.33 36.72
N PHE B 804 37.51 22.78 35.90
CA PHE B 804 36.82 23.50 34.81
C PHE B 804 35.31 23.24 34.81
N SER B 805 34.73 22.79 35.92
CA SER B 805 33.27 22.51 36.05
C SER B 805 32.72 23.08 37.38
N SER B 806 31.44 23.45 37.37
CA SER B 806 30.64 23.86 38.56
C SER B 806 29.28 23.14 38.51
N SER B 807 28.76 22.70 39.66
CA SER B 807 27.54 21.87 39.78
C SER B 807 26.56 22.47 40.78
N ARG B 808 25.26 22.36 40.50
CA ARG B 808 24.14 22.74 41.40
C ARG B 808 22.97 21.77 41.20
N TRP B 809 22.02 21.75 42.13
CA TRP B 809 20.77 20.94 42.04
C TRP B 809 19.67 21.78 41.37
N GLU B 810 18.93 21.16 40.45
CA GLU B 810 17.72 21.74 39.80
C GLU B 810 16.69 20.61 39.63
N TYR B 811 15.44 20.97 39.34
CA TYR B 811 14.33 20.02 39.04
C TYR B 811 14.11 19.97 37.53
N GLY B 812 13.84 18.76 37.02
CA GLY B 812 13.47 18.50 35.60
C GLY B 812 12.59 17.28 35.48
N SER B 813 11.97 17.09 34.32
CA SER B 813 11.04 15.97 34.03
C SER B 813 11.85 14.70 33.76
N PRO B 814 11.54 13.57 34.45
CA PRO B 814 12.13 12.27 34.11
C PRO B 814 11.35 11.55 33.00
N ARG B 815 10.24 12.12 32.54
CA ARG B 815 9.36 11.57 31.46
C ARG B 815 8.51 12.70 30.88
N LEU B 816 8.93 13.25 29.73
CA LEU B 816 8.21 14.33 28.99
C LEU B 816 7.29 13.71 27.95
N GLU B 817 6.01 14.12 27.95
CA GLU B 817 4.95 13.61 27.04
C GLU B 817 4.67 14.65 25.95
N ARG B 818 4.24 14.20 24.76
CA ARG B 818 3.81 15.05 23.62
C ARG B 818 2.60 14.39 22.95
N TYR B 819 1.62 15.20 22.53
CA TYR B 819 0.39 14.74 21.83
C TYR B 819 0.17 15.59 20.58
N ASN B 820 0.18 14.94 19.41
CA ASN B 820 0.00 15.57 18.07
C ASN B 820 1.06 16.65 17.86
N GLY B 821 2.31 16.35 18.23
CA GLY B 821 3.50 17.21 17.96
C GLY B 821 3.75 18.26 19.03
N LEU B 822 2.76 18.53 19.89
CA LEU B 822 2.82 19.61 20.93
C LEU B 822 3.04 18.98 22.30
N PRO B 823 3.76 19.66 23.23
CA PRO B 823 3.91 19.16 24.60
C PRO B 823 2.55 18.93 25.27
N SER B 824 2.40 17.82 25.99
CA SER B 824 1.13 17.37 26.59
C SER B 824 1.37 16.74 27.96
N MET B 825 0.29 16.51 28.72
CA MET B 825 0.27 15.75 30.00
C MET B 825 -1.05 14.94 30.05
N GLU B 826 -0.93 13.62 30.11
CA GLU B 826 -2.09 12.68 30.11
C GLU B 826 -2.72 12.68 31.51
N ILE B 827 -4.03 12.88 31.58
CA ILE B 827 -4.84 12.87 32.83
C ILE B 827 -5.89 11.76 32.71
N LEU B 828 -5.87 10.79 33.63
CA LEU B 828 -6.86 9.69 33.72
C LEU B 828 -7.90 10.05 34.78
N GLY B 829 -9.10 9.48 34.67
CA GLY B 829 -10.21 9.66 35.62
C GLY B 829 -11.45 8.90 35.16
N GLN B 830 -12.50 8.89 36.00
CA GLN B 830 -13.77 8.16 35.74
C GLN B 830 -14.93 8.92 36.38
N ALA B 831 -16.15 8.67 35.90
CA ALA B 831 -17.41 9.23 36.44
C ALA B 831 -17.64 8.63 37.83
N ALA B 832 -18.17 9.43 38.76
CA ALA B 832 -18.50 9.03 40.16
C ALA B 832 -19.65 8.03 40.12
N PRO B 833 -19.84 7.20 41.18
CA PRO B 833 -20.93 6.23 41.22
C PRO B 833 -22.29 6.89 40.91
N GLY B 834 -22.99 6.37 39.89
CA GLY B 834 -24.31 6.84 39.45
C GLY B 834 -24.23 7.75 38.22
N LYS B 835 -23.07 8.38 37.99
CA LYS B 835 -22.84 9.32 36.87
C LYS B 835 -22.28 8.58 35.66
N SER B 836 -22.67 8.99 34.45
CA SER B 836 -22.17 8.48 33.15
C SER B 836 -20.82 9.15 32.84
N THR B 837 -20.00 8.51 32.00
CA THR B 837 -18.67 9.01 31.57
C THR B 837 -18.86 10.27 30.70
N GLY B 838 -19.93 10.30 29.89
CA GLY B 838 -20.30 11.44 29.03
C GLY B 838 -20.46 12.73 29.83
N GLU B 839 -21.17 12.66 30.97
CA GLU B 839 -21.40 13.81 31.88
C GLU B 839 -20.09 14.20 32.58
N ALA B 840 -19.25 13.22 32.92
CA ALA B 840 -17.93 13.42 33.56
C ALA B 840 -16.99 14.16 32.60
N MET B 841 -17.08 13.87 31.30
CA MET B 841 -16.29 14.56 30.23
C MET B 841 -16.78 16.00 30.07
N GLU B 842 -18.11 16.21 30.09
CA GLU B 842 -18.78 17.53 29.94
C GLU B 842 -18.17 18.52 30.95
N LEU B 843 -18.01 18.09 32.21
CA LEU B 843 -17.45 18.92 33.30
C LEU B 843 -15.95 19.16 33.06
N MET B 844 -15.19 18.10 32.74
CA MET B 844 -13.73 18.17 32.47
C MET B 844 -13.45 19.19 31.36
N GLU B 845 -14.33 19.30 30.36
CA GLU B 845 -14.28 20.31 29.27
C GLU B 845 -14.51 21.71 29.86
N GLN B 846 -15.54 21.85 30.71
CA GLN B 846 -15.92 23.14 31.36
C GLN B 846 -14.78 23.62 32.27
N LEU B 847 -14.17 22.72 33.04
CA LEU B 847 -13.04 23.03 33.96
C LEU B 847 -11.80 23.46 33.14
N ALA B 848 -11.59 22.81 31.98
CA ALA B 848 -10.42 23.04 31.09
C ALA B 848 -10.50 24.42 30.43
N SER B 849 -11.71 24.93 30.19
CA SER B 849 -11.98 26.23 29.51
C SER B 849 -11.61 27.41 30.41
N LYS B 850 -11.39 27.17 31.71
CA LYS B 850 -11.01 28.21 32.71
C LYS B 850 -9.53 28.08 33.08
N LEU B 851 -8.71 27.53 32.18
CA LEU B 851 -7.23 27.36 32.39
C LEU B 851 -6.50 28.55 31.75
N PRO B 852 -5.22 28.79 32.11
CA PRO B 852 -4.45 29.90 31.54
C PRO B 852 -4.40 29.88 30.00
N THR B 853 -4.17 31.06 29.40
CA THR B 853 -4.12 31.28 27.93
C THR B 853 -3.02 30.41 27.32
N GLY B 854 -3.31 29.74 26.20
CA GLY B 854 -2.37 28.88 25.45
C GLY B 854 -2.36 27.44 25.95
N VAL B 855 -3.28 27.10 26.86
CA VAL B 855 -3.46 25.72 27.39
C VAL B 855 -4.73 25.13 26.78
N GLY B 856 -4.57 24.22 25.80
CA GLY B 856 -5.68 23.50 25.14
C GLY B 856 -5.85 22.11 25.72
N TYR B 857 -6.71 21.30 25.09
CA TYR B 857 -7.00 19.90 25.50
C TYR B 857 -7.57 19.12 24.32
N ASP B 858 -7.58 17.78 24.44
CA ASP B 858 -8.20 16.85 23.45
C ASP B 858 -8.49 15.51 24.15
N TRP B 859 -9.38 14.71 23.57
CA TRP B 859 -9.76 13.35 24.05
C TRP B 859 -9.04 12.30 23.19
N THR B 860 -8.38 11.32 23.83
CA THR B 860 -7.59 10.25 23.18
C THR B 860 -8.12 8.88 23.63
N GLY B 861 -7.62 7.80 23.02
CA GLY B 861 -7.92 6.40 23.38
C GLY B 861 -9.40 6.14 23.49
N MET B 862 -9.83 5.50 24.58
CA MET B 862 -11.24 5.08 24.86
C MET B 862 -12.19 6.28 24.69
N SER B 863 -11.79 7.47 25.14
CA SER B 863 -12.61 8.72 25.09
C SER B 863 -12.91 9.08 23.63
N TYR B 864 -11.88 9.09 22.77
CA TYR B 864 -11.97 9.35 21.31
C TYR B 864 -12.96 8.36 20.68
N GLN B 865 -12.92 7.10 21.11
CA GLN B 865 -13.75 5.98 20.57
C GLN B 865 -15.21 6.17 20.98
N GLU B 866 -15.47 6.48 22.25
CA GLU B 866 -16.84 6.61 22.83
C GLU B 866 -17.59 7.78 22.16
N ARG B 867 -16.92 8.90 21.91
CA ARG B 867 -17.54 10.14 21.35
C ARG B 867 -18.07 9.87 19.94
N LEU B 868 -17.28 9.19 19.09
CA LEU B 868 -17.67 8.83 17.69
C LEU B 868 -18.74 7.75 17.73
N SER B 869 -18.55 6.71 18.55
CA SER B 869 -19.49 5.57 18.75
C SER B 869 -20.84 6.08 19.27
N GLY B 870 -20.81 7.12 20.12
CA GLY B 870 -22.02 7.73 20.74
C GLY B 870 -22.87 8.48 19.72
N ASN B 871 -22.24 9.12 18.73
CA ASN B 871 -22.93 9.93 17.69
C ASN B 871 -23.72 9.03 16.75
N GLN B 872 -23.27 7.79 16.55
CA GLN B 872 -23.85 6.81 15.59
C GLN B 872 -25.08 6.13 16.20
N ALA B 873 -25.09 5.92 17.52
CA ALA B 873 -26.10 5.10 18.25
C ALA B 873 -27.52 5.53 17.89
N PRO B 874 -27.89 6.83 18.01
CA PRO B 874 -29.27 7.27 17.75
C PRO B 874 -29.76 6.95 16.33
N SER B 875 -28.91 7.15 15.33
CA SER B 875 -29.23 6.96 13.88
C SER B 875 -29.41 5.46 13.58
N LEU B 876 -28.63 4.59 14.23
CA LEU B 876 -28.67 3.12 14.04
C LEU B 876 -29.93 2.55 14.69
N TYR B 877 -30.33 3.08 15.85
CA TYR B 877 -31.61 2.74 16.55
C TYR B 877 -32.78 3.07 15.62
N ALA B 878 -32.81 4.30 15.10
CA ALA B 878 -33.87 4.84 14.20
C ALA B 878 -34.06 3.92 13.00
N ILE B 879 -32.97 3.62 12.28
CA ILE B 879 -32.96 2.76 11.05
C ILE B 879 -33.48 1.37 11.42
N SER B 880 -32.92 0.77 12.47
CA SER B 880 -33.28 -0.58 13.00
C SER B 880 -34.79 -0.64 13.30
N LEU B 881 -35.31 0.39 13.98
CA LEU B 881 -36.71 0.45 14.48
C LEU B 881 -37.67 0.72 13.30
N ILE B 882 -37.20 1.40 12.25
CA ILE B 882 -38.00 1.76 11.04
C ILE B 882 -38.16 0.52 10.16
N VAL B 883 -37.08 -0.22 9.91
CA VAL B 883 -37.06 -1.40 8.99
C VAL B 883 -37.89 -2.54 9.61
N VAL B 884 -37.80 -2.73 10.93
CA VAL B 884 -38.62 -3.71 11.70
C VAL B 884 -40.10 -3.47 11.39
N PHE B 885 -40.55 -2.20 11.52
CA PHE B 885 -41.94 -1.76 11.26
C PHE B 885 -42.33 -2.03 9.80
N LEU B 886 -41.45 -1.66 8.86
CA LEU B 886 -41.67 -1.78 7.40
C LEU B 886 -41.85 -3.25 7.01
N CYS B 887 -41.00 -4.14 7.55
CA CYS B 887 -41.02 -5.61 7.29
C CYS B 887 -42.34 -6.21 7.78
N LEU B 888 -42.75 -5.89 9.00
CA LEU B 888 -44.02 -6.37 9.63
C LEU B 888 -45.22 -5.82 8.85
N ALA B 889 -45.13 -4.57 8.37
CA ALA B 889 -46.20 -3.87 7.60
C ALA B 889 -46.46 -4.62 6.29
N ALA B 890 -45.41 -5.07 5.61
CA ALA B 890 -45.47 -5.87 4.36
C ALA B 890 -46.03 -7.27 4.66
N LEU B 891 -45.55 -7.89 5.76
CA LEU B 891 -45.98 -9.24 6.22
C LEU B 891 -47.49 -9.27 6.44
N TYR B 892 -48.02 -8.32 7.20
CA TYR B 892 -49.43 -8.29 7.68
C TYR B 892 -50.32 -7.49 6.72
N GLU B 893 -49.73 -6.65 5.85
CA GLU B 893 -50.48 -5.76 4.92
C GLU B 893 -51.31 -4.77 5.75
N SER B 894 -50.64 -4.03 6.64
CA SER B 894 -51.26 -3.06 7.59
C SER B 894 -50.19 -2.13 8.16
N TRP B 895 -50.54 -0.85 8.37
CA TRP B 895 -49.68 0.16 9.04
C TRP B 895 -49.89 0.11 10.56
N SER B 896 -51.00 -0.50 11.00
CA SER B 896 -51.46 -0.51 12.42
C SER B 896 -51.00 -1.78 13.13
N ILE B 897 -51.22 -2.95 12.52
CA ILE B 897 -51.02 -4.30 13.15
C ILE B 897 -49.58 -4.47 13.62
N PRO B 898 -48.56 -4.03 12.84
CA PRO B 898 -47.16 -4.13 13.28
C PRO B 898 -46.89 -3.72 14.73
N PHE B 899 -47.62 -2.73 15.26
CA PHE B 899 -47.47 -2.20 16.64
C PHE B 899 -47.74 -3.31 17.67
N SER B 900 -48.70 -4.21 17.39
CA SER B 900 -49.08 -5.34 18.27
C SER B 900 -47.85 -6.22 18.58
N VAL B 901 -46.98 -6.41 17.58
CA VAL B 901 -45.71 -7.19 17.69
C VAL B 901 -44.67 -6.37 18.46
N MET B 902 -44.47 -5.11 18.06
CA MET B 902 -43.35 -4.24 18.53
C MET B 902 -43.52 -3.87 20.02
N LEU B 903 -44.71 -4.11 20.59
CA LEU B 903 -45.04 -3.74 22.00
C LEU B 903 -44.54 -4.81 22.98
N VAL B 904 -43.99 -5.94 22.50
CA VAL B 904 -43.51 -7.07 23.37
C VAL B 904 -42.09 -6.78 23.86
N VAL B 905 -41.39 -5.82 23.25
CA VAL B 905 -39.95 -5.52 23.51
C VAL B 905 -39.71 -5.39 25.02
N PRO B 906 -40.50 -4.59 25.77
CA PRO B 906 -40.27 -4.41 27.20
C PRO B 906 -40.46 -5.69 28.05
N LEU B 907 -41.32 -6.61 27.61
CA LEU B 907 -41.71 -7.83 28.37
C LEU B 907 -40.48 -8.69 28.65
N GLY B 908 -39.54 -8.74 27.71
CA GLY B 908 -38.27 -9.50 27.83
C GLY B 908 -37.20 -8.72 28.55
N VAL B 909 -37.15 -7.40 28.35
CA VAL B 909 -36.07 -6.50 28.87
C VAL B 909 -36.19 -6.39 30.40
N ILE B 910 -37.41 -6.29 30.92
CA ILE B 910 -37.69 -6.14 32.40
C ILE B 910 -37.06 -7.31 33.16
N GLY B 911 -37.21 -8.54 32.64
CA GLY B 911 -36.72 -9.78 33.28
C GLY B 911 -35.20 -9.81 33.35
N ALA B 912 -34.53 -9.42 32.26
CA ALA B 912 -33.05 -9.33 32.14
C ALA B 912 -32.51 -8.36 33.19
N LEU B 913 -33.13 -7.18 33.31
CA LEU B 913 -32.73 -6.10 34.24
C LEU B 913 -32.94 -6.56 35.69
N LEU B 914 -34.06 -7.23 35.97
CA LEU B 914 -34.39 -7.79 37.31
C LEU B 914 -33.33 -8.82 37.70
N ALA B 915 -33.00 -9.74 36.79
CA ALA B 915 -32.01 -10.82 37.00
C ALA B 915 -30.60 -10.22 37.20
N ALA B 916 -30.25 -9.21 36.39
CA ALA B 916 -28.93 -8.53 36.40
C ALA B 916 -28.74 -7.76 37.71
N THR B 917 -29.71 -6.91 38.07
CA THR B 917 -29.70 -6.03 39.27
C THR B 917 -29.65 -6.89 40.54
N PHE B 918 -30.39 -8.02 40.54
CA PHE B 918 -30.51 -8.96 41.68
C PHE B 918 -29.16 -9.66 41.93
N ARG B 919 -28.57 -10.23 40.88
CA ARG B 919 -27.32 -11.02 40.94
C ARG B 919 -26.11 -10.08 41.07
N GLY B 920 -26.28 -8.79 40.78
CA GLY B 920 -25.25 -7.75 40.92
C GLY B 920 -24.28 -7.75 39.75
N LEU B 921 -24.81 -7.73 38.53
CA LEU B 921 -24.04 -7.65 37.26
C LEU B 921 -24.24 -6.26 36.63
N THR B 922 -23.56 -6.00 35.51
CA THR B 922 -23.50 -4.68 34.82
C THR B 922 -24.14 -4.79 33.43
N ASN B 923 -24.47 -3.63 32.84
CA ASN B 923 -25.00 -3.50 31.45
C ASN B 923 -23.81 -3.61 30.48
N ASP B 924 -23.32 -4.85 30.27
CA ASP B 924 -22.12 -5.15 29.44
C ASP B 924 -22.58 -5.64 28.06
N VAL B 925 -21.63 -5.94 27.17
CA VAL B 925 -21.88 -6.35 25.75
C VAL B 925 -22.69 -7.65 25.75
N TYR B 926 -22.28 -8.65 26.54
CA TYR B 926 -22.92 -9.99 26.64
C TYR B 926 -24.39 -9.83 27.04
N PHE B 927 -24.66 -8.94 28.01
CA PHE B 927 -26.02 -8.59 28.50
C PHE B 927 -26.82 -7.93 27.37
N GLN B 928 -26.22 -6.97 26.67
CA GLN B 928 -26.86 -6.16 25.60
C GLN B 928 -27.24 -7.05 24.41
N VAL B 929 -26.32 -7.92 23.96
CA VAL B 929 -26.57 -8.88 22.85
C VAL B 929 -27.63 -9.89 23.32
N GLY B 930 -27.60 -10.25 24.61
CA GLY B 930 -28.59 -11.14 25.25
C GLY B 930 -30.01 -10.57 25.16
N LEU B 931 -30.17 -9.27 25.39
CA LEU B 931 -31.47 -8.55 25.31
C LEU B 931 -32.04 -8.66 23.89
N LEU B 932 -31.19 -8.50 22.87
CA LEU B 932 -31.60 -8.48 21.43
C LEU B 932 -32.13 -9.85 21.02
N THR B 933 -31.48 -10.94 21.47
CA THR B 933 -31.87 -12.35 21.18
C THR B 933 -33.13 -12.71 21.97
N THR B 934 -33.27 -12.18 23.19
CA THR B 934 -34.48 -12.32 24.06
C THR B 934 -35.65 -11.59 23.39
N ILE B 935 -35.43 -10.33 23.01
CA ILE B 935 -36.40 -9.47 22.24
C ILE B 935 -36.77 -10.20 20.94
N GLY B 936 -35.76 -10.72 20.22
CA GLY B 936 -35.92 -11.41 18.92
C GLY B 936 -36.86 -12.59 19.01
N LEU B 937 -36.69 -13.44 20.03
CA LEU B 937 -37.49 -14.70 20.21
C LEU B 937 -38.91 -14.35 20.67
N SER B 938 -39.05 -13.38 21.58
CA SER B 938 -40.36 -12.88 22.08
C SER B 938 -41.16 -12.25 20.94
N ALA B 939 -40.48 -11.45 20.09
CA ALA B 939 -41.03 -10.85 18.86
C ALA B 939 -41.51 -11.95 17.91
N LYS B 940 -40.72 -13.02 17.78
CA LYS B 940 -41.00 -14.19 16.91
C LYS B 940 -42.27 -14.90 17.40
N ASN B 941 -42.36 -15.15 18.71
CA ASN B 941 -43.54 -15.78 19.39
C ASN B 941 -44.80 -14.95 19.08
N ALA B 942 -44.69 -13.62 19.18
CA ALA B 942 -45.79 -12.65 18.95
C ALA B 942 -46.20 -12.65 17.48
N ILE B 943 -45.22 -12.64 16.57
CA ILE B 943 -45.43 -12.57 15.09
C ILE B 943 -46.36 -13.72 14.66
N LEU B 944 -46.11 -14.93 15.16
CA LEU B 944 -46.85 -16.17 14.78
C LEU B 944 -48.28 -16.12 15.35
N ILE B 945 -48.45 -15.62 16.58
CA ILE B 945 -49.78 -15.46 17.24
C ILE B 945 -50.63 -14.48 16.41
N VAL B 946 -50.05 -13.34 16.03
CA VAL B 946 -50.73 -12.26 15.26
C VAL B 946 -51.05 -12.78 13.86
N GLU B 947 -50.10 -13.47 13.23
CA GLU B 947 -50.25 -14.05 11.86
C GLU B 947 -51.42 -15.04 11.86
N PHE B 948 -51.43 -15.97 12.82
CA PHE B 948 -52.50 -16.99 13.01
C PHE B 948 -53.84 -16.30 13.23
N ALA B 949 -53.90 -15.37 14.19
CA ALA B 949 -55.11 -14.60 14.56
C ALA B 949 -55.66 -13.87 13.33
N LYS B 950 -54.80 -13.15 12.61
CA LYS B 950 -55.18 -12.34 11.41
C LYS B 950 -55.68 -13.27 10.29
N ASP B 951 -54.99 -14.38 10.06
CA ASP B 951 -55.31 -15.35 8.97
C ASP B 951 -56.69 -15.98 9.22
N LEU B 952 -57.02 -16.27 10.47
CA LEU B 952 -58.35 -16.82 10.88
C LEU B 952 -59.44 -15.79 10.58
N MET B 953 -59.17 -14.50 10.82
CA MET B 953 -60.12 -13.39 10.58
C MET B 953 -60.31 -13.17 9.08
N ASP B 954 -59.22 -13.19 8.31
CA ASP B 954 -59.21 -12.90 6.84
C ASP B 954 -59.84 -14.07 6.07
N LYS B 955 -59.34 -15.30 6.29
CA LYS B 955 -59.70 -16.50 5.51
C LYS B 955 -61.03 -17.08 6.01
N GLU B 956 -61.08 -17.52 7.27
CA GLU B 956 -62.21 -18.28 7.86
C GLU B 956 -63.28 -17.33 8.41
N GLY B 957 -63.08 -16.01 8.30
CA GLY B 957 -64.08 -14.98 8.61
C GLY B 957 -64.49 -14.97 10.08
N LYS B 958 -63.57 -15.36 10.98
CA LYS B 958 -63.80 -15.41 12.45
C LYS B 958 -63.74 -13.99 13.02
N GLY B 959 -64.34 -13.79 14.20
CA GLY B 959 -64.31 -12.52 14.96
C GLY B 959 -62.95 -12.29 15.58
N LEU B 960 -62.70 -11.06 16.04
CA LEU B 960 -61.39 -10.61 16.61
C LEU B 960 -61.01 -11.51 17.80
N ILE B 961 -61.89 -11.63 18.79
CA ILE B 961 -61.62 -12.34 20.08
C ILE B 961 -61.53 -13.85 19.81
N GLU B 962 -62.46 -14.40 19.02
CA GLU B 962 -62.50 -15.84 18.63
C GLU B 962 -61.15 -16.21 18.02
N ALA B 963 -60.70 -15.47 17.01
CA ALA B 963 -59.45 -15.67 16.26
C ALA B 963 -58.24 -15.55 17.20
N THR B 964 -58.26 -14.56 18.09
CA THR B 964 -57.17 -14.27 19.07
C THR B 964 -57.05 -15.44 20.05
N LEU B 965 -58.17 -15.91 20.60
CA LEU B 965 -58.23 -17.04 21.57
C LEU B 965 -57.81 -18.35 20.87
N ASP B 966 -58.26 -18.55 19.64
CA ASP B 966 -57.94 -19.75 18.81
C ASP B 966 -56.45 -19.75 18.45
N ALA B 967 -55.87 -18.55 18.25
CA ALA B 967 -54.44 -18.37 17.89
C ALA B 967 -53.55 -18.74 19.09
N VAL B 968 -53.73 -18.05 20.23
CA VAL B 968 -52.91 -18.24 21.46
C VAL B 968 -53.00 -19.70 21.92
N ARG B 969 -54.16 -20.33 21.75
CA ARG B 969 -54.39 -21.77 22.06
C ARG B 969 -53.42 -22.62 21.24
N MET B 970 -53.35 -22.39 19.93
CA MET B 970 -52.52 -23.16 18.96
C MET B 970 -51.02 -22.89 19.21
N ARG B 971 -50.68 -21.67 19.66
CA ARG B 971 -49.27 -21.19 19.78
C ARG B 971 -48.74 -21.40 21.21
N LEU B 972 -49.56 -21.92 22.14
CA LEU B 972 -49.19 -22.10 23.57
C LEU B 972 -48.08 -23.15 23.69
N ARG B 973 -48.30 -24.35 23.16
CA ARG B 973 -47.40 -25.54 23.31
C ARG B 973 -46.00 -25.23 22.79
N PRO B 974 -45.84 -24.77 21.51
CA PRO B 974 -44.50 -24.57 20.95
C PRO B 974 -43.68 -23.49 21.70
N ILE B 975 -44.35 -22.45 22.20
CA ILE B 975 -43.72 -21.36 23.01
C ILE B 975 -43.19 -21.95 24.32
N LEU B 976 -43.98 -22.80 24.99
CA LEU B 976 -43.62 -23.45 26.28
C LEU B 976 -42.46 -24.43 26.06
N MET B 977 -42.51 -25.20 24.96
CA MET B 977 -41.45 -26.19 24.58
C MET B 977 -40.12 -25.46 24.38
N THR B 978 -40.12 -24.40 23.55
CA THR B 978 -38.93 -23.57 23.23
C THR B 978 -38.37 -22.94 24.52
N SER B 979 -39.24 -22.35 25.34
CA SER B 979 -38.90 -21.63 26.60
C SER B 979 -38.28 -22.62 27.60
N LEU B 980 -38.96 -23.75 27.85
CA LEU B 980 -38.51 -24.81 28.80
C LEU B 980 -37.10 -25.29 28.41
N ALA B 981 -36.89 -25.62 27.15
CA ALA B 981 -35.63 -26.16 26.60
C ALA B 981 -34.50 -25.13 26.75
N PHE B 982 -34.75 -23.88 26.37
CA PHE B 982 -33.74 -22.78 26.27
C PHE B 982 -33.37 -22.28 27.68
N ILE B 983 -34.34 -22.20 28.60
CA ILE B 983 -34.13 -21.76 30.01
C ILE B 983 -33.23 -22.77 30.72
N LEU B 984 -33.52 -24.08 30.57
CA LEU B 984 -32.69 -25.19 31.13
C LEU B 984 -31.33 -25.19 30.43
N GLY B 985 -31.29 -24.88 29.13
CA GLY B 985 -30.07 -24.86 28.30
C GLY B 985 -29.05 -23.84 28.78
N VAL B 986 -29.51 -22.71 29.33
CA VAL B 986 -28.66 -21.57 29.79
C VAL B 986 -28.52 -21.60 31.32
N MET B 987 -29.07 -22.61 31.99
CA MET B 987 -29.01 -22.75 33.47
C MET B 987 -27.57 -22.94 33.93
N PRO B 988 -26.77 -23.82 33.28
CA PRO B 988 -25.38 -24.05 33.71
C PRO B 988 -24.50 -22.79 33.64
N LEU B 989 -24.78 -21.89 32.70
CA LEU B 989 -24.04 -20.62 32.49
C LEU B 989 -24.25 -19.68 33.70
N VAL B 990 -25.45 -19.71 34.30
CA VAL B 990 -25.84 -18.85 35.46
C VAL B 990 -25.07 -19.32 36.70
N ILE B 991 -25.08 -20.63 36.97
CA ILE B 991 -24.55 -21.24 38.24
C ILE B 991 -23.04 -21.48 38.11
N SER B 992 -22.47 -21.39 36.91
CA SER B 992 -21.02 -21.58 36.62
C SER B 992 -20.20 -20.61 37.48
N THR B 993 -19.16 -21.13 38.15
CA THR B 993 -18.22 -20.35 39.02
C THR B 993 -16.77 -20.70 38.69
N GLY B 994 -16.52 -21.33 37.52
CA GLY B 994 -15.19 -21.82 37.11
C GLY B 994 -14.44 -20.80 36.28
N ALA B 995 -13.57 -21.27 35.38
CA ALA B 995 -12.76 -20.45 34.45
C ALA B 995 -13.67 -19.85 33.38
N GLY B 996 -13.55 -18.54 33.15
CA GLY B 996 -14.37 -17.78 32.17
C GLY B 996 -15.84 -17.77 32.54
N SER B 997 -16.16 -17.84 33.84
CA SER B 997 -17.54 -17.86 34.38
C SER B 997 -18.16 -16.47 34.30
N GLY B 998 -17.34 -15.41 34.37
CA GLY B 998 -17.77 -14.01 34.26
C GLY B 998 -18.55 -13.75 32.99
N ALA B 999 -18.04 -14.23 31.85
CA ALA B 999 -18.67 -14.12 30.51
C ALA B 999 -19.93 -15.00 30.48
N GLN B 1000 -19.84 -16.23 30.97
CA GLN B 1000 -20.96 -17.21 31.02
C GLN B 1000 -22.11 -16.63 31.86
N ASN B 1001 -21.80 -16.08 33.04
CA ASN B 1001 -22.78 -15.46 33.97
C ASN B 1001 -23.52 -14.33 33.26
N ALA B 1002 -22.79 -13.44 32.58
CA ALA B 1002 -23.32 -12.29 31.83
C ALA B 1002 -24.29 -12.77 30.74
N VAL B 1003 -23.89 -13.81 30.01
CA VAL B 1003 -24.70 -14.44 28.91
C VAL B 1003 -25.95 -15.10 29.54
N GLY B 1004 -25.76 -15.92 30.58
CA GLY B 1004 -26.80 -16.76 31.18
C GLY B 1004 -27.85 -15.95 31.94
N THR B 1005 -27.42 -15.12 32.89
CA THR B 1005 -28.27 -14.37 33.85
C THR B 1005 -29.30 -13.53 33.09
N GLY B 1006 -28.83 -12.65 32.19
CA GLY B 1006 -29.66 -11.73 31.39
C GLY B 1006 -30.69 -12.47 30.54
N VAL B 1007 -30.30 -13.62 29.98
CA VAL B 1007 -31.15 -14.44 29.06
C VAL B 1007 -32.20 -15.19 29.89
N MET B 1008 -31.79 -15.90 30.93
CA MET B 1008 -32.69 -16.72 31.81
C MET B 1008 -33.83 -15.84 32.32
N GLY B 1009 -33.50 -14.79 33.09
CA GLY B 1009 -34.46 -13.83 33.66
C GLY B 1009 -35.33 -13.21 32.59
N GLY B 1010 -34.72 -12.80 31.47
CA GLY B 1010 -35.40 -12.20 30.31
C GLY B 1010 -36.40 -13.16 29.69
N MET B 1011 -36.03 -14.44 29.55
CA MET B 1011 -36.87 -15.51 28.94
C MET B 1011 -38.06 -15.83 29.85
N VAL B 1012 -37.84 -15.89 31.17
CA VAL B 1012 -38.88 -16.20 32.20
C VAL B 1012 -40.03 -15.19 32.07
N THR B 1013 -39.70 -13.89 32.03
CA THR B 1013 -40.69 -12.78 31.93
C THR B 1013 -41.27 -12.74 30.51
N ALA B 1014 -40.41 -12.83 29.49
CA ALA B 1014 -40.80 -12.82 28.04
C ALA B 1014 -41.84 -13.90 27.78
N THR B 1015 -41.65 -15.10 28.33
CA THR B 1015 -42.54 -16.28 28.17
C THR B 1015 -43.87 -16.02 28.92
N VAL B 1016 -43.78 -15.72 30.23
CA VAL B 1016 -44.95 -15.60 31.15
C VAL B 1016 -45.85 -14.44 30.72
N LEU B 1017 -45.27 -13.28 30.38
CA LEU B 1017 -46.01 -12.03 30.09
C LEU B 1017 -46.64 -12.10 28.69
N ALA B 1018 -45.85 -12.44 27.67
CA ALA B 1018 -46.24 -12.43 26.23
C ALA B 1018 -47.54 -13.22 26.03
N ILE B 1019 -47.61 -14.45 26.54
CA ILE B 1019 -48.77 -15.38 26.35
C ILE B 1019 -50.07 -14.70 26.80
N PHE B 1020 -50.00 -13.76 27.74
CA PHE B 1020 -51.16 -12.99 28.29
C PHE B 1020 -51.27 -11.60 27.64
N PHE B 1021 -50.13 -10.98 27.27
CA PHE B 1021 -50.04 -9.56 26.83
C PHE B 1021 -50.16 -9.43 25.31
N VAL B 1022 -49.63 -10.41 24.55
CA VAL B 1022 -49.66 -10.41 23.06
C VAL B 1022 -51.12 -10.31 22.58
N PRO B 1023 -52.05 -11.17 23.05
CA PRO B 1023 -53.45 -11.06 22.63
C PRO B 1023 -54.10 -9.71 23.01
N VAL B 1024 -53.67 -9.11 24.13
CA VAL B 1024 -54.13 -7.75 24.58
C VAL B 1024 -53.69 -6.71 23.54
N PHE B 1025 -52.40 -6.72 23.18
CA PHE B 1025 -51.79 -5.79 22.20
C PHE B 1025 -52.57 -5.85 20.88
N PHE B 1026 -52.80 -7.06 20.35
CA PHE B 1026 -53.46 -7.32 19.05
C PHE B 1026 -54.89 -6.78 19.07
N VAL B 1027 -55.65 -7.09 20.13
CA VAL B 1027 -57.09 -6.70 20.28
C VAL B 1027 -57.18 -5.17 20.39
N VAL B 1028 -56.37 -4.55 21.24
CA VAL B 1028 -56.36 -3.08 21.50
C VAL B 1028 -56.00 -2.34 20.21
N VAL B 1029 -54.94 -2.78 19.52
CA VAL B 1029 -54.44 -2.17 18.24
C VAL B 1029 -55.53 -2.30 17.16
N ARG B 1030 -56.14 -3.48 17.03
CA ARG B 1030 -57.17 -3.78 16.00
C ARG B 1030 -58.44 -2.98 16.27
N ARG B 1031 -58.82 -2.82 17.54
CA ARG B 1031 -59.99 -2.01 17.98
C ARG B 1031 -59.75 -0.53 17.64
N ARG B 1032 -58.57 0.00 18.02
CA ARG B 1032 -58.17 1.42 17.80
C ARG B 1032 -58.26 1.76 16.31
N PHE B 1033 -57.58 0.98 15.46
CA PHE B 1033 -57.45 1.21 14.00
C PHE B 1033 -58.35 0.21 13.25
N SER B 1034 -59.57 0.64 12.91
CA SER B 1034 -60.52 -0.06 12.01
C SER B 1034 -60.38 0.51 10.60
N ARG B 1035 -59.14 0.79 10.18
CA ARG B 1035 -58.77 1.46 8.91
C ARG B 1035 -58.82 0.44 7.77
N LYS B 1036 -58.07 -0.67 7.93
CA LYS B 1036 -58.11 -1.85 7.02
C LYS B 1036 -59.35 -2.69 7.37
N MET C 1 -39.03 -23.23 -22.09
CA MET C 1 -38.00 -22.41 -22.79
C MET C 1 -37.76 -22.95 -24.20
N PRO C 2 -37.56 -24.28 -24.41
CA PRO C 2 -37.44 -24.84 -25.75
C PRO C 2 -38.63 -24.52 -26.67
N ASN C 3 -39.86 -24.71 -26.16
CA ASN C 3 -41.13 -24.44 -26.90
C ASN C 3 -41.21 -22.95 -27.27
N PHE C 4 -40.70 -22.07 -26.42
CA PHE C 4 -40.70 -20.59 -26.59
C PHE C 4 -39.89 -20.21 -27.83
N PHE C 5 -38.70 -20.80 -28.00
CA PHE C 5 -37.70 -20.44 -29.04
C PHE C 5 -37.95 -21.23 -30.34
N ILE C 6 -38.74 -22.30 -30.29
CA ILE C 6 -39.19 -23.06 -31.50
C ILE C 6 -40.12 -22.15 -32.32
N ASP C 7 -41.00 -21.40 -31.65
CA ASP C 7 -41.93 -20.43 -32.27
C ASP C 7 -41.20 -19.12 -32.60
N ARG C 8 -40.12 -18.81 -31.86
CA ARG C 8 -39.31 -17.57 -32.01
C ARG C 8 -37.89 -17.93 -32.44
N PRO C 9 -37.67 -18.35 -33.71
CA PRO C 9 -36.34 -18.71 -34.19
C PRO C 9 -35.37 -17.52 -34.32
N ILE C 10 -35.90 -16.32 -34.58
CA ILE C 10 -35.09 -15.07 -34.76
C ILE C 10 -34.53 -14.65 -33.39
N PHE C 11 -35.36 -14.68 -32.34
CA PHE C 11 -34.97 -14.44 -30.92
C PHE C 11 -33.79 -15.36 -30.58
N ALA C 12 -33.93 -16.66 -30.88
CA ALA C 12 -32.91 -17.71 -30.63
C ALA C 12 -31.60 -17.34 -31.33
N TRP C 13 -31.68 -16.85 -32.58
CA TRP C 13 -30.51 -16.38 -33.38
C TRP C 13 -29.89 -15.13 -32.75
N VAL C 14 -30.73 -14.17 -32.32
CA VAL C 14 -30.30 -12.88 -31.72
C VAL C 14 -29.43 -13.15 -30.49
N ILE C 15 -29.86 -14.07 -29.61
CA ILE C 15 -29.13 -14.46 -28.37
C ILE C 15 -27.76 -15.02 -28.76
N ALA C 16 -27.71 -15.85 -29.81
CA ALA C 16 -26.48 -16.52 -30.32
C ALA C 16 -25.52 -15.48 -30.91
N ILE C 17 -26.04 -14.56 -31.74
CA ILE C 17 -25.24 -13.52 -32.44
C ILE C 17 -24.60 -12.58 -31.41
N ILE C 18 -25.38 -12.13 -30.41
CA ILE C 18 -24.91 -11.20 -29.33
C ILE C 18 -23.77 -11.87 -28.56
N ILE C 19 -23.90 -13.15 -28.21
CA ILE C 19 -22.86 -13.95 -27.49
C ILE C 19 -21.59 -14.00 -28.36
N MET C 20 -21.74 -14.32 -29.66
CA MET C 20 -20.62 -14.43 -30.63
C MET C 20 -19.94 -13.06 -30.79
N LEU C 21 -20.73 -11.99 -30.90
CA LEU C 21 -20.23 -10.60 -31.07
C LEU C 21 -19.38 -10.22 -29.84
N ALA C 22 -19.93 -10.40 -28.64
CA ALA C 22 -19.25 -10.14 -27.34
C ALA C 22 -17.92 -10.91 -27.29
N GLY C 23 -17.92 -12.15 -27.78
CA GLY C 23 -16.73 -13.01 -27.85
C GLY C 23 -15.68 -12.46 -28.81
N GLY C 24 -16.11 -12.00 -29.98
CA GLY C 24 -15.26 -11.39 -31.01
C GLY C 24 -14.53 -10.17 -30.48
N LEU C 25 -15.23 -9.32 -29.73
CA LEU C 25 -14.68 -8.07 -29.13
C LEU C 25 -13.71 -8.41 -28.00
N ALA C 26 -13.97 -9.50 -27.27
CA ALA C 26 -13.12 -10.00 -26.16
C ALA C 26 -11.76 -10.45 -26.70
N ILE C 27 -11.74 -11.18 -27.81
CA ILE C 27 -10.52 -11.74 -28.47
C ILE C 27 -9.54 -10.60 -28.76
N LEU C 28 -10.04 -9.42 -29.18
CA LEU C 28 -9.21 -8.23 -29.54
C LEU C 28 -8.48 -7.71 -28.29
N LYS C 29 -9.18 -7.64 -27.15
CA LYS C 29 -8.71 -7.01 -25.89
C LYS C 29 -7.90 -8.02 -25.05
N LEU C 30 -8.21 -9.31 -25.17
CA LEU C 30 -7.62 -10.40 -24.32
C LEU C 30 -6.10 -10.44 -24.49
N PRO C 31 -5.32 -10.49 -23.38
CA PRO C 31 -3.88 -10.70 -23.46
C PRO C 31 -3.54 -12.15 -23.85
N VAL C 32 -2.28 -12.40 -24.22
CA VAL C 32 -1.78 -13.71 -24.74
C VAL C 32 -0.47 -14.05 -24.02
N ALA C 33 -0.26 -15.33 -23.70
CA ALA C 33 0.93 -15.87 -23.01
C ALA C 33 0.97 -17.40 -23.15
N GLN C 34 2.06 -18.03 -22.71
CA GLN C 34 2.20 -19.51 -22.65
C GLN C 34 1.40 -20.03 -21.46
N TYR C 35 1.70 -19.53 -20.26
CA TYR C 35 0.99 -19.81 -18.98
C TYR C 35 0.44 -18.51 -18.41
N PRO C 36 -0.50 -18.58 -17.44
CA PRO C 36 -0.79 -17.43 -16.57
C PRO C 36 0.26 -17.33 -15.46
N THR C 37 0.00 -16.55 -14.41
CA THR C 37 0.82 -16.48 -13.18
C THR C 37 0.61 -17.79 -12.40
N ILE C 38 1.39 -18.83 -12.74
CA ILE C 38 1.38 -20.15 -12.05
C ILE C 38 2.51 -20.19 -11.01
N ALA C 39 3.60 -19.44 -11.26
CA ALA C 39 4.77 -19.30 -10.36
C ALA C 39 4.35 -18.57 -9.09
N PRO C 40 4.73 -19.05 -7.89
CA PRO C 40 4.50 -18.30 -6.65
C PRO C 40 5.46 -17.11 -6.55
N PRO C 41 5.00 -15.95 -6.02
CA PRO C 41 5.83 -14.74 -6.01
C PRO C 41 7.00 -14.87 -5.01
N ALA C 42 8.11 -14.17 -5.29
CA ALA C 42 9.34 -14.20 -4.48
C ALA C 42 9.83 -12.76 -4.21
N VAL C 43 10.37 -12.52 -3.02
CA VAL C 43 11.00 -11.24 -2.59
C VAL C 43 12.44 -11.55 -2.18
N THR C 44 13.41 -10.80 -2.73
CA THR C 44 14.86 -10.99 -2.50
C THR C 44 15.42 -9.75 -1.77
N ILE C 45 16.11 -9.99 -0.65
CA ILE C 45 16.86 -8.96 0.14
C ILE C 45 18.34 -9.06 -0.26
N SER C 46 18.86 -8.07 -1.01
CA SER C 46 20.27 -7.96 -1.43
C SER C 46 21.01 -6.98 -0.52
N ALA C 47 22.12 -7.42 0.08
CA ALA C 47 23.02 -6.61 0.94
C ALA C 47 24.47 -6.81 0.49
N SER C 48 25.37 -5.92 0.91
CA SER C 48 26.81 -5.94 0.55
C SER C 48 27.66 -5.46 1.72
N TYR C 49 28.70 -6.22 2.07
CA TYR C 49 29.73 -5.89 3.09
C TYR C 49 31.10 -5.91 2.39
N PRO C 50 31.50 -4.80 1.74
CA PRO C 50 32.75 -4.78 0.96
C PRO C 50 33.97 -5.27 1.77
N GLY C 51 34.70 -6.25 1.21
CA GLY C 51 35.95 -6.80 1.78
C GLY C 51 35.70 -7.99 2.69
N ALA C 52 34.46 -8.20 3.14
CA ALA C 52 34.08 -9.24 4.12
C ALA C 52 34.02 -10.61 3.43
N ASP C 53 34.53 -11.64 4.12
CA ASP C 53 34.46 -13.06 3.67
C ASP C 53 33.05 -13.60 3.90
N ALA C 54 32.76 -14.80 3.37
CA ALA C 54 31.45 -15.48 3.40
C ALA C 54 31.00 -15.71 4.86
N LYS C 55 31.93 -16.15 5.71
CA LYS C 55 31.68 -16.50 7.14
C LYS C 55 31.34 -15.22 7.92
N THR C 56 32.15 -14.17 7.77
CA THR C 56 32.03 -12.87 8.49
C THR C 56 30.68 -12.22 8.16
N VAL C 57 30.31 -12.16 6.88
CA VAL C 57 29.08 -11.45 6.40
C VAL C 57 27.84 -12.28 6.76
N GLN C 58 27.96 -13.61 6.86
CA GLN C 58 26.85 -14.50 7.28
C GLN C 58 26.49 -14.21 8.74
N ASP C 59 27.50 -14.03 9.60
CA ASP C 59 27.34 -13.83 11.06
C ASP C 59 26.79 -12.43 11.36
N THR C 60 27.20 -11.42 10.58
CA THR C 60 26.95 -9.97 10.84
C THR C 60 25.74 -9.46 10.02
N VAL C 61 25.33 -10.15 8.95
CA VAL C 61 24.26 -9.68 8.03
C VAL C 61 23.19 -10.76 7.87
N THR C 62 23.51 -11.88 7.21
CA THR C 62 22.56 -12.93 6.77
C THR C 62 21.75 -13.44 7.96
N GLN C 63 22.43 -13.80 9.06
CA GLN C 63 21.81 -14.41 10.27
C GLN C 63 21.02 -13.33 11.03
N VAL C 64 21.47 -12.08 10.98
CA VAL C 64 20.83 -10.90 11.66
C VAL C 64 19.49 -10.59 10.98
N ILE C 65 19.44 -10.68 9.65
CA ILE C 65 18.21 -10.42 8.84
C ILE C 65 17.25 -11.60 8.98
N GLU C 66 17.76 -12.83 8.79
CA GLU C 66 16.96 -14.09 8.76
C GLU C 66 16.20 -14.29 10.08
N GLN C 67 16.81 -13.94 11.21
CA GLN C 67 16.22 -14.14 12.57
C GLN C 67 15.10 -13.12 12.81
N ASN C 68 15.01 -12.08 11.98
CA ASN C 68 13.96 -11.03 12.02
C ASN C 68 12.88 -11.29 10.96
N MET C 69 13.09 -12.29 10.09
CA MET C 69 12.12 -12.67 9.01
C MET C 69 11.16 -13.72 9.55
N ASN C 70 10.51 -13.42 10.68
CA ASN C 70 9.55 -14.32 11.39
C ASN C 70 8.17 -13.66 11.40
N GLY C 71 7.12 -14.46 11.27
CA GLY C 71 5.72 -14.00 11.28
C GLY C 71 5.41 -13.09 10.11
N ILE C 72 5.81 -13.51 8.90
CA ILE C 72 5.38 -12.89 7.60
C ILE C 72 4.33 -13.82 6.99
N ASP C 73 3.22 -13.27 6.53
CA ASP C 73 2.03 -14.02 6.05
C ASP C 73 2.38 -14.76 4.75
N ASN C 74 1.98 -16.04 4.67
CA ASN C 74 2.01 -16.87 3.43
C ASN C 74 3.46 -17.16 3.00
N LEU C 75 4.40 -17.23 3.95
CA LEU C 75 5.82 -17.55 3.71
C LEU C 75 5.98 -19.08 3.60
N MET C 76 6.36 -19.58 2.42
CA MET C 76 6.52 -21.04 2.13
C MET C 76 7.91 -21.51 2.59
N TYR C 77 8.97 -20.86 2.10
CA TYR C 77 10.38 -21.17 2.47
C TYR C 77 11.27 -19.97 2.19
N MET C 78 12.45 -19.96 2.83
CA MET C 78 13.47 -18.89 2.75
C MET C 78 14.84 -19.52 2.43
N SER C 79 15.43 -19.15 1.28
CA SER C 79 16.79 -19.55 0.86
C SER C 79 17.69 -18.31 0.81
N SER C 80 18.96 -18.46 1.19
CA SER C 80 19.97 -17.37 1.18
C SER C 80 21.37 -17.94 0.92
N ASN C 81 22.27 -17.11 0.39
CA ASN C 81 23.71 -17.43 0.19
C ASN C 81 24.55 -16.21 0.58
N SER C 82 25.71 -16.45 1.21
CA SER C 82 26.70 -15.44 1.66
C SER C 82 28.07 -15.78 1.08
N ASP C 83 28.58 -14.97 0.16
CA ASP C 83 29.80 -15.30 -0.65
C ASP C 83 30.98 -14.42 -0.24
N SER C 84 32.15 -14.67 -0.84
CA SER C 84 33.48 -14.12 -0.46
C SER C 84 33.63 -12.66 -0.93
N THR C 85 32.75 -12.18 -1.81
CA THR C 85 32.72 -10.77 -2.29
C THR C 85 32.01 -9.88 -1.27
N GLY C 86 31.45 -10.48 -0.22
CA GLY C 86 30.70 -9.79 0.84
C GLY C 86 29.24 -9.59 0.48
N THR C 87 28.78 -10.24 -0.60
CA THR C 87 27.40 -10.13 -1.13
C THR C 87 26.50 -11.12 -0.37
N VAL C 88 25.32 -10.65 0.06
CA VAL C 88 24.26 -11.47 0.70
C VAL C 88 22.98 -11.32 -0.13
N GLN C 89 22.28 -12.42 -0.38
CA GLN C 89 20.95 -12.45 -1.04
C GLN C 89 20.04 -13.42 -0.28
N ILE C 90 18.96 -12.91 0.32
CA ILE C 90 17.94 -13.70 1.07
C ILE C 90 16.64 -13.66 0.25
N THR C 91 16.26 -14.79 -0.34
CA THR C 91 15.04 -14.95 -1.19
C THR C 91 13.93 -15.61 -0.34
N LEU C 92 12.79 -14.91 -0.20
CA LEU C 92 11.58 -15.42 0.48
C LEU C 92 10.51 -15.73 -0.59
N THR C 93 10.12 -16.99 -0.72
CA THR C 93 9.06 -17.47 -1.66
C THR C 93 7.75 -17.60 -0.88
N PHE C 94 6.65 -17.12 -1.48
CA PHE C 94 5.31 -17.01 -0.83
C PHE C 94 4.31 -17.95 -1.52
N GLU C 95 3.19 -18.22 -0.85
CA GLU C 95 2.11 -19.11 -1.33
C GLU C 95 1.52 -18.53 -2.63
N SER C 96 1.09 -19.40 -3.55
CA SER C 96 0.42 -19.03 -4.83
C SER C 96 -0.88 -18.29 -4.52
N GLY C 97 -1.06 -17.08 -5.06
CA GLY C 97 -2.22 -16.21 -4.81
C GLY C 97 -1.88 -15.04 -3.89
N THR C 98 -0.72 -15.09 -3.23
CA THR C 98 -0.19 -14.01 -2.35
C THR C 98 0.03 -12.75 -3.19
N ASP C 99 -0.43 -11.59 -2.69
CA ASP C 99 -0.16 -10.26 -3.28
C ASP C 99 1.33 -9.96 -3.10
N ALA C 100 2.09 -9.95 -4.20
CA ALA C 100 3.56 -9.77 -4.22
C ALA C 100 3.93 -8.39 -3.64
N ASP C 101 3.06 -7.39 -3.81
CA ASP C 101 3.25 -6.02 -3.28
C ASP C 101 3.11 -6.02 -1.76
N ILE C 102 2.12 -6.73 -1.22
CA ILE C 102 1.90 -6.89 0.25
C ILE C 102 3.09 -7.67 0.84
N ALA C 103 3.56 -8.70 0.14
CA ALA C 103 4.71 -9.55 0.53
C ALA C 103 5.98 -8.67 0.67
N GLN C 104 6.22 -7.81 -0.31
CA GLN C 104 7.38 -6.88 -0.34
C GLN C 104 7.32 -5.98 0.90
N VAL C 105 6.14 -5.43 1.20
CA VAL C 105 5.90 -4.46 2.32
C VAL C 105 6.20 -5.15 3.66
N GLN C 106 5.64 -6.35 3.88
CA GLN C 106 5.77 -7.12 5.15
C GLN C 106 7.24 -7.48 5.39
N VAL C 107 7.97 -7.86 4.33
CA VAL C 107 9.43 -8.18 4.38
C VAL C 107 10.19 -6.91 4.76
N GLN C 108 9.96 -5.81 4.03
CA GLN C 108 10.60 -4.48 4.24
C GLN C 108 10.38 -4.03 5.68
N ASN C 109 9.14 -4.17 6.18
CA ASN C 109 8.74 -3.80 7.57
C ASN C 109 9.58 -4.61 8.57
N LYS C 110 9.74 -5.92 8.33
CA LYS C 110 10.49 -6.85 9.23
C LYS C 110 11.99 -6.60 9.11
N LEU C 111 12.49 -6.24 7.91
CA LEU C 111 13.93 -5.99 7.64
C LEU C 111 14.40 -4.78 8.46
N GLN C 112 13.54 -3.77 8.65
CA GLN C 112 13.90 -2.48 9.29
C GLN C 112 14.26 -2.70 10.77
N LEU C 113 13.82 -3.82 11.37
CA LEU C 113 14.22 -4.23 12.75
C LEU C 113 15.70 -4.63 12.74
N ALA C 114 16.16 -5.31 11.69
CA ALA C 114 17.54 -5.84 11.53
C ALA C 114 18.51 -4.72 11.15
N MET C 115 18.08 -3.76 10.31
CA MET C 115 18.92 -2.67 9.75
C MET C 115 19.79 -2.04 10.84
N PRO C 116 19.23 -1.62 12.00
CA PRO C 116 20.05 -1.17 13.13
C PRO C 116 21.26 -2.04 13.50
N LEU C 117 21.05 -3.37 13.53
CA LEU C 117 22.01 -4.36 14.07
C LEU C 117 23.08 -4.71 13.04
N LEU C 118 22.88 -4.32 11.77
CA LEU C 118 23.85 -4.55 10.67
C LEU C 118 25.06 -3.65 10.86
N PRO C 119 26.23 -3.99 10.26
CA PRO C 119 27.40 -3.11 10.29
C PRO C 119 27.12 -1.80 9.54
N GLN C 120 27.81 -0.71 9.93
CA GLN C 120 27.64 0.64 9.35
C GLN C 120 27.96 0.59 7.86
N GLU C 121 28.99 -0.17 7.47
CA GLU C 121 29.46 -0.32 6.06
C GLU C 121 28.33 -0.92 5.20
N VAL C 122 27.56 -1.87 5.75
CA VAL C 122 26.45 -2.57 5.04
C VAL C 122 25.29 -1.58 4.82
N GLN C 123 25.01 -0.74 5.83
CA GLN C 123 23.94 0.30 5.79
C GLN C 123 24.30 1.39 4.76
N GLN C 124 25.60 1.64 4.57
CA GLN C 124 26.13 2.70 3.67
C GLN C 124 25.98 2.26 2.20
N GLN C 125 26.05 0.96 1.92
CA GLN C 125 25.85 0.38 0.56
C GLN C 125 24.35 0.40 0.23
N GLY C 126 23.49 0.19 1.23
CA GLY C 126 22.02 0.12 1.08
C GLY C 126 21.54 -1.31 0.93
N VAL C 127 20.33 -1.60 1.41
CA VAL C 127 19.69 -2.95 1.37
C VAL C 127 18.39 -2.84 0.57
N SER C 128 18.35 -3.44 -0.62
CA SER C 128 17.18 -3.44 -1.54
C SER C 128 16.23 -4.59 -1.18
N VAL C 129 14.93 -4.33 -1.16
CA VAL C 129 13.83 -5.33 -0.98
C VAL C 129 12.88 -5.20 -2.18
N GLU C 130 12.99 -6.11 -3.14
CA GLU C 130 12.26 -6.05 -4.44
C GLU C 130 11.76 -7.46 -4.82
N LYS C 131 10.64 -7.52 -5.55
CA LYS C 131 10.08 -8.76 -6.14
C LYS C 131 11.10 -9.31 -7.16
N SER C 132 11.32 -10.62 -7.16
CA SER C 132 12.43 -11.29 -7.90
C SER C 132 11.93 -12.53 -8.66
N SER C 133 12.62 -12.85 -9.76
CA SER C 133 12.52 -14.13 -10.51
C SER C 133 13.95 -14.62 -10.82
N SER C 134 14.15 -15.94 -10.83
CA SER C 134 15.50 -16.58 -10.85
C SER C 134 16.06 -16.67 -12.28
N SER C 135 15.21 -16.77 -13.31
CA SER C 135 15.61 -17.04 -14.72
C SER C 135 15.39 -15.80 -15.60
N PHE C 136 16.16 -15.71 -16.69
CA PHE C 136 16.14 -14.61 -17.69
C PHE C 136 15.05 -14.87 -18.74
N LEU C 137 14.24 -13.85 -19.05
CA LEU C 137 13.27 -13.85 -20.17
C LEU C 137 14.04 -13.97 -21.48
N MET C 138 15.08 -13.15 -21.64
CA MET C 138 15.97 -13.12 -22.83
C MET C 138 17.34 -12.56 -22.44
N VAL C 139 18.34 -12.73 -23.31
CA VAL C 139 19.66 -12.04 -23.26
C VAL C 139 19.80 -11.23 -24.54
N VAL C 140 19.87 -9.90 -24.42
CA VAL C 140 20.13 -8.95 -25.55
C VAL C 140 21.65 -8.78 -25.69
N GLY C 141 22.22 -9.29 -26.78
CA GLY C 141 23.66 -9.22 -27.08
C GLY C 141 24.01 -7.98 -27.87
N VAL C 142 25.22 -7.45 -27.68
CA VAL C 142 25.77 -6.26 -28.41
C VAL C 142 27.20 -6.57 -28.84
N ILE C 143 27.48 -6.45 -30.14
CA ILE C 143 28.81 -6.70 -30.77
C ILE C 143 29.20 -5.47 -31.60
N ASN C 144 30.46 -5.43 -32.07
CA ASN C 144 30.99 -4.40 -33.00
C ASN C 144 31.53 -5.10 -34.24
N THR C 145 31.03 -4.73 -35.42
CA THR C 145 31.27 -5.43 -36.71
C THR C 145 32.45 -4.80 -37.48
N ASP C 146 32.68 -3.49 -37.30
CA ASP C 146 33.72 -2.72 -38.03
C ASP C 146 35.03 -2.67 -37.21
N GLY C 147 35.05 -3.31 -36.04
CA GLY C 147 36.26 -3.49 -35.19
C GLY C 147 36.87 -2.17 -34.75
N THR C 148 36.03 -1.16 -34.46
CA THR C 148 36.44 0.17 -33.95
C THR C 148 36.26 0.23 -32.43
N MET C 149 35.37 -0.61 -31.87
CA MET C 149 35.06 -0.70 -30.42
C MET C 149 35.48 -2.07 -29.88
N THR C 150 36.19 -2.09 -28.74
CA THR C 150 36.62 -3.32 -28.02
C THR C 150 35.46 -3.82 -27.15
N GLN C 151 35.65 -4.99 -26.52
CA GLN C 151 34.69 -5.63 -25.58
C GLN C 151 34.35 -4.64 -24.45
N GLU C 152 35.38 -4.03 -23.86
CA GLU C 152 35.28 -3.10 -22.71
C GLU C 152 34.53 -1.84 -23.14
N ASP C 153 34.71 -1.43 -24.40
CA ASP C 153 34.12 -0.20 -24.99
C ASP C 153 32.62 -0.42 -25.22
N ILE C 154 32.24 -1.60 -25.76
CA ILE C 154 30.82 -1.99 -26.00
C ILE C 154 30.09 -2.06 -24.65
N SER C 155 30.72 -2.65 -23.64
CA SER C 155 30.17 -2.80 -22.26
C SER C 155 29.82 -1.43 -21.68
N ASP C 156 30.71 -0.44 -21.85
CA ASP C 156 30.50 0.95 -21.35
C ASP C 156 29.27 1.56 -22.03
N TYR C 157 29.20 1.50 -23.36
CA TYR C 157 28.10 2.13 -24.16
C TYR C 157 26.75 1.57 -23.72
N VAL C 158 26.65 0.23 -23.56
CA VAL C 158 25.42 -0.47 -23.10
C VAL C 158 25.07 0.02 -21.69
N ALA C 159 26.05 0.03 -20.78
CA ALA C 159 25.89 0.42 -19.36
C ALA C 159 25.50 1.89 -19.24
N ALA C 160 26.01 2.75 -20.14
CA ALA C 160 25.91 4.22 -20.05
C ALA C 160 24.71 4.76 -20.85
N ASN C 161 24.35 4.10 -21.97
CA ASN C 161 23.38 4.66 -22.96
C ASN C 161 22.16 3.74 -23.17
N MET C 162 22.14 2.52 -22.61
CA MET C 162 21.10 1.51 -22.93
C MET C 162 20.47 0.94 -21.65
N LYS C 163 21.28 0.50 -20.67
CA LYS C 163 20.83 -0.29 -19.49
C LYS C 163 19.71 0.44 -18.73
N ASP C 164 19.94 1.70 -18.35
CA ASP C 164 19.02 2.52 -17.51
C ASP C 164 17.63 2.56 -18.15
N ALA C 165 17.54 2.81 -19.46
CA ALA C 165 16.28 2.92 -20.23
C ALA C 165 15.58 1.55 -20.30
N ILE C 166 16.34 0.49 -20.54
CA ILE C 166 15.84 -0.92 -20.61
C ILE C 166 15.29 -1.32 -19.24
N SER C 167 15.96 -0.93 -18.16
CA SER C 167 15.61 -1.28 -16.75
C SER C 167 14.32 -0.58 -16.32
N ARG C 168 13.95 0.53 -16.98
CA ARG C 168 12.71 1.32 -16.70
C ARG C 168 11.62 0.97 -17.72
N THR C 169 11.89 0.03 -18.65
CA THR C 169 10.95 -0.39 -19.72
C THR C 169 9.82 -1.21 -19.11
N SER C 170 8.64 -1.20 -19.75
CA SER C 170 7.38 -1.86 -19.28
C SER C 170 7.61 -3.37 -19.12
N GLY C 171 7.37 -3.88 -17.91
CA GLY C 171 7.36 -5.33 -17.60
C GLY C 171 8.74 -5.88 -17.27
N VAL C 172 9.77 -5.04 -17.28
CA VAL C 172 11.19 -5.44 -17.03
C VAL C 172 11.46 -5.40 -15.53
N GLY C 173 11.85 -6.53 -14.94
CA GLY C 173 12.29 -6.65 -13.54
C GLY C 173 13.74 -6.24 -13.39
N ASP C 174 14.61 -7.17 -12.99
CA ASP C 174 16.07 -6.97 -12.84
C ASP C 174 16.73 -7.02 -14.23
N VAL C 175 17.80 -6.24 -14.42
CA VAL C 175 18.64 -6.23 -15.65
C VAL C 175 20.10 -6.45 -15.23
N GLN C 176 20.73 -7.49 -15.80
CA GLN C 176 22.13 -7.91 -15.50
C GLN C 176 23.03 -7.55 -16.69
N LEU C 177 24.02 -6.68 -16.47
CA LEU C 177 25.04 -6.32 -17.50
C LEU C 177 26.12 -7.40 -17.54
N PHE C 178 26.31 -8.03 -18.70
CA PHE C 178 27.39 -9.02 -18.97
C PHE C 178 28.63 -8.23 -19.41
N GLY C 179 29.27 -7.58 -18.43
CA GLY C 179 30.34 -6.60 -18.61
C GLY C 179 30.34 -5.58 -17.47
N SER C 180 31.02 -4.45 -17.66
CA SER C 180 31.14 -3.36 -16.65
C SER C 180 31.16 -2.00 -17.35
N GLN C 181 30.51 -0.99 -16.75
CA GLN C 181 30.58 0.43 -17.17
C GLN C 181 32.00 0.94 -16.91
N TYR C 182 32.50 1.86 -17.75
CA TYR C 182 33.82 2.50 -17.56
C TYR C 182 33.82 3.30 -16.25
N ALA C 183 34.97 3.30 -15.58
CA ALA C 183 35.30 4.15 -14.42
C ALA C 183 36.70 4.73 -14.65
N MET C 184 37.02 5.86 -14.00
CA MET C 184 38.39 6.43 -14.04
C MET C 184 39.30 5.52 -13.22
N ARG C 185 40.14 4.73 -13.90
CA ARG C 185 41.08 3.75 -13.27
C ARG C 185 42.42 4.42 -13.02
N ILE C 186 42.83 4.50 -11.74
CA ILE C 186 44.16 4.97 -11.31
C ILE C 186 45.00 3.75 -10.91
N TRP C 187 45.74 3.19 -11.87
CA TRP C 187 46.61 1.99 -11.69
C TRP C 187 47.94 2.43 -11.06
N MET C 188 48.07 2.27 -9.74
CA MET C 188 49.20 2.79 -8.93
C MET C 188 50.44 1.93 -9.13
N ASN C 189 51.62 2.56 -9.10
CA ASN C 189 52.96 1.92 -9.16
C ASN C 189 53.61 2.06 -7.79
N PRO C 190 53.85 0.95 -7.05
CA PRO C 190 54.39 1.03 -5.69
C PRO C 190 55.84 1.53 -5.62
N ASN C 191 56.63 1.29 -6.69
CA ASN C 191 58.04 1.72 -6.82
C ASN C 191 58.09 3.25 -6.96
N GLU C 192 57.25 3.81 -7.83
CA GLU C 192 57.17 5.27 -8.11
C GLU C 192 56.62 6.00 -6.89
N LEU C 193 55.69 5.38 -6.16
CA LEU C 193 55.11 5.93 -4.89
C LEU C 193 56.19 6.01 -3.82
N ASN C 194 56.99 4.94 -3.67
CA ASN C 194 58.12 4.86 -2.70
C ASN C 194 59.21 5.88 -3.11
N LYS C 195 59.40 6.08 -4.41
CA LYS C 195 60.43 6.98 -5.00
C LYS C 195 60.22 8.41 -4.51
N PHE C 196 58.97 8.90 -4.51
CA PHE C 196 58.58 10.28 -4.10
C PHE C 196 58.09 10.29 -2.64
N GLN C 197 58.20 9.16 -1.94
CA GLN C 197 57.79 8.98 -0.52
C GLN C 197 56.30 9.31 -0.38
N LEU C 198 55.45 8.58 -1.10
CA LEU C 198 53.97 8.74 -1.12
C LEU C 198 53.29 7.38 -0.93
N THR C 199 51.99 7.39 -0.65
CA THR C 199 51.14 6.19 -0.41
C THR C 199 49.82 6.35 -1.16
N PRO C 200 48.99 5.28 -1.26
CA PRO C 200 47.62 5.42 -1.76
C PRO C 200 46.74 6.38 -0.94
N VAL C 201 47.10 6.64 0.32
CA VAL C 201 46.41 7.61 1.22
C VAL C 201 46.53 9.01 0.61
N ASP C 202 47.73 9.36 0.12
CA ASP C 202 48.06 10.68 -0.49
C ASP C 202 47.34 10.83 -1.83
N VAL C 203 47.16 9.72 -2.56
CA VAL C 203 46.49 9.69 -3.89
C VAL C 203 44.98 9.94 -3.69
N ILE C 204 44.38 9.25 -2.72
CA ILE C 204 42.92 9.33 -2.39
C ILE C 204 42.62 10.76 -1.88
N THR C 205 43.49 11.31 -1.03
CA THR C 205 43.39 12.68 -0.46
C THR C 205 43.43 13.70 -1.60
N ALA C 206 44.35 13.52 -2.55
CA ALA C 206 44.58 14.42 -3.71
C ALA C 206 43.36 14.41 -4.65
N ILE C 207 42.84 13.21 -4.96
CA ILE C 207 41.69 13.01 -5.89
C ILE C 207 40.43 13.64 -5.28
N LYS C 208 40.18 13.42 -3.98
CA LYS C 208 39.00 13.96 -3.25
C LYS C 208 39.04 15.50 -3.28
N ALA C 209 40.23 16.10 -3.21
CA ALA C 209 40.46 17.56 -3.14
C ALA C 209 40.35 18.20 -4.53
N GLN C 210 40.84 17.52 -5.57
CA GLN C 210 41.04 18.10 -6.92
C GLN C 210 39.98 17.58 -7.92
N ASN C 211 39.30 16.48 -7.58
CA ASN C 211 38.07 16.00 -8.30
C ASN C 211 36.88 16.20 -7.36
N ALA C 212 36.46 17.45 -7.18
CA ALA C 212 35.38 17.88 -6.25
C ALA C 212 34.33 18.70 -7.01
N GLN C 213 33.08 18.64 -6.55
CA GLN C 213 31.95 19.48 -7.03
C GLN C 213 31.48 20.34 -5.83
N VAL C 214 31.96 21.58 -5.76
CA VAL C 214 31.80 22.49 -4.58
C VAL C 214 30.57 23.37 -4.79
N ALA C 215 29.73 23.49 -3.75
CA ALA C 215 28.64 24.48 -3.63
C ALA C 215 29.24 25.77 -3.04
N ALA C 216 29.39 26.81 -3.86
CA ALA C 216 30.13 28.05 -3.53
C ALA C 216 29.18 29.24 -3.32
N GLY C 217 27.87 29.02 -3.39
CA GLY C 217 26.84 30.05 -3.12
C GLY C 217 26.59 30.95 -4.33
N GLN C 218 26.12 32.18 -4.08
CA GLN C 218 25.68 33.15 -5.13
C GLN C 218 26.23 34.56 -4.84
N LEU C 219 26.29 35.38 -5.89
CA LEU C 219 26.45 36.86 -5.82
C LEU C 219 25.04 37.48 -5.82
N GLY C 220 24.78 38.42 -4.90
CA GLY C 220 23.47 39.09 -4.75
C GLY C 220 22.36 38.11 -4.41
N GLY C 221 22.67 37.08 -3.61
CA GLY C 221 21.69 36.07 -3.14
C GLY C 221 20.85 36.62 -1.99
N THR C 222 19.73 35.97 -1.69
CA THR C 222 18.76 36.37 -0.64
C THR C 222 19.29 35.97 0.73
N PRO C 223 19.13 36.81 1.79
CA PRO C 223 18.58 38.15 1.67
C PRO C 223 19.59 39.16 1.11
N PRO C 224 19.22 39.97 0.10
CA PRO C 224 20.15 40.93 -0.49
C PRO C 224 20.16 42.28 0.24
N VAL C 225 21.19 43.10 -0.01
CA VAL C 225 21.17 44.56 0.26
C VAL C 225 20.23 45.18 -0.78
N LYS C 226 19.12 45.77 -0.33
CA LYS C 226 18.05 46.34 -1.20
C LYS C 226 18.71 47.29 -2.21
N GLY C 227 18.49 47.07 -3.51
CA GLY C 227 19.07 47.87 -4.61
C GLY C 227 20.03 47.05 -5.47
N GLN C 228 20.39 45.84 -5.02
CA GLN C 228 21.26 44.88 -5.77
C GLN C 228 20.72 44.70 -7.19
N GLN C 229 21.58 44.83 -8.19
CA GLN C 229 21.25 44.65 -9.64
C GLN C 229 21.69 43.25 -10.11
N LEU C 230 22.87 42.79 -9.67
CA LEU C 230 23.50 41.53 -10.10
C LEU C 230 23.02 40.36 -9.24
N ASN C 231 22.53 39.29 -9.87
CA ASN C 231 22.24 37.97 -9.25
C ASN C 231 22.92 36.88 -10.09
N ALA C 232 24.06 36.35 -9.63
CA ALA C 232 24.91 35.39 -10.36
C ALA C 232 25.34 34.25 -9.43
N SER C 233 25.24 33.00 -9.90
CA SER C 233 25.77 31.79 -9.24
C SER C 233 27.30 31.85 -9.21
N ILE C 234 27.92 31.37 -8.11
CA ILE C 234 29.40 31.23 -7.97
C ILE C 234 29.75 29.77 -8.27
N ILE C 235 30.60 29.55 -9.29
CA ILE C 235 31.08 28.22 -9.73
C ILE C 235 32.55 28.05 -9.29
N ALA C 236 32.80 27.14 -8.35
CA ALA C 236 34.15 26.74 -7.89
C ALA C 236 34.55 25.44 -8.61
N GLN C 237 35.27 24.54 -7.95
CA GLN C 237 35.73 23.24 -8.50
C GLN C 237 34.52 22.46 -9.03
N THR C 238 34.64 21.91 -10.25
CA THR C 238 33.71 20.93 -10.86
C THR C 238 34.45 19.59 -11.02
N ARG C 239 33.71 18.51 -11.27
CA ARG C 239 34.26 17.15 -11.48
C ARG C 239 35.19 17.17 -12.70
N LEU C 240 36.29 16.42 -12.65
CA LEU C 240 37.19 16.17 -13.81
C LEU C 240 36.43 15.29 -14.79
N THR C 241 36.70 15.43 -16.10
CA THR C 241 35.90 14.83 -17.20
C THR C 241 36.75 13.94 -18.13
N SER C 242 38.06 13.82 -17.87
CA SER C 242 39.02 13.16 -18.79
C SER C 242 40.25 12.63 -18.02
N THR C 243 40.94 11.64 -18.60
CA THR C 243 42.19 11.04 -18.07
C THR C 243 43.29 12.11 -17.98
N GLU C 244 43.30 13.06 -18.92
CA GLU C 244 44.29 14.16 -19.02
C GLU C 244 44.23 15.01 -17.74
N GLU C 245 43.03 15.35 -17.27
CA GLU C 245 42.80 16.20 -16.07
C GLU C 245 43.24 15.45 -14.81
N PHE C 246 42.84 14.18 -14.67
CA PHE C 246 43.23 13.29 -13.54
C PHE C 246 44.75 13.12 -13.53
N GLY C 247 45.36 13.00 -14.71
CA GLY C 247 46.83 12.85 -14.89
C GLY C 247 47.62 13.99 -14.27
N LYS C 248 47.10 15.22 -14.35
CA LYS C 248 47.81 16.46 -13.89
C LYS C 248 47.34 16.85 -12.49
N ILE C 249 46.72 15.92 -11.73
CA ILE C 249 46.40 16.10 -10.28
C ILE C 249 47.74 16.22 -9.53
N LEU C 250 47.95 17.34 -8.84
CA LEU C 250 49.21 17.67 -8.11
C LEU C 250 49.21 16.95 -6.75
N LEU C 251 50.09 15.97 -6.57
CA LEU C 251 50.24 15.19 -5.31
C LEU C 251 51.06 16.03 -4.31
N LYS C 252 52.20 16.58 -4.74
CA LYS C 252 53.06 17.49 -3.93
C LYS C 252 54.06 18.22 -4.82
N VAL C 253 54.75 19.22 -4.24
CA VAL C 253 55.86 19.99 -4.87
C VAL C 253 57.13 19.76 -4.04
N ASN C 254 58.22 19.31 -4.67
CA ASN C 254 59.51 18.99 -4.01
C ASN C 254 60.23 20.29 -3.61
N GLN C 255 61.30 20.16 -2.83
CA GLN C 255 62.09 21.29 -2.24
C GLN C 255 62.72 22.14 -3.36
N ASP C 256 63.10 21.51 -4.48
CA ASP C 256 63.79 22.17 -5.62
C ASP C 256 62.75 22.76 -6.60
N GLY C 257 61.46 22.72 -6.26
CA GLY C 257 60.38 23.33 -7.05
C GLY C 257 59.71 22.34 -8.01
N SER C 258 60.36 21.21 -8.29
CA SER C 258 59.88 20.15 -9.22
C SER C 258 58.58 19.55 -8.68
N ARG C 259 57.60 19.32 -9.55
CA ARG C 259 56.20 18.93 -9.20
C ARG C 259 56.01 17.42 -9.43
N VAL C 260 55.27 16.76 -8.54
CA VAL C 260 54.91 15.32 -8.61
C VAL C 260 53.41 15.22 -8.94
N LEU C 261 53.08 14.89 -10.18
CA LEU C 261 51.68 14.73 -10.68
C LEU C 261 51.24 13.28 -10.45
N LEU C 262 49.95 12.98 -10.64
CA LEU C 262 49.35 11.64 -10.43
C LEU C 262 49.85 10.67 -11.51
N ARG C 263 50.11 11.17 -12.72
CA ARG C 263 50.54 10.36 -13.89
C ARG C 263 52.01 9.91 -13.72
N ASP C 264 52.74 10.50 -12.77
CA ASP C 264 54.17 10.17 -12.48
C ASP C 264 54.26 8.95 -11.56
N VAL C 265 53.16 8.59 -10.86
CA VAL C 265 53.11 7.46 -9.90
C VAL C 265 52.06 6.41 -10.31
N ALA C 266 51.29 6.67 -11.37
CA ALA C 266 50.15 5.81 -11.78
C ALA C 266 49.88 5.94 -13.28
N LYS C 267 49.18 4.95 -13.85
CA LYS C 267 48.66 4.96 -15.24
C LYS C 267 47.17 5.30 -15.21
N ILE C 268 46.74 6.26 -16.03
CA ILE C 268 45.36 6.82 -16.06
C ILE C 268 44.67 6.38 -17.35
N GLU C 269 43.53 5.70 -17.25
CA GLU C 269 42.73 5.24 -18.41
C GLU C 269 41.28 4.96 -17.97
N LEU C 270 40.33 5.09 -18.92
CA LEU C 270 38.94 4.60 -18.75
C LEU C 270 38.96 3.07 -18.76
N GLY C 271 38.48 2.45 -17.67
CA GLY C 271 38.42 0.99 -17.50
C GLY C 271 37.24 0.58 -16.63
N GLY C 272 36.79 -0.67 -16.76
CA GLY C 272 35.60 -1.20 -16.06
C GLY C 272 35.67 -1.03 -14.56
N GLU C 273 34.52 -0.94 -13.89
CA GLU C 273 34.39 -0.89 -12.41
C GLU C 273 34.97 -2.20 -11.83
N ASN C 274 34.65 -3.33 -12.45
CA ASN C 274 35.24 -4.66 -12.20
C ASN C 274 35.56 -5.34 -13.54
N TYR C 275 36.50 -6.29 -13.55
CA TYR C 275 36.96 -7.03 -14.75
C TYR C 275 36.64 -8.53 -14.59
N ASP C 276 35.59 -8.86 -13.85
CA ASP C 276 35.22 -10.26 -13.49
C ASP C 276 34.42 -10.88 -14.64
N ILE C 277 33.48 -10.13 -15.23
CA ILE C 277 32.52 -10.63 -16.26
C ILE C 277 33.05 -10.29 -17.67
N ILE C 278 33.26 -11.33 -18.49
CA ILE C 278 33.70 -11.22 -19.92
C ILE C 278 32.80 -12.14 -20.76
N ALA C 279 32.09 -11.58 -21.74
CA ALA C 279 31.11 -12.28 -22.59
C ALA C 279 31.62 -12.41 -24.03
N GLU C 280 31.16 -13.43 -24.75
CA GLU C 280 31.47 -13.67 -26.18
C GLU C 280 30.24 -14.19 -26.90
N PHE C 281 30.02 -13.74 -28.14
CA PHE C 281 28.93 -14.20 -29.06
C PHE C 281 29.55 -14.92 -30.26
N ASN C 282 29.46 -16.26 -30.27
CA ASN C 282 30.04 -17.15 -31.31
C ASN C 282 31.56 -16.93 -31.38
N GLY C 283 32.20 -16.86 -30.20
CA GLY C 283 33.66 -16.73 -30.05
C GLY C 283 34.18 -15.37 -30.49
N GLN C 284 33.34 -14.34 -30.44
CA GLN C 284 33.68 -12.93 -30.82
C GLN C 284 33.41 -12.02 -29.61
N PRO C 285 34.31 -11.05 -29.31
CA PRO C 285 34.10 -10.14 -28.18
C PRO C 285 32.70 -9.49 -28.20
N ALA C 286 32.02 -9.49 -27.06
CA ALA C 286 30.60 -9.04 -26.93
C ALA C 286 30.33 -8.52 -25.51
N SER C 287 29.29 -7.70 -25.38
CA SER C 287 28.58 -7.39 -24.11
C SER C 287 27.13 -7.83 -24.26
N GLY C 288 26.33 -7.71 -23.19
CA GLY C 288 24.90 -8.11 -23.22
C GLY C 288 24.15 -7.67 -21.98
N LEU C 289 22.81 -7.66 -22.08
CA LEU C 289 21.87 -7.40 -20.97
C LEU C 289 21.03 -8.65 -20.73
N GLY C 290 21.21 -9.30 -19.57
CA GLY C 290 20.33 -10.38 -19.08
C GLY C 290 19.09 -9.80 -18.42
N ILE C 291 17.96 -9.81 -19.13
CA ILE C 291 16.69 -9.16 -18.72
C ILE C 291 15.78 -10.20 -18.05
N LYS C 292 15.35 -9.92 -16.81
CA LYS C 292 14.35 -10.72 -16.05
C LYS C 292 12.95 -10.13 -16.31
N LEU C 293 11.92 -10.98 -16.32
CA LEU C 293 10.50 -10.57 -16.43
C LEU C 293 9.98 -10.21 -15.04
N ALA C 294 9.33 -9.05 -14.92
CA ALA C 294 8.70 -8.55 -13.67
C ALA C 294 7.52 -9.45 -13.31
N THR C 295 7.26 -9.64 -12.01
CA THR C 295 6.18 -10.49 -11.46
C THR C 295 4.83 -10.02 -12.00
N GLY C 296 4.09 -10.90 -12.67
CA GLY C 296 2.72 -10.64 -13.17
C GLY C 296 2.70 -9.92 -14.51
N ALA C 297 3.88 -9.65 -15.11
CA ALA C 297 4.03 -8.97 -16.42
C ALA C 297 3.80 -9.98 -17.55
N ASN C 298 3.31 -9.49 -18.70
CA ASN C 298 3.05 -10.30 -19.92
C ASN C 298 4.35 -10.37 -20.73
N ALA C 299 4.86 -11.59 -20.95
CA ALA C 299 6.18 -11.87 -21.57
C ALA C 299 6.26 -11.33 -23.00
N LEU C 300 5.17 -11.46 -23.77
CA LEU C 300 5.09 -11.01 -25.19
C LEU C 300 5.07 -9.48 -25.25
N ASP C 301 4.30 -8.82 -24.38
CA ASP C 301 4.19 -7.34 -24.29
C ASP C 301 5.54 -6.76 -23.83
N THR C 302 6.20 -7.41 -22.87
CA THR C 302 7.51 -6.99 -22.29
C THR C 302 8.59 -7.07 -23.37
N ALA C 303 8.62 -8.14 -24.16
CA ALA C 303 9.58 -8.37 -25.26
C ALA C 303 9.35 -7.34 -26.37
N ALA C 304 8.08 -7.06 -26.70
CA ALA C 304 7.66 -6.04 -27.70
C ALA C 304 8.12 -4.65 -27.24
N ALA C 305 8.05 -4.37 -25.94
CA ALA C 305 8.46 -3.10 -25.31
C ALA C 305 9.99 -2.97 -25.34
N ILE C 306 10.70 -4.07 -25.09
CA ILE C 306 12.20 -4.13 -25.12
C ILE C 306 12.69 -3.83 -26.54
N ARG C 307 12.07 -4.44 -27.56
CA ARG C 307 12.43 -4.28 -28.98
C ARG C 307 12.10 -2.85 -29.44
N ALA C 308 10.94 -2.32 -29.04
CA ALA C 308 10.48 -0.95 -29.35
C ALA C 308 11.45 0.08 -28.77
N GLU C 309 11.98 -0.17 -27.57
CA GLU C 309 12.92 0.73 -26.85
C GLU C 309 14.32 0.65 -27.50
N LEU C 310 14.72 -0.53 -27.96
CA LEU C 310 16.03 -0.75 -28.65
C LEU C 310 15.98 -0.08 -30.04
N ALA C 311 14.82 -0.07 -30.68
CA ALA C 311 14.57 0.56 -32.00
C ALA C 311 14.75 2.08 -31.90
N LYS C 312 14.48 2.67 -30.73
CA LYS C 312 14.65 4.12 -30.44
C LYS C 312 16.14 4.45 -30.31
N MET C 313 16.94 3.54 -29.76
CA MET C 313 18.39 3.73 -29.46
C MET C 313 19.22 3.52 -30.73
N GLU C 314 18.78 2.63 -31.63
CA GLU C 314 19.55 2.09 -32.77
C GLU C 314 20.10 3.23 -33.65
N PRO C 315 19.27 4.24 -34.01
CA PRO C 315 19.75 5.35 -34.84
C PRO C 315 20.91 6.19 -34.25
N PHE C 316 21.12 6.14 -32.93
CA PHE C 316 22.13 6.95 -32.21
C PHE C 316 23.36 6.11 -31.83
N PHE C 317 23.46 4.88 -32.36
CA PHE C 317 24.60 3.96 -32.12
C PHE C 317 25.84 4.48 -32.86
N PRO C 318 27.07 4.22 -32.33
CA PRO C 318 28.28 4.40 -33.10
C PRO C 318 28.35 3.41 -34.28
N SER C 319 29.17 3.70 -35.28
CA SER C 319 29.38 2.84 -36.47
C SER C 319 29.86 1.45 -36.04
N GLY C 320 29.23 0.40 -36.58
CA GLY C 320 29.63 -1.01 -36.37
C GLY C 320 28.83 -1.69 -35.27
N LEU C 321 28.38 -0.94 -34.26
CA LEU C 321 27.61 -1.49 -33.09
C LEU C 321 26.30 -2.08 -33.61
N LYS C 322 26.02 -3.34 -33.27
CA LYS C 322 24.86 -4.13 -33.77
C LYS C 322 24.26 -4.94 -32.62
N ILE C 323 22.92 -5.03 -32.58
CA ILE C 323 22.16 -5.84 -31.60
C ILE C 323 22.00 -7.26 -32.17
N VAL C 324 22.35 -8.28 -31.36
CA VAL C 324 22.12 -9.72 -31.66
C VAL C 324 21.20 -10.28 -30.58
N TYR C 325 20.50 -11.39 -30.89
CA TYR C 325 19.47 -12.03 -30.03
C TYR C 325 19.88 -13.48 -29.77
N PRO C 326 20.91 -13.71 -28.92
CA PRO C 326 21.44 -15.06 -28.69
C PRO C 326 20.64 -15.96 -27.74
N TYR C 327 19.62 -15.42 -27.07
CA TYR C 327 18.79 -16.16 -26.07
C TYR C 327 17.47 -15.43 -25.84
N ASP C 328 16.35 -16.07 -26.20
CA ASP C 328 14.98 -15.53 -26.03
C ASP C 328 13.99 -16.70 -25.96
N THR C 329 13.10 -16.68 -24.97
CA THR C 329 12.08 -17.74 -24.72
C THR C 329 10.76 -17.40 -25.42
N THR C 330 10.60 -16.15 -25.87
CA THR C 330 9.32 -15.61 -26.42
C THR C 330 9.04 -16.18 -27.81
N PRO C 331 10.05 -16.54 -28.64
CA PRO C 331 9.79 -17.29 -29.87
C PRO C 331 9.05 -18.60 -29.61
N PHE C 332 9.45 -19.35 -28.56
CA PHE C 332 8.82 -20.62 -28.13
C PHE C 332 7.37 -20.37 -27.69
N VAL C 333 7.13 -19.24 -27.01
CA VAL C 333 5.77 -18.82 -26.54
C VAL C 333 4.86 -18.68 -27.78
N LYS C 334 5.32 -17.95 -28.79
CA LYS C 334 4.56 -17.63 -30.03
C LYS C 334 4.23 -18.90 -30.80
N ILE C 335 5.23 -19.77 -31.04
CA ILE C 335 5.05 -21.03 -31.84
C ILE C 335 4.14 -21.99 -31.07
N SER C 336 4.36 -22.17 -29.76
CA SER C 336 3.60 -23.10 -28.89
C SER C 336 2.10 -22.73 -28.95
N ILE C 337 1.78 -21.44 -28.82
CA ILE C 337 0.40 -20.89 -28.92
C ILE C 337 -0.15 -21.18 -30.32
N HIS C 338 0.65 -20.96 -31.37
CA HIS C 338 0.30 -21.21 -32.79
C HIS C 338 -0.06 -22.69 -32.99
N GLU C 339 0.64 -23.59 -32.29
CA GLU C 339 0.49 -25.07 -32.42
C GLU C 339 -0.81 -25.53 -31.74
N VAL C 340 -1.26 -24.83 -30.67
CA VAL C 340 -2.53 -25.17 -29.95
C VAL C 340 -3.70 -24.60 -30.75
N VAL C 341 -3.54 -23.43 -31.38
CA VAL C 341 -4.53 -22.82 -32.31
C VAL C 341 -4.72 -23.77 -33.50
N LYS C 342 -3.61 -24.30 -34.05
CA LYS C 342 -3.60 -25.31 -35.14
C LYS C 342 -4.32 -26.57 -34.68
N THR C 343 -4.03 -27.03 -33.45
CA THR C 343 -4.67 -28.20 -32.78
C THR C 343 -6.17 -27.96 -32.63
N LEU C 344 -6.56 -26.75 -32.21
CA LEU C 344 -7.98 -26.35 -31.98
C LEU C 344 -8.75 -26.39 -33.30
N VAL C 345 -8.20 -25.75 -34.35
CA VAL C 345 -8.84 -25.66 -35.71
C VAL C 345 -8.97 -27.08 -36.29
N GLU C 346 -7.94 -27.91 -36.09
CA GLU C 346 -7.91 -29.34 -36.53
C GLU C 346 -9.02 -30.12 -35.81
N ALA C 347 -9.18 -29.89 -34.50
CA ALA C 347 -10.18 -30.54 -33.63
C ALA C 347 -11.60 -30.24 -34.13
N ILE C 348 -11.86 -29.00 -34.53
CA ILE C 348 -13.19 -28.53 -35.04
C ILE C 348 -13.51 -29.24 -36.36
N ILE C 349 -12.51 -29.38 -37.25
CA ILE C 349 -12.66 -30.02 -38.59
C ILE C 349 -13.00 -31.50 -38.41
N LEU C 350 -12.28 -32.19 -37.50
CA LEU C 350 -12.47 -33.64 -37.22
C LEU C 350 -13.84 -33.89 -36.60
N VAL C 351 -14.23 -33.06 -35.62
CA VAL C 351 -15.55 -33.14 -34.92
C VAL C 351 -16.67 -32.93 -35.95
N PHE C 352 -16.48 -31.99 -36.88
CA PHE C 352 -17.44 -31.68 -37.98
C PHE C 352 -17.63 -32.92 -38.87
N LEU C 353 -16.54 -33.61 -39.20
CA LEU C 353 -16.55 -34.82 -40.08
C LEU C 353 -17.24 -35.98 -39.35
N VAL C 354 -16.99 -36.13 -38.05
CA VAL C 354 -17.63 -37.18 -37.19
C VAL C 354 -19.16 -37.01 -37.24
N MET C 355 -19.64 -35.77 -37.10
CA MET C 355 -21.08 -35.43 -37.12
C MET C 355 -21.64 -35.62 -38.54
N TYR C 356 -20.85 -35.30 -39.57
CA TYR C 356 -21.20 -35.47 -41.00
C TYR C 356 -21.30 -36.96 -41.34
N LEU C 357 -20.47 -37.79 -40.71
CA LEU C 357 -20.43 -39.27 -40.93
C LEU C 357 -21.77 -39.90 -40.53
N PHE C 358 -22.40 -39.40 -39.45
CA PHE C 358 -23.64 -39.98 -38.84
C PHE C 358 -24.89 -39.27 -39.40
N LEU C 359 -24.86 -37.94 -39.50
CA LEU C 359 -26.03 -37.12 -39.93
C LEU C 359 -26.13 -37.09 -41.46
N GLN C 360 -24.99 -37.09 -42.15
CA GLN C 360 -24.88 -37.36 -43.62
C GLN C 360 -25.73 -36.36 -44.42
N ASN C 361 -25.83 -35.11 -43.94
CA ASN C 361 -26.67 -34.05 -44.53
C ASN C 361 -26.19 -32.70 -43.99
N PHE C 362 -25.83 -31.76 -44.88
CA PHE C 362 -25.19 -30.46 -44.52
C PHE C 362 -26.09 -29.71 -43.53
N ARG C 363 -27.39 -29.57 -43.85
CA ARG C 363 -28.41 -28.92 -42.97
C ARG C 363 -28.33 -29.52 -41.56
N ALA C 364 -28.49 -30.84 -41.45
CA ALA C 364 -28.51 -31.61 -40.18
C ALA C 364 -27.15 -31.47 -39.47
N THR C 365 -26.05 -31.56 -40.22
CA THR C 365 -24.65 -31.49 -39.72
C THR C 365 -24.34 -30.08 -39.21
N LEU C 366 -24.89 -29.04 -39.86
CA LEU C 366 -24.58 -27.62 -39.58
C LEU C 366 -25.15 -27.20 -38.22
N ILE C 367 -26.33 -27.72 -37.84
CA ILE C 367 -27.09 -27.34 -36.61
C ILE C 367 -26.18 -27.44 -35.38
N PRO C 368 -25.58 -28.62 -35.08
CA PRO C 368 -24.68 -28.75 -33.93
C PRO C 368 -23.29 -28.11 -34.17
N THR C 369 -22.91 -27.87 -35.42
CA THR C 369 -21.63 -27.20 -35.81
C THR C 369 -21.71 -25.71 -35.46
N ILE C 370 -22.91 -25.12 -35.54
CA ILE C 370 -23.18 -23.68 -35.22
C ILE C 370 -22.93 -23.45 -33.71
N ALA C 371 -23.03 -24.48 -32.88
CA ALA C 371 -22.76 -24.44 -31.43
C ALA C 371 -21.30 -24.04 -31.16
N VAL C 372 -20.36 -24.49 -32.01
CA VAL C 372 -18.90 -24.32 -31.80
C VAL C 372 -18.55 -22.83 -31.77
N PRO C 373 -18.87 -22.03 -32.81
CA PRO C 373 -18.66 -20.58 -32.75
C PRO C 373 -19.33 -19.92 -31.53
N VAL C 374 -20.60 -20.23 -31.28
CA VAL C 374 -21.45 -19.59 -30.23
C VAL C 374 -20.86 -19.86 -28.85
N VAL C 375 -20.53 -21.14 -28.56
CA VAL C 375 -20.02 -21.58 -27.23
C VAL C 375 -18.60 -21.03 -27.01
N LEU C 376 -17.71 -21.20 -28.00
CA LEU C 376 -16.27 -20.83 -27.89
C LEU C 376 -16.13 -19.31 -27.72
N LEU C 377 -16.74 -18.52 -28.61
CA LEU C 377 -16.75 -17.03 -28.53
C LEU C 377 -17.40 -16.61 -27.21
N GLY C 378 -18.52 -17.26 -26.84
CA GLY C 378 -19.16 -17.10 -25.52
C GLY C 378 -18.17 -17.31 -24.38
N THR C 379 -17.34 -18.35 -24.48
CA THR C 379 -16.30 -18.72 -23.48
C THR C 379 -15.22 -17.64 -23.42
N PHE C 380 -14.76 -17.15 -24.59
CA PHE C 380 -13.76 -16.06 -24.72
C PHE C 380 -14.23 -14.81 -23.97
N ALA C 381 -15.53 -14.49 -24.08
CA ALA C 381 -16.18 -13.34 -23.39
C ALA C 381 -16.12 -13.53 -21.87
N VAL C 382 -16.31 -14.75 -21.39
CA VAL C 382 -16.28 -15.11 -19.94
C VAL C 382 -14.85 -14.97 -19.41
N LEU C 383 -13.85 -15.43 -20.17
CA LEU C 383 -12.41 -15.34 -19.82
C LEU C 383 -12.03 -13.86 -19.61
N ALA C 384 -12.48 -12.99 -20.53
CA ALA C 384 -12.25 -11.52 -20.48
C ALA C 384 -12.92 -10.93 -19.24
N ALA C 385 -14.16 -11.36 -18.93
CA ALA C 385 -14.99 -10.84 -17.82
C ALA C 385 -14.30 -11.06 -16.47
N PHE C 386 -13.60 -12.20 -16.30
CA PHE C 386 -12.94 -12.60 -15.03
C PHE C 386 -11.42 -12.40 -15.12
N GLY C 387 -10.95 -11.71 -16.16
CA GLY C 387 -9.54 -11.27 -16.32
C GLY C 387 -8.59 -12.43 -16.56
N PHE C 388 -9.03 -13.44 -17.31
CA PHE C 388 -8.21 -14.60 -17.76
C PHE C 388 -7.60 -14.26 -19.13
N SER C 389 -6.50 -14.93 -19.50
CA SER C 389 -5.72 -14.70 -20.74
C SER C 389 -5.88 -15.88 -21.70
N ILE C 390 -5.64 -15.65 -22.99
CA ILE C 390 -5.54 -16.71 -24.04
C ILE C 390 -4.16 -17.36 -23.92
N ASN C 391 -4.07 -18.40 -23.07
CA ASN C 391 -2.82 -19.15 -22.78
C ASN C 391 -3.02 -20.62 -23.20
N THR C 392 -1.94 -21.40 -23.22
CA THR C 392 -1.94 -22.82 -23.66
C THR C 392 -2.93 -23.63 -22.82
N LEU C 393 -3.02 -23.35 -21.52
CA LEU C 393 -3.87 -24.10 -20.55
C LEU C 393 -5.35 -23.84 -20.85
N THR C 394 -5.74 -22.57 -21.05
CA THR C 394 -7.13 -22.16 -21.40
C THR C 394 -7.47 -22.68 -22.80
N MET C 395 -6.49 -22.73 -23.70
CA MET C 395 -6.65 -23.26 -25.09
C MET C 395 -6.85 -24.78 -25.05
N PHE C 396 -6.07 -25.50 -24.24
CA PHE C 396 -6.20 -26.97 -24.03
C PHE C 396 -7.62 -27.28 -23.55
N GLY C 397 -8.14 -26.47 -22.62
CA GLY C 397 -9.52 -26.54 -22.11
C GLY C 397 -10.54 -26.44 -23.24
N MET C 398 -10.28 -25.57 -24.22
CA MET C 398 -11.17 -25.34 -25.40
C MET C 398 -11.06 -26.52 -26.37
N VAL C 399 -9.88 -27.15 -26.49
CA VAL C 399 -9.64 -28.33 -27.38
C VAL C 399 -10.42 -29.53 -26.81
N LEU C 400 -10.38 -29.72 -25.48
CA LEU C 400 -11.16 -30.76 -24.75
C LEU C 400 -12.66 -30.50 -24.94
N ALA C 401 -13.06 -29.23 -24.97
CA ALA C 401 -14.47 -28.77 -24.97
C ALA C 401 -15.14 -29.06 -26.32
N ILE C 402 -14.40 -29.03 -27.44
CA ILE C 402 -14.95 -29.12 -28.83
C ILE C 402 -15.87 -30.34 -28.92
N GLY C 403 -15.42 -31.50 -28.44
CA GLY C 403 -16.16 -32.78 -28.49
C GLY C 403 -17.05 -32.98 -27.27
N LEU C 404 -17.30 -31.92 -26.49
CA LEU C 404 -18.20 -31.93 -25.30
C LEU C 404 -19.33 -30.92 -25.49
N LEU C 405 -19.02 -29.73 -26.02
CA LEU C 405 -20.00 -28.62 -26.20
C LEU C 405 -21.00 -28.95 -27.32
N VAL C 406 -20.67 -29.88 -28.20
CA VAL C 406 -21.55 -30.34 -29.33
C VAL C 406 -22.46 -31.48 -28.86
N ASP C 407 -22.17 -32.07 -27.69
CA ASP C 407 -22.86 -33.30 -27.17
C ASP C 407 -24.36 -33.04 -27.05
N ASP C 408 -24.75 -32.02 -26.27
CA ASP C 408 -26.18 -31.66 -26.02
C ASP C 408 -26.87 -31.33 -27.35
N ALA C 409 -26.18 -30.61 -28.24
CA ALA C 409 -26.67 -30.20 -29.58
C ALA C 409 -26.90 -31.44 -30.45
N ILE C 410 -25.97 -32.41 -30.39
CA ILE C 410 -26.06 -33.71 -31.12
C ILE C 410 -27.27 -34.49 -30.60
N VAL C 411 -27.39 -34.64 -29.28
CA VAL C 411 -28.48 -35.39 -28.59
C VAL C 411 -29.84 -34.89 -29.13
N VAL C 412 -30.01 -33.57 -29.23
CA VAL C 412 -31.25 -32.92 -29.75
C VAL C 412 -31.47 -33.38 -31.20
N VAL C 413 -30.53 -33.04 -32.09
CA VAL C 413 -30.60 -33.32 -33.55
C VAL C 413 -30.82 -34.82 -33.78
N GLU C 414 -30.06 -35.67 -33.06
CA GLU C 414 -30.10 -37.15 -33.19
C GLU C 414 -31.50 -37.66 -32.80
N ASN C 415 -32.03 -37.17 -31.67
CA ASN C 415 -33.36 -37.58 -31.13
C ASN C 415 -34.47 -37.15 -32.09
N VAL C 416 -34.37 -35.94 -32.65
CA VAL C 416 -35.34 -35.36 -33.62
C VAL C 416 -35.38 -36.27 -34.87
N GLU C 417 -34.21 -36.69 -35.35
CA GLU C 417 -34.05 -37.57 -36.54
C GLU C 417 -34.69 -38.93 -36.28
N ARG C 418 -34.50 -39.49 -35.08
CA ARG C 418 -35.03 -40.81 -34.66
C ARG C 418 -36.56 -40.76 -34.62
N VAL C 419 -37.13 -39.73 -34.00
CA VAL C 419 -38.61 -39.55 -33.84
C VAL C 419 -39.26 -39.46 -35.23
N MET C 420 -38.62 -38.74 -36.17
CA MET C 420 -39.09 -38.59 -37.57
C MET C 420 -38.99 -39.94 -38.31
N ALA C 421 -37.94 -40.73 -38.02
CA ALA C 421 -37.69 -42.05 -38.64
C ALA C 421 -38.73 -43.07 -38.12
N GLU C 422 -39.05 -43.03 -36.83
CA GLU C 422 -39.95 -44.00 -36.14
C GLU C 422 -41.42 -43.67 -36.43
N GLU C 423 -41.84 -42.44 -36.10
CA GLU C 423 -43.27 -42.02 -36.08
C GLU C 423 -43.66 -41.34 -37.40
N GLY C 424 -42.75 -40.59 -38.02
CA GLY C 424 -42.97 -39.92 -39.32
C GLY C 424 -43.59 -38.54 -39.15
N LEU C 425 -43.30 -37.85 -38.05
CA LEU C 425 -43.81 -36.49 -37.75
C LEU C 425 -43.03 -35.47 -38.56
N PRO C 426 -43.59 -34.27 -38.84
CA PRO C 426 -42.81 -33.15 -39.38
C PRO C 426 -41.71 -32.72 -38.41
N PRO C 427 -40.62 -32.09 -38.91
CA PRO C 427 -39.51 -31.65 -38.04
C PRO C 427 -39.94 -30.85 -36.80
N LYS C 428 -40.91 -29.94 -36.95
CA LYS C 428 -41.41 -29.06 -35.86
C LYS C 428 -42.05 -29.91 -34.76
N GLU C 429 -43.02 -30.75 -35.12
CA GLU C 429 -43.72 -31.69 -34.19
C GLU C 429 -42.68 -32.63 -33.56
N ALA C 430 -41.72 -33.11 -34.35
CA ALA C 430 -40.65 -34.05 -33.93
C ALA C 430 -39.77 -33.39 -32.86
N THR C 431 -39.43 -32.11 -33.04
CA THR C 431 -38.56 -31.32 -32.11
C THR C 431 -39.29 -31.13 -30.78
N ARG C 432 -40.55 -30.67 -30.81
CA ARG C 432 -41.39 -30.45 -29.62
C ARG C 432 -41.37 -31.70 -28.73
N LYS C 433 -41.65 -32.86 -29.32
CA LYS C 433 -41.70 -34.18 -28.62
C LYS C 433 -40.32 -34.53 -28.08
N SER C 434 -39.27 -34.33 -28.90
CA SER C 434 -37.86 -34.66 -28.58
C SER C 434 -37.40 -33.89 -27.33
N MET C 435 -37.62 -32.57 -27.30
CA MET C 435 -37.17 -31.67 -26.20
C MET C 435 -37.78 -32.14 -24.86
N GLY C 436 -39.03 -32.61 -24.88
CA GLY C 436 -39.75 -33.11 -23.69
C GLY C 436 -39.10 -34.35 -23.10
N GLN C 437 -38.42 -35.15 -23.92
CA GLN C 437 -37.83 -36.46 -23.54
C GLN C 437 -36.38 -36.29 -23.05
N ILE C 438 -35.61 -35.40 -23.68
CA ILE C 438 -34.12 -35.35 -23.58
C ILE C 438 -33.65 -34.32 -22.54
N GLN C 439 -34.48 -33.33 -22.19
CA GLN C 439 -34.10 -32.21 -21.28
C GLN C 439 -33.31 -32.74 -20.08
N GLY C 440 -33.77 -33.83 -19.46
CA GLY C 440 -33.12 -34.48 -18.30
C GLY C 440 -31.69 -34.91 -18.61
N ALA C 441 -31.45 -35.41 -19.83
CA ALA C 441 -30.13 -35.85 -20.33
C ALA C 441 -29.26 -34.61 -20.65
N LEU C 442 -29.84 -33.61 -21.31
CA LEU C 442 -29.14 -32.36 -21.74
C LEU C 442 -28.55 -31.66 -20.52
N VAL C 443 -29.34 -31.51 -19.44
CA VAL C 443 -28.93 -30.84 -18.18
C VAL C 443 -27.92 -31.74 -17.45
N GLY C 444 -28.14 -33.06 -17.48
CA GLY C 444 -27.29 -34.07 -16.81
C GLY C 444 -25.86 -34.06 -17.35
N ILE C 445 -25.70 -34.07 -18.68
CA ILE C 445 -24.39 -34.07 -19.39
C ILE C 445 -23.61 -32.81 -19.00
N ALA C 446 -24.25 -31.64 -19.15
CA ALA C 446 -23.67 -30.31 -18.87
C ALA C 446 -23.23 -30.20 -17.41
N MET C 447 -24.01 -30.78 -16.48
CA MET C 447 -23.79 -30.67 -15.01
C MET C 447 -22.54 -31.45 -14.60
N VAL C 448 -22.45 -32.73 -14.94
CA VAL C 448 -21.37 -33.66 -14.49
C VAL C 448 -20.04 -33.27 -15.16
N LEU C 449 -20.09 -32.73 -16.39
CA LEU C 449 -18.89 -32.24 -17.13
C LEU C 449 -18.53 -30.82 -16.69
N SER C 450 -19.30 -30.23 -15.76
CA SER C 450 -18.98 -28.95 -15.07
C SER C 450 -18.54 -29.23 -13.63
N ALA C 451 -19.33 -30.01 -12.90
CA ALA C 451 -19.17 -30.32 -11.46
C ALA C 451 -17.75 -30.82 -11.16
N VAL C 452 -17.23 -31.75 -11.96
CA VAL C 452 -15.87 -32.37 -11.78
C VAL C 452 -14.80 -31.27 -11.70
N PHE C 453 -14.95 -30.20 -12.49
CA PHE C 453 -13.92 -29.13 -12.66
C PHE C 453 -14.12 -27.99 -11.66
N VAL C 454 -15.11 -28.08 -10.75
CA VAL C 454 -15.41 -27.00 -9.76
C VAL C 454 -14.45 -27.11 -8.58
N PRO C 455 -14.38 -28.25 -7.85
CA PRO C 455 -13.48 -28.37 -6.70
C PRO C 455 -12.01 -28.02 -6.95
N MET C 456 -11.48 -28.38 -8.14
CA MET C 456 -10.05 -28.22 -8.52
C MET C 456 -9.66 -26.73 -8.48
N ALA C 457 -10.61 -25.82 -8.74
CA ALA C 457 -10.42 -24.35 -8.76
C ALA C 457 -9.97 -23.85 -7.39
N PHE C 458 -10.41 -24.50 -6.31
CA PHE C 458 -10.22 -24.05 -4.90
C PHE C 458 -8.92 -24.62 -4.32
N PHE C 459 -8.27 -25.56 -5.02
CA PHE C 459 -6.97 -26.16 -4.60
C PHE C 459 -5.85 -25.13 -4.85
N GLY C 460 -4.77 -25.22 -4.07
CA GLY C 460 -3.69 -24.21 -4.00
C GLY C 460 -2.46 -24.63 -4.78
N GLY C 461 -1.36 -23.90 -4.59
CA GLY C 461 -0.06 -24.13 -5.27
C GLY C 461 -0.13 -23.76 -6.75
N SER C 462 0.96 -24.02 -7.48
CA SER C 462 1.06 -23.80 -8.95
C SER C 462 0.05 -24.70 -9.67
N THR C 463 -0.20 -25.90 -9.13
CA THR C 463 -1.18 -26.89 -9.63
C THR C 463 -2.58 -26.25 -9.66
N GLY C 464 -2.95 -25.56 -8.58
CA GLY C 464 -4.23 -24.83 -8.44
C GLY C 464 -4.38 -23.77 -9.50
N ALA C 465 -3.31 -23.02 -9.80
CA ALA C 465 -3.27 -21.97 -10.85
C ALA C 465 -3.49 -22.59 -12.23
N ILE C 466 -2.94 -23.77 -12.47
CA ILE C 466 -3.11 -24.56 -13.73
C ILE C 466 -4.55 -25.09 -13.80
N TYR C 467 -5.04 -25.68 -12.70
CA TYR C 467 -6.41 -26.26 -12.58
C TYR C 467 -7.47 -25.23 -12.99
N ARG C 468 -7.34 -24.00 -12.50
CA ARG C 468 -8.35 -22.91 -12.65
C ARG C 468 -8.55 -22.55 -14.13
N GLN C 469 -7.52 -22.73 -14.96
CA GLN C 469 -7.54 -22.38 -16.41
C GLN C 469 -8.50 -23.32 -17.15
N PHE C 470 -8.41 -24.63 -16.86
CA PHE C 470 -9.31 -25.68 -17.41
C PHE C 470 -10.72 -25.50 -16.83
N SER C 471 -10.80 -25.17 -15.54
CA SER C 471 -12.06 -25.00 -14.78
C SER C 471 -12.96 -23.94 -15.43
N ILE C 472 -12.46 -22.71 -15.54
CA ILE C 472 -13.22 -21.54 -16.09
C ILE C 472 -13.61 -21.83 -17.55
N THR C 473 -12.72 -22.46 -18.33
CA THR C 473 -12.91 -22.72 -19.78
C THR C 473 -14.02 -23.75 -20.00
N ILE C 474 -13.93 -24.91 -19.35
CA ILE C 474 -14.82 -26.09 -19.60
C ILE C 474 -16.20 -25.82 -18.98
N VAL C 475 -16.26 -25.36 -17.73
CA VAL C 475 -17.52 -25.06 -16.99
C VAL C 475 -18.33 -24.04 -17.80
N SER C 476 -17.68 -22.99 -18.31
CA SER C 476 -18.30 -21.94 -19.17
C SER C 476 -18.84 -22.56 -20.45
N ALA C 477 -18.02 -23.38 -21.12
CA ALA C 477 -18.33 -24.04 -22.41
C ALA C 477 -19.55 -24.95 -22.25
N MET C 478 -19.60 -25.75 -21.18
CA MET C 478 -20.69 -26.73 -20.90
C MET C 478 -21.96 -25.98 -20.48
N ALA C 479 -21.83 -24.90 -19.70
CA ALA C 479 -22.95 -24.02 -19.26
C ALA C 479 -23.61 -23.38 -20.49
N LEU C 480 -22.80 -23.01 -21.50
CA LEU C 480 -23.26 -22.41 -22.78
C LEU C 480 -23.83 -23.50 -23.70
N SER C 481 -23.23 -24.70 -23.70
CA SER C 481 -23.62 -25.86 -24.56
C SER C 481 -25.09 -26.22 -24.33
N VAL C 482 -25.52 -26.26 -23.07
CA VAL C 482 -26.91 -26.65 -22.67
C VAL C 482 -27.88 -25.51 -23.03
N LEU C 483 -27.45 -24.24 -22.91
CA LEU C 483 -28.26 -23.05 -23.26
C LEU C 483 -28.47 -23.01 -24.78
N VAL C 484 -27.43 -23.28 -25.57
CA VAL C 484 -27.49 -23.40 -27.06
C VAL C 484 -28.45 -24.54 -27.43
N ALA C 485 -28.40 -25.65 -26.68
CA ALA C 485 -29.18 -26.89 -26.92
C ALA C 485 -30.65 -26.68 -26.55
N LEU C 486 -30.96 -25.72 -25.67
CA LEU C 486 -32.33 -25.43 -25.18
C LEU C 486 -32.94 -24.26 -25.97
N ILE C 487 -32.11 -23.34 -26.48
CA ILE C 487 -32.55 -22.09 -27.15
C ILE C 487 -32.42 -22.23 -28.67
N LEU C 488 -31.20 -22.35 -29.19
CA LEU C 488 -30.87 -22.24 -30.64
C LEU C 488 -31.18 -23.57 -31.35
N THR C 489 -30.61 -24.69 -30.85
CA THR C 489 -30.64 -26.02 -31.52
C THR C 489 -32.08 -26.43 -31.84
N PRO C 490 -33.05 -26.30 -30.91
CA PRO C 490 -34.44 -26.66 -31.19
C PRO C 490 -35.07 -25.78 -32.27
N ALA C 491 -34.82 -24.47 -32.23
CA ALA C 491 -35.30 -23.46 -33.19
C ALA C 491 -34.85 -23.82 -34.61
N LEU C 492 -33.60 -24.27 -34.75
CA LEU C 492 -32.98 -24.67 -36.05
C LEU C 492 -33.60 -26.00 -36.52
N CYS C 493 -33.70 -26.99 -35.63
CA CYS C 493 -34.27 -28.34 -35.90
C CYS C 493 -35.69 -28.22 -36.47
N ALA C 494 -36.45 -27.21 -36.05
CA ALA C 494 -37.84 -26.96 -36.49
C ALA C 494 -37.86 -26.32 -37.89
N THR C 495 -36.89 -25.44 -38.19
CA THR C 495 -36.86 -24.58 -39.39
C THR C 495 -35.96 -25.16 -40.49
N MET C 496 -34.80 -25.72 -40.13
CA MET C 496 -33.75 -26.16 -41.09
C MET C 496 -33.99 -27.62 -41.52
N LEU C 497 -34.00 -28.56 -40.58
CA LEU C 497 -33.99 -30.03 -40.83
C LEU C 497 -34.99 -30.41 -41.92
N LYS C 498 -34.61 -31.35 -42.79
CA LYS C 498 -35.45 -31.91 -43.88
C LYS C 498 -36.37 -32.98 -43.27
N PRO C 499 -37.65 -33.08 -43.72
CA PRO C 499 -38.54 -34.16 -43.27
C PRO C 499 -38.00 -35.56 -43.64
N ILE C 500 -38.02 -36.48 -42.68
CA ILE C 500 -37.64 -37.92 -42.85
C ILE C 500 -38.93 -38.75 -42.82
N ALA C 501 -39.14 -39.61 -43.83
CA ALA C 501 -40.31 -40.51 -43.97
C ALA C 501 -40.22 -41.61 -42.92
N LYS C 502 -41.37 -42.19 -42.55
CA LYS C 502 -41.49 -43.27 -41.53
C LYS C 502 -40.79 -44.53 -42.05
N GLY C 503 -39.85 -45.08 -41.27
CA GLY C 503 -39.11 -46.32 -41.57
C GLY C 503 -37.76 -46.06 -42.20
N ASP C 504 -37.54 -44.84 -42.73
CA ASP C 504 -36.30 -44.45 -43.45
C ASP C 504 -35.16 -44.27 -42.42
N HIS C 505 -34.14 -45.12 -42.49
CA HIS C 505 -32.92 -45.09 -41.63
C HIS C 505 -31.67 -44.89 -42.51
N GLY C 506 -31.85 -44.42 -43.74
CA GLY C 506 -30.76 -44.11 -44.68
C GLY C 506 -30.10 -45.35 -45.25
N GLU C 507 -30.79 -46.49 -45.23
CA GLU C 507 -30.32 -47.79 -45.81
C GLU C 507 -30.49 -47.74 -47.34
N GLY C 508 -31.47 -46.96 -47.81
CA GLY C 508 -31.80 -46.80 -49.24
C GLY C 508 -30.76 -46.00 -50.01
N LYS C 509 -29.97 -45.19 -49.30
CA LYS C 509 -28.86 -44.36 -49.89
C LYS C 509 -27.87 -45.29 -50.60
N LYS C 510 -27.29 -44.81 -51.71
CA LYS C 510 -26.26 -45.53 -52.50
C LYS C 510 -24.93 -44.76 -52.41
N GLY C 511 -23.85 -45.47 -52.10
CA GLY C 511 -22.51 -44.90 -51.84
C GLY C 511 -21.95 -45.37 -50.51
N PHE C 512 -21.12 -44.55 -49.86
CA PHE C 512 -20.46 -44.86 -48.57
C PHE C 512 -21.50 -44.83 -47.44
N PHE C 513 -22.33 -43.78 -47.39
CA PHE C 513 -23.34 -43.53 -46.33
C PHE C 513 -24.36 -44.69 -46.31
N GLY C 514 -24.78 -45.15 -47.49
CA GLY C 514 -25.66 -46.32 -47.66
C GLY C 514 -25.09 -47.56 -46.99
N TRP C 515 -23.80 -47.82 -47.23
CA TRP C 515 -23.05 -48.98 -46.65
C TRP C 515 -22.93 -48.82 -45.13
N PHE C 516 -22.57 -47.62 -44.66
CA PHE C 516 -22.35 -47.29 -43.22
C PHE C 516 -23.67 -47.44 -42.44
N ASN C 517 -24.77 -46.95 -43.00
CA ASN C 517 -26.13 -47.00 -42.37
C ASN C 517 -26.58 -48.45 -42.22
N ARG C 518 -26.38 -49.27 -43.27
CA ARG C 518 -26.68 -50.72 -43.25
C ARG C 518 -25.77 -51.43 -42.23
N MET C 519 -24.50 -51.03 -42.16
CA MET C 519 -23.48 -51.58 -41.23
C MET C 519 -23.87 -51.24 -39.78
N PHE C 520 -24.27 -50.00 -39.53
CA PHE C 520 -24.57 -49.46 -38.17
C PHE C 520 -25.87 -50.05 -37.63
N GLU C 521 -26.93 -50.05 -38.45
CA GLU C 521 -28.25 -50.64 -38.11
C GLU C 521 -28.06 -52.11 -37.72
N LYS C 522 -27.19 -52.83 -38.46
CA LYS C 522 -26.86 -54.26 -38.23
C LYS C 522 -26.08 -54.42 -36.92
N SER C 523 -25.17 -53.48 -36.62
CA SER C 523 -24.33 -53.45 -35.39
C SER C 523 -25.19 -53.19 -34.16
N THR C 524 -26.27 -52.43 -34.30
CA THR C 524 -27.24 -52.10 -33.21
C THR C 524 -27.95 -53.38 -32.76
N HIS C 525 -28.36 -54.22 -33.71
CA HIS C 525 -29.05 -55.52 -33.47
C HIS C 525 -28.11 -56.46 -32.69
N HIS C 526 -26.84 -56.54 -33.07
CA HIS C 526 -25.78 -57.32 -32.38
C HIS C 526 -25.68 -56.85 -30.91
N TYR C 527 -25.58 -55.53 -30.72
CA TYR C 527 -25.40 -54.87 -29.41
C TYR C 527 -26.61 -55.13 -28.50
N THR C 528 -27.82 -54.82 -28.99
CA THR C 528 -29.09 -54.95 -28.23
C THR C 528 -29.29 -56.41 -27.80
N ASP C 529 -29.05 -57.37 -28.71
CA ASP C 529 -29.13 -58.83 -28.43
C ASP C 529 -28.07 -59.22 -27.40
N SER C 530 -26.86 -58.66 -27.52
CA SER C 530 -25.71 -58.92 -26.62
C SER C 530 -26.05 -58.47 -25.19
N VAL C 531 -26.58 -57.26 -25.03
CA VAL C 531 -27.02 -56.69 -23.72
C VAL C 531 -28.11 -57.60 -23.14
N GLY C 532 -29.06 -58.04 -23.98
CA GLY C 532 -30.12 -59.00 -23.62
C GLY C 532 -29.55 -60.23 -22.93
N GLY C 533 -28.44 -60.77 -23.46
CA GLY C 533 -27.72 -61.92 -22.89
C GLY C 533 -26.98 -61.56 -21.61
N ILE C 534 -26.41 -60.35 -21.55
CA ILE C 534 -25.63 -59.83 -20.39
C ILE C 534 -26.56 -59.71 -19.17
N LEU C 535 -27.79 -59.23 -19.37
CA LEU C 535 -28.78 -58.97 -18.27
C LEU C 535 -29.38 -60.29 -17.77
N ARG C 536 -29.19 -61.40 -18.50
CA ARG C 536 -29.65 -62.76 -18.12
C ARG C 536 -28.50 -63.53 -17.44
N SER C 537 -27.32 -62.90 -17.31
CA SER C 537 -26.12 -63.47 -16.64
C SER C 537 -25.26 -62.35 -16.05
N THR C 538 -25.88 -61.45 -15.26
CA THR C 538 -25.26 -60.24 -14.66
C THR C 538 -24.16 -60.65 -13.68
N GLY C 539 -24.36 -61.77 -12.95
CA GLY C 539 -23.47 -62.27 -11.88
C GLY C 539 -22.01 -62.32 -12.30
N ARG C 540 -21.73 -62.80 -13.52
CA ARG C 540 -20.35 -63.03 -14.02
C ARG C 540 -19.67 -61.68 -14.30
N TYR C 541 -20.44 -60.68 -14.75
CA TYR C 541 -19.94 -59.33 -15.12
C TYR C 541 -19.64 -58.51 -13.87
N LEU C 542 -20.28 -58.82 -12.75
CA LEU C 542 -20.01 -58.17 -11.43
C LEU C 542 -18.61 -58.60 -10.94
N VAL C 543 -18.22 -59.86 -11.17
CA VAL C 543 -16.87 -60.39 -10.88
C VAL C 543 -15.88 -59.80 -11.89
N LEU C 544 -16.30 -59.69 -13.15
CA LEU C 544 -15.49 -59.12 -14.27
C LEU C 544 -15.18 -57.65 -13.99
N TYR C 545 -16.16 -56.91 -13.48
CA TYR C 545 -16.05 -55.49 -13.04
C TYR C 545 -15.02 -55.39 -11.91
N LEU C 546 -15.02 -56.36 -10.99
CA LEU C 546 -14.16 -56.40 -9.78
C LEU C 546 -12.69 -56.55 -10.21
N ILE C 547 -12.43 -57.29 -11.30
CA ILE C 547 -11.07 -57.49 -11.88
C ILE C 547 -10.59 -56.17 -12.48
N ILE C 548 -11.46 -55.46 -13.21
CA ILE C 548 -11.17 -54.14 -13.86
C ILE C 548 -10.78 -53.12 -12.78
N VAL C 549 -11.48 -53.12 -11.64
CA VAL C 549 -11.23 -52.18 -10.50
C VAL C 549 -9.87 -52.52 -9.87
N VAL C 550 -9.55 -53.81 -9.72
CA VAL C 550 -8.24 -54.29 -9.19
C VAL C 550 -7.14 -53.94 -10.20
N GLY C 551 -7.40 -54.13 -11.50
CA GLY C 551 -6.50 -53.77 -12.61
C GLY C 551 -6.26 -52.27 -12.67
N MET C 552 -7.30 -51.48 -12.41
CA MET C 552 -7.25 -49.99 -12.33
C MET C 552 -6.28 -49.58 -11.21
N ALA C 553 -6.50 -50.11 -10.01
CA ALA C 553 -5.72 -49.81 -8.78
C ALA C 553 -4.25 -50.16 -8.99
N TYR C 554 -3.96 -51.27 -9.68
CA TYR C 554 -2.60 -51.80 -9.94
C TYR C 554 -1.84 -50.83 -10.87
N LEU C 555 -2.43 -50.49 -12.01
CA LEU C 555 -1.83 -49.60 -13.05
C LEU C 555 -1.52 -48.23 -12.44
N PHE C 556 -2.40 -47.71 -11.58
CA PHE C 556 -2.28 -46.39 -10.92
C PHE C 556 -1.02 -46.36 -10.03
N VAL C 557 -0.85 -47.38 -9.17
CA VAL C 557 0.27 -47.51 -8.20
C VAL C 557 1.59 -47.62 -8.96
N ARG C 558 1.60 -48.36 -10.08
CA ARG C 558 2.82 -48.67 -10.87
C ARG C 558 3.22 -47.48 -11.75
N LEU C 559 2.24 -46.69 -12.24
CA LEU C 559 2.48 -45.54 -13.14
C LEU C 559 3.34 -44.51 -12.43
N PRO C 560 4.58 -44.22 -12.92
CA PRO C 560 5.43 -43.19 -12.33
C PRO C 560 4.81 -41.80 -12.41
N SER C 561 5.15 -40.92 -11.46
CA SER C 561 4.60 -39.55 -11.32
C SER C 561 5.65 -38.50 -11.73
N SER C 562 5.17 -37.32 -12.14
CA SER C 562 5.98 -36.11 -12.44
C SER C 562 5.09 -34.87 -12.30
N PHE C 563 5.60 -33.68 -12.60
CA PHE C 563 4.86 -32.40 -12.50
C PHE C 563 4.38 -31.95 -13.89
N LEU C 564 5.29 -31.47 -14.74
CA LEU C 564 4.99 -30.95 -16.10
C LEU C 564 6.05 -31.46 -17.08
N PRO C 565 5.65 -31.87 -18.30
CA PRO C 565 6.63 -32.34 -19.29
C PRO C 565 7.60 -31.23 -19.72
N ASP C 566 8.89 -31.56 -19.83
CA ASP C 566 9.93 -30.68 -20.42
C ASP C 566 9.63 -30.52 -21.92
N GLU C 567 9.95 -29.36 -22.48
CA GLU C 567 9.70 -29.01 -23.91
C GLU C 567 11.00 -28.61 -24.58
N ASP C 568 11.03 -28.61 -25.91
CA ASP C 568 12.07 -27.95 -26.73
C ASP C 568 11.64 -26.50 -26.94
N GLN C 569 12.36 -25.56 -26.31
CA GLN C 569 12.04 -24.10 -26.33
C GLN C 569 13.01 -23.37 -27.27
N GLY C 570 13.76 -24.12 -28.09
CA GLY C 570 14.74 -23.57 -29.05
C GLY C 570 15.94 -22.95 -28.35
N VAL C 571 16.09 -23.20 -27.05
CA VAL C 571 17.17 -22.63 -26.19
C VAL C 571 17.48 -23.63 -25.07
N PHE C 572 18.70 -23.56 -24.53
CA PHE C 572 19.14 -24.25 -23.28
C PHE C 572 20.41 -23.58 -22.77
N MET C 573 20.90 -24.01 -21.61
CA MET C 573 22.07 -23.40 -20.91
C MET C 573 23.08 -24.48 -20.52
N THR C 574 24.34 -24.08 -20.31
CA THR C 574 25.47 -24.95 -19.87
C THR C 574 26.22 -24.23 -18.76
N MET C 575 26.32 -24.86 -17.57
CA MET C 575 27.07 -24.33 -16.41
C MET C 575 28.50 -24.84 -16.46
N VAL C 576 29.47 -24.02 -16.02
CA VAL C 576 30.93 -24.35 -15.97
C VAL C 576 31.44 -23.97 -14.58
N GLN C 577 32.00 -24.93 -13.85
CA GLN C 577 32.58 -24.73 -12.49
CA GLN C 577 32.58 -24.73 -12.49
C GLN C 577 33.93 -25.43 -12.40
N LEU C 578 35.01 -24.64 -12.22
CA LEU C 578 36.41 -25.14 -12.09
C LEU C 578 36.75 -25.26 -10.60
N PRO C 579 37.84 -25.97 -10.24
CA PRO C 579 38.26 -26.09 -8.85
C PRO C 579 38.53 -24.74 -8.15
N ALA C 580 38.62 -24.77 -6.82
CA ALA C 580 38.92 -23.61 -5.94
C ALA C 580 40.25 -22.98 -6.37
N GLY C 581 40.24 -21.67 -6.68
CA GLY C 581 41.45 -20.89 -7.01
C GLY C 581 41.59 -20.62 -8.50
N ALA C 582 40.89 -21.40 -9.34
CA ALA C 582 40.98 -21.32 -10.83
C ALA C 582 40.73 -19.88 -11.28
N THR C 583 41.59 -19.38 -12.19
CA THR C 583 41.58 -17.98 -12.69
C THR C 583 40.65 -17.86 -13.90
N GLN C 584 40.37 -16.62 -14.30
CA GLN C 584 39.53 -16.24 -15.47
C GLN C 584 40.06 -16.92 -16.74
N GLU C 585 41.40 -16.94 -16.91
CA GLU C 585 42.09 -17.51 -18.11
C GLU C 585 41.76 -19.01 -18.21
N ARG C 586 41.86 -19.74 -17.10
CA ARG C 586 41.60 -21.21 -17.04
C ARG C 586 40.13 -21.51 -17.37
N THR C 587 39.20 -20.66 -16.91
CA THR C 587 37.74 -20.80 -17.15
C THR C 587 37.43 -20.56 -18.63
N GLN C 588 38.18 -19.67 -19.28
CA GLN C 588 37.99 -19.30 -20.70
C GLN C 588 38.33 -20.50 -21.59
N LYS C 589 39.39 -21.23 -21.25
CA LYS C 589 39.82 -22.48 -21.95
C LYS C 589 38.66 -23.48 -21.96
N VAL C 590 38.01 -23.68 -20.81
CA VAL C 590 36.87 -24.64 -20.65
C VAL C 590 35.66 -24.11 -21.42
N LEU C 591 35.40 -22.80 -21.35
CA LEU C 591 34.28 -22.12 -22.07
C LEU C 591 34.50 -22.23 -23.58
N ASN C 592 35.76 -22.13 -24.04
CA ASN C 592 36.15 -22.26 -25.47
C ASN C 592 35.80 -23.67 -25.96
N GLU C 593 36.10 -24.70 -25.17
CA GLU C 593 35.82 -26.13 -25.48
C GLU C 593 34.31 -26.36 -25.55
N VAL C 594 33.55 -25.72 -24.65
CA VAL C 594 32.05 -25.80 -24.60
C VAL C 594 31.49 -25.14 -25.86
N THR C 595 31.98 -23.94 -26.19
CA THR C 595 31.57 -23.16 -27.39
C THR C 595 31.96 -23.94 -28.66
N HIS C 596 33.18 -24.46 -28.70
CA HIS C 596 33.75 -25.26 -29.83
C HIS C 596 32.78 -26.40 -30.19
N TYR C 597 32.38 -27.19 -29.20
CA TYR C 597 31.49 -28.38 -29.35
C TYR C 597 30.21 -27.97 -30.08
N TYR C 598 29.56 -26.89 -29.63
CA TYR C 598 28.24 -26.41 -30.14
C TYR C 598 28.39 -25.85 -31.56
N LEU C 599 29.55 -25.28 -31.90
CA LEU C 599 29.81 -24.62 -33.21
C LEU C 599 30.35 -25.63 -34.23
N THR C 600 30.77 -26.83 -33.80
CA THR C 600 31.35 -27.89 -34.67
C THR C 600 30.43 -29.11 -34.69
N LYS C 601 30.35 -29.86 -33.59
CA LYS C 601 29.57 -31.12 -33.49
C LYS C 601 28.07 -30.85 -33.72
N GLU C 602 27.53 -29.78 -33.12
CA GLU C 602 26.09 -29.45 -33.14
C GLU C 602 25.85 -28.19 -33.99
N LYS C 603 26.62 -28.01 -35.07
CA LYS C 603 26.54 -26.79 -35.94
C LYS C 603 25.24 -26.81 -36.76
N ASN C 604 24.64 -27.99 -36.98
CA ASN C 604 23.37 -28.18 -37.72
C ASN C 604 22.18 -27.77 -36.84
N ASN C 605 22.30 -27.91 -35.51
CA ASN C 605 21.21 -27.68 -34.53
C ASN C 605 21.39 -26.32 -33.83
N VAL C 606 22.63 -25.91 -33.53
CA VAL C 606 22.95 -24.67 -32.76
C VAL C 606 23.08 -23.49 -33.74
N GLU C 607 22.42 -22.38 -33.42
CA GLU C 607 22.45 -21.11 -34.21
C GLU C 607 23.50 -20.16 -33.64
N SER C 608 23.45 -19.91 -32.32
CA SER C 608 24.35 -18.97 -31.60
C SER C 608 24.70 -19.52 -30.21
N VAL C 609 25.86 -19.09 -29.69
CA VAL C 609 26.35 -19.40 -28.32
C VAL C 609 26.83 -18.09 -27.68
N PHE C 610 26.18 -17.66 -26.59
CA PHE C 610 26.59 -16.49 -25.76
C PHE C 610 27.21 -17.01 -24.46
N ALA C 611 28.55 -17.03 -24.40
CA ALA C 611 29.35 -17.52 -23.25
C ALA C 611 29.74 -16.34 -22.36
N VAL C 612 29.57 -16.48 -21.05
CA VAL C 612 29.92 -15.45 -20.02
C VAL C 612 30.92 -16.08 -19.04
N ASN C 613 32.11 -15.48 -18.93
CA ASN C 613 33.19 -15.89 -17.98
C ASN C 613 33.09 -15.04 -16.72
N GLY C 614 32.99 -15.68 -15.55
CA GLY C 614 32.94 -15.02 -14.23
C GLY C 614 31.51 -14.74 -13.78
N PHE C 615 30.56 -15.62 -14.16
CA PHE C 615 29.12 -15.51 -13.80
C PHE C 615 28.45 -16.87 -13.98
N GLY C 616 27.76 -17.35 -12.94
CA GLY C 616 27.01 -18.63 -12.94
C GLY C 616 25.89 -18.63 -11.92
N PHE C 617 25.08 -19.70 -11.91
CA PHE C 617 23.90 -19.86 -11.02
C PHE C 617 24.33 -20.38 -9.64
N ALA C 618 25.58 -20.84 -9.50
CA ALA C 618 26.18 -21.33 -8.24
C ALA C 618 27.22 -20.33 -7.72
N GLY C 619 26.92 -19.03 -7.82
CA GLY C 619 27.74 -17.93 -7.26
C GLY C 619 28.77 -17.43 -8.27
N ARG C 620 29.14 -16.15 -8.17
CA ARG C 620 30.15 -15.48 -9.04
C ARG C 620 31.56 -15.87 -8.58
N GLY C 621 32.56 -15.53 -9.40
CA GLY C 621 33.99 -15.86 -9.17
C GLY C 621 34.69 -16.21 -10.47
N GLN C 622 36.02 -16.06 -10.51
CA GLN C 622 36.87 -16.30 -11.71
C GLN C 622 36.72 -17.75 -12.18
N ASN C 623 36.43 -18.69 -11.27
CA ASN C 623 36.36 -20.15 -11.53
C ASN C 623 34.95 -20.57 -11.98
N THR C 624 34.10 -19.61 -12.39
CA THR C 624 32.68 -19.85 -12.79
C THR C 624 32.45 -19.30 -14.19
N GLY C 625 31.56 -19.96 -14.95
CA GLY C 625 31.13 -19.54 -16.30
C GLY C 625 29.79 -20.16 -16.69
N ILE C 626 29.09 -19.54 -17.63
CA ILE C 626 27.78 -20.02 -18.18
C ILE C 626 27.77 -19.77 -19.69
N ALA C 627 27.03 -20.61 -20.43
CA ALA C 627 26.83 -20.49 -21.89
C ALA C 627 25.33 -20.56 -22.20
N PHE C 628 24.78 -19.48 -22.77
CA PHE C 628 23.39 -19.40 -23.29
C PHE C 628 23.39 -19.87 -24.74
N VAL C 629 22.79 -21.04 -25.00
CA VAL C 629 22.72 -21.68 -26.35
C VAL C 629 21.31 -21.46 -26.92
N SER C 630 21.23 -20.99 -28.17
CA SER C 630 19.99 -20.85 -28.95
C SER C 630 20.07 -21.74 -30.20
N LEU C 631 19.09 -22.62 -30.39
CA LEU C 631 19.03 -23.59 -31.51
C LEU C 631 18.41 -22.91 -32.73
N LYS C 632 18.51 -23.55 -33.90
CA LYS C 632 17.88 -23.10 -35.17
C LYS C 632 16.37 -23.39 -35.07
N ASP C 633 15.60 -22.98 -36.08
CA ASP C 633 14.11 -23.14 -36.10
C ASP C 633 13.75 -24.62 -35.97
N TRP C 634 12.62 -24.91 -35.30
CA TRP C 634 12.12 -26.27 -35.00
C TRP C 634 11.94 -27.06 -36.31
N ALA C 635 11.50 -26.39 -37.38
CA ALA C 635 11.24 -26.96 -38.71
C ALA C 635 12.53 -27.50 -39.33
N ASP C 636 13.68 -26.87 -39.04
CA ASP C 636 15.02 -27.21 -39.59
C ASP C 636 15.72 -28.25 -38.72
N ARG C 637 15.07 -28.76 -37.67
CA ARG C 637 15.62 -29.78 -36.73
C ARG C 637 14.65 -30.95 -36.59
N PRO C 638 14.37 -31.69 -37.69
CA PRO C 638 13.49 -32.86 -37.61
C PRO C 638 14.16 -34.05 -36.88
N GLY C 639 13.35 -34.93 -36.30
CA GLY C 639 13.82 -36.14 -35.59
C GLY C 639 14.08 -35.87 -34.12
N GLU C 640 13.95 -36.90 -33.28
CA GLU C 640 14.12 -36.84 -31.80
C GLU C 640 15.56 -36.42 -31.45
N GLU C 641 16.55 -36.90 -32.22
CA GLU C 641 18.01 -36.74 -31.93
C GLU C 641 18.43 -35.27 -32.08
N ASN C 642 17.64 -34.44 -32.76
CA ASN C 642 17.93 -33.00 -33.03
C ASN C 642 17.13 -32.10 -32.08
N LYS C 643 16.61 -32.65 -30.97
CA LYS C 643 15.84 -31.89 -29.94
C LYS C 643 16.71 -31.72 -28.70
N VAL C 644 16.34 -30.78 -27.81
CA VAL C 644 17.14 -30.32 -26.65
C VAL C 644 17.50 -31.50 -25.75
N GLU C 645 16.56 -32.42 -25.52
CA GLU C 645 16.74 -33.61 -24.63
C GLU C 645 17.96 -34.42 -25.11
N ALA C 646 18.02 -34.73 -26.40
CA ALA C 646 19.10 -35.53 -27.04
C ALA C 646 20.41 -34.72 -27.09
N ILE C 647 20.32 -33.42 -27.38
CA ILE C 647 21.49 -32.51 -27.57
C ILE C 647 22.20 -32.30 -26.22
N THR C 648 21.43 -32.02 -25.16
CA THR C 648 21.95 -31.80 -23.78
C THR C 648 22.55 -33.10 -23.22
N MET C 649 21.95 -34.25 -23.56
CA MET C 649 22.43 -35.60 -23.16
C MET C 649 23.82 -35.85 -23.79
N ARG C 650 23.95 -35.64 -25.10
CA ARG C 650 25.21 -35.80 -25.87
C ARG C 650 26.26 -34.79 -25.38
N ALA C 651 25.84 -33.54 -25.16
CA ALA C 651 26.70 -32.42 -24.71
C ALA C 651 27.32 -32.76 -23.34
N THR C 652 26.48 -33.08 -22.35
CA THR C 652 26.88 -33.43 -20.96
C THR C 652 27.85 -34.61 -20.99
N ARG C 653 27.53 -35.66 -21.75
CA ARG C 653 28.36 -36.87 -21.93
C ARG C 653 29.73 -36.46 -22.49
N ALA C 654 29.75 -35.62 -23.54
CA ALA C 654 30.97 -35.12 -24.21
C ALA C 654 31.81 -34.28 -23.23
N PHE C 655 31.16 -33.40 -22.45
CA PHE C 655 31.83 -32.43 -21.54
C PHE C 655 32.35 -33.14 -20.28
N SER C 656 31.98 -34.40 -20.06
CA SER C 656 32.52 -35.25 -18.96
C SER C 656 34.01 -35.52 -19.18
N GLN C 657 34.48 -35.44 -20.43
CA GLN C 657 35.90 -35.63 -20.83
C GLN C 657 36.74 -34.41 -20.41
N ILE C 658 36.13 -33.23 -20.26
CA ILE C 658 36.83 -31.95 -19.95
C ILE C 658 37.52 -32.10 -18.58
N LYS C 659 38.79 -31.71 -18.51
CA LYS C 659 39.73 -32.03 -17.39
C LYS C 659 39.68 -30.91 -16.33
N ASP C 660 39.57 -31.30 -15.05
CA ASP C 660 39.55 -30.38 -13.88
C ASP C 660 38.50 -29.28 -14.11
N ALA C 661 37.26 -29.67 -14.42
CA ALA C 661 36.11 -28.78 -14.65
C ALA C 661 34.80 -29.57 -14.57
N MET C 662 33.81 -29.02 -13.86
CA MET C 662 32.44 -29.57 -13.72
C MET C 662 31.53 -28.84 -14.72
N VAL C 663 31.12 -29.53 -15.79
CA VAL C 663 30.32 -28.95 -16.92
C VAL C 663 29.07 -29.80 -17.12
N PHE C 664 27.92 -29.15 -17.31
CA PHE C 664 26.59 -29.81 -17.52
C PHE C 664 25.73 -28.94 -18.44
N ALA C 665 25.21 -29.52 -19.51
CA ALA C 665 24.17 -28.95 -20.40
C ALA C 665 22.80 -29.44 -19.94
N PHE C 666 21.83 -28.55 -19.75
CA PHE C 666 20.49 -28.86 -19.18
C PHE C 666 19.41 -28.03 -19.87
N ASN C 667 18.24 -28.64 -20.07
CA ASN C 667 17.00 -28.00 -20.58
C ASN C 667 16.42 -27.11 -19.48
N LEU C 668 15.47 -26.23 -19.82
CA LEU C 668 14.74 -25.36 -18.86
C LEU C 668 13.58 -26.15 -18.27
N PRO C 669 13.15 -25.85 -17.03
CA PRO C 669 11.95 -26.46 -16.46
C PRO C 669 10.66 -25.83 -17.00
N ALA C 670 9.51 -26.21 -16.43
CA ALA C 670 8.17 -25.68 -16.79
C ALA C 670 8.01 -24.28 -16.20
N ILE C 671 8.13 -24.15 -14.88
CA ILE C 671 8.04 -22.86 -14.13
C ILE C 671 9.46 -22.28 -14.00
N VAL C 672 9.87 -21.48 -14.99
CA VAL C 672 11.24 -20.88 -15.09
C VAL C 672 11.49 -19.95 -13.91
N GLU C 673 10.43 -19.39 -13.32
CA GLU C 673 10.50 -18.39 -12.21
C GLU C 673 11.15 -19.00 -10.96
N LEU C 674 10.99 -20.32 -10.74
CA LEU C 674 11.56 -21.05 -9.58
C LEU C 674 12.84 -21.76 -10.00
N GLY C 675 12.75 -22.63 -11.01
CA GLY C 675 13.84 -23.52 -11.45
C GLY C 675 14.70 -22.88 -12.52
N THR C 676 16.01 -22.84 -12.30
CA THR C 676 17.05 -22.46 -13.31
C THR C 676 17.24 -23.62 -14.29
N ALA C 677 17.16 -24.86 -13.81
CA ALA C 677 17.43 -26.11 -14.59
C ALA C 677 16.31 -27.13 -14.37
N THR C 678 16.14 -28.03 -15.35
CA THR C 678 15.17 -29.16 -15.33
C THR C 678 15.57 -30.18 -14.25
N GLY C 679 14.72 -31.19 -14.02
CA GLY C 679 14.95 -32.27 -13.04
C GLY C 679 14.42 -31.89 -11.66
N PHE C 680 15.13 -32.32 -10.60
CA PHE C 680 14.73 -32.11 -9.18
C PHE C 680 15.64 -31.04 -8.54
N ASP C 681 15.17 -30.47 -7.42
CA ASP C 681 15.84 -29.38 -6.68
C ASP C 681 15.85 -29.75 -5.19
N PHE C 682 16.95 -30.32 -4.72
CA PHE C 682 17.11 -30.93 -3.37
C PHE C 682 17.92 -29.98 -2.47
N GLU C 683 17.53 -29.87 -1.20
CA GLU C 683 18.23 -29.08 -0.16
C GLU C 683 18.65 -30.03 0.98
N LEU C 684 19.96 -30.11 1.26
CA LEU C 684 20.53 -30.88 2.40
C LEU C 684 20.77 -29.91 3.56
N ILE C 685 20.10 -30.12 4.69
CA ILE C 685 20.01 -29.14 5.83
C ILE C 685 20.73 -29.72 7.05
N ASP C 686 21.59 -28.89 7.68
CA ASP C 686 22.25 -29.17 8.98
C ASP C 686 21.30 -28.74 10.11
N GLN C 687 20.67 -29.71 10.77
CA GLN C 687 19.56 -29.48 11.74
C GLN C 687 20.00 -29.80 13.17
N ALA C 688 21.30 -29.83 13.44
CA ALA C 688 21.89 -30.14 14.77
C ALA C 688 23.23 -29.43 14.96
N GLY C 689 23.42 -28.25 14.36
CA GLY C 689 24.64 -27.44 14.43
C GLY C 689 25.91 -28.29 14.34
N LEU C 690 25.96 -29.19 13.35
CA LEU C 690 27.11 -30.10 13.09
C LEU C 690 28.31 -29.29 12.60
N GLY C 691 28.05 -28.24 11.79
CA GLY C 691 29.08 -27.35 11.22
C GLY C 691 29.25 -27.58 9.73
N HIS C 692 29.89 -26.64 9.04
CA HIS C 692 30.11 -26.65 7.57
C HIS C 692 30.89 -27.90 7.15
N GLU C 693 31.92 -28.26 7.92
CA GLU C 693 32.85 -29.39 7.65
C GLU C 693 32.04 -30.68 7.44
N LYS C 694 31.16 -31.02 8.39
CA LYS C 694 30.43 -32.32 8.45
C LYS C 694 29.26 -32.33 7.46
N LEU C 695 28.71 -31.15 7.12
CA LEU C 695 27.64 -31.02 6.09
C LEU C 695 28.23 -31.27 4.71
N THR C 696 29.50 -30.92 4.49
CA THR C 696 30.28 -31.22 3.26
C THR C 696 30.47 -32.74 3.13
N GLN C 697 30.85 -33.40 4.24
CA GLN C 697 31.07 -34.87 4.32
C GLN C 697 29.74 -35.59 4.03
N ALA C 698 28.65 -35.13 4.65
CA ALA C 698 27.27 -35.66 4.46
C ALA C 698 26.86 -35.52 3.00
N ARG C 699 27.19 -34.39 2.37
CA ARG C 699 26.90 -34.09 0.94
C ARG C 699 27.73 -35.05 0.06
N ASN C 700 29.03 -35.18 0.33
CA ASN C 700 29.98 -36.04 -0.43
C ASN C 700 29.52 -37.50 -0.35
N GLN C 701 29.04 -37.94 0.82
CA GLN C 701 28.50 -39.30 1.07
C GLN C 701 27.25 -39.51 0.19
N LEU C 702 26.36 -38.52 0.14
CA LEU C 702 25.09 -38.56 -0.63
C LEU C 702 25.40 -38.63 -2.14
N LEU C 703 26.30 -37.78 -2.62
CA LEU C 703 26.72 -37.71 -4.05
C LEU C 703 27.42 -39.00 -4.46
N ALA C 704 28.27 -39.55 -3.58
CA ALA C 704 28.99 -40.83 -3.77
C ALA C 704 27.97 -41.97 -3.93
N GLU C 705 26.92 -41.98 -3.12
CA GLU C 705 25.84 -42.99 -3.13
C GLU C 705 24.96 -42.81 -4.38
N ALA C 706 24.67 -41.57 -4.76
CA ALA C 706 23.84 -41.21 -5.94
C ALA C 706 24.55 -41.65 -7.23
N ALA C 707 25.89 -41.66 -7.23
CA ALA C 707 26.74 -42.04 -8.38
C ALA C 707 26.61 -43.54 -8.68
N LYS C 708 26.27 -44.35 -7.66
CA LYS C 708 26.11 -45.82 -7.77
C LYS C 708 24.76 -46.19 -8.42
N HIS C 709 23.89 -45.20 -8.67
CA HIS C 709 22.56 -45.38 -9.31
C HIS C 709 22.49 -44.58 -10.61
N PRO C 710 23.30 -44.93 -11.65
CA PRO C 710 23.22 -44.25 -12.95
C PRO C 710 21.94 -44.61 -13.72
N ASP C 711 21.29 -45.72 -13.36
CA ASP C 711 20.02 -46.21 -13.98
C ASP C 711 18.87 -45.28 -13.60
N MET C 712 18.98 -44.54 -12.49
CA MET C 712 17.89 -43.67 -11.95
C MET C 712 18.29 -42.19 -12.04
N LEU C 713 19.50 -41.83 -11.60
CA LEU C 713 19.97 -40.42 -11.45
C LEU C 713 21.16 -40.16 -12.39
N THR C 714 21.12 -39.05 -13.13
CA THR C 714 22.23 -38.52 -13.96
C THR C 714 22.30 -36.99 -13.79
N SER C 715 23.47 -36.40 -14.08
CA SER C 715 23.78 -34.95 -13.97
C SER C 715 23.52 -34.47 -12.53
N VAL C 716 23.83 -35.31 -11.54
CA VAL C 716 23.72 -34.98 -10.08
C VAL C 716 24.92 -34.10 -9.71
N ARG C 717 24.67 -32.90 -9.19
CA ARG C 717 25.69 -31.84 -8.98
C ARG C 717 25.26 -30.93 -7.83
N PRO C 718 26.21 -30.47 -6.98
CA PRO C 718 25.94 -29.37 -6.04
C PRO C 718 25.78 -28.06 -6.82
N ASN C 719 24.85 -27.21 -6.40
CA ASN C 719 24.67 -25.83 -6.93
C ASN C 719 25.37 -24.86 -5.96
N GLY C 720 26.67 -25.08 -5.73
CA GLY C 720 27.49 -24.32 -4.77
C GLY C 720 28.97 -24.49 -5.03
N LEU C 721 29.80 -23.71 -4.34
CA LEU C 721 31.28 -23.65 -4.51
C LEU C 721 31.95 -24.49 -3.42
N GLU C 722 33.15 -25.03 -3.72
CA GLU C 722 33.98 -25.80 -2.77
C GLU C 722 34.83 -24.83 -1.93
N ASP C 723 35.31 -25.30 -0.78
CA ASP C 723 36.18 -24.52 0.15
C ASP C 723 37.42 -24.04 -0.61
N THR C 724 37.70 -22.73 -0.57
CA THR C 724 38.83 -22.07 -1.28
C THR C 724 39.95 -21.77 -0.28
N PRO C 725 41.23 -21.84 -0.70
CA PRO C 725 42.33 -21.32 0.11
C PRO C 725 42.21 -19.81 0.33
N GLN C 726 42.63 -19.33 1.51
CA GLN C 726 42.58 -17.90 1.92
C GLN C 726 43.96 -17.48 2.42
N PHE C 727 44.47 -16.34 1.95
CA PHE C 727 45.77 -15.75 2.35
C PHE C 727 45.54 -14.78 3.51
N LYS C 728 45.67 -15.28 4.74
CA LYS C 728 45.51 -14.51 6.01
C LYS C 728 46.79 -13.69 6.26
N ILE C 729 46.65 -12.37 6.42
CA ILE C 729 47.77 -11.43 6.72
C ILE C 729 47.47 -10.71 8.04
N ASP C 730 48.36 -10.85 9.02
CA ASP C 730 48.24 -10.26 10.38
C ASP C 730 49.14 -9.02 10.47
N ILE C 731 48.55 -7.85 10.73
CA ILE C 731 49.28 -6.56 10.92
C ILE C 731 49.64 -6.42 12.41
N ASP C 732 50.93 -6.54 12.75
CA ASP C 732 51.46 -6.31 14.11
C ASP C 732 51.42 -4.80 14.39
N GLN C 733 50.32 -4.32 14.99
CA GLN C 733 50.04 -2.88 15.24
C GLN C 733 51.05 -2.31 16.25
N GLU C 734 51.60 -3.15 17.13
CA GLU C 734 52.63 -2.77 18.13
C GLU C 734 53.94 -2.39 17.40
N LYS C 735 54.38 -3.22 16.45
CA LYS C 735 55.59 -2.98 15.61
C LYS C 735 55.35 -1.73 14.75
N ALA C 736 54.15 -1.58 14.18
CA ALA C 736 53.74 -0.42 13.35
C ALA C 736 53.85 0.87 14.17
N GLN C 737 53.39 0.83 15.42
CA GLN C 737 53.40 1.99 16.37
C GLN C 737 54.85 2.32 16.78
N ALA C 738 55.70 1.29 16.92
CA ALA C 738 57.13 1.41 17.31
C ALA C 738 57.94 2.05 16.18
N LEU C 739 57.47 1.92 14.92
CA LEU C 739 58.12 2.51 13.71
C LEU C 739 57.45 3.83 13.33
N GLY C 740 56.42 4.24 14.08
CA GLY C 740 55.70 5.53 13.88
C GLY C 740 54.82 5.49 12.64
N VAL C 741 54.22 4.34 12.34
CA VAL C 741 53.34 4.11 11.16
C VAL C 741 51.88 4.04 11.64
N SER C 742 51.00 4.84 11.05
CA SER C 742 49.54 4.87 11.31
C SER C 742 48.90 3.58 10.82
N ILE C 743 47.95 3.04 11.58
CA ILE C 743 47.22 1.77 11.26
C ILE C 743 46.21 2.06 10.15
N ASN C 744 45.59 3.25 10.17
CA ASN C 744 44.63 3.73 9.15
C ASN C 744 45.31 3.78 7.78
N ASP C 745 46.58 4.23 7.75
CA ASP C 745 47.41 4.33 6.52
C ASP C 745 47.74 2.93 6.00
N ILE C 746 48.10 2.00 6.88
CA ILE C 746 48.42 0.58 6.55
C ILE C 746 47.18 -0.08 5.93
N ASN C 747 46.03 0.03 6.60
CA ASN C 747 44.74 -0.60 6.18
C ASN C 747 44.32 -0.04 4.83
N THR C 748 44.49 1.26 4.61
CA THR C 748 44.11 1.99 3.36
C THR C 748 45.02 1.54 2.21
N THR C 749 46.34 1.50 2.42
CA THR C 749 47.36 1.09 1.44
C THR C 749 47.05 -0.33 0.94
N LEU C 750 46.96 -1.29 1.86
CA LEU C 750 46.67 -2.73 1.58
C LEU C 750 45.33 -2.85 0.85
N GLY C 751 44.29 -2.20 1.40
CA GLY C 751 42.92 -2.19 0.84
C GLY C 751 42.87 -1.63 -0.57
N ALA C 752 43.44 -0.44 -0.77
CA ALA C 752 43.44 0.30 -2.05
C ALA C 752 44.21 -0.49 -3.12
N ALA C 753 45.41 -0.96 -2.79
CA ALA C 753 46.34 -1.64 -3.72
C ALA C 753 45.74 -2.95 -4.24
N TRP C 754 45.46 -3.90 -3.33
CA TRP C 754 45.11 -5.31 -3.64
C TRP C 754 43.62 -5.47 -3.94
N GLY C 755 42.76 -4.74 -3.21
CA GLY C 755 41.29 -4.84 -3.32
C GLY C 755 40.69 -3.80 -4.25
N GLY C 756 41.29 -2.61 -4.33
CA GLY C 756 40.73 -1.44 -5.03
C GLY C 756 39.88 -0.60 -4.08
N SER C 757 39.87 0.73 -4.29
CA SER C 757 39.14 1.70 -3.43
C SER C 757 38.32 2.66 -4.31
N TYR C 758 37.00 2.69 -4.10
CA TYR C 758 36.06 3.66 -4.71
C TYR C 758 36.19 5.00 -3.98
N VAL C 759 36.79 5.99 -4.64
CA VAL C 759 37.17 7.31 -4.04
C VAL C 759 35.97 8.25 -4.12
N ASN C 760 35.52 8.59 -5.33
CA ASN C 760 34.42 9.55 -5.60
C ASN C 760 33.99 9.40 -7.07
N ASP C 761 33.02 10.22 -7.51
CA ASP C 761 32.44 10.18 -8.88
C ASP C 761 33.18 11.18 -9.78
N PHE C 762 32.97 11.05 -11.09
CA PHE C 762 33.41 12.01 -12.14
C PHE C 762 32.38 11.98 -13.29
N ILE C 763 32.44 12.95 -14.21
CA ILE C 763 31.46 13.11 -15.32
C ILE C 763 32.13 12.71 -16.64
N ASP C 764 31.74 11.56 -17.19
CA ASP C 764 32.23 11.03 -18.49
C ASP C 764 31.16 11.28 -19.56
N ARG C 765 31.43 12.19 -20.49
CA ARG C 765 30.52 12.58 -21.60
C ARG C 765 29.12 12.88 -21.03
N GLY C 766 29.07 13.68 -19.96
CA GLY C 766 27.83 14.18 -19.33
C GLY C 766 27.07 13.10 -18.58
N ARG C 767 27.77 12.10 -18.01
CA ARG C 767 27.16 11.04 -17.16
C ARG C 767 28.06 10.78 -15.94
N VAL C 768 27.45 10.69 -14.76
CA VAL C 768 28.15 10.41 -13.46
C VAL C 768 28.64 8.97 -13.48
N LYS C 769 29.96 8.77 -13.29
CA LYS C 769 30.61 7.43 -13.20
C LYS C 769 31.64 7.47 -12.06
N LYS C 770 32.17 6.30 -11.68
CA LYS C 770 33.02 6.12 -10.47
C LYS C 770 34.48 6.40 -10.80
N VAL C 771 35.28 6.70 -9.77
CA VAL C 771 36.77 6.81 -9.81
C VAL C 771 37.33 5.73 -8.87
N TYR C 772 38.14 4.81 -9.41
CA TYR C 772 38.78 3.70 -8.66
C TYR C 772 40.31 3.91 -8.66
N VAL C 773 40.93 3.78 -7.49
CA VAL C 773 42.40 3.66 -7.33
C VAL C 773 42.71 2.21 -6.94
N MET C 774 43.72 1.61 -7.58
CA MET C 774 44.12 0.19 -7.39
C MET C 774 45.56 0.01 -7.88
N SER C 775 46.24 -1.04 -7.41
CA SER C 775 47.57 -1.47 -7.89
C SER C 775 47.46 -1.95 -9.34
N GLU C 776 48.47 -1.68 -10.15
CA GLU C 776 48.63 -2.27 -11.51
C GLU C 776 48.81 -3.77 -11.36
N ALA C 777 48.22 -4.56 -12.27
CA ALA C 777 48.12 -6.04 -12.22
C ALA C 777 49.39 -6.65 -11.60
N LYS C 778 50.56 -6.35 -12.16
CA LYS C 778 51.84 -7.05 -11.90
C LYS C 778 52.25 -6.97 -10.43
N TYR C 779 51.85 -5.91 -9.71
CA TYR C 779 52.28 -5.62 -8.32
C TYR C 779 51.31 -6.20 -7.29
N ARG C 780 50.25 -6.92 -7.72
CA ARG C 780 49.22 -7.50 -6.82
C ARG C 780 48.84 -8.91 -7.29
N MET C 781 49.82 -9.71 -7.74
CA MET C 781 49.60 -11.09 -8.26
C MET C 781 50.06 -12.13 -7.23
N LEU C 782 51.27 -11.98 -6.68
CA LEU C 782 51.97 -13.02 -5.87
C LEU C 782 52.05 -12.58 -4.40
N PRO C 783 51.99 -13.53 -3.45
CA PRO C 783 52.13 -13.23 -2.02
C PRO C 783 53.34 -12.37 -1.63
N ASP C 784 54.49 -12.58 -2.29
CA ASP C 784 55.78 -11.90 -1.97
C ASP C 784 55.71 -10.41 -2.33
N ASP C 785 54.79 -10.03 -3.23
CA ASP C 785 54.62 -8.62 -3.70
C ASP C 785 54.02 -7.75 -2.58
N ILE C 786 53.53 -8.36 -1.49
CA ILE C 786 53.02 -7.66 -0.27
C ILE C 786 54.12 -6.75 0.28
N GLY C 787 55.37 -7.23 0.29
CA GLY C 787 56.54 -6.53 0.88
C GLY C 787 57.01 -5.36 0.04
N ASP C 788 56.61 -5.28 -1.23
CA ASP C 788 56.99 -4.19 -2.18
C ASP C 788 56.29 -2.88 -1.81
N TRP C 789 55.21 -2.94 -1.03
CA TRP C 789 54.37 -1.77 -0.66
C TRP C 789 54.93 -1.10 0.60
N TYR C 790 55.07 0.23 0.55
CA TYR C 790 55.65 1.09 1.62
C TYR C 790 54.60 2.06 2.13
N VAL C 791 54.62 2.34 3.44
CA VAL C 791 53.80 3.38 4.12
C VAL C 791 54.77 4.40 4.73
N ARG C 792 54.40 5.69 4.72
CA ARG C 792 55.24 6.79 5.28
C ARG C 792 55.00 6.86 6.80
N ALA C 793 56.08 6.90 7.58
CA ALA C 793 56.07 7.01 9.05
C ALA C 793 55.95 8.49 9.45
N ALA C 794 55.77 8.75 10.76
CA ALA C 794 55.62 10.10 11.35
C ALA C 794 56.87 10.95 11.06
N ASP C 795 58.07 10.35 11.17
CA ASP C 795 59.37 11.02 10.94
C ASP C 795 59.60 11.24 9.44
N GLY C 796 58.92 10.48 8.58
CA GLY C 796 58.92 10.66 7.12
C GLY C 796 59.55 9.49 6.36
N GLN C 797 60.17 8.55 7.08
CA GLN C 797 60.83 7.35 6.48
C GLN C 797 59.76 6.38 5.96
N MET C 798 60.02 5.75 4.82
CA MET C 798 59.12 4.76 4.17
C MET C 798 59.44 3.36 4.73
N VAL C 799 58.43 2.68 5.28
CA VAL C 799 58.56 1.35 5.95
C VAL C 799 57.86 0.30 5.09
N PRO C 800 58.55 -0.81 4.72
CA PRO C 800 57.92 -1.89 3.95
C PRO C 800 56.96 -2.72 4.81
N PHE C 801 55.94 -3.32 4.19
CA PHE C 801 54.90 -4.16 4.85
C PHE C 801 55.56 -5.34 5.57
N SER C 802 56.70 -5.83 5.05
CA SER C 802 57.48 -6.97 5.62
C SER C 802 58.02 -6.63 7.02
N ALA C 803 58.05 -5.35 7.40
CA ALA C 803 58.62 -4.84 8.67
C ALA C 803 57.59 -4.95 9.81
N PHE C 804 56.29 -4.95 9.50
CA PHE C 804 55.20 -4.91 10.52
C PHE C 804 54.06 -5.89 10.18
N SER C 805 54.29 -6.88 9.31
CA SER C 805 53.24 -7.85 8.87
C SER C 805 53.86 -9.24 8.62
N SER C 806 53.09 -10.28 8.97
CA SER C 806 53.35 -11.71 8.65
C SER C 806 52.10 -12.29 7.98
N SER C 807 52.21 -13.46 7.34
CA SER C 807 51.12 -14.11 6.56
C SER C 807 51.17 -15.63 6.72
N ARG C 808 50.06 -16.30 6.37
CA ARG C 808 49.90 -17.78 6.39
C ARG C 808 48.64 -18.14 5.58
N TRP C 809 48.49 -19.42 5.24
CA TRP C 809 47.37 -19.94 4.40
C TRP C 809 46.30 -20.56 5.30
N GLU C 810 45.05 -20.10 5.17
CA GLU C 810 43.84 -20.65 5.82
C GLU C 810 42.90 -21.21 4.75
N TYR C 811 41.83 -21.89 5.16
CA TYR C 811 40.80 -22.50 4.27
C TYR C 811 39.41 -22.20 4.84
N GLY C 812 38.49 -21.78 3.97
CA GLY C 812 37.09 -21.45 4.32
C GLY C 812 36.19 -21.50 3.09
N SER C 813 34.88 -21.40 3.30
CA SER C 813 33.84 -21.43 2.23
C SER C 813 33.82 -20.09 1.51
N PRO C 814 33.81 -20.07 0.15
CA PRO C 814 33.55 -18.84 -0.60
C PRO C 814 32.06 -18.56 -0.81
N ARG C 815 31.19 -19.49 -0.39
CA ARG C 815 29.71 -19.36 -0.50
CA ARG C 815 29.71 -19.35 -0.49
C ARG C 815 29.05 -20.29 0.54
N LEU C 816 28.46 -19.70 1.58
CA LEU C 816 27.71 -20.41 2.65
C LEU C 816 26.21 -20.25 2.39
N GLU C 817 25.49 -21.36 2.19
CA GLU C 817 24.04 -21.39 1.89
C GLU C 817 23.26 -21.64 3.18
N ARG C 818 22.03 -21.13 3.26
CA ARG C 818 21.08 -21.37 4.38
C ARG C 818 19.67 -21.60 3.80
N TYR C 819 18.96 -22.60 4.34
CA TYR C 819 17.56 -22.92 3.95
C TYR C 819 16.69 -22.97 5.22
N ASN C 820 15.65 -22.13 5.26
CA ASN C 820 14.72 -21.95 6.41
C ASN C 820 15.51 -21.65 7.68
N GLY C 821 16.60 -20.87 7.55
CA GLY C 821 17.39 -20.33 8.68
C GLY C 821 18.57 -21.21 9.06
N LEU C 822 18.64 -22.45 8.57
CA LEU C 822 19.67 -23.44 8.98
C LEU C 822 20.69 -23.62 7.84
N PRO C 823 21.97 -23.94 8.15
CA PRO C 823 22.98 -24.18 7.12
C PRO C 823 22.54 -25.29 6.15
N SER C 824 22.59 -25.02 4.85
CA SER C 824 22.09 -25.92 3.77
C SER C 824 23.14 -26.07 2.67
N MET C 825 22.88 -26.98 1.72
CA MET C 825 23.65 -27.17 0.46
C MET C 825 22.70 -27.67 -0.63
N GLU C 826 22.44 -26.85 -1.64
CA GLU C 826 21.52 -27.17 -2.77
C GLU C 826 22.19 -28.21 -3.67
N ILE C 827 21.48 -29.31 -3.95
CA ILE C 827 21.92 -30.39 -4.89
C ILE C 827 20.90 -30.44 -6.03
N LEU C 828 21.36 -30.25 -7.27
CA LEU C 828 20.55 -30.39 -8.50
C LEU C 828 20.80 -31.77 -9.12
N GLY C 829 19.86 -32.24 -9.94
CA GLY C 829 19.97 -33.53 -10.64
C GLY C 829 18.77 -33.77 -11.55
N GLN C 830 18.91 -34.75 -12.46
CA GLN C 830 17.86 -35.15 -13.43
C GLN C 830 17.53 -36.63 -13.20
N ALA C 831 16.33 -37.05 -13.61
CA ALA C 831 15.94 -38.47 -13.72
C ALA C 831 16.57 -39.04 -15.00
N ALA C 832 17.16 -40.23 -14.92
CA ALA C 832 17.83 -40.93 -16.05
C ALA C 832 16.81 -41.20 -17.16
N PRO C 833 17.25 -41.37 -18.43
CA PRO C 833 16.34 -41.68 -19.52
C PRO C 833 15.43 -42.88 -19.20
N GLY C 834 14.12 -42.72 -19.41
CA GLY C 834 13.11 -43.77 -19.15
C GLY C 834 12.45 -43.64 -17.79
N LYS C 835 13.12 -42.98 -16.83
CA LYS C 835 12.64 -42.75 -15.44
C LYS C 835 11.98 -41.37 -15.35
N SER C 836 11.11 -41.17 -14.37
CA SER C 836 10.39 -39.91 -14.08
C SER C 836 11.06 -39.18 -12.91
N THR C 837 10.83 -37.87 -12.78
CA THR C 837 11.34 -37.01 -11.67
C THR C 837 10.85 -37.58 -10.33
N GLY C 838 9.60 -38.06 -10.27
CA GLY C 838 8.99 -38.69 -9.09
C GLY C 838 9.80 -39.87 -8.59
N GLU C 839 10.25 -40.75 -9.49
CA GLU C 839 11.09 -41.94 -9.16
C GLU C 839 12.46 -41.48 -8.65
N ALA C 840 13.05 -40.47 -9.30
CA ALA C 840 14.35 -39.86 -8.94
C ALA C 840 14.25 -39.26 -7.52
N MET C 841 13.19 -38.48 -7.27
CA MET C 841 12.91 -37.87 -5.94
C MET C 841 12.81 -38.97 -4.89
N GLU C 842 12.07 -40.05 -5.18
CA GLU C 842 11.83 -41.20 -4.26
C GLU C 842 13.17 -41.81 -3.83
N LEU C 843 14.08 -42.05 -4.79
CA LEU C 843 15.43 -42.63 -4.51
C LEU C 843 16.26 -41.67 -3.67
N MET C 844 16.21 -40.37 -3.99
CA MET C 844 16.97 -39.31 -3.27
C MET C 844 16.53 -39.26 -1.79
N GLU C 845 15.23 -39.44 -1.53
CA GLU C 845 14.64 -39.49 -0.15
C GLU C 845 15.20 -40.72 0.58
N GLN C 846 15.28 -41.87 -0.10
CA GLN C 846 15.78 -43.15 0.45
C GLN C 846 17.27 -43.01 0.79
N LEU C 847 18.06 -42.40 -0.10
CA LEU C 847 19.52 -42.17 0.09
C LEU C 847 19.75 -41.18 1.23
N ALA C 848 18.89 -40.17 1.36
CA ALA C 848 18.96 -39.10 2.37
C ALA C 848 18.75 -39.68 3.78
N SER C 849 17.89 -40.69 3.92
CA SER C 849 17.51 -41.34 5.20
C SER C 849 18.71 -42.09 5.81
N LYS C 850 19.73 -42.40 5.00
CA LYS C 850 20.93 -43.19 5.42
C LYS C 850 22.07 -42.27 5.88
N LEU C 851 21.89 -40.94 5.79
CA LEU C 851 22.94 -39.94 6.12
C LEU C 851 23.03 -39.75 7.63
N PRO C 852 24.16 -39.25 8.17
CA PRO C 852 24.35 -39.11 9.62
C PRO C 852 23.23 -38.32 10.34
N THR C 853 23.00 -38.64 11.61
CA THR C 853 22.00 -37.97 12.50
C THR C 853 22.34 -36.47 12.58
N GLY C 854 21.32 -35.62 12.54
CA GLY C 854 21.45 -34.15 12.51
C GLY C 854 21.28 -33.60 11.10
N VAL C 855 21.54 -34.42 10.08
CA VAL C 855 21.44 -34.06 8.64
C VAL C 855 20.07 -34.48 8.12
N GLY C 856 19.17 -33.52 7.90
CA GLY C 856 17.85 -33.71 7.26
C GLY C 856 17.87 -33.20 5.82
N TYR C 857 16.70 -33.12 5.19
CA TYR C 857 16.55 -32.65 3.79
C TYR C 857 15.16 -32.01 3.59
N ASP C 858 14.99 -31.31 2.46
CA ASP C 858 13.69 -30.75 2.01
C ASP C 858 13.76 -30.54 0.49
N TRP C 859 12.60 -30.51 -0.18
CA TRP C 859 12.44 -30.20 -1.61
C TRP C 859 12.04 -28.73 -1.76
N THR C 860 12.65 -28.03 -2.73
CA THR C 860 12.46 -26.57 -2.96
C THR C 860 12.06 -26.33 -4.42
N GLY C 861 11.62 -25.10 -4.72
CA GLY C 861 11.25 -24.63 -6.08
C GLY C 861 10.37 -25.62 -6.81
N MET C 862 10.91 -26.24 -7.87
CA MET C 862 10.17 -27.12 -8.82
C MET C 862 9.73 -28.40 -8.11
N SER C 863 10.60 -28.99 -7.28
CA SER C 863 10.38 -30.26 -6.55
C SER C 863 9.30 -30.08 -5.48
N TYR C 864 9.28 -28.92 -4.80
CA TYR C 864 8.28 -28.55 -3.77
C TYR C 864 6.87 -28.61 -4.37
N GLN C 865 6.70 -28.01 -5.56
CA GLN C 865 5.40 -27.94 -6.29
C GLN C 865 4.98 -29.35 -6.72
N GLU C 866 5.93 -30.20 -7.07
CA GLU C 866 5.71 -31.61 -7.50
C GLU C 866 5.19 -32.43 -6.31
N ARG C 867 5.85 -32.35 -5.16
CA ARG C 867 5.46 -33.03 -3.90
C ARG C 867 4.04 -32.60 -3.51
N LEU C 868 3.76 -31.29 -3.57
CA LEU C 868 2.44 -30.68 -3.25
C LEU C 868 1.37 -31.26 -4.18
N SER C 869 1.65 -31.25 -5.50
CA SER C 869 0.72 -31.70 -6.57
C SER C 869 0.27 -33.14 -6.31
N GLY C 870 1.20 -34.03 -5.98
CA GLY C 870 0.95 -35.47 -5.74
C GLY C 870 0.27 -35.74 -4.41
N ASN C 871 0.54 -34.90 -3.40
CA ASN C 871 0.02 -35.08 -2.01
C ASN C 871 -1.47 -34.71 -1.94
N GLN C 872 -1.91 -33.74 -2.75
CA GLN C 872 -3.30 -33.19 -2.70
C GLN C 872 -4.21 -33.92 -3.70
N ALA C 873 -3.64 -34.66 -4.65
CA ALA C 873 -4.36 -35.31 -5.78
C ALA C 873 -5.40 -36.31 -5.27
N PRO C 874 -5.08 -37.17 -4.28
CA PRO C 874 -6.06 -38.14 -3.76
C PRO C 874 -7.35 -37.48 -3.23
N SER C 875 -7.21 -36.44 -2.40
CA SER C 875 -8.34 -35.68 -1.78
C SER C 875 -9.11 -34.92 -2.85
N LEU C 876 -8.43 -34.52 -3.94
CA LEU C 876 -9.03 -33.80 -5.10
C LEU C 876 -9.97 -34.74 -5.87
N TYR C 877 -9.57 -36.00 -6.05
CA TYR C 877 -10.37 -37.06 -6.72
C TYR C 877 -11.59 -37.40 -5.84
N ALA C 878 -11.37 -37.51 -4.53
CA ALA C 878 -12.40 -37.87 -3.52
C ALA C 878 -13.52 -36.82 -3.53
N ILE C 879 -13.18 -35.54 -3.33
CA ILE C 879 -14.15 -34.40 -3.28
C ILE C 879 -14.87 -34.28 -4.62
N SER C 880 -14.15 -34.50 -5.73
CA SER C 880 -14.68 -34.40 -7.12
C SER C 880 -15.78 -35.45 -7.35
N LEU C 881 -15.57 -36.69 -6.90
CA LEU C 881 -16.53 -37.81 -7.05
C LEU C 881 -17.78 -37.53 -6.21
N ILE C 882 -17.59 -37.14 -4.94
CA ILE C 882 -18.69 -36.86 -3.96
C ILE C 882 -19.60 -35.75 -4.51
N VAL C 883 -19.01 -34.70 -5.09
CA VAL C 883 -19.75 -33.52 -5.64
C VAL C 883 -20.62 -33.98 -6.81
N VAL C 884 -20.07 -34.78 -7.73
CA VAL C 884 -20.77 -35.32 -8.93
C VAL C 884 -21.92 -36.23 -8.47
N PHE C 885 -21.66 -37.08 -7.46
CA PHE C 885 -22.64 -38.02 -6.86
C PHE C 885 -23.83 -37.23 -6.30
N LEU C 886 -23.55 -36.21 -5.47
CA LEU C 886 -24.58 -35.36 -4.80
C LEU C 886 -25.33 -34.53 -5.84
N CYS C 887 -24.64 -34.06 -6.89
CA CYS C 887 -25.22 -33.29 -8.03
C CYS C 887 -26.25 -34.14 -8.78
N LEU C 888 -25.93 -35.42 -9.02
CA LEU C 888 -26.83 -36.39 -9.71
C LEU C 888 -28.02 -36.72 -8.81
N ALA C 889 -27.78 -36.89 -7.49
CA ALA C 889 -28.80 -37.24 -6.48
C ALA C 889 -29.89 -36.16 -6.43
N ALA C 890 -29.50 -34.89 -6.49
CA ALA C 890 -30.39 -33.71 -6.41
C ALA C 890 -31.21 -33.58 -7.71
N LEU C 891 -30.52 -33.60 -8.87
CA LEU C 891 -31.13 -33.36 -10.21
C LEU C 891 -32.21 -34.41 -10.50
N TYR C 892 -31.91 -35.70 -10.26
CA TYR C 892 -32.76 -36.85 -10.65
C TYR C 892 -33.61 -37.34 -9.47
N GLU C 893 -33.45 -36.75 -8.29
CA GLU C 893 -34.24 -37.05 -7.07
C GLU C 893 -34.20 -38.58 -6.84
N SER C 894 -33.02 -39.12 -6.57
CA SER C 894 -32.76 -40.58 -6.45
C SER C 894 -31.39 -40.83 -5.81
N TRP C 895 -31.23 -42.00 -5.18
CA TRP C 895 -29.94 -42.55 -4.68
C TRP C 895 -29.43 -43.66 -5.60
N SER C 896 -30.37 -44.42 -6.19
CA SER C 896 -30.09 -45.59 -7.09
C SER C 896 -29.40 -45.11 -8.38
N ILE C 897 -29.91 -44.05 -9.01
CA ILE C 897 -29.41 -43.50 -10.30
C ILE C 897 -27.97 -43.02 -10.12
N PRO C 898 -27.67 -42.13 -9.13
CA PRO C 898 -26.29 -41.72 -8.86
C PRO C 898 -25.31 -42.88 -8.70
N PHE C 899 -25.63 -43.86 -7.83
CA PHE C 899 -24.78 -45.03 -7.51
C PHE C 899 -24.59 -45.90 -8.76
N SER C 900 -25.65 -46.06 -9.57
CA SER C 900 -25.65 -46.81 -10.85
C SER C 900 -24.69 -46.13 -11.84
N VAL C 901 -24.72 -44.79 -11.91
CA VAL C 901 -23.87 -43.96 -12.81
C VAL C 901 -22.42 -44.01 -12.33
N MET C 902 -22.17 -43.64 -11.06
CA MET C 902 -20.81 -43.42 -10.49
C MET C 902 -19.98 -44.72 -10.49
N LEU C 903 -20.62 -45.88 -10.69
CA LEU C 903 -19.93 -47.20 -10.84
C LEU C 903 -19.18 -47.27 -12.18
N VAL C 904 -19.47 -46.36 -13.12
CA VAL C 904 -18.87 -46.31 -14.48
C VAL C 904 -17.43 -45.78 -14.41
N VAL C 905 -17.11 -44.98 -13.39
CA VAL C 905 -15.84 -44.18 -13.30
C VAL C 905 -14.63 -45.10 -13.54
N PRO C 906 -14.48 -46.23 -12.81
CA PRO C 906 -13.34 -47.13 -13.02
C PRO C 906 -13.14 -47.62 -14.47
N LEU C 907 -14.23 -47.79 -15.22
CA LEU C 907 -14.20 -48.23 -16.65
C LEU C 907 -13.49 -47.16 -17.49
N GLY C 908 -13.63 -45.89 -17.12
CA GLY C 908 -12.94 -44.75 -17.76
C GLY C 908 -11.49 -44.63 -17.31
N VAL C 909 -11.26 -44.71 -16.00
CA VAL C 909 -9.92 -44.46 -15.36
C VAL C 909 -8.91 -45.48 -15.88
N ILE C 910 -9.31 -46.76 -16.03
CA ILE C 910 -8.41 -47.87 -16.47
C ILE C 910 -7.91 -47.56 -17.89
N GLY C 911 -8.77 -46.99 -18.75
CA GLY C 911 -8.43 -46.62 -20.13
C GLY C 911 -7.40 -45.50 -20.20
N ALA C 912 -7.49 -44.53 -19.29
CA ALA C 912 -6.54 -43.40 -19.16
C ALA C 912 -5.18 -43.92 -18.70
N LEU C 913 -5.18 -44.85 -17.74
CA LEU C 913 -3.95 -45.47 -17.17
C LEU C 913 -3.25 -46.33 -18.23
N LEU C 914 -4.02 -47.17 -18.95
CA LEU C 914 -3.49 -48.07 -20.02
C LEU C 914 -2.82 -47.21 -21.10
N ALA C 915 -3.51 -46.18 -21.59
CA ALA C 915 -3.03 -45.24 -22.63
C ALA C 915 -1.71 -44.60 -22.20
N ALA C 916 -1.68 -44.02 -20.99
CA ALA C 916 -0.50 -43.34 -20.40
C ALA C 916 0.65 -44.34 -20.22
N THR C 917 0.34 -45.56 -19.77
CA THR C 917 1.33 -46.64 -19.47
C THR C 917 1.99 -47.10 -20.78
N PHE C 918 1.22 -47.31 -21.83
CA PHE C 918 1.68 -47.88 -23.14
C PHE C 918 2.32 -46.79 -24.02
N ARG C 919 1.96 -45.52 -23.81
CA ARG C 919 2.54 -44.36 -24.56
C ARG C 919 3.86 -43.94 -23.90
N GLY C 920 4.04 -44.26 -22.61
CA GLY C 920 5.26 -43.96 -21.84
C GLY C 920 5.19 -42.61 -21.15
N LEU C 921 3.98 -42.15 -20.82
CA LEU C 921 3.72 -40.88 -20.08
C LEU C 921 3.66 -41.18 -18.59
N THR C 922 3.62 -40.12 -17.76
CA THR C 922 3.65 -40.19 -16.28
C THR C 922 2.33 -39.67 -15.69
N ASN C 923 2.09 -39.95 -14.42
CA ASN C 923 0.98 -39.36 -13.61
C ASN C 923 1.37 -37.92 -13.27
N ASP C 924 1.17 -37.01 -14.21
CA ASP C 924 1.59 -35.58 -14.12
C ASP C 924 0.35 -34.70 -13.91
N VAL C 925 0.54 -33.38 -13.84
CA VAL C 925 -0.53 -32.37 -13.59
C VAL C 925 -1.60 -32.49 -14.69
N TYR C 926 -1.19 -32.71 -15.94
CA TYR C 926 -2.09 -32.82 -17.11
C TYR C 926 -2.90 -34.13 -17.05
N PHE C 927 -2.32 -35.18 -16.47
CA PHE C 927 -2.99 -36.50 -16.25
C PHE C 927 -4.02 -36.36 -15.12
N GLN C 928 -3.72 -35.55 -14.10
CA GLN C 928 -4.65 -35.24 -12.98
C GLN C 928 -5.91 -34.59 -13.54
N VAL C 929 -5.76 -33.63 -14.46
CA VAL C 929 -6.87 -32.95 -15.19
C VAL C 929 -7.60 -34.01 -16.04
N GLY C 930 -6.84 -34.94 -16.62
CA GLY C 930 -7.35 -36.04 -17.46
C GLY C 930 -8.30 -36.97 -16.71
N LEU C 931 -7.92 -37.36 -15.48
CA LEU C 931 -8.71 -38.30 -14.64
C LEU C 931 -10.00 -37.60 -14.17
N LEU C 932 -9.94 -36.29 -13.91
CA LEU C 932 -11.13 -35.46 -13.55
C LEU C 932 -12.08 -35.39 -14.75
N THR C 933 -11.55 -35.12 -15.95
CA THR C 933 -12.30 -35.11 -17.23
C THR C 933 -12.93 -36.49 -17.45
N THR C 934 -12.15 -37.56 -17.23
CA THR C 934 -12.54 -38.98 -17.44
C THR C 934 -13.78 -39.32 -16.61
N ILE C 935 -13.84 -38.85 -15.35
CA ILE C 935 -15.00 -39.04 -14.43
C ILE C 935 -16.26 -38.46 -15.10
N GLY C 936 -16.15 -37.27 -15.68
CA GLY C 936 -17.24 -36.57 -16.39
C GLY C 936 -17.63 -37.28 -17.68
N LEU C 937 -16.63 -37.74 -18.45
CA LEU C 937 -16.81 -38.47 -19.73
C LEU C 937 -17.59 -39.77 -19.47
N SER C 938 -17.17 -40.52 -18.44
CA SER C 938 -17.77 -41.83 -18.03
C SER C 938 -19.21 -41.61 -17.55
N ALA C 939 -19.41 -40.65 -16.64
CA ALA C 939 -20.73 -40.26 -16.07
C ALA C 939 -21.67 -39.83 -17.20
N LYS C 940 -21.17 -39.08 -18.18
CA LYS C 940 -21.93 -38.56 -19.35
C LYS C 940 -22.50 -39.74 -20.15
N ASN C 941 -21.68 -40.77 -20.41
CA ASN C 941 -22.10 -41.99 -21.16
C ASN C 941 -23.11 -42.80 -20.32
N ALA C 942 -22.87 -42.92 -19.02
CA ALA C 942 -23.73 -43.66 -18.07
C ALA C 942 -25.12 -42.99 -17.98
N ILE C 943 -25.15 -41.67 -17.87
CA ILE C 943 -26.39 -40.84 -17.77
C ILE C 943 -27.29 -41.13 -18.97
N LEU C 944 -26.74 -41.10 -20.19
CA LEU C 944 -27.49 -41.27 -21.46
C LEU C 944 -28.27 -42.58 -21.46
N ILE C 945 -27.75 -43.63 -20.79
CA ILE C 945 -28.42 -44.95 -20.62
C ILE C 945 -29.37 -44.88 -19.41
N VAL C 946 -28.81 -44.58 -18.23
CA VAL C 946 -29.50 -44.72 -16.90
C VAL C 946 -30.74 -43.83 -16.83
N GLU C 947 -30.59 -42.53 -17.12
CA GLU C 947 -31.66 -41.51 -16.92
C GLU C 947 -32.82 -41.79 -17.90
N PHE C 948 -32.51 -42.28 -19.10
CA PHE C 948 -33.50 -42.57 -20.17
C PHE C 948 -34.24 -43.88 -19.85
N ALA C 949 -33.58 -44.80 -19.16
CA ALA C 949 -34.14 -46.10 -18.72
C ALA C 949 -35.20 -45.88 -17.64
N LYS C 950 -34.87 -45.09 -16.60
CA LYS C 950 -35.78 -44.79 -15.46
C LYS C 950 -36.98 -43.96 -15.95
N ASP C 951 -36.75 -43.06 -16.92
CA ASP C 951 -37.78 -42.15 -17.48
C ASP C 951 -38.83 -42.98 -18.24
N LEU C 952 -38.42 -44.10 -18.85
CA LEU C 952 -39.32 -45.06 -19.55
C LEU C 952 -40.11 -45.87 -18.51
N MET C 953 -39.45 -46.28 -17.42
CA MET C 953 -40.07 -47.04 -16.30
C MET C 953 -41.13 -46.17 -15.59
N ASP C 954 -40.92 -44.85 -15.54
CA ASP C 954 -41.81 -43.88 -14.84
C ASP C 954 -42.94 -43.45 -15.79
N LYS C 955 -42.61 -42.81 -16.90
CA LYS C 955 -43.58 -42.17 -17.84
C LYS C 955 -44.41 -43.24 -18.55
N GLU C 956 -43.76 -44.19 -19.23
CA GLU C 956 -44.39 -45.18 -20.14
C GLU C 956 -44.73 -46.47 -19.38
N GLY C 957 -44.16 -46.67 -18.19
CA GLY C 957 -44.51 -47.77 -17.27
C GLY C 957 -44.06 -49.12 -17.79
N LYS C 958 -42.82 -49.21 -18.30
CA LYS C 958 -42.20 -50.46 -18.80
C LYS C 958 -41.46 -51.16 -17.67
N GLY C 959 -41.18 -52.47 -17.84
CA GLY C 959 -40.39 -53.28 -16.90
C GLY C 959 -38.94 -52.86 -16.88
N LEU C 960 -38.21 -53.22 -15.81
CA LEU C 960 -36.78 -52.86 -15.58
C LEU C 960 -35.94 -53.28 -16.79
N ILE C 961 -36.10 -54.53 -17.26
CA ILE C 961 -35.31 -55.13 -18.37
C ILE C 961 -35.71 -54.47 -19.70
N GLU C 962 -37.01 -54.41 -19.99
CA GLU C 962 -37.57 -53.87 -21.26
C GLU C 962 -37.11 -52.42 -21.45
N ALA C 963 -37.20 -51.61 -20.39
CA ALA C 963 -36.84 -50.17 -20.37
C ALA C 963 -35.33 -50.01 -20.62
N THR C 964 -34.51 -50.83 -19.97
CA THR C 964 -33.03 -50.84 -20.10
C THR C 964 -32.64 -51.15 -21.55
N LEU C 965 -33.28 -52.16 -22.16
CA LEU C 965 -33.01 -52.61 -23.55
C LEU C 965 -33.49 -51.56 -24.56
N ASP C 966 -34.64 -50.94 -24.31
CA ASP C 966 -35.18 -49.83 -25.13
C ASP C 966 -34.21 -48.64 -25.08
N ALA C 967 -33.70 -48.34 -23.90
CA ALA C 967 -32.78 -47.20 -23.63
C ALA C 967 -31.49 -47.38 -24.43
N VAL C 968 -30.77 -48.49 -24.22
CA VAL C 968 -29.44 -48.77 -24.84
C VAL C 968 -29.57 -48.78 -26.37
N ARG C 969 -30.70 -49.29 -26.90
CA ARG C 969 -30.99 -49.37 -28.36
C ARG C 969 -31.04 -47.96 -28.95
N MET C 970 -31.87 -47.07 -28.36
CA MET C 970 -32.15 -45.70 -28.86
C MET C 970 -30.96 -44.77 -28.57
N ARG C 971 -30.09 -45.13 -27.62
CA ARG C 971 -29.01 -44.24 -27.08
C ARG C 971 -27.63 -44.65 -27.61
N LEU C 972 -27.52 -45.75 -28.39
CA LEU C 972 -26.22 -46.21 -28.94
C LEU C 972 -25.67 -45.17 -29.91
N ARG C 973 -26.50 -44.73 -30.87
N ARG C 973 -26.50 -44.73 -30.87
CA ARG C 973 -26.11 -43.77 -31.95
CA ARG C 973 -26.15 -43.77 -31.95
C ARG C 973 -25.62 -42.46 -31.34
C ARG C 973 -25.63 -42.46 -31.36
N PRO C 974 -26.37 -41.79 -30.44
CA PRO C 974 -25.89 -40.54 -29.84
C PRO C 974 -24.69 -40.70 -28.90
N ILE C 975 -24.54 -41.86 -28.24
CA ILE C 975 -23.39 -42.17 -27.34
C ILE C 975 -22.11 -42.27 -28.18
N LEU C 976 -22.13 -43.07 -29.26
CA LEU C 976 -20.97 -43.31 -30.15
C LEU C 976 -20.61 -42.02 -30.89
N MET C 977 -21.61 -41.22 -31.28
CA MET C 977 -21.45 -39.92 -31.99
C MET C 977 -20.67 -38.94 -31.10
N THR C 978 -21.15 -38.72 -29.87
CA THR C 978 -20.60 -37.73 -28.91
C THR C 978 -19.28 -38.25 -28.33
N SER C 979 -19.05 -39.56 -28.34
CA SER C 979 -17.83 -40.22 -27.83
C SER C 979 -16.70 -40.13 -28.87
N LEU C 980 -17.00 -40.45 -30.13
CA LEU C 980 -16.04 -40.36 -31.26
C LEU C 980 -15.69 -38.88 -31.52
N ALA C 981 -16.65 -37.98 -31.28
CA ALA C 981 -16.48 -36.51 -31.39
C ALA C 981 -15.30 -36.07 -30.49
N PHE C 982 -15.31 -36.50 -29.22
CA PHE C 982 -14.27 -36.16 -28.22
C PHE C 982 -12.95 -36.86 -28.57
N ILE C 983 -13.01 -38.14 -28.96
CA ILE C 983 -11.82 -38.99 -29.27
C ILE C 983 -11.03 -38.36 -30.42
N LEU C 984 -11.71 -38.05 -31.53
CA LEU C 984 -11.10 -37.37 -32.71
C LEU C 984 -10.89 -35.88 -32.41
N GLY C 985 -11.64 -35.33 -31.43
CA GLY C 985 -11.48 -33.95 -30.93
C GLY C 985 -10.11 -33.72 -30.31
N VAL C 986 -9.61 -34.69 -29.54
CA VAL C 986 -8.30 -34.60 -28.81
C VAL C 986 -7.24 -35.45 -29.54
N MET C 987 -7.55 -35.95 -30.75
CA MET C 987 -6.62 -36.74 -31.60
C MET C 987 -5.39 -35.89 -31.93
N PRO C 988 -5.55 -34.64 -32.42
CA PRO C 988 -4.40 -33.79 -32.76
C PRO C 988 -3.41 -33.57 -31.61
N LEU C 989 -3.92 -33.47 -30.37
CA LEU C 989 -3.09 -33.31 -29.14
C LEU C 989 -2.18 -34.53 -28.96
N VAL C 990 -2.71 -35.73 -29.23
CA VAL C 990 -2.03 -37.04 -28.99
C VAL C 990 -0.91 -37.24 -30.02
N ILE C 991 -1.16 -36.89 -31.29
CA ILE C 991 -0.25 -37.15 -32.44
C ILE C 991 0.64 -35.93 -32.72
N SER C 992 0.48 -34.85 -31.94
CA SER C 992 1.27 -33.60 -32.05
C SER C 992 2.76 -33.92 -31.85
N THR C 993 3.62 -33.44 -32.76
CA THR C 993 5.10 -33.60 -32.73
C THR C 993 5.79 -32.23 -32.80
N GLY C 994 5.02 -31.14 -32.87
CA GLY C 994 5.54 -29.76 -33.03
C GLY C 994 6.11 -29.21 -31.74
N ALA C 995 6.33 -27.90 -31.69
CA ALA C 995 6.83 -27.17 -30.49
C ALA C 995 5.73 -27.15 -29.42
N GLY C 996 6.06 -27.60 -28.21
CA GLY C 996 5.13 -27.71 -27.07
C GLY C 996 4.26 -28.96 -27.15
N SER C 997 4.74 -30.00 -27.85
CA SER C 997 4.03 -31.29 -28.06
C SER C 997 4.00 -32.08 -26.74
N GLY C 998 5.02 -31.92 -25.89
CA GLY C 998 5.12 -32.59 -24.57
C GLY C 998 3.86 -32.40 -23.74
N ALA C 999 3.40 -31.14 -23.63
CA ALA C 999 2.18 -30.74 -22.89
C ALA C 999 0.93 -31.25 -23.63
N GLN C 1000 0.87 -31.03 -24.95
CA GLN C 1000 -0.26 -31.45 -25.82
C GLN C 1000 -0.48 -32.97 -25.69
N ASN C 1001 0.59 -33.74 -25.83
CA ASN C 1001 0.58 -35.23 -25.73
C ASN C 1001 0.07 -35.65 -24.34
N ALA C 1002 0.49 -34.94 -23.29
CA ALA C 1002 0.15 -35.21 -21.87
C ALA C 1002 -1.35 -34.98 -21.62
N VAL C 1003 -1.92 -33.93 -22.23
CA VAL C 1003 -3.36 -33.53 -22.07
C VAL C 1003 -4.25 -34.53 -22.81
N GLY C 1004 -3.87 -34.89 -24.04
CA GLY C 1004 -4.71 -35.65 -24.98
C GLY C 1004 -4.77 -37.15 -24.65
N THR C 1005 -3.62 -37.77 -24.44
CA THR C 1005 -3.44 -39.25 -24.36
C THR C 1005 -4.38 -39.85 -23.30
N GLY C 1006 -4.32 -39.34 -22.07
CA GLY C 1006 -5.09 -39.84 -20.92
C GLY C 1006 -6.60 -39.86 -21.19
N VAL C 1007 -7.16 -38.69 -21.55
CA VAL C 1007 -8.63 -38.51 -21.74
C VAL C 1007 -9.10 -39.31 -22.96
N MET C 1008 -8.26 -39.48 -23.98
CA MET C 1008 -8.62 -40.19 -25.24
C MET C 1008 -8.83 -41.67 -24.93
N GLY C 1009 -7.85 -42.32 -24.29
CA GLY C 1009 -7.95 -43.71 -23.81
C GLY C 1009 -9.04 -43.87 -22.77
N GLY C 1010 -9.23 -42.84 -21.94
CA GLY C 1010 -10.31 -42.77 -20.93
C GLY C 1010 -11.69 -42.83 -21.58
N MET C 1011 -11.89 -42.06 -22.65
CA MET C 1011 -13.19 -41.99 -23.39
C MET C 1011 -13.42 -43.28 -24.17
N VAL C 1012 -12.36 -43.90 -24.70
CA VAL C 1012 -12.41 -45.17 -25.48
C VAL C 1012 -13.04 -46.27 -24.60
N THR C 1013 -12.49 -46.51 -23.41
CA THR C 1013 -12.95 -47.56 -22.47
C THR C 1013 -14.28 -47.15 -21.82
N ALA C 1014 -14.47 -45.85 -21.56
CA ALA C 1014 -15.71 -45.27 -20.99
C ALA C 1014 -16.85 -45.33 -22.02
N THR C 1015 -16.56 -45.73 -23.26
CA THR C 1015 -17.54 -45.97 -24.35
C THR C 1015 -17.71 -47.48 -24.56
N VAL C 1016 -16.61 -48.19 -24.83
CA VAL C 1016 -16.57 -49.63 -25.20
C VAL C 1016 -17.12 -50.48 -24.05
N LEU C 1017 -16.64 -50.26 -22.82
CA LEU C 1017 -17.02 -51.06 -21.62
C LEU C 1017 -18.39 -50.61 -21.11
N ALA C 1018 -18.59 -49.30 -20.97
CA ALA C 1018 -19.79 -48.67 -20.36
C ALA C 1018 -21.08 -49.21 -21.00
N ILE C 1019 -21.15 -49.25 -22.33
CA ILE C 1019 -22.38 -49.63 -23.10
C ILE C 1019 -22.81 -51.06 -22.74
N PHE C 1020 -21.89 -51.89 -22.24
CA PHE C 1020 -22.16 -53.29 -21.79
C PHE C 1020 -22.37 -53.34 -20.27
N PHE C 1021 -21.63 -52.52 -19.51
CA PHE C 1021 -21.52 -52.60 -18.03
C PHE C 1021 -22.55 -51.69 -17.33
N VAL C 1022 -22.89 -50.55 -17.92
CA VAL C 1022 -23.86 -49.57 -17.33
C VAL C 1022 -25.24 -50.22 -17.21
N PRO C 1023 -25.74 -50.95 -18.24
CA PRO C 1023 -27.00 -51.67 -18.12
C PRO C 1023 -27.02 -52.69 -16.96
N VAL C 1024 -25.88 -53.31 -16.67
CA VAL C 1024 -25.70 -54.27 -15.53
C VAL C 1024 -25.85 -53.49 -14.21
N PHE C 1025 -25.08 -52.42 -14.04
CA PHE C 1025 -25.06 -51.56 -12.83
C PHE C 1025 -26.48 -51.12 -12.48
N PHE C 1026 -27.22 -50.63 -13.48
CA PHE C 1026 -28.61 -50.10 -13.37
C PHE C 1026 -29.55 -51.21 -12.86
N VAL C 1027 -29.54 -52.36 -13.56
CA VAL C 1027 -30.44 -53.53 -13.28
C VAL C 1027 -30.15 -54.08 -11.88
N VAL C 1028 -28.88 -54.35 -11.57
CA VAL C 1028 -28.43 -54.98 -10.29
C VAL C 1028 -28.82 -54.07 -9.11
N VAL C 1029 -28.46 -52.78 -9.19
CA VAL C 1029 -28.73 -51.76 -8.12
C VAL C 1029 -30.24 -51.65 -7.91
N ARG C 1030 -31.01 -51.54 -8.99
CA ARG C 1030 -32.49 -51.37 -8.97
C ARG C 1030 -33.16 -52.57 -8.27
N ARG C 1031 -32.65 -53.79 -8.50
CA ARG C 1031 -33.24 -55.05 -7.98
C ARG C 1031 -32.92 -55.22 -6.49
N ARG C 1032 -31.78 -54.71 -6.02
CA ARG C 1032 -31.39 -54.74 -4.58
C ARG C 1032 -32.17 -53.64 -3.84
N PHE C 1033 -32.12 -52.39 -4.35
CA PHE C 1033 -32.78 -51.20 -3.76
C PHE C 1033 -33.88 -50.71 -4.70
N SER D 12 10.79 10.95 58.81
CA SER D 12 9.44 11.39 59.28
C SER D 12 8.39 11.15 58.19
N ASP D 13 7.17 10.81 58.59
CA ASP D 13 6.00 10.63 57.69
C ASP D 13 5.52 11.99 57.20
N LEU D 14 5.17 12.89 58.15
CA LEU D 14 4.62 14.24 57.89
C LEU D 14 5.68 15.11 57.20
N GLY D 15 6.96 14.92 57.55
CA GLY D 15 8.12 15.60 56.94
C GLY D 15 8.11 15.48 55.43
N LYS D 16 7.78 14.28 54.92
CA LYS D 16 7.76 13.95 53.46
C LYS D 16 6.47 14.47 52.82
N LYS D 17 5.41 14.67 53.61
CA LYS D 17 4.13 15.28 53.15
C LYS D 17 4.30 16.80 53.07
N LEU D 18 5.11 17.39 53.96
CA LEU D 18 5.42 18.84 54.00
C LEU D 18 6.28 19.22 52.78
N LEU D 19 7.30 18.40 52.48
CA LEU D 19 8.18 18.56 51.29
C LEU D 19 7.32 18.62 50.02
N GLU D 20 6.37 17.69 49.89
CA GLU D 20 5.40 17.62 48.75
C GLU D 20 4.51 18.87 48.75
N ALA D 21 3.98 19.24 49.92
CA ALA D 21 3.04 20.37 50.12
C ALA D 21 3.73 21.69 49.74
N ALA D 22 4.92 21.94 50.28
CA ALA D 22 5.73 23.17 50.06
C ALA D 22 6.03 23.33 48.57
N ARG D 23 6.46 22.26 47.92
CA ARG D 23 6.79 22.20 46.47
C ARG D 23 5.54 22.51 45.63
N ALA D 24 4.44 21.79 45.90
CA ALA D 24 3.16 21.86 45.15
C ALA D 24 2.55 23.27 45.25
N GLY D 25 2.77 23.96 46.37
CA GLY D 25 2.19 25.28 46.66
C GLY D 25 0.82 25.16 47.30
N ARG D 26 0.65 24.15 48.16
CA ARG D 26 -0.64 23.77 48.79
C ARG D 26 -0.72 24.45 50.16
N ASP D 27 -0.95 25.77 50.15
CA ASP D 27 -0.92 26.66 51.35
C ASP D 27 -1.79 26.07 52.47
N ASP D 28 -2.96 25.52 52.13
CA ASP D 28 -3.98 25.00 53.07
C ASP D 28 -3.43 23.75 53.79
N GLU D 29 -2.74 22.86 53.07
CA GLU D 29 -2.19 21.59 53.60
C GLU D 29 -1.00 21.89 54.52
N VAL D 30 -0.13 22.84 54.12
CA VAL D 30 1.06 23.29 54.91
C VAL D 30 0.57 23.82 56.26
N ARG D 31 -0.52 24.59 56.25
CA ARG D 31 -1.19 25.16 57.45
C ARG D 31 -1.47 24.04 58.46
N ILE D 32 -2.11 22.96 58.00
CA ILE D 32 -2.57 21.80 58.84
C ILE D 32 -1.33 21.02 59.33
N LEU D 33 -0.28 20.95 58.51
CA LEU D 33 0.99 20.22 58.83
C LEU D 33 1.74 20.94 59.95
N MET D 34 1.82 22.28 59.90
CA MET D 34 2.50 23.13 60.91
C MET D 34 1.79 22.96 62.27
N ALA D 35 0.46 22.81 62.26
CA ALA D 35 -0.38 22.59 63.46
C ALA D 35 -0.10 21.22 64.07
N ASN D 36 0.01 20.18 63.22
CA ASN D 36 0.28 18.78 63.64
C ASN D 36 1.75 18.62 64.04
N GLY D 37 2.63 19.49 63.54
CA GLY D 37 4.06 19.54 63.90
C GLY D 37 4.93 18.76 62.94
N ALA D 38 4.75 18.97 61.63
CA ALA D 38 5.57 18.38 60.55
C ALA D 38 6.97 19.00 60.59
N ASP D 39 8.01 18.17 60.54
CA ASP D 39 9.43 18.57 60.67
C ASP D 39 9.78 19.57 59.57
N VAL D 40 10.07 20.83 59.96
CA VAL D 40 10.40 21.95 59.03
C VAL D 40 11.84 21.82 58.53
N ASN D 41 12.67 21.03 59.24
CA ASN D 41 14.10 20.78 58.89
C ASN D 41 14.23 19.44 58.14
N ALA D 42 13.10 18.85 57.71
CA ALA D 42 13.04 17.66 56.85
C ALA D 42 13.77 17.96 55.53
N ALA D 43 14.52 16.99 55.01
CA ALA D 43 15.36 17.13 53.79
C ALA D 43 15.25 15.86 52.94
N ASP D 44 15.08 16.04 51.62
CA ASP D 44 15.13 14.94 50.61
C ASP D 44 16.59 14.52 50.41
N VAL D 45 16.83 13.56 49.51
CA VAL D 45 18.16 12.92 49.28
C VAL D 45 19.21 14.00 48.92
N VAL D 46 18.81 15.04 48.19
CA VAL D 46 19.74 16.12 47.71
C VAL D 46 19.92 17.18 48.80
N GLY D 47 19.09 17.16 49.85
CA GLY D 47 19.23 18.01 51.05
C GLY D 47 18.42 19.30 50.95
N TRP D 48 17.29 19.27 50.24
CA TRP D 48 16.38 20.43 50.05
C TRP D 48 15.28 20.38 51.12
N THR D 49 15.21 21.40 51.97
CA THR D 49 14.14 21.61 52.99
C THR D 49 12.89 22.14 52.30
N PRO D 50 11.72 22.11 52.96
CA PRO D 50 10.51 22.75 52.41
C PRO D 50 10.74 24.21 51.99
N LEU D 51 11.60 24.94 52.71
CA LEU D 51 11.96 26.36 52.43
C LEU D 51 12.71 26.45 51.10
N HIS D 52 13.67 25.54 50.86
CA HIS D 52 14.38 25.38 49.55
C HIS D 52 13.35 25.27 48.43
N LEU D 53 12.43 24.31 48.54
CA LEU D 53 11.38 24.00 47.53
C LEU D 53 10.46 25.21 47.35
N ALA D 54 9.92 25.73 48.46
CA ALA D 54 9.03 26.91 48.49
C ALA D 54 9.69 28.09 47.76
N ALA D 55 10.98 28.32 48.02
CA ALA D 55 11.79 29.40 47.42
C ALA D 55 12.00 29.13 45.92
N TYR D 56 12.23 27.87 45.54
CA TYR D 56 12.49 27.42 44.15
C TYR D 56 11.26 27.68 43.27
N TRP D 57 10.10 27.15 43.68
CA TRP D 57 8.83 27.17 42.89
C TRP D 57 8.10 28.49 43.07
N GLY D 58 8.51 29.33 44.03
CA GLY D 58 8.04 30.71 44.20
C GLY D 58 6.70 30.77 44.93
N HIS D 59 6.64 30.22 46.15
CA HIS D 59 5.44 30.20 47.02
C HIS D 59 5.68 31.12 48.24
N LEU D 60 5.35 32.41 48.09
CA LEU D 60 5.63 33.48 49.09
C LEU D 60 4.97 33.14 50.42
N GLU D 61 3.71 32.71 50.40
CA GLU D 61 2.88 32.45 51.61
C GLU D 61 3.52 31.34 52.45
N ILE D 62 3.96 30.25 51.81
CA ILE D 62 4.53 29.06 52.48
C ILE D 62 5.91 29.40 53.07
N VAL D 63 6.70 30.21 52.37
CA VAL D 63 8.04 30.69 52.85
C VAL D 63 7.85 31.41 54.19
N GLU D 64 6.87 32.32 54.27
CA GLU D 64 6.54 33.11 55.48
C GLU D 64 6.10 32.18 56.62
N VAL D 65 5.23 31.21 56.32
CA VAL D 65 4.64 30.26 57.31
C VAL D 65 5.77 29.38 57.88
N LEU D 66 6.66 28.87 57.03
CA LEU D 66 7.79 27.98 57.42
C LEU D 66 8.78 28.75 58.31
N LEU D 67 9.08 30.00 57.96
CA LEU D 67 10.02 30.88 58.72
C LEU D 67 9.43 31.23 60.08
N LYS D 68 8.10 31.36 60.18
CA LYS D 68 7.36 31.61 61.45
C LYS D 68 7.46 30.36 62.34
N ASN D 69 7.59 29.17 61.75
CA ASN D 69 7.64 27.86 62.46
C ASN D 69 9.07 27.35 62.55
N GLY D 70 10.05 28.26 62.69
CA GLY D 70 11.46 27.94 63.03
C GLY D 70 12.17 27.12 61.96
N ALA D 71 12.00 27.49 60.69
CA ALA D 71 12.74 26.90 59.54
C ALA D 71 14.09 27.61 59.39
N ASP D 72 15.18 26.85 59.23
CA ASP D 72 16.56 27.37 59.06
C ASP D 72 16.63 28.15 57.73
N VAL D 73 16.81 29.47 57.81
CA VAL D 73 16.86 30.38 56.64
C VAL D 73 18.18 30.18 55.88
N ASN D 74 19.24 29.77 56.59
CA ASN D 74 20.61 29.57 56.05
C ASN D 74 20.91 28.07 55.91
N ALA D 75 19.88 27.23 55.76
CA ALA D 75 20.00 25.78 55.45
C ALA D 75 20.63 25.62 54.07
N TYR D 76 21.61 24.72 53.93
CA TYR D 76 22.35 24.47 52.67
C TYR D 76 22.17 23.01 52.25
N ASP D 77 22.01 22.78 50.94
CA ASP D 77 21.89 21.42 50.32
C ASP D 77 23.29 20.79 50.29
N THR D 78 23.41 19.59 49.72
CA THR D 78 24.66 18.78 49.69
C THR D 78 25.72 19.43 48.80
N LEU D 79 25.35 20.47 48.03
CA LEU D 79 26.29 21.26 47.18
C LEU D 79 26.42 22.69 47.72
N GLY D 80 25.89 22.97 48.91
CA GLY D 80 26.14 24.23 49.67
C GLY D 80 25.22 25.37 49.26
N SER D 81 24.19 25.11 48.45
CA SER D 81 23.21 26.12 47.98
C SER D 81 22.10 26.32 49.03
N THR D 82 21.67 27.57 49.23
CA THR D 82 20.68 28.00 50.25
C THR D 82 19.38 28.42 49.55
N PRO D 83 18.27 28.60 50.29
CA PRO D 83 17.02 29.09 49.70
C PRO D 83 17.14 30.45 49.00
N LEU D 84 18.02 31.33 49.50
CA LEU D 84 18.29 32.68 48.93
C LEU D 84 18.91 32.54 47.54
N HIS D 85 19.85 31.60 47.37
CA HIS D 85 20.46 31.22 46.06
C HIS D 85 19.34 30.94 45.06
N LEU D 86 18.38 30.07 45.43
CA LEU D 86 17.28 29.59 44.55
C LEU D 86 16.33 30.75 44.25
N ALA D 87 15.88 31.48 45.29
CA ALA D 87 14.94 32.61 45.20
C ALA D 87 15.50 33.69 44.26
N ALA D 88 16.78 34.01 44.40
CA ALA D 88 17.51 35.03 43.61
C ALA D 88 17.65 34.58 42.15
N HIS D 89 18.01 33.30 41.93
CA HIS D 89 18.31 32.71 40.61
C HIS D 89 17.04 32.65 39.74
N PHE D 90 15.89 32.33 40.34
CA PHE D 90 14.60 32.08 39.63
C PHE D 90 13.69 33.31 39.70
N GLY D 91 14.20 34.44 40.20
CA GLY D 91 13.61 35.78 40.06
C GLY D 91 12.36 35.98 40.91
N HIS D 92 12.36 35.46 42.15
CA HIS D 92 11.25 35.60 43.13
C HIS D 92 11.59 36.73 44.11
N LEU D 93 11.35 37.98 43.69
CA LEU D 93 11.75 39.23 44.39
C LEU D 93 11.17 39.25 45.81
N GLU D 94 9.88 38.96 45.96
CA GLU D 94 9.13 39.01 47.25
C GLU D 94 9.79 38.06 48.26
N ILE D 95 10.17 36.86 47.81
CA ILE D 95 10.75 35.78 48.67
C ILE D 95 12.17 36.18 49.09
N VAL D 96 12.94 36.82 48.20
CA VAL D 96 14.33 37.30 48.48
C VAL D 96 14.29 38.31 49.64
N GLU D 97 13.34 39.25 49.61
CA GLU D 97 13.17 40.31 50.65
C GLU D 97 12.80 39.65 51.98
N VAL D 98 11.80 38.76 51.98
CA VAL D 98 11.29 38.04 53.19
C VAL D 98 12.45 37.26 53.83
N LEU D 99 13.22 36.51 53.02
CA LEU D 99 14.36 35.68 53.48
C LEU D 99 15.42 36.57 54.12
N LEU D 100 15.75 37.70 53.50
CA LEU D 100 16.81 38.63 53.95
C LEU D 100 16.38 39.32 55.26
N LYS D 101 15.09 39.62 55.41
CA LYS D 101 14.52 40.25 56.64
C LYS D 101 14.58 39.25 57.81
N ASN D 102 14.50 37.95 57.52
CA ASN D 102 14.54 36.85 58.53
C ASN D 102 15.98 36.38 58.75
N GLY D 103 16.97 37.07 58.16
CA GLY D 103 18.40 36.92 58.48
C GLY D 103 19.10 35.91 57.57
N ALA D 104 18.80 35.94 56.27
CA ALA D 104 19.47 35.13 55.22
C ALA D 104 20.88 35.69 54.98
N ASP D 105 21.89 34.82 54.88
CA ASP D 105 23.30 35.19 54.61
C ASP D 105 23.41 35.67 53.16
N VAL D 106 23.64 36.97 52.95
CA VAL D 106 23.61 37.64 51.62
C VAL D 106 24.89 37.29 50.84
N ASN D 107 25.99 36.97 51.54
CA ASN D 107 27.30 36.62 50.95
C ASN D 107 27.54 35.10 51.02
N ALA D 108 26.46 34.31 51.08
CA ALA D 108 26.51 32.83 51.18
C ALA D 108 27.17 32.24 49.93
N LYS D 109 28.28 31.51 50.11
CA LYS D 109 29.01 30.81 49.03
C LYS D 109 28.59 29.33 49.01
N ASP D 110 28.25 28.80 47.83
CA ASP D 110 28.03 27.35 47.60
C ASP D 110 29.42 26.69 47.43
N ASP D 111 29.45 25.41 47.02
CA ASP D 111 30.70 24.62 46.85
C ASP D 111 31.51 25.17 45.66
N ASN D 112 30.86 25.88 44.74
CA ASN D 112 31.46 26.48 43.52
C ASN D 112 31.93 27.91 43.79
N GLY D 113 31.63 28.46 44.96
CA GLY D 113 31.94 29.86 45.33
C GLY D 113 30.92 30.84 44.75
N ILE D 114 29.80 30.34 44.25
CA ILE D 114 28.69 31.14 43.64
C ILE D 114 27.81 31.69 44.77
N THR D 115 27.33 32.93 44.61
CA THR D 115 26.51 33.68 45.60
C THR D 115 25.13 33.96 45.01
N PRO D 116 24.14 34.41 45.82
CA PRO D 116 22.85 34.85 45.29
C PRO D 116 22.97 35.99 44.27
N LEU D 117 23.96 36.87 44.42
CA LEU D 117 24.23 38.02 43.51
C LEU D 117 24.66 37.51 42.14
N HIS D 118 25.61 36.56 42.10
CA HIS D 118 26.11 35.88 40.87
C HIS D 118 24.92 35.34 40.07
N LEU D 119 24.06 34.55 40.72
CA LEU D 119 22.90 33.86 40.10
C LEU D 119 21.87 34.88 39.62
N ALA D 120 21.60 35.90 40.44
CA ALA D 120 20.69 37.03 40.14
C ALA D 120 21.19 37.79 38.91
N ALA D 121 22.50 38.03 38.84
CA ALA D 121 23.19 38.76 37.74
C ALA D 121 23.13 37.94 36.46
N ASN D 122 23.28 36.61 36.55
CA ASN D 122 23.38 35.68 35.39
C ASN D 122 22.05 35.67 34.63
N ARG D 123 20.92 35.60 35.35
CA ARG D 123 19.55 35.58 34.77
C ARG D 123 19.06 37.02 34.53
N GLY D 124 19.78 38.02 35.07
CA GLY D 124 19.56 39.45 34.80
C GLY D 124 18.34 39.99 35.54
N HIS D 125 18.24 39.67 36.85
CA HIS D 125 17.16 40.15 37.76
C HIS D 125 17.64 41.44 38.45
N LEU D 126 17.25 42.59 37.91
CA LEU D 126 17.78 43.94 38.29
C LEU D 126 17.28 44.31 39.70
N GLU D 127 15.99 44.07 39.98
CA GLU D 127 15.34 44.39 41.29
C GLU D 127 16.06 43.63 42.39
N ILE D 128 16.21 42.30 42.23
CA ILE D 128 16.82 41.37 43.21
C ILE D 128 18.28 41.77 43.47
N VAL D 129 19.03 42.11 42.40
CA VAL D 129 20.45 42.56 42.47
C VAL D 129 20.53 43.76 43.42
N GLU D 130 19.64 44.75 43.24
CA GLU D 130 19.61 46.01 44.04
C GLU D 130 19.17 45.68 45.48
N VAL D 131 18.19 44.79 45.65
CA VAL D 131 17.70 44.31 46.98
C VAL D 131 18.88 43.65 47.72
N LEU D 132 19.64 42.79 47.03
CA LEU D 132 20.81 42.07 47.61
C LEU D 132 21.92 43.06 47.97
N LEU D 133 22.19 44.04 47.09
CA LEU D 133 23.23 45.09 47.30
C LEU D 133 22.84 45.99 48.48
N LYS D 134 21.54 46.26 48.64
CA LYS D 134 20.97 47.09 49.74
C LYS D 134 21.24 46.40 51.10
N TYR D 135 21.16 45.06 51.14
CA TYR D 135 21.36 44.23 52.35
C TYR D 135 22.84 43.85 52.52
N GLY D 136 23.72 44.43 51.71
CA GLY D 136 25.19 44.37 51.88
C GLY D 136 25.81 43.19 51.15
N ALA D 137 25.37 42.92 49.92
CA ALA D 137 25.95 41.88 49.03
C ALA D 137 27.33 42.37 48.54
N ASP D 138 28.37 41.58 48.80
CA ASP D 138 29.77 41.86 48.35
C ASP D 138 29.81 41.79 46.81
N VAL D 139 29.94 42.95 46.17
CA VAL D 139 29.91 43.11 44.67
C VAL D 139 31.21 42.57 44.09
N ASN D 140 32.30 42.57 44.87
CA ASN D 140 33.65 42.09 44.47
C ASN D 140 33.85 40.61 44.83
N ALA D 141 32.77 39.91 45.19
CA ALA D 141 32.77 38.47 45.54
C ALA D 141 33.09 37.64 44.27
N GLN D 142 34.15 36.84 44.32
CA GLN D 142 34.65 36.01 43.20
C GLN D 142 34.26 34.54 43.41
N ASP D 143 33.91 33.83 42.33
CA ASP D 143 33.62 32.38 42.34
C ASP D 143 34.93 31.61 42.13
N LYS D 144 34.86 30.29 41.91
CA LYS D 144 36.03 29.39 41.77
C LYS D 144 36.84 29.75 40.51
N PHE D 145 36.22 30.42 39.53
CA PHE D 145 36.85 30.86 38.26
C PHE D 145 37.28 32.34 38.37
N GLY D 146 37.19 32.94 39.55
CA GLY D 146 37.59 34.33 39.84
C GLY D 146 36.68 35.34 39.17
N LYS D 147 35.43 34.98 38.91
CA LYS D 147 34.41 35.82 38.21
C LYS D 147 33.50 36.51 39.23
N THR D 148 33.32 37.82 39.08
CA THR D 148 32.37 38.66 39.88
C THR D 148 31.05 38.80 39.12
N ALA D 149 30.03 39.36 39.78
CA ALA D 149 28.69 39.64 39.20
C ALA D 149 28.83 40.61 38.02
N PHE D 150 29.83 41.50 38.06
CA PHE D 150 30.18 42.47 37.00
C PHE D 150 30.72 41.72 35.77
N ASP D 151 31.64 40.76 35.99
CA ASP D 151 32.26 39.93 34.93
C ASP D 151 31.17 39.15 34.19
N ILE D 152 30.10 38.74 34.89
CA ILE D 152 28.94 38.00 34.32
C ILE D 152 28.12 38.96 33.44
N SER D 153 27.88 40.18 33.93
CA SER D 153 27.01 41.21 33.29
C SER D 153 27.57 41.61 31.92
N ILE D 154 28.87 41.91 31.84
CA ILE D 154 29.56 42.34 30.58
C ILE D 154 29.62 41.16 29.60
N ASN D 155 29.74 39.93 30.10
CA ASN D 155 29.83 38.69 29.27
C ASN D 155 28.47 38.40 28.64
N ASN D 156 27.38 38.55 29.41
CA ASN D 156 25.98 38.35 28.94
C ASN D 156 25.56 39.53 28.06
N GLY D 157 26.21 40.69 28.22
CA GLY D 157 25.95 41.91 27.43
C GLY D 157 24.77 42.69 27.99
N ASN D 158 24.64 42.74 29.32
CA ASN D 158 23.53 43.43 30.04
C ASN D 158 24.04 44.81 30.50
N GLU D 159 23.78 45.85 29.69
CA GLU D 159 24.22 47.25 29.94
C GLU D 159 23.57 47.79 31.22
N ASP D 160 22.26 47.56 31.38
CA ASP D 160 21.46 48.02 32.55
C ASP D 160 22.08 47.48 33.85
N LEU D 161 22.36 46.17 33.88
CA LEU D 161 22.93 45.46 35.08
C LEU D 161 24.38 45.92 35.31
N ALA D 162 25.15 46.13 34.23
CA ALA D 162 26.55 46.61 34.26
C ALA D 162 26.63 48.00 34.92
N GLU D 163 25.63 48.85 34.66
CA GLU D 163 25.54 50.23 35.21
C GLU D 163 25.19 50.19 36.70
N ILE D 164 24.35 49.23 37.12
CA ILE D 164 23.93 49.05 38.54
C ILE D 164 25.13 48.60 39.39
N LEU D 165 26.03 47.81 38.80
CA LEU D 165 27.17 47.13 39.49
C LEU D 165 28.44 47.98 39.39
N GLN D 166 28.40 49.25 39.78
CA GLN D 166 29.59 50.13 39.88
C GLN D 166 29.95 50.34 41.35
N LYS D 167 30.07 49.22 42.09
CA LYS D 167 30.56 49.15 43.49
C LYS D 167 29.85 50.21 44.34
N LEU E 14 17.65 50.48 -25.91
CA LEU E 14 18.67 51.03 -26.86
C LEU E 14 19.82 50.03 -26.99
N GLY E 15 20.64 49.89 -25.94
CA GLY E 15 21.83 49.02 -25.91
C GLY E 15 21.49 47.59 -25.49
N LYS E 16 20.53 47.44 -24.58
CA LYS E 16 20.01 46.13 -24.10
C LYS E 16 19.36 45.37 -25.26
N LYS E 17 18.71 46.10 -26.18
CA LYS E 17 18.10 45.55 -27.42
C LYS E 17 19.21 44.94 -28.29
N LEU E 18 20.34 45.65 -28.43
CA LEU E 18 21.53 45.22 -29.22
C LEU E 18 22.23 44.06 -28.52
N LEU E 19 22.52 44.20 -27.22
CA LEU E 19 23.20 43.17 -26.38
C LEU E 19 22.52 41.81 -26.56
N GLU E 20 21.19 41.76 -26.44
CA GLU E 20 20.38 40.53 -26.57
C GLU E 20 20.45 40.00 -28.00
N ALA E 21 20.38 40.90 -29.00
CA ALA E 21 20.41 40.58 -30.45
C ALA E 21 21.79 39.98 -30.82
N ALA E 22 22.86 40.49 -30.23
CA ALA E 22 24.25 40.01 -30.42
C ALA E 22 24.40 38.60 -29.84
N ARG E 23 23.88 38.38 -28.63
CA ARG E 23 23.89 37.08 -27.90
C ARG E 23 23.12 36.03 -28.70
N ALA E 24 21.87 36.36 -29.08
CA ALA E 24 20.93 35.49 -29.84
C ALA E 24 21.53 35.12 -31.20
N GLY E 25 22.32 36.02 -31.79
CA GLY E 25 23.01 35.81 -33.08
C GLY E 25 22.16 36.24 -34.26
N ARG E 26 21.36 37.30 -34.10
CA ARG E 26 20.44 37.84 -35.12
C ARG E 26 21.18 38.88 -35.97
N ASP E 27 21.52 38.54 -37.21
CA ASP E 27 22.31 39.39 -38.15
C ASP E 27 21.49 40.63 -38.52
N ASP E 28 20.22 40.45 -38.90
CA ASP E 28 19.32 41.53 -39.40
C ASP E 28 19.03 42.53 -38.28
N GLU E 29 18.69 42.04 -37.08
CA GLU E 29 18.32 42.87 -35.90
C GLU E 29 19.46 43.83 -35.56
N VAL E 30 20.69 43.32 -35.45
CA VAL E 30 21.92 44.08 -35.07
C VAL E 30 22.12 45.24 -36.05
N ARG E 31 21.89 45.00 -37.35
CA ARG E 31 22.03 46.01 -38.44
C ARG E 31 20.95 47.10 -38.28
N ILE E 32 19.70 46.69 -38.06
CA ILE E 32 18.52 47.59 -37.92
C ILE E 32 18.69 48.45 -36.67
N LEU E 33 19.19 47.87 -35.57
CA LEU E 33 19.35 48.54 -34.25
C LEU E 33 20.45 49.60 -34.32
N MET E 34 21.51 49.36 -35.10
CA MET E 34 22.66 50.30 -35.28
C MET E 34 22.34 51.32 -36.38
N ALA E 35 21.36 51.02 -37.25
CA ALA E 35 20.80 51.96 -38.24
C ALA E 35 19.92 53.00 -37.53
N ASN E 36 19.36 52.63 -36.38
CA ASN E 36 18.57 53.53 -35.49
C ASN E 36 19.53 54.38 -34.63
N GLY E 37 20.73 53.86 -34.35
CA GLY E 37 21.82 54.57 -33.64
C GLY E 37 21.96 54.13 -32.20
N ALA E 38 22.00 52.81 -31.96
CA ALA E 38 22.18 52.19 -30.63
C ALA E 38 23.66 52.19 -30.25
N ASP E 39 23.96 52.26 -28.95
CA ASP E 39 25.34 52.25 -28.41
C ASP E 39 25.98 50.88 -28.68
N VAL E 40 27.10 50.86 -29.42
CA VAL E 40 27.82 49.62 -29.84
C VAL E 40 28.79 49.19 -28.74
N ASN E 41 29.02 50.05 -27.72
CA ASN E 41 29.86 49.75 -26.54
C ASN E 41 28.97 49.69 -25.29
N ALA E 42 27.70 49.28 -25.45
CA ALA E 42 26.70 49.13 -24.37
C ALA E 42 27.09 47.96 -23.47
N ALA E 43 27.43 48.23 -22.21
CA ALA E 43 27.89 47.23 -21.21
C ALA E 43 26.71 46.71 -20.40
N ASP E 44 26.67 45.40 -20.15
CA ASP E 44 25.66 44.74 -19.27
C ASP E 44 26.16 44.80 -17.82
N VAL E 45 25.49 44.11 -16.90
CA VAL E 45 25.76 44.17 -15.43
C VAL E 45 27.17 43.67 -15.12
N VAL E 46 27.68 42.69 -15.89
CA VAL E 46 29.04 42.09 -15.69
C VAL E 46 30.08 42.83 -16.55
N GLY E 47 29.65 43.77 -17.39
CA GLY E 47 30.53 44.66 -18.19
C GLY E 47 30.82 44.11 -19.57
N TRP E 48 29.98 43.20 -20.08
CA TRP E 48 30.11 42.58 -21.42
C TRP E 48 29.44 43.46 -22.47
N THR E 49 30.17 43.80 -23.53
CA THR E 49 29.68 44.56 -24.72
C THR E 49 29.04 43.58 -25.70
N PRO E 50 28.39 44.04 -26.79
CA PRO E 50 27.89 43.15 -27.84
C PRO E 50 29.02 42.30 -28.47
N LEU E 51 30.23 42.86 -28.55
CA LEU E 51 31.42 42.20 -29.15
C LEU E 51 31.89 41.05 -28.25
N HIS E 52 31.84 41.24 -26.92
CA HIS E 52 32.11 40.18 -25.90
C HIS E 52 31.19 38.99 -26.15
N LEU E 53 29.88 39.24 -26.27
CA LEU E 53 28.82 38.20 -26.42
C LEU E 53 29.01 37.48 -27.76
N ALA E 54 29.19 38.23 -28.85
CA ALA E 54 29.39 37.70 -30.23
C ALA E 54 30.63 36.79 -30.26
N ALA E 55 31.71 37.19 -29.59
CA ALA E 55 32.99 36.44 -29.50
C ALA E 55 32.80 35.16 -28.70
N TYR E 56 32.08 35.23 -27.58
CA TYR E 56 31.82 34.10 -26.64
C TYR E 56 30.96 33.03 -27.34
N TRP E 57 29.82 33.44 -27.91
CA TRP E 57 28.81 32.55 -28.54
C TRP E 57 29.23 32.19 -29.98
N GLY E 58 30.24 32.88 -30.53
CA GLY E 58 30.88 32.53 -31.81
C GLY E 58 30.04 32.96 -33.00
N HIS E 59 29.69 34.25 -33.06
CA HIS E 59 28.92 34.88 -34.18
C HIS E 59 29.86 35.80 -34.97
N LEU E 60 30.67 35.22 -35.87
CA LEU E 60 31.68 35.92 -36.70
C LEU E 60 31.02 37.03 -37.51
N GLU E 61 29.86 36.75 -38.12
CA GLU E 61 29.11 37.67 -39.03
C GLU E 61 28.70 38.93 -38.26
N ILE E 62 28.50 38.83 -36.94
CA ILE E 62 28.11 39.96 -36.05
C ILE E 62 29.35 40.69 -35.54
N VAL E 63 30.42 39.95 -35.22
CA VAL E 63 31.74 40.51 -34.77
C VAL E 63 32.25 41.50 -35.83
N GLU E 64 32.18 41.11 -37.11
CA GLU E 64 32.66 41.91 -38.27
C GLU E 64 31.81 43.19 -38.40
N VAL E 65 30.48 43.05 -38.31
CA VAL E 65 29.49 44.16 -38.48
C VAL E 65 29.61 45.14 -37.30
N LEU E 66 29.96 44.65 -36.11
CA LEU E 66 30.14 45.46 -34.87
C LEU E 66 31.42 46.31 -35.00
N LEU E 67 32.55 45.67 -35.30
CA LEU E 67 33.89 46.33 -35.41
C LEU E 67 33.85 47.41 -36.50
N LYS E 68 33.14 47.17 -37.60
CA LYS E 68 32.96 48.11 -38.74
C LYS E 68 32.27 49.39 -38.25
N ASN E 69 31.35 49.26 -37.28
CA ASN E 69 30.57 50.39 -36.69
C ASN E 69 31.31 50.98 -35.48
N GLY E 70 32.62 50.73 -35.35
CA GLY E 70 33.50 51.36 -34.37
C GLY E 70 33.30 50.82 -32.96
N ALA E 71 33.08 49.51 -32.83
CA ALA E 71 32.95 48.79 -31.54
C ALA E 71 34.33 48.68 -30.88
N ASP E 72 34.44 49.09 -29.61
CA ASP E 72 35.71 49.10 -28.83
C ASP E 72 36.26 47.67 -28.79
N VAL E 73 37.30 47.40 -29.58
CA VAL E 73 37.94 46.06 -29.77
C VAL E 73 38.66 45.65 -28.47
N ASN E 74 39.17 46.62 -27.71
CA ASN E 74 39.97 46.41 -26.47
C ASN E 74 39.09 46.65 -25.23
N ALA E 75 37.76 46.66 -25.39
CA ALA E 75 36.78 46.75 -24.29
C ALA E 75 37.03 45.61 -23.30
N TYR E 76 36.99 45.89 -21.99
CA TYR E 76 37.28 44.92 -20.90
C TYR E 76 36.12 44.91 -19.92
N ASP E 77 35.72 43.71 -19.48
CA ASP E 77 34.60 43.50 -18.50
C ASP E 77 35.08 43.90 -17.11
N THR E 78 34.26 43.68 -16.07
CA THR E 78 34.52 44.08 -14.67
C THR E 78 35.64 43.24 -14.05
N LEU E 79 36.07 42.15 -14.72
CA LEU E 79 37.21 41.29 -14.31
C LEU E 79 38.40 41.47 -15.28
N GLY E 80 38.26 42.33 -16.29
CA GLY E 80 39.37 42.77 -17.16
C GLY E 80 39.54 41.93 -18.42
N SER E 81 38.64 40.97 -18.67
CA SER E 81 38.69 40.07 -19.86
C SER E 81 38.09 40.80 -21.08
N THR E 82 38.70 40.61 -22.26
CA THR E 82 38.35 41.26 -23.54
C THR E 82 37.66 40.25 -24.47
N PRO E 83 37.05 40.70 -25.59
CA PRO E 83 36.51 39.77 -26.58
C PRO E 83 37.55 38.79 -27.16
N LEU E 84 38.83 39.17 -27.20
CA LEU E 84 39.95 38.33 -27.69
C LEU E 84 40.19 37.17 -26.71
N HIS E 85 40.15 37.45 -25.40
CA HIS E 85 40.22 36.43 -24.31
C HIS E 85 39.17 35.34 -24.56
N LEU E 86 37.93 35.76 -24.85
CA LEU E 86 36.75 34.86 -25.01
C LEU E 86 36.89 34.03 -26.29
N ALA E 87 37.23 34.66 -27.41
CA ALA E 87 37.38 34.02 -28.75
C ALA E 87 38.47 32.95 -28.71
N ALA E 88 39.62 33.28 -28.11
CA ALA E 88 40.82 32.42 -28.01
C ALA E 88 40.55 31.22 -27.12
N HIS E 89 39.76 31.41 -26.06
CA HIS E 89 39.47 30.40 -25.01
C HIS E 89 38.48 29.35 -25.52
N PHE E 90 37.51 29.75 -26.36
CA PHE E 90 36.38 28.92 -26.83
C PHE E 90 36.63 28.43 -28.28
N GLY E 91 37.85 28.56 -28.78
CA GLY E 91 38.30 27.94 -30.04
C GLY E 91 37.65 28.56 -31.27
N HIS E 92 37.45 29.88 -31.27
CA HIS E 92 36.85 30.66 -32.39
C HIS E 92 37.97 31.32 -33.20
N LEU E 93 38.64 30.52 -34.05
CA LEU E 93 39.84 30.91 -34.85
C LEU E 93 39.54 32.16 -35.69
N GLU E 94 38.47 32.10 -36.50
CA GLU E 94 38.09 33.16 -37.48
C GLU E 94 37.87 34.49 -36.74
N ILE E 95 37.28 34.45 -35.54
CA ILE E 95 36.96 35.64 -34.72
C ILE E 95 38.26 36.20 -34.11
N VAL E 96 39.15 35.32 -33.62
CA VAL E 96 40.50 35.69 -33.07
C VAL E 96 41.26 36.51 -34.11
N GLU E 97 41.22 36.06 -35.38
CA GLU E 97 41.90 36.75 -36.52
C GLU E 97 41.25 38.13 -36.75
N VAL E 98 39.93 38.16 -36.94
CA VAL E 98 39.14 39.40 -37.26
C VAL E 98 39.40 40.47 -36.20
N LEU E 99 39.53 40.08 -34.92
CA LEU E 99 39.79 41.00 -33.78
C LEU E 99 41.19 41.59 -33.91
N LEU E 100 42.21 40.74 -34.08
CA LEU E 100 43.65 41.13 -34.17
C LEU E 100 43.85 42.09 -35.36
N LYS E 101 43.21 41.81 -36.49
CA LYS E 101 43.26 42.65 -37.73
C LYS E 101 42.74 44.05 -37.43
N ASN E 102 41.72 44.17 -36.57
CA ASN E 102 41.08 45.46 -36.19
C ASN E 102 41.72 46.00 -34.89
N GLY E 103 42.98 45.63 -34.63
CA GLY E 103 43.83 46.23 -33.59
C GLY E 103 43.44 45.81 -32.18
N ALA E 104 43.30 44.50 -31.94
CA ALA E 104 43.03 43.90 -30.62
C ALA E 104 44.36 43.72 -29.88
N ASP E 105 44.41 44.14 -28.61
CA ASP E 105 45.61 44.01 -27.73
C ASP E 105 45.88 42.52 -27.50
N VAL E 106 46.89 41.97 -28.20
CA VAL E 106 47.24 40.52 -28.18
C VAL E 106 47.81 40.14 -26.81
N ASN E 107 48.45 41.09 -26.11
CA ASN E 107 49.08 40.89 -24.78
C ASN E 107 48.18 41.47 -23.67
N ALA E 108 46.87 41.54 -23.91
CA ALA E 108 45.86 42.04 -22.94
C ALA E 108 45.83 41.12 -21.71
N LYS E 109 45.88 41.70 -20.51
CA LYS E 109 45.87 40.98 -19.21
C LYS E 109 44.56 41.30 -18.48
N ASP E 110 43.82 40.26 -18.05
CA ASP E 110 42.66 40.38 -17.13
C ASP E 110 43.19 40.61 -15.71
N ASP E 111 42.30 40.82 -14.74
CA ASP E 111 42.65 41.15 -13.32
C ASP E 111 43.59 40.07 -12.75
N ASN E 112 43.52 38.85 -13.26
CA ASN E 112 44.31 37.67 -12.77
C ASN E 112 45.68 37.63 -13.47
N GLY E 113 45.89 38.44 -14.52
CA GLY E 113 47.12 38.46 -15.32
C GLY E 113 47.11 37.38 -16.41
N ILE E 114 45.94 36.84 -16.73
CA ILE E 114 45.74 35.82 -17.80
C ILE E 114 45.59 36.54 -19.14
N THR E 115 46.23 36.01 -20.19
CA THR E 115 46.27 36.57 -21.57
C THR E 115 45.56 35.61 -22.53
N PRO E 116 45.16 36.06 -23.74
CA PRO E 116 44.56 35.18 -24.74
C PRO E 116 45.39 33.92 -25.06
N LEU E 117 46.73 34.01 -24.97
CA LEU E 117 47.65 32.87 -25.21
C LEU E 117 47.48 31.83 -24.10
N HIS E 118 47.47 32.25 -22.83
CA HIS E 118 47.28 31.39 -21.63
C HIS E 118 46.02 30.54 -21.79
N LEU E 119 44.90 31.18 -22.17
CA LEU E 119 43.57 30.54 -22.32
C LEU E 119 43.58 29.56 -23.51
N ALA E 120 44.13 30.00 -24.65
CA ALA E 120 44.26 29.20 -25.89
C ALA E 120 45.17 27.98 -25.63
N ALA E 121 46.24 28.17 -24.84
CA ALA E 121 47.23 27.13 -24.48
C ALA E 121 46.61 26.09 -23.55
N ASN E 122 45.71 26.52 -22.65
CA ASN E 122 45.08 25.68 -21.61
C ASN E 122 44.10 24.69 -22.25
N ARG E 123 43.31 25.16 -23.23
CA ARG E 123 42.30 24.34 -23.97
C ARG E 123 42.95 23.66 -25.18
N GLY E 124 44.18 24.02 -25.52
CA GLY E 124 45.00 23.37 -26.55
C GLY E 124 44.54 23.69 -27.97
N HIS E 125 44.11 24.93 -28.20
CA HIS E 125 43.70 25.45 -29.53
C HIS E 125 44.96 25.82 -30.33
N LEU E 126 45.59 24.83 -30.95
CA LEU E 126 46.94 24.92 -31.58
C LEU E 126 46.93 25.98 -32.70
N GLU E 127 45.88 25.98 -33.52
CA GLU E 127 45.70 26.91 -34.67
C GLU E 127 45.66 28.35 -34.16
N ILE E 128 44.91 28.61 -33.07
CA ILE E 128 44.73 29.95 -32.46
C ILE E 128 46.06 30.41 -31.84
N VAL E 129 46.77 29.53 -31.13
CA VAL E 129 48.07 29.82 -30.47
C VAL E 129 49.06 30.35 -31.51
N GLU E 130 49.12 29.72 -32.68
CA GLU E 130 50.03 30.10 -33.80
C GLU E 130 49.68 31.51 -34.31
N VAL E 131 48.38 31.83 -34.40
CA VAL E 131 47.88 33.16 -34.87
C VAL E 131 48.27 34.25 -33.86
N LEU E 132 48.11 33.97 -32.56
CA LEU E 132 48.44 34.92 -31.46
C LEU E 132 49.94 35.26 -31.49
N LEU E 133 50.79 34.24 -31.61
CA LEU E 133 52.28 34.38 -31.69
C LEU E 133 52.65 35.20 -32.93
N LYS E 134 51.90 35.02 -34.03
CA LYS E 134 52.11 35.71 -35.33
C LYS E 134 51.99 37.23 -35.14
N TYR E 135 51.05 37.68 -34.30
CA TYR E 135 50.73 39.10 -34.04
C TYR E 135 51.53 39.64 -32.85
N GLY E 136 52.48 38.85 -32.33
CA GLY E 136 53.46 39.27 -31.31
C GLY E 136 52.98 39.04 -29.89
N ALA E 137 52.53 37.81 -29.60
CA ALA E 137 52.15 37.35 -28.24
C ALA E 137 53.41 37.07 -27.43
N ASP E 138 53.51 37.64 -26.22
CA ASP E 138 54.66 37.46 -25.30
C ASP E 138 54.57 36.06 -24.68
N VAL E 139 55.44 35.14 -25.11
CA VAL E 139 55.49 33.72 -24.65
C VAL E 139 55.91 33.67 -23.17
N ASN E 140 56.74 34.63 -22.73
CA ASN E 140 57.32 34.67 -21.36
C ASN E 140 56.36 35.38 -20.40
N ALA E 141 55.22 35.89 -20.91
CA ALA E 141 54.16 36.57 -20.12
C ALA E 141 53.70 35.65 -18.98
N GLN E 142 53.88 36.09 -17.73
CA GLN E 142 53.51 35.35 -16.50
C GLN E 142 52.17 35.89 -15.96
N ASP E 143 51.31 34.99 -15.45
CA ASP E 143 50.06 35.35 -14.74
C ASP E 143 50.41 35.63 -13.27
N LYS E 144 49.40 35.85 -12.42
CA LYS E 144 49.55 36.17 -10.98
C LYS E 144 50.29 35.04 -10.24
N PHE E 145 50.27 33.81 -10.79
CA PHE E 145 50.89 32.60 -10.20
C PHE E 145 52.26 32.34 -10.84
N GLY E 146 52.73 33.23 -11.73
CA GLY E 146 54.05 33.14 -12.39
C GLY E 146 54.12 32.02 -13.41
N LYS E 147 53.00 31.71 -14.07
CA LYS E 147 52.86 30.60 -15.06
C LYS E 147 52.86 31.19 -16.48
N THR E 148 53.72 30.67 -17.35
CA THR E 148 53.78 30.99 -18.81
C THR E 148 52.88 29.99 -19.56
N ALA E 149 52.54 30.30 -20.81
CA ALA E 149 51.76 29.43 -21.73
C ALA E 149 52.49 28.10 -21.93
N PHE E 150 53.83 28.11 -21.84
CA PHE E 150 54.70 26.91 -21.91
C PHE E 150 54.46 26.02 -20.68
N ASP E 151 54.46 26.61 -19.48
CA ASP E 151 54.24 25.89 -18.19
C ASP E 151 52.89 25.16 -18.23
N ILE E 152 51.87 25.79 -18.84
CA ILE E 152 50.51 25.21 -19.02
C ILE E 152 50.60 23.94 -19.88
N SER E 153 51.33 24.00 -21.00
CA SER E 153 51.48 22.89 -21.99
C SER E 153 52.22 21.71 -21.36
N ILE E 154 53.20 21.98 -20.49
CA ILE E 154 54.00 20.96 -19.74
C ILE E 154 53.08 20.28 -18.71
N ASN E 155 52.27 21.06 -18.00
CA ASN E 155 51.34 20.59 -16.94
C ASN E 155 50.23 19.74 -17.57
N ASN E 156 49.62 20.24 -18.65
CA ASN E 156 48.53 19.55 -19.41
C ASN E 156 49.08 18.32 -20.12
N GLY E 157 50.39 18.32 -20.44
CA GLY E 157 51.08 17.21 -21.15
C GLY E 157 50.84 17.28 -22.64
N ASN E 158 50.49 18.45 -23.18
CA ASN E 158 50.27 18.69 -24.63
C ASN E 158 51.63 18.77 -25.32
N GLU E 159 52.07 17.65 -25.90
CA GLU E 159 53.40 17.49 -26.56
C GLU E 159 53.46 18.41 -27.78
N ASP E 160 52.37 18.45 -28.55
CA ASP E 160 52.24 19.22 -29.82
C ASP E 160 52.35 20.72 -29.54
N LEU E 161 51.70 21.20 -28.48
CA LEU E 161 51.69 22.63 -28.07
C LEU E 161 53.05 23.01 -27.47
N ALA E 162 53.65 22.10 -26.68
CA ALA E 162 54.90 22.31 -25.92
C ALA E 162 56.04 22.73 -26.87
N GLU E 163 56.19 22.03 -28.00
CA GLU E 163 57.30 22.24 -28.97
C GLU E 163 57.09 23.55 -29.75
N ILE E 164 55.83 23.94 -30.01
CA ILE E 164 55.46 25.21 -30.71
C ILE E 164 55.94 26.40 -29.86
N LEU E 165 55.93 26.26 -28.53
CA LEU E 165 56.36 27.32 -27.56
C LEU E 165 57.84 27.11 -27.20
N GLN E 166 58.70 26.90 -28.22
CA GLN E 166 60.16 26.70 -28.07
C GLN E 166 60.83 26.84 -29.44
C1B LMT F . -23.23 14.58 6.08
C2B LMT F . -24.07 15.54 6.93
C3B LMT F . -24.22 15.04 8.37
C4B LMT F . -24.07 13.52 8.44
C5B LMT F . -22.72 13.06 7.88
C6B LMT F . -22.83 11.65 7.29
O1B LMT F . -22.59 15.33 5.03
O2B LMT F . -23.49 16.84 6.93
O3B LMT F . -25.49 15.43 8.88
O4' LMT F . -24.18 13.10 9.79
O5B LMT F . -22.23 13.96 6.88
O6B LMT F . -21.56 11.23 6.80
C1' LMT F . -23.15 15.62 0.92
C2' LMT F . -24.41 15.34 1.73
C3' LMT F . -24.16 15.66 3.20
C4' LMT F . -22.92 14.92 3.69
C5' LMT F . -21.74 15.21 2.76
C6' LMT F . -20.46 14.50 3.20
O1' LMT F . -23.40 15.32 -0.46
O2' LMT F . -25.51 16.11 1.25
O3' LMT F . -25.32 15.30 3.96
O5' LMT F . -22.08 14.85 1.43
O6' LMT F . -20.68 13.10 3.37
C1 LMT F . -23.59 16.49 -1.26
C2 LMT F . -24.24 16.11 -2.59
C3 LMT F . -25.56 15.36 -2.37
C4 LMT F . -26.59 15.74 -3.43
C5 LMT F . -27.53 14.58 -3.76
C6 LMT F . -29.00 14.98 -3.65
C7 LMT F . -29.86 14.07 -4.51
C8 LMT F . -31.34 14.27 -4.21
C9 LMT F . -32.20 13.55 -5.24
C10 LMT F . -33.69 13.77 -4.96
C11 LMT F . -34.52 13.67 -6.24
C12 LMT F . -34.59 12.24 -6.74
C1 1K8 G . -38.90 1.45 -21.57
C2 1K8 G . -40.33 0.97 -21.85
C3 1K8 G . -45.30 0.13 -25.79
C4 1K8 G . -40.94 3.41 -22.31
C5 1K8 G . -39.44 3.65 -22.35
C6 1K8 G . -46.23 -0.72 -25.20
C8 1K8 G . -42.15 1.54 -23.40
C10 1K8 G . -43.30 1.48 -25.62
C12 1K8 G . -44.11 0.24 -23.62
C13 1K8 G . -45.06 -0.61 -23.07
N1 1K8 G . -38.82 2.89 -21.26
N3 1K8 G . -41.12 1.98 -22.55
C9 1K8 G . -42.25 1.96 -24.84
C11 1K8 G . -44.25 0.63 -25.06
N13 1K8 G . -43.09 0.71 -22.88
CL1 1K8 G . -41.03 3.06 -25.59
C7 1K8 G . -46.11 -1.09 -23.85
C1B LMT H . -26.95 30.40 -4.58
C2B LMT H . -26.99 31.38 -5.74
C3B LMT H . -25.96 31.02 -6.79
C4B LMT H . -24.56 30.79 -6.19
C5B LMT H . -24.57 30.02 -4.86
C6B LMT H . -23.26 30.24 -4.13
O1B LMT H . -27.27 29.09 -5.05
O2B LMT H . -28.29 31.39 -6.33
O3B LMT H . -25.87 32.07 -7.76
O4' LMT H . -23.77 30.05 -7.13
O5B LMT H . -25.64 30.43 -4.00
O6B LMT H . -23.21 29.43 -2.96
C1' LMT H . -29.05 25.55 -4.02
C2' LMT H . -29.52 26.76 -3.22
C3' LMT H . -29.10 28.06 -3.87
C4' LMT H . -27.58 28.15 -4.02
C5' LMT H . -26.96 26.80 -4.37
C6' LMT H . -26.22 26.16 -3.20
O1' LMT H . -28.64 24.47 -3.16
O2' LMT H . -30.95 26.74 -3.11
O3' LMT H . -29.57 29.17 -3.09
O5' LMT H . -27.96 25.89 -4.89
O6' LMT H . -24.90 26.72 -3.09
C1 LMT H . -29.67 23.96 -2.29
C2 LMT H . -29.54 22.45 -2.17
C3 LMT H . -29.92 21.69 -3.44
C4 LMT H . -31.29 22.05 -4.03
C5 LMT H . -32.42 21.93 -3.02
C6 LMT H . -33.77 22.22 -3.67
C7 LMT H . -33.92 23.71 -4.02
C8 LMT H . -35.39 24.13 -4.11
C9 LMT H . -36.00 23.73 -5.46
C10 LMT H . -35.95 24.88 -6.46
C11 LMT H . -37.13 25.81 -6.28
C12 LMT H . -38.34 25.35 -7.07
C1 EDO I . 21.04 28.75 2.96
O1 EDO I . 21.00 28.06 1.73
C2 EDO I . 20.07 29.87 3.03
O2 EDO I . 20.43 30.87 3.96
C1 OCT J . -33.44 -14.13 -43.86
C2 OCT J . -32.75 -12.85 -43.42
C3 OCT J . -31.49 -13.09 -42.63
C4 OCT J . -30.90 -11.84 -42.02
C5 OCT J . -29.60 -12.07 -41.29
C6 OCT J . -29.21 -10.94 -40.36
C7 OCT J . -27.97 -11.22 -39.55
C8 OCT J . -27.50 -10.03 -38.73
C01 C14 K . -58.59 6.38 -2.65
C02 C14 K . -58.06 6.78 -1.29
C03 C14 K . -57.16 5.75 -0.67
C04 C14 K . -55.67 5.97 -0.89
C05 C14 K . -54.88 6.20 0.38
C06 C14 K . -53.49 6.77 0.15
C07 C14 K . -52.53 5.83 -0.52
C08 C14 K . -52.04 4.69 0.35
C09 C14 K . -51.18 5.11 1.52
C10 C14 K . -49.96 5.93 1.15
C11 C14 K . -48.90 5.99 2.23
C12 C14 K . -47.50 6.26 1.71
C13 C14 K . -46.53 6.75 2.73
C14 C14 K . -45.15 7.05 2.18
C1 GOL L . 14.45 39.86 8.30
O1 GOL L . 13.73 39.41 7.15
C2 GOL L . 14.84 38.71 9.21
O2 GOL L . 15.62 39.20 10.29
C3 GOL L . 13.65 37.94 9.74
O3 GOL L . 13.36 36.79 8.95
C01 C14 M . -13.99 -2.67 -18.01
C02 C14 M . -15.36 -2.04 -18.06
C03 C14 M . -16.41 -2.79 -17.29
C04 C14 M . -17.72 -2.06 -17.16
C05 C14 M . -18.89 -2.92 -16.76
C06 C14 M . -20.12 -2.76 -17.62
C07 C14 M . -21.30 -3.60 -17.21
C08 C14 M . -22.47 -3.57 -18.17
C09 C14 M . -23.58 -2.63 -17.76
C10 C14 M . -24.69 -3.28 -16.94
C11 C14 M . -24.86 -2.72 -15.55
C12 C14 M . -26.29 -2.55 -15.11
C13 C14 M . -26.50 -2.42 -13.62
C14 C14 M . -27.93 -2.66 -13.17
C1 EDO N . -18.62 29.24 -18.34
O1 EDO N . -18.06 28.28 -17.47
C2 EDO N . -18.99 30.50 -17.64
O2 EDO N . -19.96 30.32 -16.63
C1 EDO O . 30.79 26.33 -20.58
O1 EDO O . 30.39 26.61 -21.91
C2 EDO O . 31.49 27.47 -19.93
O2 EDO O . 32.62 27.08 -19.19
C1B LMT P . -43.83 -12.32 -25.76
C2B LMT P . -44.83 -13.31 -26.35
C3B LMT P . -45.64 -14.01 -25.26
C4B LMT P . -44.85 -14.14 -23.96
C5B LMT P . -44.36 -12.79 -23.45
C6B LMT P . -42.98 -12.89 -22.80
O1B LMT P . -43.64 -11.22 -26.67
O2B LMT P . -45.73 -12.64 -27.25
O3B LMT P . -46.02 -15.31 -25.73
O4' LMT P . -45.68 -14.75 -22.96
O5B LMT P . -44.31 -11.82 -24.51
O6B LMT P . -43.05 -13.64 -21.59
C1' LMT P . -39.58 -10.06 -26.14
C2' LMT P . -40.62 -9.40 -25.24
C3' LMT P . -41.92 -10.21 -25.20
C4' LMT P . -42.38 -10.53 -26.62
C5' LMT P . -41.27 -11.31 -27.31
C6' LMT P . -41.70 -11.79 -28.69
O1' LMT P . -38.52 -9.11 -26.35
O2' LMT P . -40.09 -9.28 -23.92
O3' LMT P . -42.95 -9.46 -24.53
O5' LMT P . -40.13 -10.45 -27.40
O6' LMT P . -40.59 -12.29 -29.44
C1 LMT P . -37.21 -9.53 -25.94
C2 LMT P . -36.35 -8.28 -25.68
C3 LMT P . -34.97 -8.38 -26.31
C4 LMT P . -34.08 -9.38 -25.58
C5 LMT P . -32.61 -9.14 -25.87
C6 LMT P . -31.79 -10.40 -25.66
C7 LMT P . -30.37 -10.07 -25.20
C8 LMT P . -29.50 -11.31 -25.12
C9 LMT P . -29.06 -11.61 -23.69
C10 LMT P . -28.16 -12.84 -23.61
C11 LMT P . -26.69 -12.47 -23.80
C12 LMT P . -26.03 -12.15 -22.49
C1 EDO Q . -1.75 -3.88 -2.60
O1 EDO Q . -2.24 -4.45 -3.79
C2 EDO Q . -2.75 -3.06 -1.88
O2 EDO Q . -2.19 -2.29 -0.84
C1 EDO R . 22.41 39.01 -22.10
O1 EDO R . 21.70 39.41 -23.25
C2 EDO R . 23.17 40.13 -21.49
O2 EDO R . 23.26 40.04 -20.08
C1 EDO S . 15.93 9.75 37.03
O1 EDO S . 15.38 8.46 36.82
C2 EDO S . 15.06 10.63 37.84
O2 EDO S . 15.18 10.41 39.23
C1 GOL T . -4.51 13.76 12.42
O1 GOL T . -4.42 13.60 11.01
C2 GOL T . -3.31 14.49 12.98
O2 GOL T . -2.60 13.64 13.89
C3 GOL T . -3.67 15.78 13.68
O3 GOL T . -2.53 16.37 14.31
C1B LMT U . -61.71 -12.07 35.96
C2B LMT U . -62.97 -12.87 35.62
C3B LMT U . -63.68 -12.34 34.36
C4B LMT U . -63.88 -10.83 34.46
C5B LMT U . -62.57 -10.14 34.77
C6B LMT U . -62.75 -8.63 34.93
O1B LMT U . -60.67 -12.31 35.00
O2B LMT U . -62.60 -14.24 35.40
O3B LMT U . -64.95 -12.99 34.23
O4' LMT U . -64.42 -10.37 33.22
O5B LMT U . -62.02 -10.66 35.99
O6B LMT U . -63.49 -8.34 36.12
C1' LMT U . -56.65 -13.49 35.17
C2' LMT U . -57.68 -14.48 35.71
C3' LMT U . -59.10 -14.12 35.26
C4' LMT U . -59.40 -12.65 35.55
C5' LMT U . -58.31 -11.76 34.97
C6' LMT U . -58.55 -10.29 35.29
O1' LMT U . -55.38 -13.74 35.77
O2' LMT U . -57.36 -15.81 35.27
O3' LMT U . -60.04 -14.96 35.95
O5' LMT U . -57.04 -12.16 35.50
O6' LMT U . -58.81 -9.55 34.10
C1 LMT U . -54.46 -14.52 35.00
C2 LMT U . -53.48 -13.61 34.28
C3 LMT U . -52.26 -13.28 35.14
C4 LMT U . -51.34 -12.29 34.44
C5 LMT U . -49.88 -12.51 34.83
C6 LMT U . -49.02 -11.28 34.54
C7 LMT U . -48.79 -10.44 35.79
C8 LMT U . -47.71 -11.05 36.69
C9 LMT U . -46.60 -10.04 37.00
C10 LMT U . -47.06 -8.96 37.98
C11 LMT U . -45.90 -8.09 38.43
C12 LMT U . -46.40 -6.82 39.09
C1B LMT V . -5.96 -29.37 20.63
C2B LMT V . -4.62 -29.30 19.87
C3B LMT V . -3.65 -30.38 20.35
C4B LMT V . -3.45 -30.26 21.85
C5B LMT V . -4.80 -30.24 22.59
C6B LMT V . -4.96 -29.00 23.46
O1B LMT V . -7.05 -29.69 19.75
O2B LMT V . -4.78 -29.46 18.45
O3B LMT V . -2.40 -30.24 19.67
O4' LMT V . -2.65 -31.35 22.30
O5B LMT V . -5.90 -30.35 21.67
O6B LMT V . -4.19 -29.14 24.66
C1' LMT V . -9.89 -27.76 17.33
C2' LMT V . -8.59 -28.31 16.74
C3' LMT V . -7.40 -28.43 17.71
C4' LMT V . -7.76 -28.57 19.20
C5' LMT V . -9.24 -28.73 19.42
C6' LMT V . -9.64 -28.70 20.89
O1' LMT V . -10.16 -26.48 16.78
O2' LMT V . -8.84 -29.61 16.18
O3' LMT V . -6.55 -27.29 17.53
O5' LMT V . -9.88 -27.63 18.76
O6' LMT V . -11.05 -28.48 21.03
C1 LMT V . -11.50 -26.32 16.30
C2 LMT V . -12.52 -26.38 17.43
C3 LMT V . -13.92 -26.46 16.86
C4 LMT V . -14.92 -25.73 17.74
C5 LMT V . -16.24 -25.49 17.01
C6 LMT V . -17.43 -26.10 17.74
C7 LMT V . -17.80 -27.49 17.21
C8 LMT V . -19.10 -27.43 16.42
C9 LMT V . -19.55 -28.81 15.93
C10 LMT V . -20.80 -28.68 15.06
C11 LMT V . -21.96 -29.53 15.58
C12 LMT V . -22.41 -29.09 16.96
C1 D10 W . -39.26 -41.20 0.85
C2 D10 W . -38.18 -41.21 1.91
C3 D10 W . -36.78 -40.97 1.38
C4 D10 W . -35.87 -40.21 2.32
C5 D10 W . -34.41 -40.25 1.93
C6 D10 W . -33.60 -41.28 2.68
C7 D10 W . -32.75 -40.72 3.79
C8 D10 W . -31.40 -40.20 3.34
C9 D10 W . -30.40 -39.99 4.46
C10 D10 W . -29.11 -39.36 4.03
C1 EDO X . 16.28 2.26 9.76
O1 EDO X . 17.15 2.77 8.77
C2 EDO X . 16.34 3.00 11.03
O2 EDO X . 16.79 2.23 12.12
C1 EDO Y . -5.47 1.17 1.94
O1 EDO Y . -5.54 -0.13 1.40
C2 EDO Y . -4.84 1.20 3.30
O2 EDO Y . -5.65 1.83 4.27
O21 DDR Z . -25.05 1.31 27.26
C21 DDR Z . -25.17 2.52 27.25
C22 DDR Z . -26.48 3.24 27.13
C23 DDR Z . -27.48 2.55 26.24
C24 DDR Z . -28.78 3.32 26.11
C25 DDR Z . -29.91 2.54 25.47
C26 DDR Z . -31.16 3.35 25.23
C27 DDR Z . -32.26 2.60 24.49
C28 DDR Z . -33.01 3.43 23.47
C29 DDR Z . -34.35 2.88 23.09
C30 DDR Z . -34.83 3.33 21.72
O52 DDR Z . -24.12 3.34 27.40
C52 DDR Z . -23.13 3.48 26.34
C53 DDR Z . -22.12 2.35 26.47
O53 DDR Z . -21.07 2.70 27.36
C51 DDR Z . -23.79 3.56 24.97
O51 DDR Z . -23.27 2.53 24.10
C1 DDR Z . -23.99 1.41 24.00
O1 DDR Z . -24.05 0.59 24.87
C2 DDR Z . -24.71 1.32 22.68
C3 DDR Z . -24.42 0.04 21.95
C4 DDR Z . -25.54 -0.38 21.01
C5 DDR Z . -26.13 -1.75 21.30
C6 DDR Z . -26.78 -2.40 20.10
C7 DDR Z . -27.68 -1.49 19.31
C8 DDR Z . -28.70 -2.20 18.47
C9 DDR Z . -29.57 -1.29 17.65
C10 DDR Z . -29.51 -1.56 16.17
C1 GOL AA . 41.78 -3.21 36.56
O1 GOL AA . 43.13 -3.62 36.69
C2 GOL AA . 41.37 -2.28 37.69
O2 GOL AA . 40.02 -1.85 37.49
C3 GOL AA . 41.51 -2.90 39.06
O3 GOL AA . 41.09 -2.01 40.09
C1B LMT BA . -25.21 10.53 11.70
C2B LMT BA . -26.70 10.88 11.71
C3B LMT BA . -26.95 12.35 11.42
C4B LMT BA . -26.24 13.25 12.44
C5B LMT BA . -24.92 12.65 12.94
C6B LMT BA . -25.06 12.08 14.35
O1B LMT BA . -24.80 10.13 10.38
O2B LMT BA . -27.41 10.09 10.74
O3B LMT BA . -28.36 12.61 11.46
O4' LMT BA . -25.99 14.52 11.82
O5B LMT BA . -24.39 11.65 12.05
O6B LMT BA . -25.23 13.15 15.29
C1' LMT BA . -24.73 5.90 9.99
C2' LMT BA . -23.53 6.52 10.70
C3' LMT BA . -23.89 7.92 11.21
C4' LMT BA . -24.40 8.77 10.05
C5' LMT BA . -25.55 8.05 9.34
C6' LMT BA . -26.05 8.81 8.11
O1' LMT BA . -24.40 4.59 9.50
O2' LMT BA . -23.12 5.68 11.78
O3' LMT BA . -22.73 8.53 11.81
O5' LMT BA . -25.12 6.75 8.91
O6' LMT BA . -27.44 9.08 8.23
C1 LMT BA . -25.44 4.01 8.72
C2 LMT BA . -25.32 2.49 8.72
C3 LMT BA . -26.14 1.87 7.58
C4 LMT BA . -26.99 0.70 8.07
C5 LMT BA . -27.57 -0.06 6.87
C6 LMT BA . -28.93 -0.70 7.19
C7 LMT BA . -28.77 -2.04 7.88
C8 LMT BA . -30.11 -2.69 8.15
C9 LMT BA . -30.75 -3.28 6.89
C10 LMT BA . -31.39 -4.65 7.17
C11 LMT BA . -32.53 -4.96 6.20
C12 LMT BA . -32.03 -5.69 4.97
C1 GOL CA . 25.15 2.19 28.64
O1 GOL CA . 24.30 3.33 28.80
C2 GOL CA . 24.43 0.90 28.92
O2 GOL CA . 24.84 0.38 30.20
C3 GOL CA . 22.92 1.03 28.91
O3 GOL CA . 22.45 1.57 27.68
C1 GOL DA . 46.34 -7.51 20.20
O1 GOL DA . 47.61 -6.86 20.16
C2 GOL DA . 45.20 -6.52 20.01
O2 GOL DA . 43.97 -7.12 20.42
C3 GOL DA . 45.09 -6.00 18.60
O3 GOL DA . 43.84 -6.33 17.99
C1 EDO EA . -62.04 -2.36 31.51
O1 EDO EA . -62.02 -2.04 30.12
C2 EDO EA . -60.95 -1.72 32.27
O2 EDO EA . -60.47 -2.53 33.33
C1 EDO FA . -53.70 -20.64 10.50
O1 EDO FA . -54.83 -20.07 9.88
C2 EDO FA . -54.00 -21.25 11.82
O2 EDO FA . -55.12 -22.11 11.81
N1 DDQ GA . -46.75 -15.02 1.03
O1 DDQ GA . -48.14 -15.27 0.96
CM1 DDQ GA . -46.27 -14.60 -0.32
CM2 DDQ GA . -46.07 -16.28 1.44
C1 DDQ GA . -46.52 -13.94 2.06
C2 DDQ GA . -45.13 -13.33 2.04
C3 DDQ GA . -44.77 -12.66 3.36
C4 DDQ GA . -43.30 -12.29 3.47
C5 DDQ GA . -43.05 -10.80 3.52
C6 DDQ GA . -41.85 -10.41 4.36
C7 DDQ GA . -41.62 -8.92 4.44
C8 DDQ GA . -40.25 -8.45 4.01
C9 DDQ GA . -40.25 -7.20 3.16
C10 DDQ GA . -38.93 -6.47 3.15
C1 1K8 HA . 47.13 -22.72 -0.76
C2 1K8 HA . 47.05 -22.33 -2.24
C3 1K8 HA . 49.36 -17.19 -5.39
C4 1K8 HA . 49.35 -23.14 -2.51
C5 1K8 HA . 49.49 -23.22 -1.00
C6 1K8 HA . 48.24 -16.48 -5.83
C8 1K8 HA . 48.71 -20.84 -3.38
C10 1K8 HA . 50.29 -19.12 -4.29
C12 1K8 HA . 47.84 -18.92 -4.48
C13 1K8 HA . 46.75 -18.18 -4.93
N1 1K8 HA . 48.20 -23.67 -0.46
N3 1K8 HA . 48.39 -22.06 -2.72
C9 1K8 HA . 50.10 -20.33 -3.62
C11 1K8 HA . 49.20 -18.39 -4.73
N13 1K8 HA . 47.66 -20.10 -3.84
CL1 1K8 HA . 51.57 -21.20 -3.08
C7 1K8 HA . 46.96 -16.97 -5.60
S SO4 IA . -41.74 -43.99 17.54
O1 SO4 IA . -43.14 -44.12 17.24
O2 SO4 IA . -41.49 -44.38 18.90
O3 SO4 IA . -41.35 -42.60 17.37
O4 SO4 IA . -40.98 -44.81 16.65
S SO4 JA . 50.42 -18.26 -9.77
O1 SO4 JA . 50.53 -19.70 -9.87
O2 SO4 JA . 50.29 -17.89 -8.39
O3 SO4 JA . 51.59 -17.65 -10.32
O4 SO4 JA . 49.26 -17.82 -10.50
C1 OCT KA . -31.26 -16.82 -40.34
C2 OCT KA . -29.78 -16.66 -40.59
C3 OCT KA . -29.03 -16.04 -39.43
C4 OCT KA . -27.71 -15.41 -39.79
C5 OCT KA . -26.62 -15.61 -38.75
C6 OCT KA . -25.46 -14.66 -38.88
C7 OCT KA . -24.32 -14.95 -37.95
C8 OCT KA . -23.23 -13.90 -37.96
C1 EDO LA . 8.66 4.23 -23.67
O1 EDO LA . 7.39 4.24 -24.30
C2 EDO LA . 9.13 5.59 -23.29
O2 EDO LA . 10.31 5.98 -23.96
C1B LMT MA . -25.43 -65.79 -24.05
C2B LMT MA . -26.71 -66.16 -24.79
C3B LMT MA . -27.94 -65.76 -23.97
C4B LMT MA . -27.86 -66.33 -22.57
C5B LMT MA . -26.53 -65.96 -21.91
C6B LMT MA . -26.38 -66.62 -20.54
O1B LMT MA . -25.30 -64.36 -23.98
O2B LMT MA . -26.76 -65.51 -26.06
O3B LMT MA . -29.12 -66.22 -24.63
O4' LMT MA . -28.95 -65.83 -21.78
O5B LMT MA . -25.43 -66.35 -22.74
O6B LMT MA . -26.16 -68.02 -20.69
C1' LMT MA . -22.50 -61.42 -24.95
C2' LMT MA . -23.10 -62.20 -26.12
C3' LMT MA . -24.37 -62.91 -25.67
C4' LMT MA . -24.07 -63.80 -24.48
C5' LMT MA . -23.37 -63.03 -23.37
C6' LMT MA . -22.87 -63.95 -22.25
O1' LMT MA . -21.30 -60.78 -25.36
O2' LMT MA . -23.39 -61.32 -27.21
O3' LMT MA . -24.89 -63.69 -26.75
O5' LMT MA . -22.23 -62.31 -23.87
O6' LMT MA . -23.15 -63.36 -20.98
C1 LMT MA . -20.89 -59.69 -24.53
C2 LMT MA . -19.43 -59.86 -24.12
C3 LMT MA . -18.53 -58.78 -24.69
C4 LMT MA . -18.70 -57.43 -23.98
C5 LMT MA . -17.94 -57.38 -22.65
C6 LMT MA . -16.50 -56.93 -22.84
C7 LMT MA . -15.67 -57.29 -21.61
C8 LMT MA . -14.21 -56.89 -21.78
C9 LMT MA . -13.50 -56.78 -20.43
C10 LMT MA . -12.05 -57.23 -20.52
C11 LMT MA . -11.27 -56.86 -19.27
C12 LMT MA . -10.66 -55.48 -19.38
C1 OCT NA . -20.93 -60.14 -29.98
C2 OCT NA . -21.51 -58.81 -29.53
C3 OCT NA . -20.69 -57.62 -29.97
C4 OCT NA . -21.49 -56.37 -30.22
C5 OCT NA . -20.68 -55.21 -30.77
C6 OCT NA . -21.48 -53.98 -31.10
C7 OCT NA . -20.69 -52.70 -31.13
C8 OCT NA . -21.42 -51.53 -31.76
O7 LPX OA . -12.29 -20.75 -11.44
C6 LPX OA . -12.83 -20.06 -10.61
O6 LPX OA . -12.19 -19.14 -9.91
C5 LPX OA . -11.45 -18.16 -10.66
C4 LPX OA . -11.26 -16.91 -9.81
O5 LPX OA . -11.76 -15.79 -10.52
C3 LPX OA . -9.82 -16.66 -9.43
O1 LPX OA . -9.01 -16.46 -10.63
P1 LPX OA . -7.48 -16.02 -10.48
O3 LPX OA . -7.29 -14.73 -11.24
O2 LPX OA . -6.69 -17.18 -11.25
C1 LPX OA . -6.56 -17.13 -12.70
C2 LPX OA . -5.24 -16.50 -13.09
N1 LPX OA . -5.32 -15.79 -14.37
O4 LPX OA . -7.10 -16.09 -9.02
C7 LPX OA . -14.29 -20.13 -10.25
C8 LPX OA . -14.85 -21.52 -10.23
C9 LPX OA . -15.23 -22.03 -11.62
C10 LPX OA . -16.63 -21.69 -12.05
C11 LPX OA . -16.80 -20.31 -12.66
C12 LPX OA . -17.88 -20.23 -13.71
C13 LPX OA . -18.42 -18.84 -13.95
C14 LPX OA . -19.16 -18.67 -15.25
C15 LPX OA . -20.29 -19.66 -15.46
C16 LPX OA . -21.37 -19.18 -16.39
C17 LPX OA . -20.89 -18.81 -17.77
C18 LPX OA . -21.96 -18.88 -18.85
C19 LPX OA . -22.58 -17.54 -19.21
C20 LPX OA . -24.09 -17.53 -19.18
C21 LPX OA . -24.69 -16.15 -19.36
C01 C14 PA . -18.84 -27.27 -4.52
C02 C14 PA . -17.57 -27.99 -4.12
C03 C14 PA . -16.52 -27.10 -3.52
C04 C14 PA . -15.49 -27.82 -2.68
C05 C14 PA . -14.13 -27.18 -2.66
C06 C14 PA . -13.05 -28.04 -2.04
C07 C14 PA . -11.93 -27.26 -1.39
C08 C14 PA . -10.78 -28.11 -0.92
C09 C14 PA . -9.60 -27.33 -0.35
C10 C14 PA . -8.26 -27.96 -0.62
C11 C14 PA . -7.19 -27.60 0.38
C12 C14 PA . -5.79 -27.53 -0.19
C13 C14 PA . -4.70 -28.00 0.75
C14 C14 PA . -3.30 -27.75 0.24
O7 LPX QA . -31.03 -44.09 1.06
C6 LPX QA . -30.35 -44.95 0.56
O6 LPX QA . -30.75 -46.20 0.40
C5 LPX QA . -32.12 -46.41 -0.05
C4 LPX QA . -32.13 -46.65 -1.54
O5 LPX QA . -30.80 -46.59 -2.06
C3 LPX QA . -32.99 -45.66 -2.28
O1 LPX QA . -33.11 -46.06 -3.67
P1 LPX QA . -33.95 -45.17 -4.71
O3 LPX QA . -33.08 -44.00 -5.12
O2 LPX QA . -35.17 -44.62 -3.83
C1 LPX QA . -35.10 -43.29 -3.22
C2 LPX QA . -35.88 -43.28 -1.93
N1 LPX QA . -37.32 -43.21 -2.13
O4 LPX QA . -34.50 -46.08 -5.76
C7 LPX QA . -28.95 -44.74 0.04
C8 LPX QA . -27.98 -44.35 1.12
C9 LPX QA . -28.15 -42.91 1.58
C10 LPX QA . -26.85 -42.18 1.82
C11 LPX QA . -26.15 -41.73 0.56
C12 LPX QA . -24.72 -41.31 0.77
C13 LPX QA . -24.55 -40.03 1.53
C14 LPX QA . -23.78 -38.96 0.80
C15 LPX QA . -22.31 -39.29 0.57
C16 LPX QA . -21.38 -38.11 0.79
C17 LPX QA . -21.10 -37.79 2.23
C18 LPX QA . -20.04 -38.66 2.86
C19 LPX QA . -18.62 -38.18 2.66
C20 LPX QA . -18.10 -37.30 3.76
C21 LPX QA . -17.37 -38.05 4.85
C1B LMT RA . -37.46 -35.40 -13.40
C2B LMT RA . -38.29 -36.15 -12.36
C3B LMT RA . -37.43 -37.16 -11.60
C4B LMT RA . -36.72 -38.09 -12.59
C5B LMT RA . -36.02 -37.31 -13.69
C6B LMT RA . -35.49 -38.25 -14.77
O1B LMT RA . -36.42 -34.64 -12.78
O2B LMT RA . -38.90 -35.22 -11.44
O3B LMT RA . -38.25 -37.91 -10.71
O4' LMT RA . -35.77 -38.89 -11.89
O5B LMT RA . -36.92 -36.37 -14.30
O6B LMT RA . -34.88 -37.51 -15.83
C1' LMT RA . -36.46 -31.07 -15.13
C2' LMT RA . -36.17 -32.43 -15.78
C3' LMT RA . -35.62 -33.54 -14.87
C4' LMT RA . -35.99 -33.40 -13.37
C5' LMT RA . -37.00 -32.29 -13.14
C6' LMT RA . -37.28 -32.06 -11.65
O1' LMT RA . -35.52 -30.09 -15.60
O2' LMT RA . -37.38 -32.90 -16.40
O3' LMT RA . -34.20 -33.61 -15.00
O5' LMT RA . -36.46 -31.10 -13.69
O6' LMT RA . -38.09 -30.89 -11.45
C1 LMT RA . -34.21 -30.15 -15.04
C2 LMT RA . -34.03 -29.05 -14.00
C3 LMT RA . -33.96 -27.67 -14.64
C4 LMT RA . -32.55 -27.07 -14.60
C5 LMT RA . -32.12 -26.69 -13.19
C6 LMT RA . -30.83 -27.40 -12.76
C7 LMT RA . -29.59 -26.55 -13.01
C8 LMT RA . -29.16 -25.83 -11.74
C9 LMT RA . -28.23 -24.65 -12.03
C10 LMT RA . -28.98 -23.30 -12.01
C11 LMT RA . -28.08 -22.17 -11.52
C12 LMT RA . -26.97 -21.87 -12.50
C1 GOL SA . 36.82 -2.38 -6.54
O1 GOL SA . 37.51 -2.70 -5.33
C2 GOL SA . 37.07 -3.42 -7.61
O2 GOL SA . 35.99 -3.42 -8.54
C3 GOL SA . 38.39 -3.23 -8.34
O3 GOL SA . 38.18 -2.80 -9.68
C1 EDO TA . 20.16 32.45 -10.16
O1 EDO TA . 21.44 32.21 -9.62
C2 EDO TA . 20.19 32.77 -11.60
O2 EDO TA . 21.21 33.69 -11.95
C1 EDO UA . 22.60 -3.28 -2.72
O1 EDO UA . 23.56 -3.30 -1.69
C2 EDO UA . 22.50 -4.57 -3.44
O2 EDO UA . 23.71 -5.30 -3.48
C1 EDO VA . 16.96 -24.98 -9.83
O1 EDO VA . 16.95 -26.38 -9.73
C2 EDO VA . 17.60 -24.28 -8.69
O2 EDO VA . 18.66 -23.43 -9.07
S SO4 WA . 30.81 -23.73 11.22
O1 SO4 WA . 31.32 -25.07 11.11
O2 SO4 WA . 30.67 -23.40 12.61
O3 SO4 WA . 31.72 -22.81 10.61
O4 SO4 WA . 29.53 -23.65 10.57
#